data_8DLA
#
_entry.id   8DLA
#
_cell.length_a   97.000
_cell.length_b   98.010
_cell.length_c   97.970
_cell.angle_alpha   97.160
_cell.angle_beta   114.150
_cell.angle_gamma   114.160
#
_symmetry.space_group_name_H-M   'P 1'
#
loop_
_entity.id
_entity.type
_entity.pdbx_description
1 polymer 'ATP-dependent Clp protease proteolytic subunit 2'
2 non-polymer 1-{4-[(4-chlorophenyl)methyl]piperazin-1-yl}-2-methyl-2-[5-(trifluoromethyl)pyridine-2-sulfonyl]propan-1-one
3 non-polymer 'SODIUM ION'
4 non-polymer GLYCEROL
5 water water
#
_entity_poly.entity_id   1
_entity_poly.type   'polypeptide(L)'
_entity_poly.pdbx_seq_one_letter_code
;MTLVPYVVEDTGRGERAMDIYSRLLKDRIVMIGQEITEPLANTVIAQLLFLMSEDPTKDIQIFINSPGGYITAGLAIYDT
IRFLGCDVNTYCIGQAASMGALLLSAGTKGKRYALPHSRMMIHQPSGGIIGTSADIQLQAAEILTLKKHLSNILAECTGQ
SVEKIIEDSERDFFMGAEEAIAYGLIDKVISSAKETKDKSIAS
;
_entity_poly.pdbx_strand_id   A,B,C,D,E,F,G,H,I,J,K,L,M,N
#
# COMPACT_ATOMS: atom_id res chain seq x y z
N MET A 1 7.93 3.35 15.55
CA MET A 1 7.76 3.25 17.01
C MET A 1 8.75 4.16 17.73
N THR A 2 8.33 5.39 17.99
CA THR A 2 9.19 6.37 18.64
C THR A 2 8.56 6.76 19.98
N LEU A 3 8.81 5.96 21.02
CA LEU A 3 8.42 6.32 22.37
C LEU A 3 9.60 7.09 22.93
N VAL A 4 9.46 8.41 23.01
CA VAL A 4 10.54 9.27 23.49
C VAL A 4 10.02 10.16 24.60
N PRO A 5 10.05 9.70 25.85
CA PRO A 5 9.44 10.48 26.94
C PRO A 5 10.10 11.85 27.04
N TYR A 6 9.36 12.79 27.60
CA TYR A 6 9.79 14.17 27.65
C TYR A 6 10.18 14.56 29.07
N VAL A 7 10.70 15.78 29.18
CA VAL A 7 11.17 16.35 30.45
C VAL A 7 11.05 17.86 30.37
N VAL A 8 10.89 18.47 31.53
CA VAL A 8 10.80 19.93 31.68
C VAL A 8 11.54 20.23 32.98
N GLU A 9 12.69 20.87 32.89
CA GLU A 9 13.48 20.98 34.13
C GLU A 9 14.16 22.33 34.31
N ASP A 10 15.13 22.27 35.24
CA ASP A 10 15.95 23.36 35.77
C ASP A 10 17.01 23.86 34.80
N THR A 11 16.55 24.43 33.69
CA THR A 11 17.33 25.40 32.94
C THR A 11 16.91 26.82 33.31
N GLY A 12 16.47 27.00 34.54
CA GLY A 12 15.79 28.19 34.99
C GLY A 12 14.78 27.80 36.05
N ARG A 13 13.54 28.26 35.92
CA ARG A 13 12.49 27.86 36.86
C ARG A 13 11.80 26.57 36.43
N GLY A 14 11.98 26.13 35.20
CA GLY A 14 11.42 24.89 34.69
C GLY A 14 10.18 25.15 33.85
N GLU A 15 10.35 25.23 32.53
CA GLU A 15 9.23 25.62 31.70
C GLU A 15 9.21 25.01 30.30
N ARG A 16 10.16 24.15 29.92
CA ARG A 16 10.32 23.78 28.51
C ARG A 16 10.30 22.27 28.32
N ALA A 17 9.46 21.83 27.37
CA ALA A 17 9.29 20.43 26.99
C ALA A 17 10.42 19.95 26.07
N MET A 18 11.28 19.08 26.57
CA MET A 18 12.25 18.42 25.70
C MET A 18 12.23 16.92 25.97
N ASP A 19 12.62 16.14 24.96
CA ASP A 19 12.61 14.69 25.10
C ASP A 19 13.82 14.18 25.87
N ILE A 20 13.83 12.87 26.14
CA ILE A 20 14.85 12.26 26.99
C ILE A 20 16.22 12.26 26.33
N TYR A 21 16.29 12.14 25.00
CA TYR A 21 17.59 12.10 24.35
C TYR A 21 18.22 13.49 24.32
N SER A 22 17.43 14.52 24.06
CA SER A 22 17.93 15.87 24.23
C SER A 22 18.26 16.13 25.69
N ARG A 23 17.55 15.45 26.59
CA ARG A 23 17.84 15.58 28.01
C ARG A 23 19.27 15.15 28.33
N LEU A 24 19.65 13.96 27.90
CA LEU A 24 21.03 13.52 28.15
C LEU A 24 22.03 14.41 27.45
N LEU A 25 21.64 15.03 26.35
CA LEU A 25 22.52 15.96 25.65
C LEU A 25 22.86 17.19 26.50
N LYS A 26 21.97 17.57 27.43
CA LYS A 26 22.30 18.67 28.34
C LYS A 26 23.42 18.31 29.29
N ASP A 27 23.63 17.02 29.56
CA ASP A 27 24.76 16.53 30.33
C ASP A 27 25.92 16.09 29.44
N ARG A 28 25.89 16.49 28.15
CA ARG A 28 26.92 16.12 27.18
C ARG A 28 26.97 14.60 26.98
N ILE A 29 25.80 13.98 26.94
CA ILE A 29 25.67 12.54 26.70
C ILE A 29 25.03 12.36 25.33
N VAL A 30 25.69 11.62 24.45
CA VAL A 30 25.20 11.34 23.10
C VAL A 30 24.94 9.85 22.99
N MET A 31 23.76 9.51 22.48
CA MET A 31 23.32 8.12 22.38
C MET A 31 23.39 7.64 20.94
N ILE A 32 24.03 6.50 20.72
CA ILE A 32 24.10 5.85 19.42
C ILE A 32 23.53 4.45 19.64
N GLY A 33 22.24 4.28 19.36
CA GLY A 33 21.56 3.05 19.69
C GLY A 33 20.88 2.36 18.53
N GLN A 34 21.34 2.62 17.31
CA GLN A 34 20.74 2.05 16.12
C GLN A 34 21.80 1.94 15.03
N GLU A 35 21.37 1.52 13.85
CA GLU A 35 22.28 1.36 12.73
C GLU A 35 22.95 2.70 12.40
N ILE A 36 24.25 2.65 12.13
CA ILE A 36 25.01 3.84 11.79
C ILE A 36 24.80 4.14 10.31
N THR A 37 23.78 4.93 10.01
CA THR A 37 23.44 5.30 8.65
C THR A 37 23.83 6.76 8.39
N GLU A 38 23.67 7.20 7.14
CA GLU A 38 23.99 8.58 6.80
C GLU A 38 23.11 9.58 7.53
N PRO A 39 21.78 9.43 7.59
CA PRO A 39 20.99 10.36 8.42
C PRO A 39 21.37 10.34 9.89
N LEU A 40 21.75 9.16 10.43
CA LEU A 40 22.19 9.11 11.81
C LEU A 40 23.49 9.87 12.00
N ALA A 41 24.42 9.72 11.07
CA ALA A 41 25.70 10.43 11.17
C ALA A 41 25.47 11.93 11.22
N ASN A 42 24.55 12.45 10.39
CA ASN A 42 24.27 13.87 10.41
C ASN A 42 23.76 14.32 11.77
N THR A 43 22.83 13.57 12.35
CA THR A 43 22.33 13.92 13.68
C THR A 43 23.43 13.86 14.73
N VAL A 44 24.24 12.79 14.69
CA VAL A 44 25.29 12.62 15.69
C VAL A 44 26.36 13.72 15.52
N ILE A 45 26.76 14.00 14.29
CA ILE A 45 27.74 15.05 14.05
C ILE A 45 27.18 16.41 14.48
N ALA A 46 25.91 16.66 14.17
CA ALA A 46 25.26 17.89 14.61
C ALA A 46 25.30 17.99 16.14
N GLN A 47 25.00 16.90 16.84
CA GLN A 47 25.12 16.89 18.29
C GLN A 47 26.55 17.15 18.72
N LEU A 48 27.52 16.53 18.04
CA LEU A 48 28.92 16.70 18.41
C LEU A 48 29.39 18.14 18.15
N LEU A 49 28.97 18.73 17.02
CA LEU A 49 29.38 20.09 16.73
C LEU A 49 28.71 21.07 17.69
N PHE A 50 27.47 20.80 18.09
CA PHE A 50 26.81 21.65 19.08
C PHE A 50 27.51 21.57 20.43
N LEU A 51 27.89 20.37 20.86
CA LEU A 51 28.52 20.20 22.16
C LEU A 51 29.88 20.90 22.21
N MET A 52 30.56 21.01 21.07
CA MET A 52 31.81 21.75 21.04
C MET A 52 31.58 23.26 21.07
N SER A 53 30.45 23.72 20.52
CA SER A 53 30.12 25.14 20.58
C SER A 53 29.81 25.58 21.99
N GLU A 54 29.20 24.70 22.80
CA GLU A 54 28.82 25.07 24.16
C GLU A 54 30.03 25.09 25.09
N ASP A 55 30.77 23.99 25.13
CA ASP A 55 32.01 23.92 25.89
C ASP A 55 32.97 23.01 25.13
N PRO A 56 33.96 23.58 24.44
CA PRO A 56 34.92 22.77 23.68
C PRO A 56 35.96 22.07 24.54
N THR A 57 35.84 22.13 25.86
CA THR A 57 36.80 21.51 26.76
C THR A 57 36.19 20.48 27.70
N LYS A 58 34.88 20.55 27.97
CA LYS A 58 34.24 19.61 28.88
C LYS A 58 34.13 18.23 28.23
N ASP A 59 34.23 17.20 29.08
CA ASP A 59 34.16 15.83 28.60
C ASP A 59 32.80 15.53 27.98
N ILE A 60 32.80 14.62 27.02
CA ILE A 60 31.59 14.16 26.34
C ILE A 60 31.47 12.65 26.55
N GLN A 61 30.28 12.19 26.90
CA GLN A 61 29.99 10.77 27.08
C GLN A 61 29.16 10.28 25.90
N ILE A 62 29.62 9.21 25.26
CA ILE A 62 28.90 8.58 24.16
C ILE A 62 28.57 7.15 24.57
N PHE A 63 27.28 6.82 24.52
CA PHE A 63 26.82 5.47 24.83
C PHE A 63 26.44 4.77 23.53
N ILE A 64 26.99 3.58 23.32
CA ILE A 64 26.94 2.91 22.03
C ILE A 64 26.25 1.56 22.18
N ASN A 65 25.15 1.39 21.45
CA ASN A 65 24.50 0.08 21.29
C ASN A 65 24.10 0.01 19.81
N SER A 66 25.03 -0.46 18.98
CA SER A 66 24.86 -0.38 17.53
C SER A 66 25.17 -1.73 16.90
N PRO A 67 24.27 -2.26 16.07
CA PRO A 67 24.54 -3.55 15.40
C PRO A 67 25.46 -3.43 14.20
N GLY A 68 25.92 -2.24 13.84
CA GLY A 68 26.80 -2.06 12.71
C GLY A 68 26.51 -0.72 12.04
N GLY A 69 26.72 -0.68 10.73
CA GLY A 69 26.49 0.53 9.98
C GLY A 69 27.29 0.52 8.69
N TYR A 70 27.55 1.72 8.19
CA TYR A 70 28.21 1.92 6.90
C TYR A 70 29.53 2.66 7.09
N ILE A 71 30.49 2.35 6.20
CA ILE A 71 31.84 2.90 6.34
C ILE A 71 31.84 4.42 6.19
N THR A 72 31.06 4.92 5.22
CA THR A 72 31.06 6.37 4.98
C THR A 72 30.52 7.12 6.19
N ALA A 73 29.46 6.61 6.82
CA ALA A 73 28.90 7.27 7.99
C ALA A 73 29.83 7.12 9.19
N GLY A 74 30.42 5.94 9.37
CA GLY A 74 31.34 5.75 10.48
C GLY A 74 32.56 6.63 10.37
N LEU A 75 33.13 6.75 9.17
CA LEU A 75 34.30 7.60 8.98
C LEU A 75 33.97 9.06 9.26
N ALA A 76 32.76 9.50 8.89
CA ALA A 76 32.35 10.87 9.15
C ALA A 76 32.29 11.17 10.64
N ILE A 77 31.70 10.26 11.41
CA ILE A 77 31.59 10.46 12.86
C ILE A 77 32.97 10.41 13.51
N TYR A 78 33.80 9.44 13.10
CA TYR A 78 35.13 9.31 13.69
C TYR A 78 35.94 10.58 13.46
N ASP A 79 35.93 11.10 12.23
CA ASP A 79 36.66 12.33 11.95
C ASP A 79 36.12 13.48 12.79
N THR A 80 34.80 13.51 13.01
CA THR A 80 34.23 14.53 13.89
C THR A 80 34.67 14.31 15.34
N ILE A 81 34.76 13.05 15.75
CA ILE A 81 35.22 12.75 17.11
C ILE A 81 36.68 13.15 17.28
N ARG A 82 37.52 12.84 16.30
CA ARG A 82 38.92 13.27 16.35
C ARG A 82 39.04 14.78 16.24
N PHE A 83 38.07 15.44 15.60
CA PHE A 83 38.10 16.89 15.48
C PHE A 83 37.85 17.58 16.81
N LEU A 84 37.17 16.93 17.74
CA LEU A 84 36.89 17.54 19.03
C LEU A 84 38.18 17.71 19.81
N GLY A 85 38.21 18.76 20.63
CA GLY A 85 39.39 19.05 21.44
C GLY A 85 39.29 18.48 22.85
N CYS A 86 38.07 18.14 23.26
CA CYS A 86 37.84 17.64 24.61
C CYS A 86 37.92 16.13 24.65
N ASP A 87 37.92 15.58 25.86
CA ASP A 87 37.93 14.14 26.05
C ASP A 87 36.56 13.56 25.78
N VAL A 88 36.54 12.39 25.14
CA VAL A 88 35.30 11.69 24.82
C VAL A 88 35.31 10.34 25.52
N ASN A 89 34.26 10.07 26.29
CA ASN A 89 34.09 8.79 26.95
C ASN A 89 33.13 7.93 26.13
N THR A 90 33.54 6.71 25.83
CA THR A 90 32.73 5.78 25.06
C THR A 90 32.33 4.60 25.95
N TYR A 91 31.03 4.34 26.03
CA TYR A 91 30.49 3.23 26.80
C TYR A 91 29.77 2.29 25.84
N CYS A 92 30.07 1.00 25.93
CA CYS A 92 29.41 -0.02 25.13
C CYS A 92 28.38 -0.73 26.00
N ILE A 93 27.10 -0.44 25.76
CA ILE A 93 26.00 -1.16 26.41
C ILE A 93 25.40 -2.10 25.38
N GLY A 94 25.47 -3.40 25.65
CA GLY A 94 24.87 -4.37 24.75
C GLY A 94 25.81 -4.83 23.66
N GLN A 95 25.68 -4.25 22.47
CA GLN A 95 26.45 -4.67 21.31
C GLN A 95 27.07 -3.46 20.62
N ALA A 96 28.31 -3.62 20.17
CA ALA A 96 29.00 -2.62 19.34
C ALA A 96 29.70 -3.39 18.22
N ALA A 97 29.06 -3.44 17.05
CA ALA A 97 29.55 -4.23 15.93
C ALA A 97 30.08 -3.32 14.83
N SER A 98 31.25 -3.67 14.30
CA SER A 98 31.86 -3.01 13.16
C SER A 98 32.02 -1.50 13.39
N MET A 99 31.09 -0.71 12.87
CA MET A 99 31.17 0.74 13.02
C MET A 99 30.95 1.16 14.47
N GLY A 100 30.06 0.47 15.18
CA GLY A 100 29.91 0.71 16.60
C GLY A 100 31.20 0.46 17.36
N ALA A 101 31.93 -0.58 16.98
CA ALA A 101 33.22 -0.87 17.61
C ALA A 101 34.27 0.17 17.21
N LEU A 102 34.16 0.72 16.01
CA LEU A 102 35.08 1.77 15.59
C LEU A 102 34.91 3.01 16.46
N LEU A 103 33.67 3.48 16.61
CA LEU A 103 33.42 4.65 17.44
C LEU A 103 33.72 4.37 18.90
N LEU A 104 33.47 3.14 19.36
CA LEU A 104 33.80 2.75 20.73
C LEU A 104 35.30 2.85 20.97
N SER A 105 36.10 2.29 20.06
CA SER A 105 37.55 2.35 20.20
C SER A 105 38.11 3.72 19.90
N ALA A 106 37.30 4.64 19.36
CA ALA A 106 37.74 5.99 19.04
C ALA A 106 37.72 6.91 20.25
N GLY A 107 37.23 6.44 21.39
CA GLY A 107 37.21 7.26 22.58
C GLY A 107 38.61 7.53 23.11
N THR A 108 38.69 8.53 23.97
CA THR A 108 39.97 8.91 24.58
C THR A 108 40.58 7.70 25.29
N LYS A 109 41.85 7.44 25.02
CA LYS A 109 42.51 6.28 25.61
C LYS A 109 42.47 6.37 27.13
N GLY A 110 41.99 5.29 27.76
CA GLY A 110 41.76 5.28 29.19
C GLY A 110 40.32 5.55 29.57
N LYS A 111 39.50 6.06 28.65
CA LYS A 111 38.11 6.42 28.93
C LYS A 111 37.14 5.67 28.02
N ARG A 112 37.51 4.46 27.60
CA ARG A 112 36.65 3.61 26.80
C ARG A 112 36.20 2.43 27.66
N TYR A 113 34.90 2.35 27.93
CA TYR A 113 34.37 1.39 28.89
C TYR A 113 33.37 0.46 28.21
N ALA A 114 33.10 -0.66 28.88
CA ALA A 114 32.06 -1.58 28.48
C ALA A 114 31.43 -2.18 29.73
N LEU A 115 30.19 -2.60 29.58
CA LEU A 115 29.46 -3.23 30.67
C LEU A 115 29.75 -4.72 30.69
N PRO A 116 29.54 -5.40 31.83
CA PRO A 116 30.08 -6.77 31.97
C PRO A 116 29.66 -7.75 30.88
N HIS A 117 28.44 -7.64 30.37
CA HIS A 117 27.93 -8.59 29.39
C HIS A 117 27.88 -8.00 27.98
N SER A 118 28.55 -6.88 27.75
CA SER A 118 28.60 -6.28 26.42
C SER A 118 29.33 -7.18 25.44
N ARG A 119 28.95 -7.08 24.17
CA ARG A 119 29.55 -7.86 23.10
C ARG A 119 30.05 -6.90 22.02
N MET A 120 31.27 -7.14 21.55
CA MET A 120 31.90 -6.26 20.58
C MET A 120 32.46 -7.08 19.43
N MET A 121 32.31 -6.57 18.21
CA MET A 121 32.81 -7.23 17.02
C MET A 121 33.28 -6.19 16.02
N ILE A 122 34.40 -6.45 15.37
CA ILE A 122 34.88 -5.55 14.32
C ILE A 122 34.41 -5.98 12.94
N HIS A 123 34.07 -7.25 12.76
CA HIS A 123 33.54 -7.72 11.49
C HIS A 123 32.26 -6.98 11.13
N GLN A 124 32.13 -6.61 9.86
CA GLN A 124 30.89 -6.04 9.36
C GLN A 124 29.96 -7.20 8.99
N PRO A 125 28.87 -7.41 9.74
CA PRO A 125 28.05 -8.61 9.51
C PRO A 125 27.27 -8.57 8.21
N SER A 126 26.95 -7.38 7.68
CA SER A 126 26.22 -7.25 6.43
C SER A 126 27.14 -6.95 5.26
N GLY A 127 27.79 -5.80 5.27
CA GLY A 127 28.71 -5.44 4.21
C GLY A 127 28.03 -4.63 3.13
N GLY A 128 28.60 -4.69 1.94
CA GLY A 128 28.05 -3.97 0.80
C GLY A 128 28.51 -2.53 0.76
N ILE A 129 27.74 -1.70 0.07
CA ILE A 129 27.92 -0.27 0.08
C ILE A 129 26.94 0.35 1.07
N ILE A 130 27.16 1.62 1.35
CA ILE A 130 26.08 2.51 1.76
C ILE A 130 25.27 2.90 0.54
N GLY A 131 23.96 2.89 0.66
CA GLY A 131 23.18 3.49 -0.39
C GLY A 131 23.06 4.97 -0.10
N THR A 132 23.97 5.76 -0.66
CA THR A 132 23.95 7.19 -0.42
C THR A 132 22.89 7.87 -1.28
N SER A 133 22.68 7.38 -2.50
CA SER A 133 21.56 7.77 -3.33
C SER A 133 20.77 6.58 -3.86
N ALA A 134 21.25 5.34 -3.65
CA ALA A 134 20.64 4.13 -4.22
C ALA A 134 20.57 4.20 -5.73
N ASP A 135 21.55 4.87 -6.35
CA ASP A 135 21.58 5.07 -7.80
C ASP A 135 22.95 4.80 -8.41
N ILE A 136 23.94 4.42 -7.61
CA ILE A 136 25.34 4.57 -7.97
C ILE A 136 26.03 3.24 -8.26
N GLN A 137 27.28 3.31 -8.72
CA GLN A 137 28.23 2.22 -8.62
C GLN A 137 29.44 2.66 -7.81
N LEU A 138 30.08 1.69 -7.15
CA LEU A 138 31.27 1.92 -6.34
C LEU A 138 32.39 1.10 -6.95
N GLN A 139 33.34 1.78 -7.58
CA GLN A 139 34.43 1.12 -8.30
C GLN A 139 35.37 0.42 -7.32
N ALA A 140 36.48 -0.09 -7.85
CA ALA A 140 37.44 -0.85 -7.07
C ALA A 140 38.22 0.04 -6.12
N ALA A 141 39.06 0.92 -6.66
CA ALA A 141 39.92 1.79 -5.86
C ALA A 141 39.20 2.61 -4.81
N GLU A 142 37.86 2.60 -4.81
CA GLU A 142 37.15 3.36 -3.78
C GLU A 142 36.78 2.49 -2.58
N ILE A 143 36.41 1.23 -2.81
CA ILE A 143 36.20 0.32 -1.68
C ILE A 143 37.52 0.04 -1.00
N LEU A 144 38.60 -0.10 -1.77
CA LEU A 144 39.91 -0.33 -1.20
C LEU A 144 40.33 0.83 -0.30
N THR A 145 40.11 2.07 -0.75
CA THR A 145 40.46 3.22 0.06
C THR A 145 39.64 3.26 1.35
N LEU A 146 38.34 2.99 1.25
CA LEU A 146 37.49 3.03 2.43
C LEU A 146 37.83 1.90 3.39
N LYS A 147 38.14 0.72 2.87
CA LYS A 147 38.55 -0.39 3.73
C LYS A 147 39.93 -0.15 4.33
N LYS A 148 40.84 0.44 3.55
CA LYS A 148 42.16 0.78 4.08
C LYS A 148 42.04 1.83 5.18
N HIS A 149 41.16 2.82 5.00
CA HIS A 149 40.93 3.81 6.06
C HIS A 149 40.44 3.14 7.33
N LEU A 150 39.46 2.23 7.20
CA LEU A 150 38.92 1.56 8.38
C LEU A 150 39.97 0.68 9.05
N SER A 151 40.75 -0.05 8.26
CA SER A 151 41.80 -0.89 8.81
C SER A 151 42.87 -0.07 9.52
N ASN A 152 43.27 1.05 8.91
CA ASN A 152 44.31 1.87 9.51
C ASN A 152 43.83 2.52 10.80
N ILE A 153 42.58 2.98 10.83
CA ILE A 153 42.07 3.63 12.03
C ILE A 153 41.89 2.61 13.16
N LEU A 154 41.36 1.43 12.85
CA LEU A 154 41.17 0.41 13.88
C LEU A 154 42.52 -0.04 14.45
N ALA A 155 43.52 -0.21 13.57
CA ALA A 155 44.84 -0.60 14.04
C ALA A 155 45.44 0.47 14.96
N GLU A 156 45.27 1.74 14.61
CA GLU A 156 45.80 2.81 15.45
C GLU A 156 45.05 2.89 16.78
N CYS A 157 43.72 2.75 16.74
CA CYS A 157 42.92 2.87 17.96
C CYS A 157 43.17 1.69 18.90
N THR A 158 43.21 0.47 18.37
CA THR A 158 43.34 -0.71 19.21
C THR A 158 44.79 -0.99 19.59
N GLY A 159 45.71 -0.73 18.67
CA GLY A 159 47.10 -1.08 18.86
C GLY A 159 47.54 -2.33 18.13
N GLN A 160 46.62 -3.03 17.49
CA GLN A 160 46.96 -4.19 16.68
C GLN A 160 47.50 -3.74 15.33
N SER A 161 48.08 -4.69 14.60
CA SER A 161 48.55 -4.41 13.26
C SER A 161 47.37 -4.34 12.29
N VAL A 162 47.59 -3.66 11.17
CA VAL A 162 46.55 -3.60 10.13
C VAL A 162 46.26 -5.00 9.61
N GLU A 163 47.30 -5.86 9.53
CA GLU A 163 47.10 -7.22 9.07
C GLU A 163 46.16 -7.99 10.00
N LYS A 164 46.35 -7.86 11.31
CA LYS A 164 45.48 -8.54 12.26
C LYS A 164 44.06 -7.99 12.18
N ILE A 165 43.92 -6.68 12.01
CA ILE A 165 42.59 -6.07 11.88
C ILE A 165 41.89 -6.62 10.65
N ILE A 166 42.62 -6.72 9.52
CA ILE A 166 42.03 -7.26 8.30
C ILE A 166 41.62 -8.71 8.50
N GLU A 167 42.47 -9.51 9.15
CA GLU A 167 42.14 -10.91 9.37
C GLU A 167 40.92 -11.06 10.26
N ASP A 168 40.85 -10.27 11.34
CA ASP A 168 39.73 -10.38 12.27
C ASP A 168 38.45 -9.75 11.76
N SER A 169 38.55 -8.83 10.78
CA SER A 169 37.34 -8.27 10.20
C SER A 169 36.62 -9.27 9.30
N GLU A 170 37.29 -10.34 8.90
CA GLU A 170 36.71 -11.38 8.07
C GLU A 170 36.06 -12.48 8.91
N ARG A 171 36.28 -12.47 10.23
CA ARG A 171 35.79 -13.51 11.12
C ARG A 171 34.54 -13.01 11.83
N ASP A 172 33.44 -13.77 11.70
CA ASP A 172 32.15 -13.38 12.28
C ASP A 172 32.07 -13.94 13.70
N PHE A 173 32.66 -13.21 14.63
CA PHE A 173 32.60 -13.58 16.04
C PHE A 173 32.59 -12.31 16.89
N PHE A 174 31.91 -12.39 18.03
CA PHE A 174 31.93 -11.34 19.03
C PHE A 174 32.95 -11.67 20.11
N MET A 175 33.41 -10.64 20.80
CA MET A 175 34.31 -10.81 21.94
C MET A 175 33.74 -10.09 23.15
N GLY A 176 33.99 -10.66 24.33
CA GLY A 176 33.48 -10.11 25.56
C GLY A 176 34.28 -8.91 26.02
N ALA A 177 33.86 -8.37 27.17
CA ALA A 177 34.50 -7.18 27.70
C ALA A 177 35.97 -7.44 28.05
N GLU A 178 36.26 -8.59 28.64
CA GLU A 178 37.63 -8.91 28.99
C GLU A 178 38.48 -9.14 27.74
N GLU A 179 37.93 -9.80 26.73
CA GLU A 179 38.67 -10.00 25.49
C GLU A 179 38.93 -8.69 24.78
N ALA A 180 37.96 -7.76 24.81
CA ALA A 180 38.12 -6.49 24.13
C ALA A 180 39.20 -5.62 24.78
N ILE A 181 39.39 -5.76 26.10
CA ILE A 181 40.48 -5.05 26.77
C ILE A 181 41.82 -5.54 26.25
N ALA A 182 42.01 -6.87 26.22
CA ALA A 182 43.24 -7.43 25.69
C ALA A 182 43.46 -7.03 24.24
N TYR A 183 42.37 -6.96 23.46
CA TYR A 183 42.49 -6.61 22.05
C TYR A 183 42.89 -5.16 21.85
N GLY A 184 42.48 -4.28 22.76
CA GLY A 184 42.72 -2.86 22.63
C GLY A 184 41.49 -2.05 22.28
N LEU A 185 40.34 -2.70 22.06
CA LEU A 185 39.13 -1.99 21.69
C LEU A 185 38.66 -1.07 22.80
N ILE A 186 38.74 -1.53 24.04
CA ILE A 186 38.31 -0.76 25.21
C ILE A 186 39.44 -0.77 26.24
N ASP A 187 39.17 -0.16 27.38
CA ASP A 187 40.16 -0.03 28.44
C ASP A 187 39.75 -0.75 29.72
N LYS A 188 38.51 -0.55 30.17
CA LYS A 188 38.06 -1.15 31.42
C LYS A 188 36.64 -1.65 31.28
N VAL A 189 36.35 -2.76 31.96
CA VAL A 189 34.99 -3.21 32.21
C VAL A 189 34.48 -2.48 33.44
N ILE A 190 33.20 -2.10 33.44
CA ILE A 190 32.67 -1.38 34.58
C ILE A 190 31.39 -2.04 35.07
N SER A 191 31.01 -1.69 36.28
CA SER A 191 29.75 -2.11 36.87
C SER A 191 29.26 -1.08 37.89
N SER A 192 29.97 0.02 38.05
CA SER A 192 29.63 1.14 38.91
C SER A 192 30.28 2.38 38.31
N ALA A 193 30.45 3.42 39.13
CA ALA A 193 30.94 4.71 38.63
C ALA A 193 32.32 4.60 37.98
N LYS A 194 33.28 4.00 38.68
CA LYS A 194 34.63 3.76 38.15
C LYS A 194 35.42 5.04 37.87
N GLU A 195 35.84 5.26 36.63
CA GLU A 195 36.82 6.31 36.34
C GLU A 195 36.15 7.66 36.07
N THR A 196 36.99 8.70 36.07
CA THR A 196 36.57 10.08 35.89
C THR A 196 37.82 10.95 35.70
N LYS A 197 37.59 12.23 35.39
CA LYS A 197 38.65 13.23 35.27
C LYS A 197 38.11 14.55 35.83
N ASP A 198 38.39 14.82 37.10
CA ASP A 198 38.12 16.13 37.67
C ASP A 198 39.13 16.57 38.72
N LYS A 199 40.17 15.79 38.98
CA LYS A 199 41.06 15.99 40.12
C LYS A 199 42.50 16.03 39.64
N SER A 200 43.43 16.21 40.58
CA SER A 200 44.84 16.17 40.28
C SER A 200 45.21 14.80 39.71
N ILE A 201 46.16 14.80 38.78
CA ILE A 201 46.40 13.63 37.94
C ILE A 201 47.21 12.59 38.72
N ALA A 202 46.83 11.33 38.57
CA ALA A 202 47.53 10.23 39.21
C ALA A 202 48.94 10.08 38.64
N SER A 203 49.86 9.63 39.49
CA SER A 203 51.25 9.48 39.09
C SER A 203 52.01 8.58 40.06
N MET B 1 2.23 19.34 12.65
CA MET B 1 3.57 19.76 12.28
C MET B 1 3.76 19.68 10.77
N THR B 2 2.66 19.83 10.04
CA THR B 2 2.64 19.70 8.59
C THR B 2 2.49 21.11 8.00
N LEU B 3 3.64 21.77 7.82
CA LEU B 3 3.77 23.05 7.13
C LEU B 3 2.65 24.04 7.46
N VAL B 4 1.96 24.56 6.45
CA VAL B 4 0.90 25.55 6.67
C VAL B 4 1.55 26.68 7.46
N PRO B 5 2.27 27.60 6.80
CA PRO B 5 3.19 28.49 7.51
C PRO B 5 2.51 29.28 8.61
N TYR B 6 3.33 29.69 9.57
CA TYR B 6 2.91 30.33 10.81
C TYR B 6 3.26 31.81 10.83
N VAL B 7 2.84 32.48 11.90
CA VAL B 7 2.96 33.92 12.07
C VAL B 7 3.11 34.19 13.56
N VAL B 8 3.76 35.29 13.90
CA VAL B 8 4.01 35.69 15.28
C VAL B 8 3.89 37.21 15.35
N GLU B 9 3.02 37.72 16.23
CA GLU B 9 2.95 39.18 16.28
C GLU B 9 3.22 39.70 17.70
N ASP B 10 2.85 40.95 17.92
CA ASP B 10 3.01 41.67 19.17
C ASP B 10 1.67 42.34 19.51
N THR B 11 1.71 43.39 20.34
CA THR B 11 0.56 44.24 20.64
C THR B 11 -0.47 43.53 21.51
N GLY B 12 -0.24 42.29 21.90
CA GLY B 12 -1.12 41.58 22.80
C GLY B 12 -0.36 40.82 23.85
N ARG B 13 0.80 41.35 24.25
CA ARG B 13 1.79 40.69 25.09
C ARG B 13 2.37 39.44 24.43
N GLY B 14 2.35 39.39 23.11
CA GLY B 14 2.67 38.14 22.41
C GLY B 14 1.42 37.28 22.23
N GLU B 15 1.39 36.14 22.92
CA GLU B 15 0.28 35.19 22.86
C GLU B 15 0.05 34.74 21.42
N ARG B 16 1.07 34.03 20.93
CA ARG B 16 1.48 33.74 19.57
C ARG B 16 1.17 32.32 19.10
N ALA B 17 1.88 31.91 18.05
CA ALA B 17 1.89 30.57 17.45
C ALA B 17 0.60 30.17 16.78
N MET B 18 0.22 30.89 15.72
CA MET B 18 -0.86 30.48 14.84
C MET B 18 -0.37 30.49 13.40
N ASP B 19 -1.00 29.65 12.58
CA ASP B 19 -0.69 29.58 11.17
C ASP B 19 -1.29 30.76 10.43
N ILE B 20 -1.03 30.83 9.12
CA ILE B 20 -1.44 31.98 8.34
C ILE B 20 -2.95 32.09 8.24
N TYR B 21 -3.66 30.96 8.20
CA TYR B 21 -5.12 31.00 8.04
C TYR B 21 -5.82 31.41 9.32
N SER B 22 -5.36 30.90 10.47
CA SER B 22 -5.88 31.37 11.75
C SER B 22 -5.52 32.84 11.96
N ARG B 23 -4.37 33.23 11.42
CA ARG B 23 -3.95 34.62 11.51
C ARG B 23 -4.92 35.55 10.78
N LEU B 24 -5.25 35.23 9.53
CA LEU B 24 -6.20 36.05 8.79
C LEU B 24 -7.56 36.03 9.46
N LEU B 25 -7.88 34.96 10.19
CA LEU B 25 -9.14 34.89 10.92
C LEU B 25 -9.20 35.96 12.01
N LYS B 26 -8.06 36.41 12.51
CA LYS B 26 -8.04 37.48 13.50
C LYS B 26 -8.50 38.81 12.90
N ASP B 27 -8.39 38.96 11.59
CA ASP B 27 -8.93 40.12 10.88
C ASP B 27 -10.32 39.85 10.32
N ARG B 28 -10.97 38.79 10.79
CA ARG B 28 -12.29 38.38 10.31
C ARG B 28 -12.24 38.04 8.82
N ILE B 29 -11.18 37.37 8.41
CA ILE B 29 -10.97 36.92 7.05
C ILE B 29 -11.09 35.40 7.04
N VAL B 30 -11.99 34.87 6.22
CA VAL B 30 -12.20 33.43 6.08
C VAL B 30 -11.82 33.03 4.67
N MET B 31 -11.00 31.99 4.56
CA MET B 31 -10.47 31.53 3.28
C MET B 31 -11.16 30.25 2.87
N ILE B 32 -11.69 30.21 1.65
CA ILE B 32 -12.28 29.02 1.07
C ILE B 32 -11.55 28.77 -0.24
N GLY B 33 -10.55 27.89 -0.21
CA GLY B 33 -9.68 27.72 -1.36
C GLY B 33 -9.61 26.32 -1.92
N GLN B 34 -10.64 25.52 -1.68
CA GLN B 34 -10.66 24.13 -2.13
C GLN B 34 -12.10 23.70 -2.34
N GLU B 35 -12.28 22.42 -2.68
CA GLU B 35 -13.61 21.87 -2.91
C GLU B 35 -14.46 21.98 -1.64
N ILE B 36 -15.74 22.31 -1.84
CA ILE B 36 -16.67 22.46 -0.73
C ILE B 36 -17.13 21.08 -0.29
N THR B 37 -16.43 20.49 0.66
CA THR B 37 -16.73 19.17 1.19
C THR B 37 -17.36 19.28 2.56
N GLU B 38 -17.82 18.13 3.08
CA GLU B 38 -18.41 18.12 4.41
C GLU B 38 -17.42 18.50 5.50
N PRO B 39 -16.19 17.96 5.55
CA PRO B 39 -15.23 18.46 6.55
C PRO B 39 -14.90 19.93 6.39
N LEU B 40 -14.85 20.44 5.15
CA LEU B 40 -14.62 21.88 4.96
C LEU B 40 -15.79 22.68 5.51
N ALA B 41 -17.02 22.20 5.29
CA ALA B 41 -18.19 22.86 5.85
C ALA B 41 -18.08 22.96 7.36
N ASN B 42 -17.55 21.92 8.00
CA ASN B 42 -17.35 21.95 9.44
C ASN B 42 -16.41 23.08 9.84
N THR B 43 -15.28 23.19 9.14
CA THR B 43 -14.30 24.24 9.44
C THR B 43 -14.87 25.64 9.19
N VAL B 44 -15.54 25.83 8.05
CA VAL B 44 -16.04 27.16 7.70
C VAL B 44 -17.13 27.60 8.68
N ILE B 45 -18.07 26.70 8.99
CA ILE B 45 -19.12 27.05 9.93
C ILE B 45 -18.56 27.32 11.32
N ALA B 46 -17.60 26.50 11.76
CA ALA B 46 -16.92 26.75 13.03
C ALA B 46 -16.25 28.12 13.04
N GLN B 47 -15.56 28.46 11.95
CA GLN B 47 -14.97 29.80 11.85
C GLN B 47 -16.05 30.87 11.86
N LEU B 48 -17.16 30.63 11.15
CA LEU B 48 -18.24 31.61 11.11
C LEU B 48 -18.88 31.77 12.47
N LEU B 49 -19.10 30.65 13.18
CA LEU B 49 -19.72 30.73 14.50
C LEU B 49 -18.80 31.39 15.52
N PHE B 50 -17.50 31.18 15.40
CA PHE B 50 -16.55 31.88 16.26
C PHE B 50 -16.56 33.38 16.00
N LEU B 51 -16.58 33.77 14.73
CA LEU B 51 -16.50 35.19 14.39
C LEU B 51 -17.73 35.97 14.87
N MET B 52 -18.89 35.34 14.96
CA MET B 52 -20.06 36.03 15.51
C MET B 52 -19.97 36.09 17.03
N SER B 53 -19.33 35.11 17.66
CA SER B 53 -19.16 35.15 19.11
C SER B 53 -18.23 36.28 19.53
N GLU B 54 -17.25 36.61 18.70
CA GLU B 54 -16.30 37.67 19.06
C GLU B 54 -16.92 39.04 18.86
N ASP B 55 -17.42 39.30 17.65
CA ASP B 55 -18.16 40.54 17.35
C ASP B 55 -19.23 40.20 16.37
N PRO B 56 -20.51 40.08 16.78
CA PRO B 56 -21.59 39.75 15.88
C PRO B 56 -22.05 40.90 14.98
N THR B 57 -21.35 42.04 14.99
CA THR B 57 -21.71 43.18 14.18
C THR B 57 -20.63 43.62 13.21
N LYS B 58 -19.36 43.29 13.46
CA LYS B 58 -18.28 43.70 12.57
C LYS B 58 -18.33 42.89 11.28
N ASP B 59 -17.92 43.52 10.18
CA ASP B 59 -17.97 42.88 8.88
C ASP B 59 -17.04 41.67 8.82
N ILE B 60 -17.40 40.71 7.98
CA ILE B 60 -16.61 39.52 7.74
C ILE B 60 -16.28 39.46 6.25
N GLN B 61 -15.02 39.18 5.93
CA GLN B 61 -14.56 39.04 4.55
C GLN B 61 -14.31 37.57 4.26
N ILE B 62 -14.89 37.07 3.18
CA ILE B 62 -14.71 35.70 2.73
C ILE B 62 -14.04 35.72 1.36
N PHE B 63 -12.90 35.06 1.24
CA PHE B 63 -12.18 34.95 -0.02
C PHE B 63 -12.40 33.56 -0.58
N ILE B 64 -12.82 33.49 -1.85
CA ILE B 64 -13.33 32.26 -2.43
C ILE B 64 -12.49 31.92 -3.66
N ASN B 65 -11.87 30.74 -3.64
CA ASN B 65 -11.23 30.13 -4.81
C ASN B 65 -11.58 28.65 -4.75
N SER B 66 -12.74 28.30 -5.31
CA SER B 66 -13.28 26.96 -5.13
C SER B 66 -13.69 26.38 -6.48
N PRO B 67 -13.22 25.18 -6.84
CA PRO B 67 -13.62 24.55 -8.09
C PRO B 67 -15.00 23.89 -8.05
N GLY B 68 -15.66 23.89 -6.91
CA GLY B 68 -16.96 23.28 -6.78
C GLY B 68 -17.12 22.66 -5.39
N GLY B 69 -17.92 21.62 -5.33
CA GLY B 69 -18.20 20.97 -4.06
C GLY B 69 -19.51 20.22 -4.10
N TYR B 70 -20.12 20.07 -2.93
CA TYR B 70 -21.35 19.32 -2.77
C TYR B 70 -22.45 20.24 -2.29
N ILE B 71 -23.68 19.95 -2.72
CA ILE B 71 -24.81 20.81 -2.39
C ILE B 71 -25.06 20.79 -0.89
N THR B 72 -24.91 19.61 -0.26
CA THR B 72 -25.17 19.49 1.17
C THR B 72 -24.23 20.39 1.97
N ALA B 73 -22.95 20.44 1.60
CA ALA B 73 -22.01 21.31 2.30
C ALA B 73 -22.25 22.77 1.96
N GLY B 74 -22.54 23.07 0.69
CA GLY B 74 -22.80 24.45 0.30
C GLY B 74 -24.01 25.04 0.99
N LEU B 75 -25.10 24.26 1.07
CA LEU B 75 -26.31 24.74 1.74
C LEU B 75 -26.05 25.00 3.22
N ALA B 76 -25.21 24.17 3.86
CA ALA B 76 -24.89 24.36 5.26
C ALA B 76 -24.17 25.68 5.49
N ILE B 77 -23.19 25.99 4.65
CA ILE B 77 -22.45 27.24 4.81
C ILE B 77 -23.34 28.44 4.51
N TYR B 78 -24.15 28.36 3.46
CA TYR B 78 -25.03 29.47 3.10
C TYR B 78 -25.98 29.79 4.25
N ASP B 79 -26.62 28.77 4.81
CA ASP B 79 -27.53 28.99 5.93
C ASP B 79 -26.80 29.62 7.11
N THR B 80 -25.54 29.22 7.34
CA THR B 80 -24.76 29.84 8.40
C THR B 80 -24.45 31.30 8.07
N ILE B 81 -24.19 31.59 6.79
CA ILE B 81 -23.94 32.98 6.40
C ILE B 81 -25.18 33.83 6.60
N ARG B 82 -26.35 33.30 6.20
CA ARG B 82 -27.60 34.01 6.46
C ARG B 82 -27.90 34.07 7.95
N PHE B 83 -27.40 33.11 8.72
CA PHE B 83 -27.62 33.11 10.17
C PHE B 83 -26.86 34.25 10.85
N LEU B 84 -25.79 34.72 10.23
CA LEU B 84 -25.00 35.82 10.78
C LEU B 84 -25.78 37.13 10.72
N GLY B 85 -25.51 38.01 11.68
CA GLY B 85 -26.16 39.30 11.73
C GLY B 85 -25.37 40.41 11.08
N CYS B 86 -24.07 40.19 10.87
CA CYS B 86 -23.18 41.21 10.33
C CYS B 86 -23.11 41.14 8.81
N ASP B 87 -22.46 42.14 8.22
CA ASP B 87 -22.25 42.18 6.79
C ASP B 87 -21.13 41.22 6.39
N VAL B 88 -21.30 40.56 5.25
CA VAL B 88 -20.34 39.60 4.74
C VAL B 88 -19.83 40.09 3.39
N ASN B 89 -18.52 40.24 3.28
CA ASN B 89 -17.86 40.59 2.03
C ASN B 89 -17.32 39.33 1.36
N THR B 90 -17.68 39.12 0.09
CA THR B 90 -17.23 37.97 -0.66
C THR B 90 -16.32 38.43 -1.80
N TYR B 91 -15.12 37.86 -1.85
CA TYR B 91 -14.17 38.14 -2.91
C TYR B 91 -13.88 36.85 -3.68
N CYS B 92 -13.95 36.91 -5.00
CA CYS B 92 -13.64 35.78 -5.86
C CYS B 92 -12.25 35.98 -6.46
N ILE B 93 -11.28 35.22 -5.97
CA ILE B 93 -9.95 35.19 -6.54
C ILE B 93 -9.80 33.88 -7.31
N GLY B 94 -9.59 33.99 -8.62
CA GLY B 94 -9.41 32.79 -9.42
C GLY B 94 -10.69 32.21 -9.97
N GLN B 95 -11.23 31.19 -9.31
CA GLN B 95 -12.41 30.48 -9.79
C GLN B 95 -13.42 30.31 -8.67
N ALA B 96 -14.70 30.48 -9.03
CA ALA B 96 -15.82 30.20 -8.11
C ALA B 96 -16.87 29.45 -8.92
N ALA B 97 -16.86 28.12 -8.83
CA ALA B 97 -17.73 27.25 -9.61
C ALA B 97 -18.77 26.59 -8.71
N SER B 98 -20.02 26.58 -9.17
CA SER B 98 -21.12 25.89 -8.51
C SER B 98 -21.29 26.33 -7.07
N MET B 99 -20.75 25.55 -6.12
CA MET B 99 -20.88 25.91 -4.71
C MET B 99 -20.10 27.17 -4.37
N GLY B 100 -18.93 27.35 -4.99
CA GLY B 100 -18.20 28.59 -4.83
C GLY B 100 -18.99 29.79 -5.30
N ALA B 101 -19.73 29.64 -6.40
CA ALA B 101 -20.55 30.74 -6.90
C ALA B 101 -21.74 31.02 -5.99
N LEU B 102 -22.28 29.99 -5.33
CA LEU B 102 -23.37 30.22 -4.38
C LEU B 102 -22.90 31.06 -3.20
N LEU B 103 -21.79 30.67 -2.58
CA LEU B 103 -21.27 31.43 -1.45
C LEU B 103 -20.81 32.82 -1.87
N LEU B 104 -20.26 32.94 -3.08
CA LEU B 104 -19.87 34.26 -3.59
C LEU B 104 -21.08 35.17 -3.72
N SER B 105 -22.16 34.68 -4.33
CA SER B 105 -23.37 35.46 -4.49
C SER B 105 -24.15 35.62 -3.19
N ALA B 106 -23.77 34.90 -2.14
CA ALA B 106 -24.45 34.98 -0.85
C ALA B 106 -24.01 36.18 -0.02
N GLY B 107 -23.01 36.93 -0.48
CA GLY B 107 -22.58 38.10 0.26
C GLY B 107 -23.59 39.21 0.25
N THR B 108 -23.39 40.14 1.18
CA THR B 108 -24.25 41.30 1.35
C THR B 108 -24.31 42.14 0.07
N LYS B 109 -25.50 42.70 -0.17
CA LYS B 109 -25.76 43.48 -1.36
C LYS B 109 -24.78 44.64 -1.46
N GLY B 110 -24.06 44.73 -2.58
CA GLY B 110 -23.05 45.76 -2.74
C GLY B 110 -21.65 45.37 -2.34
N LYS B 111 -21.47 44.25 -1.64
CA LYS B 111 -20.17 43.88 -1.09
C LYS B 111 -19.68 42.54 -1.62
N ARG B 112 -20.06 42.19 -2.85
CA ARG B 112 -19.59 40.99 -3.52
C ARG B 112 -18.66 41.41 -4.65
N TYR B 113 -17.39 41.04 -4.55
CA TYR B 113 -16.35 41.52 -5.45
C TYR B 113 -15.68 40.36 -6.18
N ALA B 114 -15.01 40.71 -7.28
CA ALA B 114 -14.20 39.75 -8.01
C ALA B 114 -12.98 40.48 -8.58
N LEU B 115 -11.91 39.73 -8.80
CA LEU B 115 -10.68 40.25 -9.37
C LEU B 115 -10.76 40.21 -10.89
N PRO B 116 -9.94 41.02 -11.59
CA PRO B 116 -10.17 41.21 -13.03
C PRO B 116 -10.17 39.92 -13.85
N HIS B 117 -9.37 38.91 -13.47
CA HIS B 117 -9.26 37.69 -14.24
C HIS B 117 -10.01 36.52 -13.59
N SER B 118 -10.88 36.80 -12.62
CA SER B 118 -11.65 35.74 -11.98
C SER B 118 -12.63 35.12 -12.96
N ARG B 119 -12.94 33.84 -12.71
CA ARG B 119 -13.89 33.09 -13.52
C ARG B 119 -14.95 32.49 -12.61
N MET B 120 -16.21 32.60 -13.02
CA MET B 120 -17.32 32.15 -12.19
C MET B 120 -18.25 31.28 -13.01
N MET B 121 -18.77 30.22 -12.38
CA MET B 121 -19.64 29.26 -13.03
C MET B 121 -20.71 28.78 -12.06
N ILE B 122 -21.93 28.65 -12.57
CA ILE B 122 -23.02 28.10 -11.77
C ILE B 122 -23.17 26.59 -11.98
N HIS B 123 -22.76 26.09 -13.16
CA HIS B 123 -22.83 24.67 -13.43
C HIS B 123 -21.95 23.88 -12.47
N GLN B 124 -22.49 22.76 -11.96
CA GLN B 124 -21.71 21.81 -11.20
C GLN B 124 -21.07 20.83 -12.18
N PRO B 125 -19.75 20.82 -12.34
CA PRO B 125 -19.15 19.96 -13.38
C PRO B 125 -19.33 18.51 -13.02
N SER B 126 -19.69 17.71 -14.03
CA SER B 126 -19.91 16.27 -13.84
C SER B 126 -18.57 15.55 -13.88
N GLY B 127 -17.94 15.44 -12.71
CA GLY B 127 -16.71 14.69 -12.53
C GLY B 127 -15.57 15.54 -12.02
N GLY B 128 -15.38 15.53 -10.70
CA GLY B 128 -14.23 16.14 -10.05
C GLY B 128 -13.84 15.43 -8.77
N ILE B 129 -14.45 14.27 -8.52
CA ILE B 129 -14.43 13.64 -7.21
C ILE B 129 -13.56 12.39 -7.26
N ILE B 130 -12.63 12.29 -6.32
CA ILE B 130 -11.88 11.06 -6.09
C ILE B 130 -12.67 10.17 -5.14
N GLY B 131 -12.68 8.88 -5.41
CA GLY B 131 -13.38 7.94 -4.56
C GLY B 131 -14.79 7.63 -5.00
N THR B 132 -15.65 8.65 -5.04
CA THR B 132 -17.05 8.56 -5.46
C THR B 132 -17.86 7.84 -4.37
N SER B 133 -17.17 7.26 -3.40
CA SER B 133 -17.80 6.71 -2.20
C SER B 133 -17.59 7.61 -0.98
N ALA B 134 -16.81 8.68 -1.10
CA ALA B 134 -16.64 9.62 0.00
C ALA B 134 -17.91 10.44 0.23
N ASP B 135 -18.64 10.76 -0.84
CA ASP B 135 -19.90 11.47 -0.72
C ASP B 135 -20.94 10.55 -0.10
N ILE B 136 -21.40 10.88 1.11
CA ILE B 136 -22.49 10.13 1.71
C ILE B 136 -23.69 10.23 0.79
N GLN B 137 -24.25 9.07 0.44
CA GLN B 137 -25.14 8.98 -0.71
C GLN B 137 -26.54 9.52 -0.38
N LEU B 138 -27.29 9.82 -1.43
CA LEU B 138 -28.62 10.39 -1.33
C LEU B 138 -29.54 9.72 -2.34
N GLN B 139 -30.80 9.54 -1.96
CA GLN B 139 -31.79 8.93 -2.83
C GLN B 139 -32.12 9.90 -3.96
N ALA B 140 -33.13 9.57 -4.76
CA ALA B 140 -33.50 10.39 -5.91
C ALA B 140 -34.16 11.69 -5.48
N ALA B 141 -35.39 11.60 -4.96
CA ALA B 141 -36.19 12.75 -4.56
C ALA B 141 -35.49 13.69 -3.58
N GLU B 142 -34.31 13.31 -3.08
CA GLU B 142 -33.59 14.16 -2.16
C GLU B 142 -32.60 15.06 -2.88
N ILE B 143 -31.95 14.55 -3.93
CA ILE B 143 -31.10 15.39 -4.75
C ILE B 143 -31.94 16.40 -5.52
N LEU B 144 -33.12 15.99 -5.98
CA LEU B 144 -34.02 16.91 -6.66
C LEU B 144 -34.45 18.03 -5.73
N THR B 145 -34.77 17.70 -4.48
CA THR B 145 -35.15 18.72 -3.50
C THR B 145 -34.00 19.68 -3.23
N LEU B 146 -32.78 19.14 -3.09
CA LEU B 146 -31.62 19.99 -2.81
C LEU B 146 -31.28 20.87 -4.00
N LYS B 147 -31.43 20.33 -5.22
CA LYS B 147 -31.19 21.14 -6.41
C LYS B 147 -32.28 22.19 -6.58
N LYS B 148 -33.52 21.86 -6.22
CA LYS B 148 -34.57 22.87 -6.22
C LYS B 148 -34.24 23.97 -5.22
N HIS B 149 -33.73 23.58 -4.04
CA HIS B 149 -33.29 24.56 -3.07
C HIS B 149 -32.21 25.45 -3.66
N LEU B 150 -31.19 24.83 -4.28
CA LEU B 150 -30.06 25.60 -4.82
C LEU B 150 -30.51 26.56 -5.91
N SER B 151 -31.43 26.12 -6.77
CA SER B 151 -31.95 27.02 -7.81
C SER B 151 -32.69 28.20 -7.19
N ASN B 152 -33.47 27.95 -6.15
CA ASN B 152 -34.23 29.02 -5.51
C ASN B 152 -33.31 30.03 -4.85
N ILE B 153 -32.23 29.56 -4.21
CA ILE B 153 -31.30 30.47 -3.56
C ILE B 153 -30.52 31.28 -4.59
N LEU B 154 -30.07 30.64 -5.66
CA LEU B 154 -29.33 31.36 -6.69
C LEU B 154 -30.20 32.42 -7.36
N ALA B 155 -31.47 32.08 -7.62
CA ALA B 155 -32.38 33.06 -8.22
C ALA B 155 -32.58 34.25 -7.29
N GLU B 156 -32.73 34.01 -5.99
CA GLU B 156 -32.90 35.11 -5.04
C GLU B 156 -31.62 35.93 -4.92
N CYS B 157 -30.46 35.26 -4.87
CA CYS B 157 -29.20 35.99 -4.70
C CYS B 157 -28.85 36.80 -5.95
N THR B 158 -29.03 36.21 -7.13
CA THR B 158 -28.62 36.89 -8.35
C THR B 158 -29.69 37.86 -8.85
N GLY B 159 -30.95 37.51 -8.67
CA GLY B 159 -32.05 38.29 -9.21
C GLY B 159 -32.66 37.72 -10.47
N GLN B 160 -32.10 36.64 -11.01
CA GLN B 160 -32.65 35.98 -12.17
C GLN B 160 -33.83 35.09 -11.76
N SER B 161 -34.57 34.62 -12.75
CA SER B 161 -35.66 33.70 -12.48
C SER B 161 -35.12 32.32 -12.17
N VAL B 162 -35.95 31.52 -11.48
CA VAL B 162 -35.57 30.14 -11.19
C VAL B 162 -35.42 29.36 -12.50
N GLU B 163 -36.25 29.67 -13.49
CA GLU B 163 -36.16 29.00 -14.78
C GLU B 163 -34.82 29.27 -15.44
N LYS B 164 -34.37 30.53 -15.41
CA LYS B 164 -33.08 30.87 -16.00
C LYS B 164 -31.92 30.21 -15.23
N ILE B 165 -32.02 30.16 -13.90
CA ILE B 165 -30.98 29.52 -13.10
C ILE B 165 -30.89 28.03 -13.43
N ILE B 166 -32.04 27.36 -13.54
CA ILE B 166 -32.04 25.95 -13.89
C ILE B 166 -31.46 25.75 -15.28
N GLU B 167 -31.85 26.60 -16.22
CA GLU B 167 -31.36 26.48 -17.59
C GLU B 167 -29.86 26.73 -17.66
N ASP B 168 -29.36 27.73 -16.93
CA ASP B 168 -27.93 28.04 -16.96
C ASP B 168 -27.09 27.09 -16.11
N SER B 169 -27.70 26.36 -15.18
CA SER B 169 -26.97 25.39 -14.40
C SER B 169 -26.58 24.17 -15.23
N GLU B 170 -27.21 23.99 -16.40
CA GLU B 170 -26.92 22.88 -17.28
C GLU B 170 -25.83 23.20 -18.31
N ARG B 171 -25.37 24.45 -18.37
CA ARG B 171 -24.38 24.87 -19.35
C ARG B 171 -23.00 24.91 -18.70
N ASP B 172 -22.06 24.19 -19.28
CA ASP B 172 -20.70 24.12 -18.75
C ASP B 172 -19.86 25.23 -19.39
N PHE B 173 -20.00 26.44 -18.84
CA PHE B 173 -19.25 27.58 -19.31
C PHE B 173 -18.96 28.51 -18.14
N PHE B 174 -17.79 29.15 -18.18
CA PHE B 174 -17.45 30.17 -17.20
C PHE B 174 -17.78 31.55 -17.74
N MET B 175 -17.98 32.48 -16.82
CA MET B 175 -18.23 33.87 -17.17
C MET B 175 -17.25 34.76 -16.41
N GLY B 176 -16.85 35.86 -17.06
CA GLY B 176 -15.90 36.76 -16.47
C GLY B 176 -16.55 37.69 -15.45
N ALA B 177 -15.71 38.56 -14.88
CA ALA B 177 -16.18 39.47 -13.85
C ALA B 177 -17.24 40.43 -14.40
N GLU B 178 -17.05 40.90 -15.63
CA GLU B 178 -18.02 41.81 -16.22
C GLU B 178 -19.35 41.12 -16.48
N GLU B 179 -19.30 39.87 -16.97
CA GLU B 179 -20.54 39.12 -17.19
C GLU B 179 -21.24 38.80 -15.87
N ALA B 180 -20.47 38.50 -14.83
CA ALA B 180 -21.07 38.14 -13.55
C ALA B 180 -21.79 39.31 -12.89
N ILE B 181 -21.31 40.54 -13.12
CA ILE B 181 -22.02 41.70 -12.60
C ILE B 181 -23.38 41.84 -13.27
N ALA B 182 -23.41 41.73 -14.59
CA ALA B 182 -24.67 41.78 -15.32
C ALA B 182 -25.59 40.65 -14.88
N TYR B 183 -25.03 39.47 -14.61
CA TYR B 183 -25.84 38.33 -14.21
C TYR B 183 -26.44 38.51 -12.82
N GLY B 184 -25.74 39.23 -11.94
CA GLY B 184 -26.18 39.40 -10.57
C GLY B 184 -25.35 38.62 -9.57
N LEU B 185 -24.39 37.82 -10.02
CA LEU B 185 -23.58 37.02 -9.10
C LEU B 185 -22.75 37.90 -8.18
N ILE B 186 -22.17 38.98 -8.72
CA ILE B 186 -21.33 39.88 -7.97
C ILE B 186 -21.81 41.32 -8.22
N ASP B 187 -21.10 42.27 -7.61
CA ASP B 187 -21.47 43.67 -7.68
C ASP B 187 -20.41 44.52 -8.37
N LYS B 188 -19.14 44.36 -7.99
CA LYS B 188 -18.08 45.21 -8.53
C LYS B 188 -16.86 44.37 -8.85
N VAL B 189 -16.18 44.72 -9.94
CA VAL B 189 -14.82 44.25 -10.20
C VAL B 189 -13.86 45.23 -9.56
N ILE B 190 -12.77 44.72 -8.99
CA ILE B 190 -11.78 45.56 -8.34
C ILE B 190 -10.40 45.19 -8.87
N SER B 191 -9.42 45.99 -8.50
CA SER B 191 -8.03 45.71 -8.85
C SER B 191 -7.06 46.23 -7.81
N SER B 192 -7.53 46.82 -6.72
CA SER B 192 -6.67 47.27 -5.63
C SER B 192 -7.51 47.30 -4.36
N ALA B 193 -6.82 47.39 -3.22
CA ALA B 193 -7.50 47.36 -1.93
C ALA B 193 -8.48 48.53 -1.78
N LYS B 194 -8.07 49.71 -2.23
CA LYS B 194 -8.89 50.92 -2.04
C LYS B 194 -10.21 50.86 -2.79
N GLU B 195 -10.35 49.96 -3.77
CA GLU B 195 -11.60 49.91 -4.53
C GLU B 195 -12.73 49.28 -3.72
N THR B 196 -12.43 48.31 -2.86
CA THR B 196 -13.43 47.76 -1.96
C THR B 196 -13.47 48.46 -0.62
N LYS B 197 -12.40 49.15 -0.23
CA LYS B 197 -12.35 49.87 1.04
C LYS B 197 -13.49 50.88 1.10
N ASP B 198 -14.46 50.64 1.98
CA ASP B 198 -15.65 51.47 2.05
C ASP B 198 -15.48 52.62 3.04
N LYS B 199 -14.39 53.39 2.84
CA LYS B 199 -14.07 54.59 3.60
C LYS B 199 -14.32 54.41 5.10
N SER B 200 -13.56 53.52 5.73
CA SER B 200 -13.65 53.30 7.18
C SER B 200 -13.49 54.59 7.98
N ILE B 201 -13.02 55.67 7.36
CA ILE B 201 -12.95 56.96 8.02
C ILE B 201 -14.36 57.53 8.24
N ALA B 202 -14.45 58.50 9.15
CA ALA B 202 -15.68 59.24 9.42
C ALA B 202 -16.82 58.31 9.87
N SER B 203 -16.47 57.29 10.65
CA SER B 203 -17.48 56.40 11.24
C SER B 203 -16.88 55.63 12.41
N MET C 1 14.12 7.20 10.75
CA MET C 1 13.92 7.31 12.20
C MET C 1 15.25 7.59 12.90
N THR C 2 15.64 8.87 12.96
CA THR C 2 16.92 9.25 13.51
C THR C 2 16.84 10.08 14.79
N LEU C 3 15.65 10.53 15.19
CA LEU C 3 15.46 11.23 16.46
C LEU C 3 16.34 12.49 16.50
N VAL C 4 15.89 13.49 15.76
CA VAL C 4 16.63 14.76 15.69
C VAL C 4 16.46 15.46 17.04
N PRO C 5 17.51 15.49 17.86
CA PRO C 5 17.39 16.00 19.23
C PRO C 5 17.04 17.48 19.26
N TYR C 6 16.48 17.89 20.40
CA TYR C 6 16.02 19.26 20.66
C TYR C 6 16.98 19.97 21.61
N VAL C 7 16.70 21.24 21.93
CA VAL C 7 17.67 22.00 22.71
C VAL C 7 17.02 23.05 23.58
N VAL C 8 17.70 23.34 24.68
CA VAL C 8 17.25 24.33 25.65
C VAL C 8 18.44 25.09 26.22
N GLU C 9 18.18 26.41 26.45
CA GLU C 9 19.25 27.39 26.42
C GLU C 9 18.92 28.48 27.44
N ASP C 10 19.50 29.64 27.17
CA ASP C 10 19.25 30.92 27.81
C ASP C 10 18.82 30.81 29.26
N THR C 11 19.72 30.36 30.14
CA THR C 11 19.41 30.19 31.56
C THR C 11 19.15 31.54 32.22
N GLY C 12 19.23 32.61 31.44
CA GLY C 12 18.90 33.94 31.92
C GLY C 12 17.47 34.35 31.63
N ARG C 13 17.04 34.21 30.37
CA ARG C 13 15.70 34.62 29.96
C ARG C 13 14.73 33.45 29.78
N GLY C 14 15.20 32.28 29.32
CA GLY C 14 14.46 31.04 29.41
C GLY C 14 13.50 30.75 28.28
N GLU C 15 12.97 29.51 28.30
CA GLU C 15 11.86 29.11 27.44
C GLU C 15 12.12 29.10 25.93
N ARG C 16 13.03 28.33 25.34
CA ARG C 16 12.76 28.21 23.90
C ARG C 16 13.19 26.75 23.65
N ALA C 17 12.58 26.08 22.68
CA ALA C 17 12.96 24.71 22.32
C ALA C 17 13.18 24.70 20.81
N MET C 18 14.42 24.48 20.39
CA MET C 18 14.73 24.30 18.98
C MET C 18 15.44 22.97 18.80
N ASP C 19 15.35 22.42 17.60
CA ASP C 19 16.05 21.18 17.32
C ASP C 19 17.53 21.46 17.14
N ILE C 20 18.31 20.39 16.94
CA ILE C 20 19.76 20.55 16.90
C ILE C 20 20.18 21.37 15.68
N TYR C 21 19.47 21.24 14.56
CA TYR C 21 19.84 21.95 13.34
C TYR C 21 19.51 23.43 13.43
N SER C 22 18.34 23.77 13.99
CA SER C 22 18.03 25.17 14.25
C SER C 22 18.97 25.77 15.27
N ARG C 23 19.43 24.95 16.23
CA ARG C 23 20.40 25.42 17.21
C ARG C 23 21.70 25.86 16.55
N LEU C 24 22.27 25.00 15.69
CA LEU C 24 23.49 25.35 14.99
C LEU C 24 23.28 26.53 14.05
N LEU C 25 22.06 26.72 13.56
CA LEU C 25 21.77 27.87 12.70
C LEU C 25 21.92 29.19 13.45
N LYS C 26 21.69 29.18 14.78
CA LYS C 26 21.91 30.37 15.58
C LYS C 26 23.39 30.75 15.66
N ASP C 27 24.27 29.78 15.42
CA ASP C 27 25.70 30.04 15.32
C ASP C 27 26.14 30.25 13.87
N ARG C 28 25.19 30.49 12.97
CA ARG C 28 25.45 30.69 11.55
C ARG C 28 26.10 29.44 10.93
N ILE C 29 25.63 28.28 11.36
CA ILE C 29 26.08 27.00 10.85
C ILE C 29 24.94 26.38 10.05
N VAL C 30 25.20 26.05 8.79
CA VAL C 30 24.22 25.43 7.90
C VAL C 30 24.71 24.03 7.55
N MET C 31 23.84 23.05 7.71
CA MET C 31 24.19 21.65 7.50
C MET C 31 23.61 21.16 6.19
N ILE C 32 24.45 20.55 5.36
CA ILE C 32 24.04 19.92 4.12
C ILE C 32 24.51 18.47 4.23
N GLY C 33 23.63 17.60 4.67
CA GLY C 33 24.02 16.24 5.00
C GLY C 33 23.25 15.22 4.19
N GLN C 34 22.75 15.64 3.04
CA GLN C 34 21.98 14.76 2.18
C GLN C 34 22.14 15.21 0.74
N GLU C 35 21.48 14.48 -0.16
CA GLU C 35 21.51 14.79 -1.59
C GLU C 35 20.91 16.17 -1.84
N ILE C 36 21.54 16.93 -2.73
CA ILE C 36 21.10 18.29 -3.03
C ILE C 36 19.92 18.25 -4.00
N THR C 37 18.71 18.23 -3.44
CA THR C 37 17.48 18.19 -4.21
C THR C 37 16.81 19.56 -4.19
N GLU C 38 15.72 19.66 -4.95
CA GLU C 38 14.98 20.93 -5.01
C GLU C 38 14.38 21.32 -3.67
N PRO C 39 13.68 20.45 -2.93
CA PRO C 39 13.22 20.86 -1.59
C PRO C 39 14.35 21.20 -0.64
N LEU C 40 15.49 20.50 -0.72
CA LEU C 40 16.62 20.84 0.13
C LEU C 40 17.19 22.21 -0.23
N ALA C 41 17.29 22.51 -1.52
CA ALA C 41 17.80 23.81 -1.95
C ALA C 41 16.95 24.94 -1.39
N ASN C 42 15.63 24.78 -1.39
CA ASN C 42 14.75 25.82 -0.85
C ASN C 42 15.02 26.07 0.63
N THR C 43 15.17 24.99 1.40
CA THR C 43 15.49 25.14 2.83
C THR C 43 16.85 25.80 3.01
N VAL C 44 17.85 25.37 2.24
CA VAL C 44 19.20 25.93 2.39
C VAL C 44 19.22 27.41 2.00
N ILE C 45 18.58 27.75 0.88
CA ILE C 45 18.53 29.14 0.46
C ILE C 45 17.76 29.98 1.48
N ALA C 46 16.66 29.44 2.00
CA ALA C 46 15.92 30.12 3.06
C ALA C 46 16.81 30.37 4.27
N GLN C 47 17.58 29.36 4.67
CA GLN C 47 18.54 29.54 5.76
C GLN C 47 19.57 30.61 5.41
N LEU C 48 20.08 30.56 4.17
CA LEU C 48 21.09 31.53 3.76
C LEU C 48 20.51 32.94 3.71
N LEU C 49 19.28 33.08 3.21
CA LEU C 49 18.66 34.40 3.15
C LEU C 49 18.32 34.91 4.54
N PHE C 50 17.94 34.03 5.47
CA PHE C 50 17.73 34.46 6.84
C PHE C 50 19.03 34.91 7.49
N LEU C 51 20.11 34.14 7.28
CA LEU C 51 21.39 34.46 7.92
C LEU C 51 21.94 35.79 7.43
N MET C 52 21.63 36.18 6.20
CA MET C 52 22.05 37.49 5.71
C MET C 52 21.18 38.61 6.27
N SER C 53 19.92 38.33 6.58
CA SER C 53 19.05 39.36 7.16
C SER C 53 19.46 39.74 8.58
N GLU C 54 19.97 38.77 9.35
CA GLU C 54 20.30 39.05 10.74
C GLU C 54 21.66 39.78 10.84
N ASP C 55 22.67 39.26 10.22
CA ASP C 55 23.99 39.94 10.13
C ASP C 55 24.57 39.64 8.76
N PRO C 56 24.50 40.59 7.83
CA PRO C 56 25.05 40.37 6.48
C PRO C 56 26.56 40.44 6.39
N THR C 57 27.27 40.55 7.51
CA THR C 57 28.72 40.64 7.52
C THR C 57 29.41 39.53 8.29
N LYS C 58 28.73 38.87 9.22
CA LYS C 58 29.34 37.80 9.99
C LYS C 58 29.57 36.56 9.15
N ASP C 59 30.64 35.83 9.46
CA ASP C 59 30.98 34.64 8.71
C ASP C 59 29.89 33.58 8.84
N ILE C 60 29.76 32.76 7.80
CA ILE C 60 28.81 31.66 7.77
C ILE C 60 29.58 30.37 7.54
N GLN C 61 29.28 29.35 8.32
CA GLN C 61 29.89 28.04 8.17
C GLN C 61 28.88 27.07 7.56
N ILE C 62 29.28 26.40 6.49
CA ILE C 62 28.45 25.40 5.83
C ILE C 62 29.18 24.07 5.94
N PHE C 63 28.52 23.08 6.52
CA PHE C 63 29.08 21.74 6.66
C PHE C 63 28.42 20.81 5.66
N ILE C 64 29.23 20.10 4.88
CA ILE C 64 28.77 19.38 3.71
C ILE C 64 29.11 17.91 3.88
N ASN C 65 28.08 17.05 3.87
CA ASN C 65 28.22 15.60 3.74
C ASN C 65 27.14 15.19 2.76
N SER C 66 27.47 15.28 1.47
CA SER C 66 26.46 15.13 0.43
C SER C 66 26.95 14.16 -0.64
N PRO C 67 26.16 13.13 -0.98
CA PRO C 67 26.57 12.21 -2.04
C PRO C 67 26.34 12.74 -3.44
N GLY C 68 25.77 13.93 -3.57
CA GLY C 68 25.49 14.50 -4.87
C GLY C 68 24.21 15.30 -4.88
N GLY C 69 23.54 15.32 -6.01
CA GLY C 69 22.30 16.08 -6.12
C GLY C 69 22.03 16.43 -7.57
N TYR C 70 21.29 17.51 -7.76
CA TYR C 70 20.86 17.95 -9.07
C TYR C 70 21.44 19.32 -9.38
N ILE C 71 21.74 19.54 -10.67
CA ILE C 71 22.43 20.77 -11.08
C ILE C 71 21.56 22.00 -10.81
N THR C 72 20.25 21.89 -11.06
CA THR C 72 19.37 23.03 -10.86
C THR C 72 19.36 23.47 -9.40
N ALA C 73 19.33 22.50 -8.48
CA ALA C 73 19.38 22.83 -7.06
C ALA C 73 20.78 23.31 -6.67
N GLY C 74 21.82 22.66 -7.19
CA GLY C 74 23.17 23.10 -6.89
C GLY C 74 23.46 24.50 -7.39
N LEU C 75 23.04 24.81 -8.62
CA LEU C 75 23.25 26.14 -9.17
C LEU C 75 22.48 27.18 -8.37
N ALA C 76 21.29 26.83 -7.87
CA ALA C 76 20.51 27.76 -7.07
C ALA C 76 21.23 28.11 -5.78
N ILE C 77 21.77 27.10 -5.10
CA ILE C 77 22.49 27.35 -3.85
C ILE C 77 23.77 28.12 -4.11
N TYR C 78 24.52 27.75 -5.17
CA TYR C 78 25.76 28.43 -5.48
C TYR C 78 25.52 29.91 -5.75
N ASP C 79 24.52 30.22 -6.56
CA ASP C 79 24.19 31.62 -6.84
C ASP C 79 23.82 32.36 -5.56
N THR C 80 23.12 31.68 -4.65
CA THR C 80 22.79 32.30 -3.36
C THR C 80 24.04 32.50 -2.52
N ILE C 81 24.98 31.56 -2.57
CA ILE C 81 26.23 31.73 -1.84
C ILE C 81 27.03 32.91 -2.40
N ARG C 82 27.10 33.02 -3.72
CA ARG C 82 27.74 34.19 -4.33
C ARG C 82 26.95 35.45 -4.05
N PHE C 83 25.63 35.32 -3.83
CA PHE C 83 24.79 36.47 -3.53
C PHE C 83 25.08 37.04 -2.15
N LEU C 84 25.61 36.23 -1.24
CA LEU C 84 25.94 36.68 0.10
C LEU C 84 27.11 37.66 0.08
N GLY C 85 27.11 38.58 1.02
CA GLY C 85 28.18 39.56 1.12
C GLY C 85 29.26 39.18 2.11
N CYS C 86 28.95 38.25 3.00
CA CYS C 86 29.86 37.84 4.05
C CYS C 86 30.72 36.67 3.60
N ASP C 87 31.71 36.33 4.42
CA ASP C 87 32.57 35.19 4.15
C ASP C 87 31.84 33.89 4.47
N VAL C 88 32.05 32.88 3.63
CA VAL C 88 31.42 31.58 3.78
C VAL C 88 32.51 30.53 3.97
N ASN C 89 32.43 29.79 5.07
CA ASN C 89 33.33 28.68 5.33
C ASN C 89 32.64 27.37 4.95
N THR C 90 33.31 26.56 4.15
CA THR C 90 32.79 25.28 3.72
C THR C 90 33.65 24.17 4.30
N TYR C 91 33.02 23.23 4.99
CA TYR C 91 33.68 22.08 5.58
C TYR C 91 33.14 20.81 4.97
N CYS C 92 34.02 19.94 4.52
CA CYS C 92 33.65 18.64 3.98
C CYS C 92 33.91 17.57 5.02
N ILE C 93 32.84 17.06 5.63
CA ILE C 93 32.91 15.92 6.54
C ILE C 93 32.37 14.71 5.79
N GLY C 94 33.22 13.71 5.59
CA GLY C 94 32.77 12.51 4.92
C GLY C 94 32.92 12.55 3.41
N GLN C 95 31.84 12.88 2.71
CA GLN C 95 31.81 12.85 1.26
C GLN C 95 31.20 14.13 0.71
N ALA C 96 31.80 14.65 -0.36
CA ALA C 96 31.25 15.77 -1.12
C ALA C 96 31.40 15.43 -2.60
N ALA C 97 30.33 14.91 -3.20
CA ALA C 97 30.35 14.43 -4.58
C ALA C 97 29.54 15.36 -5.48
N SER C 98 30.11 15.68 -6.65
CA SER C 98 29.43 16.44 -7.69
C SER C 98 28.92 17.79 -7.19
N MET C 99 27.63 17.86 -6.85
CA MET C 99 27.06 19.11 -6.37
C MET C 99 27.61 19.48 -4.99
N GLY C 100 27.82 18.47 -4.14
CA GLY C 100 28.49 18.74 -2.87
C GLY C 100 29.88 19.31 -3.06
N ALA C 101 30.62 18.82 -4.06
CA ALA C 101 31.93 19.37 -4.35
C ALA C 101 31.83 20.78 -4.92
N LEU C 102 30.75 21.07 -5.66
CA LEU C 102 30.54 22.41 -6.17
C LEU C 102 30.34 23.40 -5.03
N LEU C 103 29.44 23.09 -4.11
CA LEU C 103 29.19 23.98 -2.98
C LEU C 103 30.39 24.07 -2.05
N LEU C 104 31.13 22.97 -1.90
CA LEU C 104 32.35 22.98 -1.09
C LEU C 104 33.38 23.95 -1.66
N SER C 105 33.62 23.87 -2.97
CA SER C 105 34.58 24.77 -3.62
C SER C 105 34.04 26.18 -3.76
N ALA C 106 32.75 26.41 -3.49
CA ALA C 106 32.16 27.73 -3.62
C ALA C 106 32.43 28.61 -2.40
N GLY C 107 33.02 28.08 -1.34
CA GLY C 107 33.34 28.89 -0.19
C GLY C 107 34.43 29.89 -0.49
N THR C 108 34.55 30.89 0.40
CA THR C 108 35.57 31.91 0.24
C THR C 108 36.96 31.28 0.19
N LYS C 109 37.76 31.71 -0.78
CA LYS C 109 39.09 31.15 -0.96
C LYS C 109 39.92 31.35 0.31
N GLY C 110 40.53 30.26 0.77
CA GLY C 110 41.24 30.24 2.02
C GLY C 110 40.45 29.69 3.19
N LYS C 111 39.13 29.58 3.04
CA LYS C 111 38.25 29.13 4.12
C LYS C 111 37.44 27.91 3.70
N ARG C 112 37.99 27.09 2.82
CA ARG C 112 37.38 25.83 2.40
C ARG C 112 38.18 24.68 2.99
N TYR C 113 37.55 23.91 3.88
CA TYR C 113 38.26 22.91 4.68
C TYR C 113 37.70 21.53 4.41
N ALA C 114 38.49 20.52 4.79
CA ALA C 114 38.06 19.14 4.75
C ALA C 114 38.70 18.39 5.92
N LEU C 115 38.05 17.32 6.33
CA LEU C 115 38.53 16.47 7.42
C LEU C 115 39.50 15.43 6.88
N PRO C 116 40.36 14.86 7.73
CA PRO C 116 41.48 14.04 7.21
C PRO C 116 41.05 12.88 6.33
N HIS C 117 39.91 12.27 6.61
CA HIS C 117 39.45 11.10 5.86
C HIS C 117 38.31 11.43 4.91
N SER C 118 38.06 12.71 4.65
CA SER C 118 37.01 13.10 3.72
C SER C 118 37.35 12.66 2.30
N ARG C 119 36.32 12.42 1.51
CA ARG C 119 36.46 12.03 0.11
C ARG C 119 35.64 12.97 -0.74
N MET C 120 36.23 13.44 -1.84
CA MET C 120 35.59 14.43 -2.70
C MET C 120 35.67 13.98 -4.15
N MET C 121 34.59 14.22 -4.89
CA MET C 121 34.51 13.86 -6.30
C MET C 121 33.69 14.91 -7.03
N ILE C 122 34.16 15.28 -8.23
CA ILE C 122 33.42 16.21 -9.07
C ILE C 122 32.49 15.49 -10.04
N HIS C 123 32.79 14.23 -10.36
CA HIS C 123 31.93 13.44 -11.22
C HIS C 123 30.54 13.32 -10.62
N GLN C 124 29.52 13.44 -11.47
CA GLN C 124 28.16 13.16 -11.05
C GLN C 124 28.01 11.64 -11.11
N PRO C 125 27.78 10.97 -9.98
CA PRO C 125 27.97 9.51 -9.96
C PRO C 125 27.10 8.74 -10.94
N SER C 126 25.78 8.94 -10.95
CA SER C 126 24.95 8.24 -11.92
C SER C 126 24.16 9.18 -12.85
N GLY C 127 23.21 9.93 -12.31
CA GLY C 127 22.33 10.73 -13.15
C GLY C 127 22.84 12.03 -13.74
N GLY C 128 21.94 13.01 -13.84
CA GLY C 128 22.26 14.28 -14.45
C GLY C 128 21.22 14.90 -15.37
N ILE C 129 20.03 14.29 -15.54
CA ILE C 129 18.97 15.02 -16.26
C ILE C 129 18.61 16.25 -15.47
N ILE C 130 18.51 16.11 -14.15
CA ILE C 130 18.28 17.20 -13.22
C ILE C 130 16.83 17.69 -13.33
N GLY C 131 16.24 18.09 -12.21
CA GLY C 131 14.92 18.67 -12.26
C GLY C 131 13.88 17.98 -11.42
N THR C 132 12.61 18.17 -11.79
CA THR C 132 11.48 17.77 -10.96
C THR C 132 10.42 17.17 -11.87
N SER C 133 9.19 17.06 -11.35
CA SER C 133 8.07 16.44 -12.06
C SER C 133 8.39 14.98 -12.36
N ALA C 134 8.57 14.21 -11.28
CA ALA C 134 8.95 12.79 -11.33
C ALA C 134 10.33 12.62 -11.96
N ASP C 135 11.28 13.47 -11.56
CA ASP C 135 12.69 13.31 -11.84
C ASP C 135 13.04 13.55 -13.31
N ILE C 136 12.04 13.76 -14.15
CA ILE C 136 12.25 13.82 -15.60
C ILE C 136 11.53 15.03 -16.17
N GLN C 137 12.31 16.05 -16.55
CA GLN C 137 11.91 17.21 -17.34
C GLN C 137 13.15 17.66 -18.10
N LEU C 138 13.25 18.93 -18.47
CA LEU C 138 14.57 19.46 -18.81
C LEU C 138 15.14 18.84 -20.08
N GLN C 139 14.81 19.41 -21.24
CA GLN C 139 15.19 18.87 -22.54
C GLN C 139 16.71 18.80 -22.72
N ALA C 140 17.14 18.39 -23.91
CA ALA C 140 18.55 18.13 -24.17
C ALA C 140 19.39 19.39 -24.09
N ALA C 141 19.23 20.30 -25.06
CA ALA C 141 20.03 21.52 -25.12
C ALA C 141 19.99 22.33 -23.82
N GLU C 142 19.14 21.93 -22.88
CA GLU C 142 19.07 22.59 -21.59
C GLU C 142 19.94 21.91 -20.54
N ILE C 143 20.01 20.58 -20.57
CA ILE C 143 20.96 19.88 -19.70
C ILE C 143 22.39 20.19 -20.13
N LEU C 144 22.62 20.29 -21.43
CA LEU C 144 23.95 20.67 -21.92
C LEU C 144 24.34 22.06 -21.45
N THR C 145 23.39 23.01 -21.49
CA THR C 145 23.66 24.36 -21.00
C THR C 145 23.96 24.35 -19.51
N LEU C 146 23.20 23.59 -18.73
CA LEU C 146 23.41 23.53 -17.29
C LEU C 146 24.73 22.85 -16.97
N LYS C 147 25.12 21.83 -17.74
CA LYS C 147 26.40 21.19 -17.53
C LYS C 147 27.55 22.12 -17.90
N LYS C 148 27.37 22.92 -18.95
CA LYS C 148 28.37 23.92 -19.29
C LYS C 148 28.51 24.95 -18.18
N HIS C 149 27.39 25.37 -17.59
CA HIS C 149 27.43 26.27 -16.45
C HIS C 149 28.21 25.64 -15.30
N LEU C 150 27.94 24.36 -15.00
CA LEU C 150 28.62 23.68 -13.92
C LEU C 150 30.12 23.56 -14.20
N SER C 151 30.49 23.25 -15.43
CA SER C 151 31.91 23.17 -15.79
C SER C 151 32.59 24.51 -15.64
N ASN C 152 31.92 25.59 -16.07
CA ASN C 152 32.52 26.92 -15.98
C ASN C 152 32.69 27.36 -14.53
N ILE C 153 31.72 27.04 -13.68
CA ILE C 153 31.80 27.43 -12.28
C ILE C 153 32.89 26.62 -11.57
N LEU C 154 32.97 25.33 -11.84
CA LEU C 154 33.99 24.49 -11.22
C LEU C 154 35.38 24.93 -11.64
N ALA C 155 35.56 25.26 -12.92
CA ALA C 155 36.86 25.73 -13.38
C ALA C 155 37.26 27.02 -12.69
N GLU C 156 36.33 27.95 -12.52
CA GLU C 156 36.64 29.19 -11.83
C GLU C 156 36.92 28.95 -10.35
N CYS C 157 36.12 28.10 -9.71
CA CYS C 157 36.31 27.84 -8.28
C CYS C 157 37.61 27.10 -8.00
N THR C 158 37.91 26.08 -8.79
CA THR C 158 39.09 25.26 -8.53
C THR C 158 40.36 25.89 -9.09
N GLY C 159 40.26 26.55 -10.24
CA GLY C 159 41.41 27.08 -10.93
C GLY C 159 41.87 26.24 -12.11
N GLN C 160 41.25 25.09 -12.33
CA GLN C 160 41.57 24.25 -13.47
C GLN C 160 40.90 24.80 -14.73
N SER C 161 41.31 24.26 -15.87
CA SER C 161 40.67 24.63 -17.13
C SER C 161 39.30 23.98 -17.25
N VAL C 162 38.45 24.56 -18.10
CA VAL C 162 37.14 23.98 -18.37
C VAL C 162 37.30 22.61 -19.01
N GLU C 163 38.31 22.45 -19.87
CA GLU C 163 38.55 21.16 -20.50
C GLU C 163 38.89 20.09 -19.47
N LYS C 164 39.75 20.43 -18.51
CA LYS C 164 40.12 19.47 -17.47
C LYS C 164 38.93 19.12 -16.58
N ILE C 165 38.09 20.12 -16.27
CA ILE C 165 36.90 19.87 -15.47
C ILE C 165 35.96 18.91 -16.19
N ILE C 166 35.75 19.13 -17.48
CA ILE C 166 34.90 18.23 -18.27
C ILE C 166 35.50 16.83 -18.31
N GLU C 167 36.82 16.74 -18.53
CA GLU C 167 37.47 15.43 -18.60
C GLU C 167 37.38 14.69 -17.26
N ASP C 168 37.61 15.40 -16.15
CA ASP C 168 37.57 14.77 -14.85
C ASP C 168 36.16 14.51 -14.35
N SER C 169 35.16 15.21 -14.89
CA SER C 169 33.78 14.95 -14.52
C SER C 169 33.27 13.63 -15.08
N GLU C 170 33.97 13.07 -16.08
CA GLU C 170 33.59 11.80 -16.67
C GLU C 170 34.26 10.61 -15.98
N ARG C 171 35.17 10.87 -15.05
CA ARG C 171 35.92 9.82 -14.37
C ARG C 171 35.32 9.57 -13.00
N ASP C 172 34.94 8.32 -12.73
CA ASP C 172 34.31 7.94 -11.47
C ASP C 172 35.39 7.55 -10.47
N PHE C 173 35.97 8.57 -9.83
CA PHE C 173 36.98 8.35 -8.82
C PHE C 173 36.88 9.43 -7.75
N PHE C 174 37.19 9.06 -6.51
CA PHE C 174 37.27 10.01 -5.42
C PHE C 174 38.72 10.42 -5.18
N MET C 175 38.89 11.60 -4.59
CA MET C 175 40.20 12.07 -4.20
C MET C 175 40.19 12.48 -2.74
N GLY C 176 41.32 12.28 -2.08
CA GLY C 176 41.43 12.58 -0.67
C GLY C 176 41.63 14.06 -0.41
N ALA C 177 41.76 14.38 0.88
CA ALA C 177 41.89 15.78 1.28
C ALA C 177 43.14 16.42 0.69
N GLU C 178 44.26 15.68 0.70
CA GLU C 178 45.50 16.23 0.14
C GLU C 178 45.41 16.41 -1.37
N GLU C 179 44.79 15.46 -2.06
CA GLU C 179 44.60 15.59 -3.50
C GLU C 179 43.69 16.75 -3.84
N ALA C 180 42.66 16.97 -3.02
CA ALA C 180 41.71 18.05 -3.30
C ALA C 180 42.34 19.43 -3.14
N ILE C 181 43.33 19.57 -2.25
CA ILE C 181 44.04 20.83 -2.12
C ILE C 181 44.82 21.13 -3.40
N ALA C 182 45.57 20.14 -3.89
CA ALA C 182 46.31 20.31 -5.13
C ALA C 182 45.37 20.61 -6.30
N TYR C 183 44.19 19.97 -6.31
CA TYR C 183 43.24 20.16 -7.40
C TYR C 183 42.61 21.54 -7.38
N GLY C 184 42.47 22.14 -6.19
CA GLY C 184 41.82 23.42 -6.04
C GLY C 184 40.44 23.36 -5.40
N LEU C 185 39.92 22.17 -5.11
CA LEU C 185 38.59 22.07 -4.51
C LEU C 185 38.55 22.71 -3.13
N ILE C 186 39.58 22.50 -2.33
CA ILE C 186 39.65 23.01 -0.97
C ILE C 186 40.99 23.73 -0.77
N ASP C 187 41.19 24.22 0.46
CA ASP C 187 42.38 24.98 0.81
C ASP C 187 43.22 24.30 1.87
N LYS C 188 42.60 23.84 2.97
CA LYS C 188 43.33 23.31 4.10
C LYS C 188 42.66 22.04 4.62
N VAL C 189 43.49 21.09 5.04
CA VAL C 189 43.04 19.96 5.85
C VAL C 189 43.12 20.37 7.31
N ILE C 190 42.15 19.94 8.11
CA ILE C 190 42.13 20.26 9.53
C ILE C 190 41.93 18.98 10.31
N SER C 191 42.11 19.08 11.63
CA SER C 191 41.86 17.96 12.52
C SER C 191 41.41 18.38 13.91
N SER C 192 41.24 19.68 14.17
CA SER C 192 40.70 20.13 15.45
C SER C 192 40.06 21.50 15.24
N ALA C 193 39.25 21.90 16.22
CA ALA C 193 38.49 23.15 16.10
C ALA C 193 39.41 24.35 15.96
N LYS C 194 40.46 24.41 16.78
CA LYS C 194 41.32 25.59 16.88
C LYS C 194 42.43 25.59 15.84
N GLU C 195 42.28 24.84 14.75
CA GLU C 195 43.25 24.88 13.67
C GLU C 195 43.06 26.09 12.74
N THR C 196 41.95 26.81 12.87
CA THR C 196 41.68 27.95 12.00
C THR C 196 40.91 29.00 12.79
N LYS C 197 41.19 30.26 12.47
CA LYS C 197 40.54 31.42 13.09
C LYS C 197 40.65 31.40 14.61
N ASP C 198 39.83 32.20 15.29
CA ASP C 198 39.86 32.25 16.75
C ASP C 198 38.47 32.60 17.28
N LYS C 199 38.02 31.86 18.28
CA LYS C 199 36.77 32.13 18.97
C LYS C 199 36.99 31.98 20.46
N SER C 200 36.56 32.98 21.23
CA SER C 200 36.71 32.96 22.68
C SER C 200 35.55 33.74 23.28
N ILE C 201 35.68 34.11 24.55
CA ILE C 201 34.62 34.85 25.25
C ILE C 201 34.47 36.23 24.61
N ALA C 202 33.22 36.61 24.35
CA ALA C 202 32.93 37.81 23.58
C ALA C 202 33.15 39.07 24.42
N SER C 203 32.90 40.22 23.79
CA SER C 203 33.04 41.52 24.44
C SER C 203 32.21 42.57 23.70
N MET D 1 -9.70 -15.98 -1.89
CA MET D 1 -9.75 -16.36 -3.29
C MET D 1 -10.80 -17.44 -3.51
N THR D 2 -11.94 -17.04 -4.07
CA THR D 2 -13.09 -17.94 -4.17
C THR D 2 -12.85 -19.01 -5.24
N LEU D 3 -13.22 -20.24 -4.91
CA LEU D 3 -13.13 -21.39 -5.79
C LEU D 3 -13.98 -21.23 -7.05
N VAL D 4 -13.33 -21.30 -8.21
CA VAL D 4 -14.00 -21.20 -9.51
C VAL D 4 -13.89 -22.53 -10.26
N PRO D 5 -14.77 -23.49 -9.99
CA PRO D 5 -14.61 -24.83 -10.57
C PRO D 5 -14.70 -24.83 -12.09
N TYR D 6 -14.06 -25.83 -12.70
CA TYR D 6 -14.03 -26.00 -14.14
C TYR D 6 -14.80 -27.25 -14.55
N VAL D 7 -14.99 -27.42 -15.86
CA VAL D 7 -15.77 -28.53 -16.42
C VAL D 7 -15.21 -28.86 -17.80
N VAL D 8 -15.28 -30.14 -18.18
CA VAL D 8 -14.82 -30.65 -19.46
C VAL D 8 -15.76 -31.78 -19.88
N GLU D 9 -16.49 -31.62 -20.99
CA GLU D 9 -17.41 -32.66 -21.42
C GLU D 9 -16.77 -33.60 -22.44
N ASP D 10 -17.63 -34.37 -23.14
CA ASP D 10 -17.21 -35.36 -24.11
C ASP D 10 -17.56 -34.95 -25.54
N THR D 11 -16.64 -35.22 -26.46
CA THR D 11 -16.91 -35.24 -27.89
C THR D 11 -16.24 -36.46 -28.50
N GLY D 12 -16.24 -36.58 -29.83
CA GLY D 12 -15.50 -37.65 -30.47
C GLY D 12 -14.02 -37.48 -30.23
N ARG D 13 -13.43 -36.45 -30.82
CA ARG D 13 -12.15 -35.91 -30.37
C ARG D 13 -12.39 -34.47 -29.93
N GLY D 14 -11.89 -34.12 -28.76
CA GLY D 14 -11.99 -32.76 -28.29
C GLY D 14 -12.45 -32.61 -26.87
N GLU D 15 -11.66 -31.92 -26.05
CA GLU D 15 -11.92 -31.85 -24.61
C GLU D 15 -11.29 -30.57 -24.09
N ARG D 16 -12.12 -29.66 -23.57
CA ARG D 16 -11.66 -28.33 -23.22
C ARG D 16 -12.07 -27.92 -21.81
N ALA D 17 -11.16 -27.24 -21.12
CA ALA D 17 -11.37 -26.69 -19.80
C ALA D 17 -12.22 -25.42 -19.88
N MET D 18 -13.45 -25.48 -19.37
CA MET D 18 -14.26 -24.29 -19.19
C MET D 18 -14.69 -24.22 -17.73
N ASP D 19 -14.91 -23.00 -17.24
CA ASP D 19 -15.35 -22.87 -15.87
C ASP D 19 -16.83 -23.19 -15.75
N ILE D 20 -17.32 -23.19 -14.50
CA ILE D 20 -18.69 -23.63 -14.26
C ILE D 20 -19.71 -22.66 -14.85
N TYR D 21 -19.39 -21.37 -14.88
CA TYR D 21 -20.36 -20.40 -15.38
C TYR D 21 -20.48 -20.46 -16.90
N SER D 22 -19.36 -20.62 -17.61
CA SER D 22 -19.43 -20.85 -19.04
C SER D 22 -20.10 -22.19 -19.36
N ARG D 23 -19.88 -23.18 -18.51
CA ARG D 23 -20.52 -24.48 -18.68
C ARG D 23 -22.04 -24.36 -18.59
N LEU D 24 -22.52 -23.67 -17.55
CA LEU D 24 -23.95 -23.43 -17.42
C LEU D 24 -24.48 -22.59 -18.57
N LEU D 25 -23.65 -21.72 -19.14
CA LEU D 25 -24.07 -20.93 -20.30
C LEU D 25 -24.37 -21.80 -21.50
N LYS D 26 -23.74 -22.98 -21.58
CA LYS D 26 -24.06 -23.91 -22.66
C LYS D 26 -25.48 -24.44 -22.57
N ASP D 27 -26.07 -24.42 -21.38
CA ASP D 27 -27.48 -24.76 -21.19
C ASP D 27 -28.37 -23.52 -21.22
N ARG D 28 -27.84 -22.39 -21.70
CA ARG D 28 -28.57 -21.13 -21.76
C ARG D 28 -28.98 -20.66 -20.36
N ILE D 29 -28.08 -20.83 -19.40
CA ILE D 29 -28.27 -20.39 -18.03
C ILE D 29 -27.30 -19.25 -17.78
N VAL D 30 -27.82 -18.10 -17.36
CA VAL D 30 -27.03 -16.91 -17.07
C VAL D 30 -27.16 -16.61 -15.58
N MET D 31 -26.02 -16.40 -14.92
CA MET D 31 -25.97 -16.17 -13.48
C MET D 31 -25.71 -14.70 -13.20
N ILE D 32 -26.55 -14.10 -12.36
CA ILE D 32 -26.38 -12.73 -11.91
C ILE D 32 -26.32 -12.79 -10.39
N GLY D 33 -25.12 -12.83 -9.83
CA GLY D 33 -24.97 -13.09 -8.42
C GLY D 33 -24.21 -12.02 -7.66
N GLN D 34 -24.22 -10.79 -8.18
CA GLN D 34 -23.48 -9.70 -7.57
C GLN D 34 -24.18 -8.39 -7.89
N GLU D 35 -23.58 -7.29 -7.43
CA GLU D 35 -24.12 -5.97 -7.68
C GLU D 35 -24.17 -5.69 -9.17
N ILE D 36 -25.25 -5.03 -9.60
CA ILE D 36 -25.44 -4.71 -11.01
C ILE D 36 -24.60 -3.49 -11.34
N THR D 37 -23.36 -3.71 -11.76
CA THR D 37 -22.45 -2.63 -12.10
C THR D 37 -22.29 -2.56 -13.62
N GLU D 38 -21.57 -1.53 -14.06
CA GLU D 38 -21.33 -1.38 -15.49
C GLU D 38 -20.51 -2.52 -16.09
N PRO D 39 -19.39 -2.96 -15.49
CA PRO D 39 -18.70 -4.14 -16.04
C PRO D 39 -19.55 -5.40 -16.02
N LEU D 40 -20.40 -5.58 -15.00
CA LEU D 40 -21.28 -6.74 -14.97
C LEU D 40 -22.31 -6.67 -16.09
N ALA D 41 -22.88 -5.48 -16.32
CA ALA D 41 -23.85 -5.31 -17.39
C ALA D 41 -23.26 -5.69 -18.74
N ASN D 42 -22.00 -5.31 -18.98
CA ASN D 42 -21.34 -5.68 -20.22
C ASN D 42 -21.25 -7.20 -20.36
N THR D 43 -20.86 -7.88 -19.27
CA THR D 43 -20.76 -9.33 -19.31
C THR D 43 -22.12 -9.97 -19.55
N VAL D 44 -23.16 -9.47 -18.86
CA VAL D 44 -24.50 -10.05 -19.01
C VAL D 44 -25.02 -9.82 -20.42
N ILE D 45 -24.85 -8.60 -20.95
CA ILE D 45 -25.30 -8.31 -22.31
C ILE D 45 -24.52 -9.14 -23.31
N ALA D 46 -23.21 -9.29 -23.10
CA ALA D 46 -22.41 -10.16 -23.95
C ALA D 46 -22.94 -11.58 -23.92
N GLN D 47 -23.27 -12.09 -22.73
CA GLN D 47 -23.86 -13.41 -22.62
C GLN D 47 -25.20 -13.48 -23.35
N LEU D 48 -26.03 -12.44 -23.22
CA LEU D 48 -27.32 -12.44 -23.89
C LEU D 48 -27.15 -12.36 -25.41
N LEU D 49 -26.20 -11.53 -25.87
CA LEU D 49 -25.97 -11.41 -27.30
C LEU D 49 -25.35 -12.69 -27.89
N PHE D 50 -24.51 -13.37 -27.13
CA PHE D 50 -23.99 -14.65 -27.61
C PHE D 50 -25.10 -15.67 -27.74
N LEU D 51 -25.99 -15.74 -26.75
CA LEU D 51 -27.07 -16.71 -26.75
C LEU D 51 -28.05 -16.51 -27.90
N MET D 52 -28.17 -15.28 -28.42
CA MET D 52 -29.07 -15.06 -29.55
C MET D 52 -28.49 -15.62 -30.85
N SER D 53 -27.16 -15.63 -31.01
CA SER D 53 -26.58 -16.24 -32.21
C SER D 53 -26.72 -17.75 -32.21
N GLU D 54 -26.70 -18.38 -31.03
CA GLU D 54 -26.76 -19.83 -30.98
C GLU D 54 -28.19 -20.31 -31.26
N ASP D 55 -29.15 -19.80 -30.52
CA ASP D 55 -30.57 -20.05 -30.82
C ASP D 55 -31.35 -18.82 -30.40
N PRO D 56 -31.78 -17.98 -31.35
CA PRO D 56 -32.57 -16.79 -31.01
C PRO D 56 -34.01 -17.09 -30.66
N THR D 57 -34.37 -18.38 -30.54
CA THR D 57 -35.71 -18.81 -30.20
C THR D 57 -35.76 -19.67 -28.95
N LYS D 58 -34.66 -20.29 -28.56
CA LYS D 58 -34.62 -21.16 -27.40
C LYS D 58 -34.71 -20.35 -26.11
N ASP D 59 -35.34 -20.96 -25.10
CA ASP D 59 -35.52 -20.29 -23.82
C ASP D 59 -34.18 -20.01 -23.15
N ILE D 60 -34.14 -18.94 -22.37
CA ILE D 60 -32.98 -18.56 -21.59
C ILE D 60 -33.39 -18.48 -20.12
N GLN D 61 -32.58 -19.07 -19.25
CA GLN D 61 -32.82 -19.03 -17.80
C GLN D 61 -31.80 -18.10 -17.17
N ILE D 62 -32.29 -17.15 -16.38
CA ILE D 62 -31.43 -16.20 -15.65
C ILE D 62 -31.68 -16.40 -14.16
N PHE D 63 -30.61 -16.68 -13.42
CA PHE D 63 -30.67 -16.85 -11.98
C PHE D 63 -30.09 -15.60 -11.30
N ILE D 64 -30.85 -15.04 -10.38
CA ILE D 64 -30.58 -13.71 -9.84
C ILE D 64 -30.39 -13.80 -8.33
N ASN D 65 -29.22 -13.39 -7.86
CA ASN D 65 -28.94 -13.18 -6.44
C ASN D 65 -28.13 -11.89 -6.37
N SER D 66 -28.82 -10.75 -6.32
CA SER D 66 -28.17 -9.46 -6.47
C SER D 66 -28.61 -8.51 -5.37
N PRO D 67 -27.68 -7.88 -4.65
CA PRO D 67 -28.05 -6.92 -3.61
C PRO D 67 -28.45 -5.55 -4.13
N GLY D 68 -28.39 -5.33 -5.43
CA GLY D 68 -28.75 -4.05 -6.01
C GLY D 68 -27.87 -3.75 -7.21
N GLY D 69 -27.65 -2.45 -7.44
CA GLY D 69 -26.85 -2.01 -8.56
C GLY D 69 -27.19 -0.58 -8.93
N TYR D 70 -26.92 -0.27 -10.21
CA TYR D 70 -27.07 1.08 -10.73
C TYR D 70 -28.10 1.12 -11.85
N ILE D 71 -28.78 2.26 -11.97
CA ILE D 71 -29.86 2.39 -12.95
C ILE D 71 -29.31 2.28 -14.36
N THR D 72 -28.14 2.89 -14.60
CA THR D 72 -27.57 2.86 -15.95
C THR D 72 -27.26 1.44 -16.39
N ALA D 73 -26.71 0.63 -15.49
CA ALA D 73 -26.43 -0.76 -15.82
C ALA D 73 -27.71 -1.59 -15.90
N GLY D 74 -28.65 -1.35 -14.98
CA GLY D 74 -29.90 -2.09 -15.00
C GLY D 74 -30.72 -1.82 -16.25
N LEU D 75 -30.81 -0.56 -16.67
CA LEU D 75 -31.56 -0.22 -17.87
C LEU D 75 -30.93 -0.87 -19.10
N ALA D 76 -29.61 -0.96 -19.14
CA ALA D 76 -28.93 -1.61 -20.27
C ALA D 76 -29.32 -3.08 -20.37
N ILE D 77 -29.31 -3.79 -19.25
CA ILE D 77 -29.64 -5.21 -19.26
C ILE D 77 -31.11 -5.41 -19.60
N TYR D 78 -32.00 -4.61 -19.00
CA TYR D 78 -33.43 -4.74 -19.27
C TYR D 78 -33.72 -4.55 -20.76
N ASP D 79 -33.16 -3.50 -21.35
CA ASP D 79 -33.36 -3.26 -22.77
C ASP D 79 -32.84 -4.43 -23.61
N THR D 80 -31.71 -5.01 -23.19
CA THR D 80 -31.18 -6.18 -23.89
C THR D 80 -32.11 -7.38 -23.72
N ILE D 81 -32.70 -7.53 -22.53
CA ILE D 81 -33.66 -8.62 -22.31
C ILE D 81 -34.90 -8.43 -23.18
N ARG D 82 -35.41 -7.20 -23.25
CA ARG D 82 -36.53 -6.91 -24.14
C ARG D 82 -36.12 -7.04 -25.60
N PHE D 83 -34.85 -6.82 -25.90
CA PHE D 83 -34.34 -6.94 -27.26
C PHE D 83 -34.34 -8.39 -27.74
N LEU D 84 -34.30 -9.35 -26.82
CA LEU D 84 -34.30 -10.76 -27.18
C LEU D 84 -35.66 -11.17 -27.73
N GLY D 85 -35.64 -12.14 -28.63
CA GLY D 85 -36.87 -12.63 -29.25
C GLY D 85 -37.44 -13.84 -28.54
N CYS D 86 -36.61 -14.52 -27.76
CA CYS D 86 -37.02 -15.74 -27.07
C CYS D 86 -37.55 -15.41 -25.67
N ASP D 87 -38.13 -16.42 -25.03
CA ASP D 87 -38.63 -16.28 -23.67
C ASP D 87 -37.48 -16.30 -22.67
N VAL D 88 -37.61 -15.51 -21.62
CA VAL D 88 -36.60 -15.40 -20.57
C VAL D 88 -37.23 -15.87 -19.26
N ASN D 89 -36.59 -16.85 -18.62
CA ASN D 89 -37.00 -17.32 -17.30
C ASN D 89 -36.11 -16.68 -16.26
N THR D 90 -36.72 -16.05 -15.26
CA THR D 90 -36.00 -15.40 -14.18
C THR D 90 -36.28 -16.13 -12.88
N TYR D 91 -35.21 -16.53 -12.20
CA TYR D 91 -35.28 -17.20 -10.90
C TYR D 91 -34.58 -16.34 -9.86
N CYS D 92 -35.24 -16.11 -8.73
CA CYS D 92 -34.67 -15.36 -7.63
C CYS D 92 -34.24 -16.34 -6.54
N ILE D 93 -32.93 -16.54 -6.41
CA ILE D 93 -32.36 -17.33 -5.33
C ILE D 93 -31.74 -16.36 -4.33
N GLY D 94 -32.27 -16.35 -3.10
CA GLY D 94 -31.70 -15.49 -2.08
C GLY D 94 -32.32 -14.11 -2.05
N GLN D 95 -31.66 -13.14 -2.67
CA GLN D 95 -32.10 -11.75 -2.63
C GLN D 95 -32.11 -11.16 -4.04
N ALA D 96 -33.13 -10.36 -4.33
CA ALA D 96 -33.22 -9.58 -5.56
C ALA D 96 -33.67 -8.18 -5.16
N ALA D 97 -32.72 -7.28 -5.00
CA ALA D 97 -32.98 -5.94 -4.51
C ALA D 97 -32.78 -4.91 -5.62
N SER D 98 -33.73 -3.97 -5.72
CA SER D 98 -33.62 -2.85 -6.64
C SER D 98 -33.45 -3.31 -8.08
N MET D 99 -32.20 -3.31 -8.56
CA MET D 99 -31.93 -3.73 -9.93
C MET D 99 -32.17 -5.21 -10.12
N GLY D 100 -31.82 -6.02 -9.11
CA GLY D 100 -32.15 -7.43 -9.16
C GLY D 100 -33.64 -7.67 -9.27
N ALA D 101 -34.44 -6.87 -8.58
CA ALA D 101 -35.89 -7.00 -8.69
C ALA D 101 -36.40 -6.52 -10.04
N LEU D 102 -35.73 -5.54 -10.63
CA LEU D 102 -36.11 -5.09 -11.97
C LEU D 102 -35.89 -6.18 -13.00
N LEU D 103 -34.70 -6.78 -13.00
CA LEU D 103 -34.40 -7.85 -13.95
C LEU D 103 -35.24 -9.08 -13.67
N LEU D 104 -35.53 -9.36 -12.40
CA LEU D 104 -36.38 -10.50 -12.05
C LEU D 104 -37.78 -10.32 -12.63
N SER D 105 -38.37 -9.14 -12.46
CA SER D 105 -39.70 -8.88 -13.00
C SER D 105 -39.70 -8.68 -14.50
N ALA D 106 -38.52 -8.57 -15.13
CA ALA D 106 -38.44 -8.38 -16.57
C ALA D 106 -38.53 -9.68 -17.36
N GLY D 107 -38.53 -10.83 -16.69
CA GLY D 107 -38.66 -12.10 -17.38
C GLY D 107 -40.02 -12.26 -18.01
N THR D 108 -40.13 -13.23 -18.92
CA THR D 108 -41.41 -13.47 -19.59
C THR D 108 -42.49 -13.74 -18.55
N LYS D 109 -43.60 -13.04 -18.68
CA LYS D 109 -44.69 -13.14 -17.71
C LYS D 109 -45.20 -14.58 -17.65
N GLY D 110 -45.26 -15.14 -16.44
CA GLY D 110 -45.58 -16.53 -16.26
C GLY D 110 -44.35 -17.40 -16.04
N LYS D 111 -43.16 -16.90 -16.34
CA LYS D 111 -41.91 -17.65 -16.21
C LYS D 111 -40.94 -16.94 -15.28
N ARG D 112 -41.48 -16.20 -14.31
CA ARG D 112 -40.68 -15.53 -13.29
C ARG D 112 -40.91 -16.25 -11.97
N TYR D 113 -39.86 -16.86 -11.44
CA TYR D 113 -39.98 -17.76 -10.30
C TYR D 113 -39.14 -17.27 -9.12
N ALA D 114 -39.46 -17.79 -7.95
CA ALA D 114 -38.68 -17.54 -6.75
C ALA D 114 -38.67 -18.78 -5.87
N LEU D 115 -37.63 -18.90 -5.07
CA LEU D 115 -37.48 -19.99 -4.12
C LEU D 115 -38.18 -19.63 -2.81
N PRO D 116 -38.53 -20.62 -1.99
CA PRO D 116 -39.43 -20.35 -0.85
C PRO D 116 -38.95 -19.26 0.09
N HIS D 117 -37.64 -19.14 0.32
CA HIS D 117 -37.10 -18.17 1.27
C HIS D 117 -36.48 -16.96 0.60
N SER D 118 -36.74 -16.75 -0.69
CA SER D 118 -36.21 -15.59 -1.38
C SER D 118 -36.80 -14.30 -0.84
N ARG D 119 -36.00 -13.22 -0.92
CA ARG D 119 -36.41 -11.90 -0.47
C ARG D 119 -36.22 -10.92 -1.62
N MET D 120 -37.22 -10.09 -1.87
CA MET D 120 -37.18 -9.15 -2.99
C MET D 120 -37.61 -7.77 -2.49
N MET D 121 -36.94 -6.75 -3.01
CA MET D 121 -37.28 -5.38 -2.64
C MET D 121 -37.08 -4.49 -3.86
N ILE D 122 -38.02 -3.58 -4.06
CA ILE D 122 -37.91 -2.60 -5.14
C ILE D 122 -37.26 -1.31 -4.66
N HIS D 123 -37.27 -1.06 -3.35
CA HIS D 123 -36.61 0.10 -2.79
C HIS D 123 -35.13 0.11 -3.12
N GLN D 124 -34.59 1.31 -3.37
CA GLN D 124 -33.17 1.52 -3.60
C GLN D 124 -32.45 1.61 -2.24
N PRO D 125 -31.79 0.54 -1.80
CA PRO D 125 -30.89 0.62 -0.63
C PRO D 125 -29.60 1.33 -0.95
N SER D 126 -29.57 1.86 -2.14
CA SER D 126 -28.44 1.76 -3.04
C SER D 126 -28.01 3.14 -3.44
N GLY D 127 -26.99 3.19 -4.23
CA GLY D 127 -26.61 4.48 -4.72
C GLY D 127 -27.10 4.51 -6.13
N GLY D 128 -28.32 5.00 -6.32
CA GLY D 128 -29.14 4.51 -7.42
C GLY D 128 -28.45 4.65 -8.77
N ILE D 129 -27.76 5.76 -8.99
CA ILE D 129 -27.23 6.09 -10.31
C ILE D 129 -25.72 6.31 -10.30
N ILE D 130 -25.09 6.44 -9.13
CA ILE D 130 -23.74 6.97 -9.04
C ILE D 130 -22.74 5.88 -9.44
N GLY D 131 -22.52 5.76 -10.75
CA GLY D 131 -21.66 4.72 -11.27
C GLY D 131 -20.36 5.29 -11.80
N THR D 132 -20.29 5.48 -13.13
CA THR D 132 -19.15 6.16 -13.71
C THR D 132 -19.10 7.62 -13.26
N SER D 133 -20.24 8.21 -12.95
CA SER D 133 -20.34 9.57 -12.45
C SER D 133 -20.94 9.55 -11.04
N ALA D 134 -20.96 10.71 -10.41
CA ALA D 134 -21.55 10.82 -9.09
C ALA D 134 -23.02 11.25 -9.19
N ASP D 135 -23.77 10.94 -8.12
CA ASP D 135 -25.18 11.29 -8.08
C ASP D 135 -25.37 12.81 -8.16
N ILE D 136 -24.82 13.53 -7.19
CA ILE D 136 -24.93 14.99 -7.16
C ILE D 136 -24.26 15.59 -8.39
N GLN D 137 -23.24 14.93 -8.92
CA GLN D 137 -22.60 15.40 -10.15
C GLN D 137 -23.59 15.45 -11.30
N LEU D 138 -24.43 14.43 -11.43
CA LEU D 138 -25.45 14.43 -12.48
C LEU D 138 -26.44 15.56 -12.23
N GLN D 139 -26.81 16.25 -13.30
CA GLN D 139 -27.72 17.39 -13.21
C GLN D 139 -29.12 16.93 -12.81
N ALA D 140 -30.07 17.86 -12.81
CA ALA D 140 -31.42 17.57 -12.33
C ALA D 140 -32.20 16.66 -13.27
N ALA D 141 -32.60 17.18 -14.42
CA ALA D 141 -33.44 16.48 -15.39
C ALA D 141 -32.91 15.11 -15.82
N GLU D 142 -31.70 14.74 -15.41
CA GLU D 142 -31.19 13.44 -15.84
C GLU D 142 -31.48 12.31 -14.86
N ILE D 143 -31.34 12.55 -13.55
CA ILE D 143 -31.75 11.52 -12.60
C ILE D 143 -33.26 11.37 -12.60
N LEU D 144 -33.98 12.48 -12.77
CA LEU D 144 -35.43 12.42 -12.85
C LEU D 144 -35.87 11.56 -14.03
N THR D 145 -35.22 11.73 -15.18
CA THR D 145 -35.55 10.92 -16.35
C THR D 145 -35.21 9.45 -16.09
N LEU D 146 -34.06 9.18 -15.48
CA LEU D 146 -33.67 7.80 -15.23
C LEU D 146 -34.55 7.16 -14.16
N LYS D 147 -34.95 7.93 -13.14
CA LYS D 147 -35.86 7.40 -12.14
C LYS D 147 -37.26 7.21 -12.72
N LYS D 148 -37.68 8.12 -13.59
CA LYS D 148 -38.96 7.94 -14.27
C LYS D 148 -38.95 6.70 -15.16
N HIS D 149 -37.84 6.44 -15.83
CA HIS D 149 -37.71 5.23 -16.63
C HIS D 149 -37.89 3.99 -15.75
N LEU D 150 -37.19 3.95 -14.60
CA LEU D 150 -37.28 2.79 -13.72
C LEU D 150 -38.69 2.62 -13.17
N SER D 151 -39.32 3.72 -12.77
CA SER D 151 -40.68 3.64 -12.25
C SER D 151 -41.65 3.16 -13.32
N ASN D 152 -41.51 3.66 -14.55
CA ASN D 152 -42.41 3.25 -15.61
C ASN D 152 -42.22 1.78 -15.99
N ILE D 153 -40.97 1.31 -16.00
CA ILE D 153 -40.70 -0.08 -16.35
C ILE D 153 -41.21 -1.01 -15.26
N LEU D 154 -40.98 -0.66 -14.00
CA LEU D 154 -41.45 -1.48 -12.89
C LEU D 154 -42.98 -1.54 -12.86
N ALA D 155 -43.65 -0.41 -13.11
CA ALA D 155 -45.09 -0.40 -13.16
C ALA D 155 -45.61 -1.29 -14.28
N GLU D 156 -44.97 -1.24 -15.46
CA GLU D 156 -45.39 -2.09 -16.57
C GLU D 156 -45.12 -3.56 -16.27
N CYS D 157 -43.97 -3.86 -15.68
CA CYS D 157 -43.61 -5.26 -15.40
C CYS D 157 -44.49 -5.86 -14.31
N THR D 158 -44.73 -5.11 -13.23
CA THR D 158 -45.47 -5.66 -12.11
C THR D 158 -46.98 -5.55 -12.31
N GLY D 159 -47.44 -4.49 -12.95
CA GLY D 159 -48.85 -4.22 -13.09
C GLY D 159 -49.39 -3.19 -12.12
N GLN D 160 -48.55 -2.70 -11.21
CA GLN D 160 -48.95 -1.65 -10.28
C GLN D 160 -48.92 -0.29 -10.97
N SER D 161 -49.48 0.70 -10.28
CA SER D 161 -49.43 2.07 -10.77
C SER D 161 -48.02 2.62 -10.59
N VAL D 162 -47.72 3.69 -11.34
CA VAL D 162 -46.41 4.31 -11.24
C VAL D 162 -46.18 4.84 -9.83
N GLU D 163 -47.22 5.38 -9.20
CA GLU D 163 -47.08 5.87 -7.83
C GLU D 163 -46.80 4.75 -6.84
N LYS D 164 -47.46 3.59 -6.99
CA LYS D 164 -47.20 2.51 -6.05
C LYS D 164 -45.74 2.07 -6.14
N ILE D 165 -45.18 2.07 -7.36
CA ILE D 165 -43.76 1.81 -7.52
C ILE D 165 -42.95 2.92 -6.85
N ILE D 166 -43.34 4.17 -7.07
CA ILE D 166 -42.65 5.30 -6.46
C ILE D 166 -42.80 5.27 -4.94
N GLU D 167 -44.02 5.01 -4.45
CA GLU D 167 -44.23 4.99 -3.01
C GLU D 167 -43.43 3.87 -2.36
N ASP D 168 -43.41 2.68 -2.97
CA ASP D 168 -42.72 1.53 -2.40
C ASP D 168 -41.21 1.58 -2.59
N SER D 169 -40.71 2.40 -3.52
CA SER D 169 -39.27 2.56 -3.69
C SER D 169 -38.64 3.38 -2.56
N GLU D 170 -39.45 4.13 -1.80
CA GLU D 170 -39.00 4.92 -0.67
C GLU D 170 -39.07 4.11 0.60
N ARG D 171 -39.57 2.90 0.48
CA ARG D 171 -39.97 1.99 1.55
C ARG D 171 -38.85 0.96 1.72
N ASP D 172 -38.09 1.04 2.82
CA ASP D 172 -36.94 0.14 2.98
C ASP D 172 -37.40 -1.15 3.66
N PHE D 173 -37.97 -2.03 2.85
CA PHE D 173 -38.44 -3.33 3.33
C PHE D 173 -38.32 -4.34 2.20
N PHE D 174 -38.11 -5.60 2.58
CA PHE D 174 -38.14 -6.73 1.67
C PHE D 174 -39.52 -7.38 1.74
N MET D 175 -39.87 -8.08 0.67
CA MET D 175 -41.11 -8.85 0.63
C MET D 175 -40.80 -10.28 0.26
N GLY D 176 -41.59 -11.20 0.80
CA GLY D 176 -41.38 -12.61 0.57
C GLY D 176 -41.90 -13.05 -0.78
N ALA D 177 -41.73 -14.35 -1.05
CA ALA D 177 -42.11 -14.90 -2.34
C ALA D 177 -43.62 -14.79 -2.57
N GLU D 178 -44.42 -15.06 -1.54
CA GLU D 178 -45.87 -14.95 -1.67
C GLU D 178 -46.29 -13.50 -1.85
N GLU D 179 -45.67 -12.58 -1.12
CA GLU D 179 -46.01 -11.17 -1.27
C GLU D 179 -45.62 -10.66 -2.66
N ALA D 180 -44.50 -11.14 -3.20
CA ALA D 180 -44.06 -10.68 -4.51
C ALA D 180 -44.99 -11.14 -5.61
N ILE D 181 -45.62 -12.30 -5.45
CA ILE D 181 -46.62 -12.77 -6.42
C ILE D 181 -47.81 -11.82 -6.45
N ALA D 182 -48.33 -11.49 -5.26
CA ALA D 182 -49.43 -10.54 -5.17
C ALA D 182 -49.04 -9.19 -5.73
N TYR D 183 -47.79 -8.78 -5.52
CA TYR D 183 -47.34 -7.48 -6.00
C TYR D 183 -47.20 -7.45 -7.53
N GLY D 184 -46.89 -8.59 -8.14
CA GLY D 184 -46.66 -8.66 -9.57
C GLY D 184 -45.22 -8.83 -9.95
N LEU D 185 -44.30 -8.84 -8.98
CA LEU D 185 -42.87 -8.97 -9.29
C LEU D 185 -42.57 -10.34 -9.90
N ILE D 186 -43.18 -11.39 -9.39
CA ILE D 186 -42.95 -12.75 -9.85
C ILE D 186 -44.30 -13.42 -10.12
N ASP D 187 -44.25 -14.68 -10.50
CA ASP D 187 -45.45 -15.44 -10.86
C ASP D 187 -45.70 -16.63 -9.94
N LYS D 188 -44.68 -17.45 -9.68
CA LYS D 188 -44.86 -18.66 -8.89
C LYS D 188 -43.69 -18.84 -7.95
N VAL D 189 -43.99 -19.33 -6.75
CA VAL D 189 -42.96 -19.86 -5.85
C VAL D 189 -42.74 -21.33 -6.21
N ILE D 190 -41.49 -21.77 -6.19
CA ILE D 190 -41.17 -23.14 -6.54
C ILE D 190 -40.27 -23.75 -5.47
N SER D 191 -40.11 -25.06 -5.55
CA SER D 191 -39.19 -25.78 -4.67
C SER D 191 -38.62 -27.04 -5.31
N SER D 192 -38.95 -27.32 -6.57
CA SER D 192 -38.35 -28.42 -7.29
C SER D 192 -38.40 -28.10 -8.78
N ALA D 193 -37.58 -28.80 -9.56
CA ALA D 193 -37.44 -28.49 -10.97
C ALA D 193 -38.76 -28.65 -11.71
N LYS D 194 -39.49 -29.72 -11.42
CA LYS D 194 -40.71 -30.05 -12.16
C LYS D 194 -41.76 -28.96 -12.06
N GLU D 195 -41.71 -28.12 -11.03
CA GLU D 195 -42.72 -27.10 -10.80
C GLU D 195 -42.71 -25.99 -11.84
N THR D 196 -41.71 -25.95 -12.73
CA THR D 196 -41.58 -24.81 -13.65
C THR D 196 -42.30 -25.09 -14.97
N LYS D 197 -41.78 -26.04 -15.76
CA LYS D 197 -42.53 -26.52 -16.93
C LYS D 197 -42.23 -27.97 -17.27
N ASP D 198 -41.44 -28.69 -16.45
CA ASP D 198 -40.90 -30.00 -16.79
C ASP D 198 -39.84 -29.91 -17.90
N LYS D 199 -38.98 -28.88 -17.82
CA LYS D 199 -37.73 -28.78 -18.60
C LYS D 199 -37.99 -28.83 -20.11
N SER D 200 -38.66 -27.79 -20.60
CA SER D 200 -38.87 -27.64 -22.03
C SER D 200 -37.79 -26.76 -22.65
N ILE D 201 -37.66 -26.84 -23.97
CA ILE D 201 -36.56 -26.17 -24.66
C ILE D 201 -37.05 -25.10 -25.62
N ALA D 202 -37.71 -25.51 -26.72
CA ALA D 202 -38.08 -24.60 -27.79
C ALA D 202 -38.80 -25.33 -28.91
N SER D 203 -39.18 -24.60 -29.95
CA SER D 203 -39.62 -25.20 -31.20
C SER D 203 -38.96 -24.49 -32.38
N MET E 1 9.05 -8.00 -15.16
CA MET E 1 8.97 -9.37 -14.66
C MET E 1 9.76 -10.30 -15.58
N THR E 2 10.39 -11.32 -15.00
CA THR E 2 11.29 -12.20 -15.76
C THR E 2 10.45 -13.16 -16.61
N LEU E 3 10.55 -12.99 -17.93
CA LEU E 3 9.91 -13.91 -18.86
C LEU E 3 10.58 -15.28 -18.79
N VAL E 4 9.86 -16.29 -18.30
CA VAL E 4 10.35 -17.66 -18.26
C VAL E 4 9.94 -18.34 -19.57
N PRO E 5 10.84 -18.46 -20.55
CA PRO E 5 10.44 -18.98 -21.87
C PRO E 5 9.90 -20.40 -21.79
N TYR E 6 9.10 -20.76 -22.79
CA TYR E 6 8.44 -22.06 -22.85
C TYR E 6 9.07 -22.92 -23.94
N VAL E 7 8.60 -24.16 -24.07
CA VAL E 7 9.28 -25.06 -24.99
C VAL E 7 8.27 -25.98 -25.69
N VAL E 8 8.65 -26.38 -26.91
CA VAL E 8 7.95 -27.24 -27.88
C VAL E 8 8.95 -28.20 -28.52
N GLU E 9 8.70 -29.49 -28.39
CA GLU E 9 9.53 -30.55 -28.97
C GLU E 9 9.00 -31.02 -30.33
N ASP E 10 9.45 -32.20 -30.79
CA ASP E 10 9.30 -32.68 -32.16
C ASP E 10 8.40 -33.92 -32.25
N THR E 11 8.28 -34.40 -33.49
CA THR E 11 7.70 -35.69 -33.88
C THR E 11 6.22 -35.83 -33.56
N GLY E 12 5.61 -34.77 -33.03
CA GLY E 12 4.20 -34.81 -32.73
C GLY E 12 3.55 -33.45 -32.84
N ARG E 13 2.40 -33.39 -33.51
CA ARG E 13 1.64 -32.15 -33.63
C ARG E 13 0.60 -32.14 -32.52
N GLY E 14 0.90 -31.40 -31.48
CA GLY E 14 0.03 -31.31 -30.33
C GLY E 14 0.34 -30.04 -29.60
N GLU E 15 0.10 -30.06 -28.26
CA GLU E 15 0.20 -28.83 -27.45
C GLU E 15 0.79 -29.19 -26.05
N ARG E 16 2.14 -29.32 -25.98
CA ARG E 16 2.86 -29.23 -24.70
C ARG E 16 2.68 -27.97 -23.92
N ALA E 17 3.39 -26.94 -24.36
CA ALA E 17 3.45 -25.69 -23.64
C ALA E 17 3.99 -25.92 -22.23
N MET E 18 5.27 -26.28 -22.18
CA MET E 18 5.98 -26.32 -20.90
C MET E 18 7.14 -25.35 -20.95
N ASP E 19 7.49 -24.81 -19.78
CA ASP E 19 8.53 -23.81 -19.67
C ASP E 19 9.93 -24.43 -19.72
N ILE E 20 10.93 -23.55 -19.68
CA ILE E 20 12.31 -23.98 -19.87
C ILE E 20 12.80 -24.82 -18.70
N TYR E 21 12.32 -24.55 -17.48
CA TYR E 21 12.80 -25.30 -16.33
C TYR E 21 12.20 -26.70 -16.29
N SER E 22 10.92 -26.83 -16.64
CA SER E 22 10.32 -28.16 -16.77
C SER E 22 10.95 -28.95 -17.91
N ARG E 23 11.38 -28.26 -18.98
CA ARG E 23 12.06 -28.93 -20.08
C ARG E 23 13.36 -29.56 -19.60
N LEU E 24 14.18 -28.79 -18.91
CA LEU E 24 15.43 -29.33 -18.38
C LEU E 24 15.17 -30.45 -17.39
N LEU E 25 14.02 -30.42 -16.71
CA LEU E 25 13.66 -31.52 -15.82
C LEU E 25 13.44 -32.82 -16.59
N LYS E 26 13.05 -32.73 -17.86
CA LYS E 26 12.93 -33.92 -18.68
C LYS E 26 14.27 -34.58 -18.96
N ASP E 27 15.35 -33.81 -18.87
CA ASP E 27 16.71 -34.34 -18.96
C ASP E 27 17.30 -34.63 -17.59
N ARG E 28 16.46 -34.69 -16.55
CA ARG E 28 16.89 -34.94 -15.18
C ARG E 28 17.84 -33.84 -14.69
N ILE E 29 17.52 -32.60 -15.04
CA ILE E 29 18.28 -31.43 -14.63
C ILE E 29 17.42 -30.63 -13.66
N VAL E 30 17.96 -30.38 -12.46
CA VAL E 30 17.26 -29.60 -11.44
C VAL E 30 18.05 -28.32 -11.21
N MET E 31 17.35 -27.19 -11.24
CA MET E 31 17.97 -25.87 -11.12
C MET E 31 17.71 -25.31 -9.73
N ILE E 32 18.77 -24.87 -9.07
CA ILE E 32 18.69 -24.20 -7.77
C ILE E 32 19.36 -22.84 -7.94
N GLY E 33 18.57 -21.81 -8.18
CA GLY E 33 19.11 -20.52 -8.55
C GLY E 33 18.71 -19.37 -7.64
N GLN E 34 18.33 -19.68 -6.41
CA GLN E 34 17.88 -18.66 -5.47
C GLN E 34 18.16 -19.12 -4.05
N GLU E 35 17.75 -18.30 -3.09
CA GLU E 35 17.95 -18.61 -1.68
C GLU E 35 17.25 -19.92 -1.32
N ILE E 36 17.91 -20.72 -0.48
CA ILE E 36 17.37 -22.00 -0.06
C ILE E 36 16.34 -21.76 1.04
N THR E 37 15.09 -21.58 0.65
CA THR E 37 13.99 -21.33 1.57
C THR E 37 13.13 -22.58 1.70
N GLU E 38 12.16 -22.52 2.62
CA GLU E 38 11.25 -23.65 2.79
C GLU E 38 10.41 -23.92 1.55
N PRO E 39 9.79 -22.94 0.90
CA PRO E 39 9.09 -23.24 -0.36
C PRO E 39 10.02 -23.77 -1.45
N LEU E 40 11.26 -23.29 -1.52
CA LEU E 40 12.20 -23.83 -2.49
C LEU E 40 12.55 -25.28 -2.20
N ALA E 41 12.76 -25.61 -0.92
CA ALA E 41 13.06 -26.98 -0.55
C ALA E 41 11.94 -27.92 -0.99
N ASN E 42 10.69 -27.47 -0.86
CA ASN E 42 9.56 -28.25 -1.33
C ASN E 42 9.65 -28.48 -2.84
N THR E 43 10.03 -27.44 -3.60
CA THR E 43 10.16 -27.58 -5.04
C THR E 43 11.24 -28.59 -5.41
N VAL E 44 12.40 -28.50 -4.76
CA VAL E 44 13.51 -29.39 -5.09
C VAL E 44 13.18 -30.82 -4.71
N ILE E 45 12.63 -31.03 -3.51
CA ILE E 45 12.29 -32.39 -3.07
C ILE E 45 11.21 -32.98 -3.98
N ALA E 46 10.20 -32.19 -4.33
CA ALA E 46 9.19 -32.66 -5.28
C ALA E 46 9.83 -33.05 -6.60
N GLN E 47 10.74 -32.23 -7.11
CA GLN E 47 11.46 -32.57 -8.33
C GLN E 47 12.29 -33.83 -8.13
N LEU E 48 12.98 -33.94 -6.98
CA LEU E 48 13.81 -35.10 -6.72
C LEU E 48 12.98 -36.37 -6.58
N LEU E 49 11.83 -36.28 -5.90
CA LEU E 49 10.99 -37.46 -5.74
C LEU E 49 10.36 -37.89 -7.06
N PHE E 50 10.00 -36.92 -7.91
CA PHE E 50 9.48 -37.25 -9.23
C PHE E 50 10.55 -37.92 -10.09
N LEU E 51 11.77 -37.40 -10.07
CA LEU E 51 12.83 -37.95 -10.90
C LEU E 51 13.19 -39.37 -10.46
N MET E 52 13.00 -39.69 -9.18
CA MET E 52 13.21 -41.06 -8.72
C MET E 52 12.09 -41.98 -9.18
N SER E 53 10.87 -41.45 -9.28
CA SER E 53 9.75 -42.27 -9.76
C SER E 53 9.88 -42.62 -11.23
N GLU E 54 10.46 -41.72 -12.04
CA GLU E 54 10.56 -41.99 -13.47
C GLU E 54 11.68 -42.97 -13.76
N ASP E 55 12.89 -42.70 -13.27
CA ASP E 55 14.01 -43.64 -13.38
C ASP E 55 14.84 -43.50 -12.11
N PRO E 56 14.73 -44.45 -11.18
CA PRO E 56 15.50 -44.37 -9.94
C PRO E 56 16.96 -44.76 -10.07
N THR E 57 17.46 -44.97 -11.30
CA THR E 57 18.85 -45.35 -11.52
C THR E 57 19.61 -44.38 -12.40
N LYS E 58 18.93 -43.60 -13.24
CA LYS E 58 19.62 -42.68 -14.14
C LYS E 58 20.18 -41.49 -13.37
N ASP E 59 21.31 -40.97 -13.86
CA ASP E 59 21.98 -39.86 -13.20
C ASP E 59 21.09 -38.63 -13.20
N ILE E 60 21.28 -37.79 -12.17
CA ILE E 60 20.56 -36.53 -12.03
C ILE E 60 21.59 -35.41 -11.94
N GLN E 61 21.36 -34.33 -12.68
CA GLN E 61 22.21 -33.16 -12.67
C GLN E 61 21.53 -32.03 -11.89
N ILE E 62 22.23 -31.46 -10.93
CA ILE E 62 21.73 -30.34 -10.15
C ILE E 62 22.66 -29.15 -10.40
N PHE E 63 22.09 -28.05 -10.87
CA PHE E 63 22.83 -26.82 -11.10
C PHE E 63 22.52 -25.83 -10.00
N ILE E 64 23.56 -25.29 -9.37
CA ILE E 64 23.44 -24.54 -8.13
C ILE E 64 24.00 -23.14 -8.34
N ASN E 65 23.15 -22.13 -8.14
CA ASN E 65 23.56 -20.73 -8.06
C ASN E 65 22.75 -20.13 -6.91
N SER E 66 23.26 -20.25 -5.69
CA SER E 66 22.48 -19.92 -4.51
C SER E 66 23.30 -19.03 -3.59
N PRO E 67 22.76 -17.88 -3.17
CA PRO E 67 23.49 -17.02 -2.24
C PRO E 67 23.43 -17.49 -0.80
N GLY E 68 22.69 -18.56 -0.52
CA GLY E 68 22.57 -19.08 0.83
C GLY E 68 21.19 -19.66 1.10
N GLY E 69 20.77 -19.61 2.35
CA GLY E 69 19.47 -20.16 2.71
C GLY E 69 19.44 -20.53 4.18
N TYR E 70 18.56 -21.49 4.50
CA TYR E 70 18.34 -21.90 5.88
C TYR E 70 18.69 -23.38 6.04
N ILE E 71 19.20 -23.72 7.22
CA ILE E 71 19.64 -25.09 7.50
C ILE E 71 18.46 -26.05 7.46
N THR E 72 17.30 -25.60 7.94
CA THR E 72 16.13 -26.47 7.96
C THR E 72 15.75 -26.91 6.55
N ALA E 73 15.79 -25.98 5.60
CA ALA E 73 15.51 -26.34 4.21
C ALA E 73 16.68 -27.13 3.60
N GLY E 74 17.91 -26.71 3.90
CA GLY E 74 19.07 -27.40 3.37
C GLY E 74 19.16 -28.84 3.82
N LEU E 75 18.91 -29.09 5.11
CA LEU E 75 18.96 -30.45 5.62
C LEU E 75 17.90 -31.33 4.97
N ALA E 76 16.72 -30.75 4.69
CA ALA E 76 15.68 -31.51 4.02
C ALA E 76 16.11 -31.93 2.61
N ILE E 77 16.72 -31.02 1.86
CA ILE E 77 17.16 -31.35 0.52
C ILE E 77 18.31 -32.35 0.56
N TYR E 78 19.26 -32.15 1.47
CA TYR E 78 20.40 -33.07 1.56
C TYR E 78 19.94 -34.49 1.86
N ASP E 79 19.04 -34.64 2.84
CA ASP E 79 18.53 -35.97 3.17
C ASP E 79 17.82 -36.59 1.97
N THR E 80 17.10 -35.77 1.19
CA THR E 80 16.46 -36.27 -0.01
C THR E 80 17.49 -36.68 -1.07
N ILE E 81 18.59 -35.92 -1.18
CA ILE E 81 19.64 -36.26 -2.12
C ILE E 81 20.30 -37.58 -1.71
N ARG E 82 20.59 -37.74 -0.42
CA ARG E 82 21.13 -39.00 0.07
C ARG E 82 20.11 -40.11 -0.03
N PHE E 83 18.82 -39.76 -0.02
CA PHE E 83 17.75 -40.74 -0.15
C PHE E 83 17.70 -41.34 -1.54
N LEU E 84 18.20 -40.63 -2.55
CA LEU E 84 18.20 -41.12 -3.92
C LEU E 84 19.17 -42.29 -4.07
N GLY E 85 18.83 -43.19 -4.98
CA GLY E 85 19.66 -44.34 -5.25
C GLY E 85 20.61 -44.13 -6.41
N CYS E 86 20.32 -43.13 -7.24
CA CYS E 86 21.10 -42.86 -8.43
C CYS E 86 22.23 -41.87 -8.14
N ASP E 87 23.11 -41.70 -9.11
CA ASP E 87 24.19 -40.74 -9.00
C ASP E 87 23.67 -39.32 -9.21
N VAL E 88 24.21 -38.39 -8.43
CA VAL E 88 23.81 -36.99 -8.50
C VAL E 88 25.03 -36.16 -8.90
N ASN E 89 24.90 -35.41 -9.98
CA ASN E 89 25.92 -34.47 -10.43
C ASN E 89 25.56 -33.07 -9.96
N THR E 90 26.49 -32.41 -9.29
CA THR E 90 26.29 -31.05 -8.80
C THR E 90 27.23 -30.11 -9.53
N TYR E 91 26.65 -29.06 -10.12
CA TYR E 91 27.42 -28.03 -10.81
C TYR E 91 27.21 -26.71 -10.11
N CYS E 92 28.30 -26.01 -9.82
CA CYS E 92 28.25 -24.68 -9.21
C CYS E 92 28.50 -23.64 -10.29
N ILE E 93 27.45 -22.95 -10.70
CA ILE E 93 27.54 -21.82 -11.61
C ILE E 93 27.36 -20.55 -10.80
N GLY E 94 28.39 -19.71 -10.76
CA GLY E 94 28.29 -18.45 -10.05
C GLY E 94 28.69 -18.55 -8.59
N GLN E 95 27.72 -18.68 -7.69
CA GLN E 95 27.97 -18.69 -6.27
C GLN E 95 27.24 -19.84 -5.59
N ALA E 96 27.90 -20.47 -4.63
CA ALA E 96 27.29 -21.49 -3.77
C ALA E 96 27.73 -21.20 -2.35
N ALA E 97 26.89 -20.50 -1.59
CA ALA E 97 27.22 -20.07 -0.24
C ALA E 97 26.40 -20.84 0.78
N SER E 98 27.08 -21.30 1.84
CA SER E 98 26.45 -21.95 2.98
C SER E 98 25.63 -23.17 2.55
N MET E 99 24.32 -22.99 2.40
CA MET E 99 23.47 -24.11 2.00
C MET E 99 23.74 -24.54 0.56
N GLY E 100 24.02 -23.57 -0.32
CA GLY E 100 24.42 -23.93 -1.67
C GLY E 100 25.68 -24.77 -1.69
N ALA E 101 26.64 -24.45 -0.81
CA ALA E 101 27.86 -25.24 -0.72
C ALA E 101 27.60 -26.60 -0.12
N LEU E 102 26.63 -26.71 0.79
CA LEU E 102 26.28 -28.01 1.36
C LEU E 102 25.72 -28.94 0.28
N LEU E 103 24.72 -28.46 -0.47
CA LEU E 103 24.14 -29.27 -1.53
C LEU E 103 25.14 -29.55 -2.64
N LEU E 104 26.03 -28.60 -2.92
CA LEU E 104 27.06 -28.81 -3.93
C LEU E 104 27.99 -29.95 -3.53
N SER E 105 28.44 -29.96 -2.27
CA SER E 105 29.31 -31.02 -1.79
C SER E 105 28.57 -32.33 -1.57
N ALA E 106 27.24 -32.32 -1.62
CA ALA E 106 26.45 -33.53 -1.42
C ALA E 106 26.35 -34.41 -2.66
N GLY E 107 26.87 -33.96 -3.79
CA GLY E 107 26.84 -34.77 -4.99
C GLY E 107 27.75 -35.98 -4.89
N THR E 108 27.52 -36.94 -5.79
CA THR E 108 28.33 -38.14 -5.84
C THR E 108 29.80 -37.79 -6.03
N LYS E 109 30.67 -38.42 -5.23
CA LYS E 109 32.09 -38.12 -5.28
C LYS E 109 32.63 -38.34 -6.69
N GLY E 110 33.34 -37.35 -7.21
CA GLY E 110 33.78 -37.42 -8.58
C GLY E 110 32.86 -36.72 -9.55
N LYS E 111 31.65 -36.36 -9.13
CA LYS E 111 30.68 -35.74 -10.02
C LYS E 111 30.22 -34.39 -9.48
N ARG E 112 31.09 -33.72 -8.72
CA ARG E 112 30.83 -32.38 -8.21
C ARG E 112 31.75 -31.42 -8.94
N TYR E 113 31.16 -30.51 -9.72
CA TYR E 113 31.90 -29.64 -10.60
C TYR E 113 31.64 -28.18 -10.26
N ALA E 114 32.54 -27.32 -10.73
CA ALA E 114 32.36 -25.88 -10.64
C ALA E 114 32.94 -25.23 -11.89
N LEU E 115 32.40 -24.08 -12.23
CA LEU E 115 32.84 -23.33 -13.40
C LEU E 115 34.02 -22.44 -13.02
N PRO E 116 34.82 -22.00 -14.00
CA PRO E 116 36.11 -21.38 -13.66
C PRO E 116 36.01 -20.19 -12.71
N HIS E 117 34.95 -19.39 -12.82
CA HIS E 117 34.81 -18.19 -12.01
C HIS E 117 33.81 -18.35 -10.88
N SER E 118 33.43 -19.60 -10.56
CA SER E 118 32.50 -19.85 -9.47
C SER E 118 33.14 -19.47 -8.13
N ARG E 119 32.27 -19.09 -7.19
CA ARG E 119 32.69 -18.73 -5.84
C ARG E 119 31.90 -19.56 -4.85
N MET E 120 32.59 -20.12 -3.86
CA MET E 120 31.96 -21.01 -2.89
C MET E 120 32.35 -20.61 -1.48
N MET E 121 31.39 -20.66 -0.57
CA MET E 121 31.63 -20.31 0.83
C MET E 121 30.76 -21.19 1.72
N ILE E 122 31.33 -21.65 2.83
CA ILE E 122 30.56 -22.43 3.79
C ILE E 122 29.94 -21.56 4.89
N HIS E 123 30.50 -20.38 5.13
CA HIS E 123 29.94 -19.45 6.11
C HIS E 123 28.52 -19.06 5.73
N GLN E 124 27.65 -18.93 6.73
CA GLN E 124 26.31 -18.43 6.46
C GLN E 124 26.40 -16.90 6.38
N PRO E 125 26.26 -16.35 5.18
CA PRO E 125 26.54 -14.92 4.98
C PRO E 125 25.48 -14.01 5.56
N SER E 126 25.91 -12.76 5.78
CA SER E 126 25.09 -11.61 6.13
C SER E 126 23.90 -11.84 7.05
N GLY E 127 24.08 -12.57 8.14
CA GLY E 127 23.03 -12.68 9.13
C GLY E 127 22.63 -14.11 9.40
N GLY E 128 21.53 -14.26 10.13
CA GLY E 128 20.78 -15.49 10.18
C GLY E 128 21.08 -16.46 11.30
N ILE E 129 20.06 -16.72 12.12
CA ILE E 129 20.06 -17.91 12.98
C ILE E 129 19.58 -19.14 12.23
N ILE E 130 19.03 -18.94 11.02
CA ILE E 130 18.42 -19.96 10.18
C ILE E 130 17.04 -20.32 10.72
N GLY E 131 16.03 -20.24 9.86
CA GLY E 131 14.68 -20.62 10.21
C GLY E 131 13.69 -19.47 10.26
N THR E 132 12.85 -19.35 9.23
CA THR E 132 11.74 -18.41 9.23
C THR E 132 10.55 -19.07 8.54
N SER E 133 9.41 -19.09 9.25
CA SER E 133 8.21 -19.80 8.80
C SER E 133 6.96 -18.97 9.11
N ALA E 134 7.00 -17.68 8.79
CA ALA E 134 6.10 -16.66 9.35
C ALA E 134 6.27 -16.55 10.86
N ASP E 135 7.31 -17.19 11.38
CA ASP E 135 7.69 -17.23 12.78
C ASP E 135 9.09 -17.84 12.81
N ILE E 136 10.01 -17.25 13.57
CA ILE E 136 11.39 -17.71 13.54
C ILE E 136 11.48 -19.18 13.98
N GLN E 137 10.87 -19.48 15.13
CA GLN E 137 10.96 -20.80 15.75
C GLN E 137 12.43 -21.18 15.93
N LEU E 138 12.73 -22.47 16.15
CA LEU E 138 14.11 -22.90 16.31
C LEU E 138 14.77 -22.17 17.48
N GLN E 139 14.43 -22.58 18.70
CA GLN E 139 14.96 -21.95 19.91
C GLN E 139 16.47 -22.20 19.96
N ALA E 140 17.10 -21.89 21.09
CA ALA E 140 18.55 -21.99 21.16
C ALA E 140 18.97 -23.44 20.95
N ALA E 141 18.72 -24.32 21.93
CA ALA E 141 19.16 -25.71 21.87
C ALA E 141 18.75 -26.44 20.59
N GLU E 142 17.91 -25.83 19.76
CA GLU E 142 17.50 -26.45 18.50
C GLU E 142 18.41 -26.04 17.35
N ILE E 143 18.88 -24.80 17.36
CA ILE E 143 19.85 -24.37 16.36
C ILE E 143 21.16 -25.12 16.54
N LEU E 144 21.55 -25.42 17.78
CA LEU E 144 22.78 -26.16 18.02
C LEU E 144 22.74 -27.53 17.37
N THR E 145 21.62 -28.24 17.51
CA THR E 145 21.52 -29.55 16.88
C THR E 145 21.61 -29.43 15.37
N LEU E 146 20.97 -28.40 14.81
CA LEU E 146 21.02 -28.19 13.38
C LEU E 146 22.41 -27.75 12.92
N LYS E 147 23.10 -26.93 13.73
CA LYS E 147 24.46 -26.54 13.37
C LYS E 147 25.41 -27.71 13.53
N LYS E 148 25.23 -28.53 14.56
CA LYS E 148 26.03 -29.73 14.69
C LYS E 148 25.78 -30.69 13.53
N HIS E 149 24.52 -30.83 13.12
CA HIS E 149 24.20 -31.65 11.96
C HIS E 149 24.90 -31.11 10.72
N LEU E 150 24.84 -29.80 10.51
CA LEU E 150 25.46 -29.21 9.33
C LEU E 150 26.98 -29.38 9.35
N SER E 151 27.60 -29.19 10.52
CA SER E 151 29.04 -29.38 10.63
C SER E 151 29.43 -30.82 10.36
N ASN E 152 28.67 -31.77 10.90
CA ASN E 152 28.98 -33.18 10.70
C ASN E 152 28.82 -33.58 9.24
N ILE E 153 27.79 -33.07 8.57
CA ILE E 153 27.57 -33.41 7.18
C ILE E 153 28.65 -32.80 6.29
N LEU E 154 29.02 -31.55 6.56
CA LEU E 154 30.06 -30.90 5.77
C LEU E 154 31.40 -31.60 5.94
N ALA E 155 31.73 -32.00 7.17
CA ALA E 155 32.96 -32.74 7.40
C ALA E 155 32.96 -34.06 6.65
N GLU E 156 31.82 -34.76 6.65
CA GLU E 156 31.72 -36.03 5.94
C GLU E 156 31.82 -35.83 4.44
N CYS E 157 31.15 -34.80 3.90
CA CYS E 157 31.16 -34.58 2.46
C CYS E 157 32.52 -34.09 1.97
N THR E 158 33.14 -33.15 2.69
CA THR E 158 34.39 -32.56 2.22
C THR E 158 35.60 -33.42 2.57
N GLY E 159 35.56 -34.09 3.72
CA GLY E 159 36.71 -34.83 4.20
C GLY E 159 37.51 -34.12 5.27
N GLN E 160 37.15 -32.89 5.60
CA GLN E 160 37.81 -32.15 6.67
C GLN E 160 37.27 -32.61 8.02
N SER E 161 37.97 -32.20 9.08
CA SER E 161 37.50 -32.48 10.42
C SER E 161 36.31 -31.58 10.77
N VAL E 162 35.53 -32.03 11.75
CA VAL E 162 34.41 -31.22 12.22
C VAL E 162 34.93 -29.92 12.84
N GLU E 163 36.07 -29.98 13.52
CA GLU E 163 36.65 -28.79 14.12
C GLU E 163 37.03 -27.77 13.07
N LYS E 164 37.64 -28.22 11.97
CA LYS E 164 38.01 -27.30 10.90
C LYS E 164 36.79 -26.70 10.23
N ILE E 165 35.73 -27.50 10.04
CA ILE E 165 34.50 -26.98 9.44
C ILE E 165 33.89 -25.90 10.31
N ILE E 166 33.87 -26.12 11.63
CA ILE E 166 33.34 -25.11 12.55
C ILE E 166 34.19 -23.85 12.49
N GLU E 167 35.52 -24.01 12.48
CA GLU E 167 36.41 -22.87 12.42
C GLU E 167 36.25 -22.09 11.11
N ASP E 168 36.10 -22.80 9.99
CA ASP E 168 35.96 -22.13 8.71
C ASP E 168 34.55 -21.59 8.48
N SER E 169 33.55 -22.07 9.21
CA SER E 169 32.19 -21.56 9.05
C SER E 169 32.01 -20.17 9.62
N GLU E 170 32.91 -19.71 10.48
CA GLU E 170 32.84 -18.38 11.05
C GLU E 170 33.57 -17.33 10.22
N ARG E 171 34.25 -17.75 9.15
CA ARG E 171 35.05 -16.86 8.32
C ARG E 171 34.24 -16.45 7.10
N ASP E 172 34.04 -15.14 6.92
CA ASP E 172 33.24 -14.62 5.81
C ASP E 172 34.17 -14.36 4.62
N PHE E 173 34.46 -15.42 3.89
CA PHE E 173 35.27 -15.32 2.69
C PHE E 173 34.84 -16.41 1.70
N PHE E 174 34.96 -16.09 0.41
CA PHE E 174 34.71 -17.05 -0.66
C PHE E 174 36.02 -17.66 -1.14
N MET E 175 35.91 -18.84 -1.73
CA MET E 175 37.04 -19.52 -2.33
C MET E 175 36.72 -19.90 -3.77
N GLY E 176 37.74 -19.89 -4.61
CA GLY E 176 37.58 -20.21 -6.02
C GLY E 176 37.49 -21.70 -6.27
N ALA E 177 37.37 -22.04 -7.55
CA ALA E 177 37.20 -23.45 -7.92
C ALA E 177 38.41 -24.28 -7.52
N GLU E 178 39.62 -23.75 -7.71
CA GLU E 178 40.82 -24.50 -7.34
C GLU E 178 40.92 -24.68 -5.83
N GLU E 179 40.58 -23.64 -5.06
CA GLU E 179 40.60 -23.78 -3.60
C GLU E 179 39.54 -24.77 -3.11
N ALA E 180 38.37 -24.78 -3.76
CA ALA E 180 37.30 -25.67 -3.32
C ALA E 180 37.65 -27.14 -3.58
N ILE E 181 38.42 -27.41 -4.63
CA ILE E 181 38.90 -28.78 -4.85
C ILE E 181 39.81 -29.21 -3.72
N ALA E 182 40.78 -28.37 -3.38
CA ALA E 182 41.66 -28.66 -2.25
C ALA E 182 40.87 -28.80 -0.95
N TYR E 183 39.82 -27.99 -0.79
CA TYR E 183 39.04 -28.02 0.43
C TYR E 183 38.21 -29.29 0.54
N GLY E 184 37.81 -29.86 -0.59
CA GLY E 184 36.94 -31.03 -0.62
C GLY E 184 35.52 -30.73 -1.02
N LEU E 185 35.18 -29.46 -1.22
CA LEU E 185 33.81 -29.09 -1.57
C LEU E 185 33.41 -29.67 -2.92
N ILE E 186 34.32 -29.63 -3.89
CA ILE E 186 34.07 -30.10 -5.24
C ILE E 186 35.21 -31.03 -5.64
N ASP E 187 35.14 -31.52 -6.88
CA ASP E 187 36.11 -32.45 -7.40
C ASP E 187 36.88 -31.88 -8.58
N LYS E 188 36.18 -31.28 -9.54
CA LYS E 188 36.78 -30.84 -10.79
C LYS E 188 36.27 -29.46 -11.19
N VAL E 189 37.17 -28.66 -11.77
CA VAL E 189 36.80 -27.44 -12.49
C VAL E 189 36.45 -27.81 -13.92
N ILE E 190 35.46 -27.13 -14.48
CA ILE E 190 34.98 -27.40 -15.83
C ILE E 190 34.96 -26.11 -16.64
N SER E 191 35.46 -26.17 -17.88
CA SER E 191 35.40 -25.02 -18.76
C SER E 191 35.19 -25.34 -20.24
N SER E 192 35.11 -26.61 -20.63
CA SER E 192 34.80 -26.93 -22.02
C SER E 192 34.22 -28.33 -22.13
N ALA E 193 33.60 -28.60 -23.29
CA ALA E 193 32.98 -29.90 -23.53
C ALA E 193 34.03 -31.01 -23.53
N LYS E 194 35.19 -30.75 -24.13
CA LYS E 194 36.28 -31.72 -24.14
C LYS E 194 37.04 -31.77 -22.82
N GLU E 195 36.85 -30.77 -21.96
CA GLU E 195 37.48 -30.73 -20.63
C GLU E 195 36.47 -31.03 -19.54
N THR E 196 35.50 -31.91 -19.82
CA THR E 196 34.34 -32.06 -18.95
C THR E 196 34.64 -32.92 -17.73
N LYS E 197 35.06 -34.17 -17.95
CA LYS E 197 35.10 -35.25 -16.98
C LYS E 197 33.70 -35.68 -16.56
N ASP E 198 32.64 -35.02 -17.05
CA ASP E 198 31.27 -35.41 -16.76
C ASP E 198 30.66 -36.28 -17.85
N LYS E 199 30.98 -35.99 -19.12
CA LYS E 199 30.59 -36.84 -20.26
C LYS E 199 29.08 -37.07 -20.25
N SER E 200 28.35 -35.99 -20.51
CA SER E 200 26.89 -36.02 -20.36
C SER E 200 26.26 -36.91 -21.42
N ILE E 201 26.03 -38.17 -21.07
CA ILE E 201 25.46 -39.15 -21.99
C ILE E 201 23.99 -39.31 -21.67
N ALA E 202 23.14 -38.94 -22.61
CA ALA E 202 21.69 -39.04 -22.49
C ALA E 202 21.10 -38.74 -23.86
N SER E 203 19.77 -38.67 -23.93
CA SER E 203 18.98 -38.20 -25.08
C SER E 203 19.72 -38.13 -26.42
N MET F 1 -2.63 5.32 16.50
CA MET F 1 -3.49 5.61 17.63
C MET F 1 -2.69 6.15 18.81
N THR F 2 -2.57 7.48 18.88
CA THR F 2 -1.95 8.10 20.05
C THR F 2 -2.93 8.03 21.22
N LEU F 3 -2.52 7.36 22.29
CA LEU F 3 -3.30 7.22 23.51
C LEU F 3 -2.49 7.63 24.74
N VAL F 4 -1.71 8.68 24.62
CA VAL F 4 -0.82 9.10 25.70
C VAL F 4 -1.26 10.41 26.35
N PRO F 5 -2.05 10.35 27.43
CA PRO F 5 -2.56 11.58 28.05
C PRO F 5 -1.41 12.44 28.59
N TYR F 6 -1.70 13.73 28.72
CA TYR F 6 -0.72 14.71 29.16
C TYR F 6 -1.07 15.19 30.57
N VAL F 7 -0.20 16.02 31.13
CA VAL F 7 -0.37 16.49 32.50
C VAL F 7 0.19 17.90 32.58
N VAL F 8 -0.44 18.72 33.42
CA VAL F 8 -0.15 20.13 33.55
C VAL F 8 -0.23 20.45 35.06
N GLU F 9 0.19 19.48 35.87
CA GLU F 9 -0.55 18.89 36.98
C GLU F 9 -0.98 19.94 38.01
N ASP F 10 -1.75 19.43 38.97
CA ASP F 10 -2.19 20.14 40.15
C ASP F 10 -1.06 20.31 41.16
N THR F 11 -0.38 19.20 41.48
CA THR F 11 0.45 19.08 42.67
C THR F 11 1.92 19.39 42.43
N GLY F 12 2.23 20.35 41.53
CA GLY F 12 3.59 20.68 41.22
C GLY F 12 3.81 22.18 41.14
N ARG F 13 5.08 22.55 41.14
CA ARG F 13 5.49 23.95 41.07
C ARG F 13 5.68 24.36 39.61
N GLY F 14 5.04 25.45 39.22
CA GLY F 14 5.20 25.97 37.87
C GLY F 14 4.18 25.48 36.88
N GLU F 15 4.54 25.52 35.59
CA GLU F 15 3.61 25.19 34.52
C GLU F 15 4.39 24.53 33.39
N ARG F 16 4.03 23.29 33.08
CA ARG F 16 4.72 22.48 32.10
C ARG F 16 3.71 21.55 31.43
N ALA F 17 4.04 21.12 30.21
CA ALA F 17 3.23 20.18 29.44
C ALA F 17 4.09 18.95 29.17
N MET F 18 3.82 17.88 29.90
CA MET F 18 4.43 16.59 29.65
C MET F 18 3.36 15.52 29.58
N ASP F 19 3.68 14.43 28.88
CA ASP F 19 2.76 13.31 28.78
C ASP F 19 2.75 12.50 30.07
N ILE F 20 1.88 11.49 30.13
CA ILE F 20 1.69 10.74 31.37
C ILE F 20 2.94 9.93 31.72
N TYR F 21 3.67 9.44 30.72
CA TYR F 21 4.85 8.62 31.02
C TYR F 21 5.99 9.47 31.55
N SER F 22 6.16 10.67 30.99
CA SER F 22 7.14 11.61 31.54
C SER F 22 6.75 12.06 32.94
N ARG F 23 5.46 12.18 33.22
CA ARG F 23 5.01 12.55 34.55
C ARG F 23 5.45 11.51 35.57
N LEU F 24 5.18 10.23 35.29
CA LEU F 24 5.61 9.16 36.19
C LEU F 24 7.13 9.10 36.29
N LEU F 25 7.83 9.51 35.24
CA LEU F 25 9.30 9.55 35.30
C LEU F 25 9.79 10.58 36.31
N LYS F 26 9.01 11.65 36.55
CA LYS F 26 9.39 12.62 37.57
C LYS F 26 9.35 12.03 38.97
N ASP F 27 8.57 10.97 39.18
CA ASP F 27 8.57 10.25 40.44
C ASP F 27 9.51 9.06 40.42
N ARG F 28 10.40 8.98 39.41
CA ARG F 28 11.33 7.87 39.24
C ARG F 28 10.59 6.55 39.00
N ILE F 29 9.53 6.61 38.21
CA ILE F 29 8.76 5.43 37.80
C ILE F 29 9.01 5.20 36.31
N VAL F 30 9.46 3.99 35.97
CA VAL F 30 9.74 3.61 34.59
C VAL F 30 8.76 2.52 34.18
N MET F 31 8.14 2.69 33.03
CA MET F 31 7.11 1.78 32.55
C MET F 31 7.67 0.91 31.43
N ILE F 32 7.53 -0.40 31.56
CA ILE F 32 7.90 -1.36 30.53
C ILE F 32 6.65 -2.17 30.23
N GLY F 33 5.92 -1.78 29.18
CA GLY F 33 4.62 -2.36 28.92
C GLY F 33 4.47 -2.97 27.54
N GLN F 34 5.58 -3.36 26.92
CA GLN F 34 5.55 -3.91 25.58
C GLN F 34 6.74 -4.84 25.40
N GLU F 35 6.88 -5.38 24.19
CA GLU F 35 7.97 -6.29 23.88
C GLU F 35 9.33 -5.61 24.07
N ILE F 36 10.28 -6.36 24.60
CA ILE F 36 11.62 -5.85 24.84
C ILE F 36 12.40 -5.87 23.54
N THR F 37 12.33 -4.77 22.79
CA THR F 37 13.01 -4.65 21.51
C THR F 37 14.22 -3.72 21.65
N GLU F 38 14.99 -3.64 20.57
CA GLU F 38 16.16 -2.75 20.59
C GLU F 38 15.79 -1.28 20.74
N PRO F 39 14.83 -0.72 20.01
CA PRO F 39 14.44 0.67 20.29
C PRO F 39 13.90 0.88 21.69
N LEU F 40 13.18 -0.10 22.26
CA LEU F 40 12.69 0.05 23.63
C LEU F 40 13.84 0.08 24.62
N ALA F 41 14.84 -0.79 24.43
CA ALA F 41 15.98 -0.82 25.33
C ALA F 41 16.69 0.52 25.36
N ASN F 42 16.85 1.16 24.21
CA ASN F 42 17.51 2.46 24.15
C ASN F 42 16.74 3.50 24.96
N THR F 43 15.41 3.55 24.81
CA THR F 43 14.62 4.49 25.58
C THR F 43 14.68 4.18 27.07
N VAL F 44 14.58 2.90 27.44
CA VAL F 44 14.60 2.53 28.85
C VAL F 44 15.96 2.83 29.46
N ILE F 45 17.04 2.53 28.74
CA ILE F 45 18.37 2.85 29.23
C ILE F 45 18.54 4.35 29.34
N ALA F 46 18.03 5.09 28.36
CA ALA F 46 18.05 6.55 28.43
C ALA F 46 17.33 7.04 29.68
N GLN F 47 16.14 6.49 29.95
CA GLN F 47 15.42 6.84 31.17
C GLN F 47 16.22 6.46 32.41
N LEU F 48 16.85 5.29 32.40
CA LEU F 48 17.62 4.85 33.55
C LEU F 48 18.83 5.73 33.78
N LEU F 49 19.53 6.11 32.70
CA LEU F 49 20.71 6.96 32.84
C LEU F 49 20.32 8.37 33.28
N PHE F 50 19.18 8.87 32.81
CA PHE F 50 18.70 10.17 33.26
C PHE F 50 18.36 10.15 34.74
N LEU F 51 17.69 9.11 35.21
CA LEU F 51 17.30 9.03 36.61
C LEU F 51 18.51 8.95 37.52
N MET F 52 19.61 8.38 37.04
CA MET F 52 20.84 8.36 37.83
C MET F 52 21.53 9.73 37.84
N SER F 53 21.38 10.51 36.77
CA SER F 53 21.93 11.87 36.76
C SER F 53 21.19 12.78 37.72
N GLU F 54 19.90 12.55 37.92
CA GLU F 54 19.10 13.43 38.78
C GLU F 54 19.38 13.16 40.25
N ASP F 55 19.22 11.91 40.66
CA ASP F 55 19.56 11.49 42.02
C ASP F 55 20.08 10.07 41.93
N PRO F 56 21.39 9.87 42.02
CA PRO F 56 21.96 8.53 41.94
C PRO F 56 21.77 7.68 43.18
N THR F 57 21.00 8.14 44.16
CA THR F 57 20.78 7.41 45.39
C THR F 57 19.31 7.11 45.67
N LYS F 58 18.38 7.87 45.09
CA LYS F 58 16.96 7.64 45.33
C LYS F 58 16.49 6.38 44.61
N ASP F 59 15.52 5.70 45.24
CA ASP F 59 14.99 4.47 44.68
C ASP F 59 14.30 4.72 43.35
N ILE F 60 14.31 3.71 42.49
CA ILE F 60 13.64 3.74 41.19
C ILE F 60 12.64 2.60 41.15
N GLN F 61 11.43 2.89 40.71
CA GLN F 61 10.37 1.90 40.57
C GLN F 61 10.16 1.59 39.09
N ILE F 62 10.20 0.31 38.74
CA ILE F 62 9.97 -0.14 37.38
C ILE F 62 8.75 -1.04 37.37
N PHE F 63 7.76 -0.70 36.56
CA PHE F 63 6.56 -1.50 36.41
C PHE F 63 6.61 -2.26 35.10
N ILE F 64 6.39 -3.56 35.15
CA ILE F 64 6.68 -4.46 34.04
C ILE F 64 5.40 -5.18 33.63
N ASN F 65 5.01 -5.00 32.37
CA ASN F 65 3.95 -5.79 31.74
C ASN F 65 4.44 -6.09 30.31
N SER F 66 5.21 -7.15 30.17
CA SER F 66 5.92 -7.42 28.93
C SER F 66 5.70 -8.86 28.50
N PRO F 67 5.28 -9.11 27.26
CA PRO F 67 5.11 -10.50 26.79
C PRO F 67 6.41 -11.18 26.39
N GLY F 68 7.54 -10.47 26.45
CA GLY F 68 8.81 -11.05 26.09
C GLY F 68 9.74 -10.06 25.42
N GLY F 69 10.61 -10.55 24.55
CA GLY F 69 11.55 -9.68 23.87
C GLY F 69 12.75 -10.48 23.39
N TYR F 70 13.87 -9.76 23.21
CA TYR F 70 15.08 -10.32 22.65
C TYR F 70 16.23 -10.24 23.66
N ILE F 71 17.12 -11.22 23.60
CA ILE F 71 18.19 -11.32 24.59
C ILE F 71 19.13 -10.13 24.52
N THR F 72 19.44 -9.66 23.31
CA THR F 72 20.38 -8.55 23.15
C THR F 72 19.85 -7.29 23.83
N ALA F 73 18.55 -7.01 23.67
CA ALA F 73 17.96 -5.86 24.33
C ALA F 73 17.81 -6.09 25.83
N GLY F 74 17.40 -7.30 26.22
CA GLY F 74 17.27 -7.61 27.64
C GLY F 74 18.58 -7.51 28.39
N LEU F 75 19.65 -8.04 27.80
CA LEU F 75 20.97 -7.96 28.45
C LEU F 75 21.43 -6.51 28.58
N ALA F 76 21.10 -5.67 27.60
CA ALA F 76 21.48 -4.26 27.67
C ALA F 76 20.81 -3.57 28.84
N ILE F 77 19.52 -3.81 29.03
CA ILE F 77 18.80 -3.19 30.14
C ILE F 77 19.29 -3.73 31.48
N TYR F 78 19.49 -5.05 31.56
CA TYR F 78 19.95 -5.66 32.81
C TYR F 78 21.29 -5.09 33.24
N ASP F 79 22.25 -5.00 32.32
CA ASP F 79 23.55 -4.42 32.64
C ASP F 79 23.41 -2.97 33.10
N THR F 80 22.49 -2.22 32.50
CA THR F 80 22.24 -0.86 32.94
C THR F 80 21.63 -0.85 34.34
N ILE F 81 20.76 -1.82 34.64
CA ILE F 81 20.18 -1.90 35.97
C ILE F 81 21.25 -2.20 37.00
N ARG F 82 22.15 -3.14 36.68
CA ARG F 82 23.28 -3.41 37.57
C ARG F 82 24.24 -2.23 37.61
N PHE F 83 24.28 -1.43 36.56
CA PHE F 83 25.15 -0.27 36.52
C PHE F 83 24.69 0.83 37.47
N LEU F 84 23.39 0.85 37.78
CA LEU F 84 22.85 1.87 38.69
C LEU F 84 23.34 1.63 40.11
N GLY F 85 23.47 2.73 40.86
CA GLY F 85 23.92 2.65 42.23
C GLY F 85 22.80 2.61 43.25
N CYS F 86 21.60 3.02 42.84
CA CYS F 86 20.47 3.07 43.73
C CYS F 86 19.66 1.77 43.68
N ASP F 87 18.72 1.65 44.61
CA ASP F 87 17.84 0.48 44.64
C ASP F 87 16.79 0.57 43.55
N VAL F 88 16.47 -0.58 42.95
CA VAL F 88 15.48 -0.67 41.88
C VAL F 88 14.36 -1.56 42.36
N ASN F 89 13.13 -1.05 42.33
CA ASN F 89 11.95 -1.82 42.66
C ASN F 89 11.28 -2.26 41.36
N THR F 90 11.01 -3.56 41.26
CA THR F 90 10.36 -4.13 40.09
C THR F 90 8.98 -4.65 40.46
N TYR F 91 7.96 -4.20 39.73
CA TYR F 91 6.59 -4.64 39.94
C TYR F 91 6.10 -5.33 38.67
N CYS F 92 5.52 -6.51 38.83
CA CYS F 92 4.95 -7.27 37.72
C CYS F 92 3.44 -7.11 37.74
N ILE F 93 2.91 -6.33 36.79
CA ILE F 93 1.47 -6.21 36.59
C ILE F 93 1.12 -7.01 35.33
N GLY F 94 0.31 -8.05 35.50
CA GLY F 94 -0.11 -8.83 34.36
C GLY F 94 0.82 -9.98 34.02
N GLN F 95 1.70 -9.76 33.05
CA GLN F 95 2.59 -10.81 32.56
C GLN F 95 4.02 -10.30 32.48
N ALA F 96 4.96 -11.16 32.86
CA ALA F 96 6.39 -10.91 32.69
C ALA F 96 7.00 -12.21 32.15
N ALA F 97 7.16 -12.27 30.82
CA ALA F 97 7.62 -13.47 30.15
C ALA F 97 9.03 -13.27 29.61
N SER F 98 9.89 -14.27 29.83
CA SER F 98 11.24 -14.32 29.28
C SER F 98 12.06 -13.09 29.68
N MET F 99 12.14 -12.11 28.78
CA MET F 99 12.92 -10.90 29.07
C MET F 99 12.25 -10.07 30.16
N GLY F 100 10.92 -10.01 30.14
CA GLY F 100 10.21 -9.34 31.23
C GLY F 100 10.49 -9.98 32.58
N ALA F 101 10.57 -11.31 32.61
CA ALA F 101 10.90 -12.01 33.85
C ALA F 101 12.35 -11.78 34.25
N LEU F 102 13.25 -11.61 33.28
CA LEU F 102 14.64 -11.31 33.59
C LEU F 102 14.76 -9.95 34.27
N LEU F 103 14.15 -8.92 33.67
CA LEU F 103 14.20 -7.59 34.27
C LEU F 103 13.46 -7.53 35.59
N LEU F 104 12.36 -8.28 35.71
CA LEU F 104 11.63 -8.34 36.97
C LEU F 104 12.50 -8.91 38.09
N SER F 105 13.18 -10.03 37.81
CA SER F 105 14.07 -10.62 38.80
C SER F 105 15.36 -9.85 38.98
N ALA F 106 15.62 -8.86 38.13
CA ALA F 106 16.85 -8.06 38.24
C ALA F 106 16.73 -6.94 39.24
N GLY F 107 15.54 -6.71 39.81
CA GLY F 107 15.40 -5.68 40.82
C GLY F 107 16.12 -6.04 42.10
N THR F 108 16.31 -5.04 42.96
CA THR F 108 16.99 -5.26 44.22
C THR F 108 16.26 -6.34 45.02
N LYS F 109 17.02 -7.32 45.50
CA LYS F 109 16.43 -8.44 46.23
C LYS F 109 15.71 -7.94 47.47
N GLY F 110 14.46 -8.38 47.64
CA GLY F 110 13.58 -7.89 48.66
C GLY F 110 12.62 -6.83 48.18
N LYS F 111 12.86 -6.25 47.00
CA LYS F 111 12.04 -5.18 46.44
C LYS F 111 11.50 -5.56 45.07
N ARG F 112 11.30 -6.85 44.84
CA ARG F 112 10.70 -7.36 43.61
C ARG F 112 9.30 -7.87 43.94
N TYR F 113 8.28 -7.22 43.37
CA TYR F 113 6.90 -7.46 43.72
C TYR F 113 6.10 -7.93 42.52
N ALA F 114 4.94 -8.53 42.81
CA ALA F 114 3.97 -8.90 41.80
C ALA F 114 2.57 -8.74 42.37
N LEU F 115 1.62 -8.52 41.48
CA LEU F 115 0.22 -8.39 41.86
C LEU F 115 -0.43 -9.77 41.92
N PRO F 116 -1.55 -9.91 42.63
CA PRO F 116 -2.07 -11.27 42.95
C PRO F 116 -2.31 -12.15 41.74
N HIS F 117 -2.73 -11.59 40.61
CA HIS F 117 -3.06 -12.39 39.44
C HIS F 117 -1.99 -12.30 38.35
N SER F 118 -0.80 -11.80 38.69
CA SER F 118 0.28 -11.72 37.72
C SER F 118 0.75 -13.11 37.30
N ARG F 119 1.26 -13.20 36.07
CA ARG F 119 1.79 -14.44 35.53
C ARG F 119 3.21 -14.21 35.05
N MET F 120 4.11 -15.12 35.38
CA MET F 120 5.51 -14.98 35.06
C MET F 120 6.03 -16.26 34.44
N MET F 121 6.88 -16.12 33.42
CA MET F 121 7.45 -17.25 32.72
C MET F 121 8.88 -16.91 32.32
N ILE F 122 9.79 -17.88 32.49
CA ILE F 122 11.17 -17.69 32.10
C ILE F 122 11.46 -18.22 30.70
N HIS F 123 10.64 -19.13 30.18
CA HIS F 123 10.85 -19.65 28.85
C HIS F 123 10.85 -18.51 27.83
N GLN F 124 11.81 -18.56 26.91
CA GLN F 124 11.82 -17.60 25.82
C GLN F 124 10.87 -18.10 24.75
N PRO F 125 9.71 -17.46 24.57
CA PRO F 125 8.70 -18.01 23.66
C PRO F 125 9.11 -17.88 22.21
N SER F 126 8.32 -18.54 21.36
CA SER F 126 8.38 -18.39 19.91
C SER F 126 9.71 -18.83 19.28
N GLY F 127 10.75 -18.05 19.44
CA GLY F 127 12.05 -18.44 18.89
C GLY F 127 12.84 -17.26 18.39
N GLY F 128 14.13 -17.48 18.26
CA GLY F 128 15.04 -16.44 17.87
C GLY F 128 15.59 -15.62 19.04
N ILE F 129 16.59 -14.81 18.74
CA ILE F 129 17.32 -14.04 19.75
C ILE F 129 17.49 -12.58 19.37
N ILE F 130 17.28 -12.21 18.10
CA ILE F 130 16.89 -10.87 17.68
C ILE F 130 16.39 -10.99 16.25
N GLY F 131 15.34 -10.24 15.90
CA GLY F 131 14.91 -10.18 14.53
C GLY F 131 13.42 -10.21 14.28
N THR F 132 12.91 -9.21 13.56
CA THR F 132 11.55 -9.23 13.04
C THR F 132 11.51 -9.70 11.59
N SER F 133 12.43 -9.24 10.75
CA SER F 133 12.80 -9.91 9.51
C SER F 133 14.29 -10.21 9.46
N ALA F 134 15.14 -9.21 9.69
CA ALA F 134 16.58 -9.39 9.71
C ALA F 134 17.26 -8.53 10.78
N ASP F 135 16.57 -8.25 11.90
CA ASP F 135 17.14 -7.39 12.92
C ASP F 135 18.38 -8.02 13.53
N ILE F 136 19.53 -7.41 13.30
CA ILE F 136 20.83 -7.89 13.76
C ILE F 136 21.07 -9.31 13.27
N GLN F 137 20.51 -10.30 13.98
CA GLN F 137 20.70 -11.73 13.72
C GLN F 137 22.16 -12.13 13.98
N LEU F 138 22.39 -13.26 14.63
CA LEU F 138 23.73 -13.62 15.08
C LEU F 138 24.14 -15.00 14.58
N GLN F 139 25.45 -15.19 14.51
CA GLN F 139 26.04 -16.45 14.09
C GLN F 139 25.81 -17.50 15.16
N ALA F 140 26.46 -18.65 15.02
CA ALA F 140 26.24 -19.70 16.00
C ALA F 140 26.83 -19.30 17.36
N ALA F 141 28.15 -19.41 17.51
CA ALA F 141 28.81 -19.23 18.80
C ALA F 141 28.47 -17.93 19.51
N GLU F 142 27.76 -17.02 18.86
CA GLU F 142 27.38 -15.77 19.50
C GLU F 142 26.03 -15.85 20.20
N ILE F 143 25.08 -16.54 19.60
CA ILE F 143 23.80 -16.74 20.29
C ILE F 143 23.99 -17.66 21.49
N LEU F 144 24.89 -18.64 21.40
CA LEU F 144 25.17 -19.49 22.55
C LEU F 144 25.72 -18.70 23.72
N THR F 145 26.63 -17.75 23.45
CA THR F 145 27.16 -16.94 24.53
C THR F 145 26.04 -16.13 25.17
N LEU F 146 25.12 -15.62 24.37
CA LEU F 146 24.00 -14.85 24.90
C LEU F 146 23.05 -15.74 25.70
N LYS F 147 22.84 -16.99 25.25
CA LYS F 147 22.00 -17.90 26.03
C LYS F 147 22.69 -18.34 27.30
N LYS F 148 24.01 -18.56 27.24
CA LYS F 148 24.75 -18.85 28.46
C LYS F 148 24.71 -17.68 29.43
N HIS F 149 24.84 -16.46 28.91
CA HIS F 149 24.72 -15.27 29.74
C HIS F 149 23.35 -15.20 30.41
N LEU F 150 22.29 -15.42 29.63
CA LEU F 150 20.94 -15.35 30.17
C LEU F 150 20.71 -16.42 31.24
N SER F 151 21.18 -17.64 30.99
CA SER F 151 21.02 -18.70 31.98
C SER F 151 21.78 -18.38 33.26
N ASN F 152 22.99 -17.85 33.13
CA ASN F 152 23.78 -17.52 34.31
C ASN F 152 23.14 -16.39 35.13
N ILE F 153 22.58 -15.39 34.44
CA ILE F 153 21.95 -14.28 35.14
C ILE F 153 20.68 -14.74 35.84
N LEU F 154 19.88 -15.57 35.17
CA LEU F 154 18.64 -16.05 35.78
C LEU F 154 18.93 -16.92 36.99
N ALA F 155 19.96 -17.77 36.92
CA ALA F 155 20.34 -18.58 38.06
C ALA F 155 20.80 -17.71 39.22
N GLU F 156 21.59 -16.68 38.93
CA GLU F 156 22.06 -15.77 39.98
C GLU F 156 20.90 -14.97 40.58
N CYS F 157 19.99 -14.48 39.74
CA CYS F 157 18.89 -13.66 40.23
C CYS F 157 17.89 -14.48 41.03
N THR F 158 17.53 -15.66 40.53
CA THR F 158 16.49 -16.45 41.19
C THR F 158 17.05 -17.28 42.34
N GLY F 159 18.27 -17.79 42.19
CA GLY F 159 18.84 -18.70 43.15
C GLY F 159 18.79 -20.15 42.74
N GLN F 160 18.18 -20.45 41.60
CA GLN F 160 18.15 -21.82 41.09
C GLN F 160 19.49 -22.14 40.42
N SER F 161 19.69 -23.42 40.13
CA SER F 161 20.87 -23.83 39.43
C SER F 161 20.78 -23.46 37.95
N VAL F 162 21.94 -23.35 37.31
CA VAL F 162 21.96 -23.08 35.87
C VAL F 162 21.30 -24.22 35.11
N GLU F 163 21.48 -25.46 35.59
CA GLU F 163 20.87 -26.61 34.94
C GLU F 163 19.35 -26.54 35.00
N LYS F 164 18.79 -26.19 36.16
CA LYS F 164 17.34 -26.07 36.27
C LYS F 164 16.81 -24.93 35.43
N ILE F 165 17.54 -23.81 35.37
CA ILE F 165 17.13 -22.68 34.55
C ILE F 165 17.07 -23.09 33.09
N ILE F 166 18.08 -23.84 32.63
CA ILE F 166 18.07 -24.33 31.24
C ILE F 166 16.89 -25.26 31.02
N GLU F 167 16.64 -26.17 31.96
CA GLU F 167 15.53 -27.10 31.81
C GLU F 167 14.19 -26.37 31.81
N ASP F 168 14.03 -25.40 32.71
CA ASP F 168 12.77 -24.67 32.80
C ASP F 168 12.61 -23.64 31.70
N SER F 169 13.70 -23.21 31.06
CA SER F 169 13.59 -22.29 29.93
C SER F 169 13.03 -22.99 28.70
N GLU F 170 13.04 -24.31 28.66
CA GLU F 170 12.49 -25.08 27.54
C GLU F 170 11.03 -25.43 27.73
N ARG F 171 10.46 -25.16 28.91
CA ARG F 171 9.09 -25.53 29.22
C ARG F 171 8.19 -24.29 29.09
N ASP F 172 7.15 -24.41 28.27
CA ASP F 172 6.24 -23.30 27.99
C ASP F 172 5.12 -23.33 29.04
N PHE F 173 5.42 -22.74 30.19
CA PHE F 173 4.45 -22.64 31.27
C PHE F 173 4.66 -21.36 32.05
N PHE F 174 3.55 -20.82 32.57
CA PHE F 174 3.59 -19.67 33.46
C PHE F 174 3.46 -20.14 34.91
N MET F 175 3.94 -19.30 35.82
CA MET F 175 3.80 -19.56 37.24
C MET F 175 3.19 -18.34 37.92
N GLY F 176 2.40 -18.60 38.97
CA GLY F 176 1.73 -17.54 39.68
C GLY F 176 2.64 -16.80 40.63
N ALA F 177 2.06 -15.81 41.30
CA ALA F 177 2.85 -14.97 42.20
C ALA F 177 3.44 -15.78 43.34
N GLU F 178 2.65 -16.67 43.93
CA GLU F 178 3.16 -17.51 45.03
C GLU F 178 4.21 -18.48 44.53
N GLU F 179 4.01 -19.07 43.34
CA GLU F 179 4.99 -19.98 42.78
C GLU F 179 6.29 -19.24 42.45
N ALA F 180 6.19 -18.00 41.96
CA ALA F 180 7.37 -17.25 41.59
C ALA F 180 8.20 -16.87 42.80
N ILE F 181 7.55 -16.66 43.96
CA ILE F 181 8.30 -16.39 45.18
C ILE F 181 9.14 -17.61 45.56
N ALA F 182 8.53 -18.79 45.53
CA ALA F 182 9.27 -20.01 45.82
C ALA F 182 10.41 -20.23 44.83
N TYR F 183 10.18 -19.88 43.56
CA TYR F 183 11.21 -20.08 42.54
C TYR F 183 12.34 -19.08 42.69
N GLY F 184 12.07 -17.89 43.21
CA GLY F 184 13.06 -16.84 43.33
C GLY F 184 12.89 -15.67 42.39
N LEU F 185 11.89 -15.70 41.50
CA LEU F 185 11.71 -14.59 40.55
C LEU F 185 11.39 -13.29 41.29
N ILE F 186 10.54 -13.36 42.30
CA ILE F 186 10.10 -12.20 43.05
C ILE F 186 10.26 -12.48 44.53
N ASP F 187 9.84 -11.51 45.35
CA ASP F 187 9.97 -11.59 46.79
C ASP F 187 8.62 -11.59 47.49
N LYS F 188 7.72 -10.68 47.13
CA LYS F 188 6.44 -10.54 47.81
C LYS F 188 5.33 -10.33 46.80
N VAL F 189 4.17 -10.90 47.09
CA VAL F 189 2.92 -10.52 46.44
C VAL F 189 2.35 -9.36 47.25
N ILE F 190 1.76 -8.38 46.56
CA ILE F 190 1.20 -7.23 47.24
C ILE F 190 -0.22 -6.99 46.76
N SER F 191 -0.89 -6.09 47.48
CA SER F 191 -2.22 -5.64 47.12
C SER F 191 -2.47 -4.20 47.55
N SER F 192 -1.46 -3.51 48.09
CA SER F 192 -1.61 -2.10 48.44
C SER F 192 -0.24 -1.43 48.34
N ALA F 193 -0.30 -0.09 48.30
CA ALA F 193 0.89 0.72 48.08
C ALA F 193 1.92 0.56 49.21
N LYS F 194 3.18 0.83 48.85
CA LYS F 194 4.26 0.98 49.83
C LYS F 194 5.19 2.12 49.48
N GLU F 195 4.92 2.87 48.41
CA GLU F 195 5.86 3.85 47.87
C GLU F 195 5.88 5.12 48.72
N THR F 196 6.87 5.96 48.44
CA THR F 196 7.04 7.22 49.15
C THR F 196 5.93 8.20 48.75
N LYS F 197 6.03 9.43 49.27
CA LYS F 197 4.94 10.41 49.22
C LYS F 197 3.73 9.94 50.02
N ASP F 198 3.98 9.10 51.02
CA ASP F 198 2.96 8.57 51.90
C ASP F 198 2.82 9.44 53.14
N LYS F 199 1.70 9.24 53.85
CA LYS F 199 1.40 9.97 55.09
C LYS F 199 1.25 11.47 54.85
N SER F 200 0.58 11.84 53.74
CA SER F 200 0.29 13.25 53.50
C SER F 200 -0.78 13.36 52.42
N ILE F 201 -1.43 14.52 52.40
CA ILE F 201 -2.47 14.87 51.44
C ILE F 201 -2.00 16.11 50.69
N ALA F 202 -2.67 16.44 49.60
CA ALA F 202 -2.38 17.65 48.82
C ALA F 202 -3.51 18.66 48.98
N SER F 203 -3.22 19.90 48.57
CA SER F 203 -4.16 21.02 48.63
C SER F 203 -4.65 21.29 50.05
N MET G 1 0.74 -17.92 -2.15
CA MET G 1 -0.25 -18.99 -2.25
C MET G 1 0.34 -20.17 -3.03
N THR G 2 0.35 -21.35 -2.40
CA THR G 2 1.20 -22.43 -2.84
C THR G 2 0.85 -23.02 -4.20
N LEU G 3 -0.31 -23.67 -4.34
CA LEU G 3 -0.64 -24.26 -5.63
C LEU G 3 -2.08 -24.80 -5.61
N VAL G 4 -2.66 -24.90 -6.80
CA VAL G 4 -3.99 -25.45 -7.04
C VAL G 4 -3.84 -26.77 -7.80
N PRO G 5 -3.71 -27.90 -7.10
CA PRO G 5 -3.36 -29.14 -7.78
C PRO G 5 -4.39 -29.54 -8.84
N TYR G 6 -3.90 -30.23 -9.87
CA TYR G 6 -4.70 -30.61 -11.03
C TYR G 6 -4.83 -32.12 -11.12
N VAL G 7 -5.60 -32.55 -12.12
CA VAL G 7 -5.78 -33.98 -12.37
C VAL G 7 -5.86 -34.18 -13.89
N VAL G 8 -5.20 -35.26 -14.39
CA VAL G 8 -5.10 -35.70 -15.78
C VAL G 8 -5.15 -37.20 -16.06
N GLU G 9 -5.22 -38.10 -15.05
CA GLU G 9 -5.87 -39.35 -15.46
C GLU G 9 -5.04 -40.17 -16.45
N ASP G 10 -5.62 -41.27 -16.94
CA ASP G 10 -5.05 -41.89 -18.11
C ASP G 10 -5.84 -41.36 -19.31
N THR G 11 -5.50 -41.86 -20.49
CA THR G 11 -6.31 -41.53 -21.65
C THR G 11 -7.45 -42.53 -21.80
N GLY G 12 -8.22 -42.71 -20.73
CA GLY G 12 -9.31 -43.65 -20.73
C GLY G 12 -10.63 -42.99 -21.07
N ARG G 13 -11.58 -43.06 -20.13
CA ARG G 13 -12.90 -42.45 -20.33
C ARG G 13 -12.83 -40.92 -20.41
N GLY G 14 -11.64 -40.31 -20.24
CA GLY G 14 -11.49 -38.88 -20.34
C GLY G 14 -10.03 -38.47 -20.43
N GLU G 15 -9.77 -37.35 -21.07
CA GLU G 15 -8.42 -36.88 -21.36
C GLU G 15 -8.46 -35.38 -21.12
N ARG G 16 -8.26 -34.96 -19.88
CA ARG G 16 -8.86 -33.65 -19.65
C ARG G 16 -8.21 -33.05 -18.44
N ALA G 17 -7.63 -31.85 -18.54
CA ALA G 17 -6.99 -31.16 -17.41
C ALA G 17 -7.97 -30.40 -16.53
N MET G 18 -8.22 -30.88 -15.31
CA MET G 18 -9.01 -30.15 -14.32
C MET G 18 -8.30 -30.09 -12.97
N ASP G 19 -8.65 -29.09 -12.17
CA ASP G 19 -8.09 -29.00 -10.83
C ASP G 19 -8.77 -30.01 -9.90
N ILE G 20 -8.30 -30.09 -8.66
CA ILE G 20 -8.76 -31.14 -7.76
C ILE G 20 -10.23 -30.96 -7.40
N TYR G 21 -10.70 -29.72 -7.30
CA TYR G 21 -12.09 -29.50 -6.91
C TYR G 21 -13.05 -29.80 -8.05
N SER G 22 -12.70 -29.41 -9.28
CA SER G 22 -13.50 -29.80 -10.44
C SER G 22 -13.47 -31.31 -10.65
N ARG G 23 -12.35 -31.95 -10.32
CA ARG G 23 -12.26 -33.40 -10.42
C ARG G 23 -13.26 -34.06 -9.49
N LEU G 24 -13.30 -33.64 -8.22
CA LEU G 24 -14.26 -34.18 -7.28
C LEU G 24 -15.69 -33.86 -7.71
N LEU G 25 -15.88 -32.74 -8.42
CA LEU G 25 -17.21 -32.39 -8.92
C LEU G 25 -17.71 -33.42 -9.93
N LYS G 26 -16.80 -34.10 -10.62
CA LYS G 26 -17.20 -35.17 -11.54
C LYS G 26 -17.80 -36.36 -10.81
N ASP G 27 -17.47 -36.53 -9.54
CA ASP G 27 -18.09 -37.55 -8.69
C ASP G 27 -19.27 -36.99 -7.93
N ARG G 28 -19.78 -35.83 -8.33
CA ARG G 28 -20.90 -35.17 -7.68
C ARG G 28 -20.55 -34.83 -6.23
N ILE G 29 -19.32 -34.38 -6.02
CA ILE G 29 -18.83 -33.97 -4.72
C ILE G 29 -18.64 -32.46 -4.73
N VAL G 30 -19.28 -31.77 -3.80
CA VAL G 30 -19.19 -30.32 -3.68
C VAL G 30 -18.51 -29.99 -2.36
N MET G 31 -17.50 -29.14 -2.41
CA MET G 31 -16.69 -28.81 -1.25
C MET G 31 -17.05 -27.43 -0.74
N ILE G 32 -17.32 -27.34 0.56
CA ILE G 32 -17.56 -26.06 1.23
C ILE G 32 -16.57 -25.98 2.38
N GLY G 33 -15.44 -25.31 2.15
CA GLY G 33 -14.36 -25.35 3.11
C GLY G 33 -13.93 -23.98 3.62
N GLN G 34 -14.83 -23.01 3.56
CA GLN G 34 -14.53 -21.66 3.99
C GLN G 34 -15.82 -20.99 4.43
N GLU G 35 -15.71 -19.71 4.80
CA GLU G 35 -16.86 -18.94 5.24
C GLU G 35 -17.92 -18.86 4.15
N ILE G 36 -19.19 -18.94 4.57
CA ILE G 36 -20.31 -18.90 3.64
C ILE G 36 -20.58 -17.44 3.25
N THR G 37 -19.93 -16.99 2.18
CA THR G 37 -20.07 -15.63 1.69
C THR G 37 -20.92 -15.62 0.42
N GLU G 38 -21.22 -14.42 -0.05
CA GLU G 38 -22.00 -14.29 -1.29
C GLU G 38 -21.29 -14.87 -2.49
N PRO G 39 -20.00 -14.58 -2.76
CA PRO G 39 -19.33 -15.27 -3.88
C PRO G 39 -19.28 -16.77 -3.72
N LEU G 40 -19.13 -17.28 -2.49
CA LEU G 40 -19.14 -18.71 -2.28
C LEU G 40 -20.52 -19.31 -2.58
N ALA G 41 -21.58 -18.64 -2.13
CA ALA G 41 -22.92 -19.14 -2.40
C ALA G 41 -23.19 -19.26 -3.89
N ASN G 42 -22.75 -18.27 -4.67
CA ASN G 42 -22.92 -18.33 -6.12
C ASN G 42 -22.20 -19.53 -6.71
N THR G 43 -20.97 -19.77 -6.28
CA THR G 43 -20.22 -20.92 -6.77
C THR G 43 -20.89 -22.23 -6.38
N VAL G 44 -21.32 -22.34 -5.12
CA VAL G 44 -21.93 -23.58 -4.66
C VAL G 44 -23.25 -23.82 -5.38
N ILE G 45 -24.07 -22.77 -5.52
CA ILE G 45 -25.34 -22.91 -6.23
C ILE G 45 -25.10 -23.27 -7.68
N ALA G 46 -24.12 -22.61 -8.31
CA ALA G 46 -23.74 -22.97 -9.68
C ALA G 46 -23.34 -24.43 -9.78
N GLN G 47 -22.54 -24.91 -8.82
CA GLN G 47 -22.18 -26.33 -8.78
C GLN G 47 -23.41 -27.20 -8.60
N LEU G 48 -24.33 -26.80 -7.71
CA LEU G 48 -25.49 -27.64 -7.42
C LEU G 48 -26.44 -27.74 -8.60
N LEU G 49 -26.76 -26.61 -9.23
CA LEU G 49 -27.68 -26.67 -10.37
C LEU G 49 -27.01 -27.29 -11.59
N PHE G 50 -25.69 -27.16 -11.72
CA PHE G 50 -25.01 -27.88 -12.80
C PHE G 50 -25.13 -29.38 -12.60
N LEU G 51 -24.95 -29.86 -11.36
CA LEU G 51 -24.98 -31.30 -11.11
C LEU G 51 -26.35 -31.89 -11.36
N MET G 52 -27.42 -31.12 -11.17
CA MET G 52 -28.76 -31.60 -11.51
C MET G 52 -28.99 -31.60 -13.02
N SER G 53 -28.32 -30.71 -13.76
CA SER G 53 -28.45 -30.72 -15.21
C SER G 53 -27.82 -31.97 -15.80
N GLU G 54 -26.77 -32.49 -15.17
CA GLU G 54 -26.10 -33.68 -15.66
C GLU G 54 -26.91 -34.93 -15.32
N ASP G 55 -27.24 -35.10 -14.05
CA ASP G 55 -28.11 -36.20 -13.60
C ASP G 55 -28.94 -35.69 -12.43
N PRO G 56 -30.21 -35.38 -12.67
CA PRO G 56 -31.07 -34.87 -11.59
C PRO G 56 -31.54 -35.92 -10.60
N THR G 57 -31.06 -37.16 -10.69
CA THR G 57 -31.47 -38.22 -9.80
C THR G 57 -30.33 -38.85 -9.00
N LYS G 58 -29.09 -38.74 -9.47
CA LYS G 58 -27.97 -39.32 -8.76
C LYS G 58 -27.66 -38.55 -7.49
N ASP G 59 -27.19 -39.26 -6.48
CA ASP G 59 -26.87 -38.65 -5.20
C ASP G 59 -25.76 -37.63 -5.35
N ILE G 60 -25.78 -36.61 -4.50
CA ILE G 60 -24.77 -35.56 -4.44
C ILE G 60 -24.17 -35.56 -3.04
N GLN G 61 -22.85 -35.50 -2.97
CA GLN G 61 -22.13 -35.43 -1.70
C GLN G 61 -21.61 -34.02 -1.48
N ILE G 62 -21.91 -33.45 -0.32
CA ILE G 62 -21.44 -32.12 0.05
C ILE G 62 -20.56 -32.27 1.29
N PHE G 63 -19.32 -31.79 1.20
CA PHE G 63 -18.38 -31.84 2.30
C PHE G 63 -18.25 -30.45 2.90
N ILE G 64 -18.41 -30.35 4.22
CA ILE G 64 -18.57 -29.07 4.90
C ILE G 64 -17.48 -28.92 5.94
N ASN G 65 -16.67 -27.88 5.79
CA ASN G 65 -15.71 -27.43 6.81
C ASN G 65 -15.80 -25.91 6.82
N SER G 66 -16.74 -25.36 7.57
CA SER G 66 -17.06 -23.95 7.48
C SER G 66 -17.11 -23.34 8.87
N PRO G 67 -16.38 -22.25 9.11
CA PRO G 67 -16.45 -21.57 10.41
C PRO G 67 -17.67 -20.70 10.60
N GLY G 68 -18.52 -20.58 9.58
CA GLY G 68 -19.71 -19.77 9.67
C GLY G 68 -20.02 -19.10 8.34
N GLY G 69 -20.65 -17.94 8.39
CA GLY G 69 -21.00 -17.25 7.17
C GLY G 69 -22.15 -16.29 7.42
N TYR G 70 -22.89 -16.02 6.34
CA TYR G 70 -23.98 -15.05 6.37
C TYR G 70 -25.30 -15.75 6.05
N ILE G 71 -26.37 -15.26 6.69
CA ILE G 71 -27.66 -15.90 6.56
C ILE G 71 -28.18 -15.81 5.13
N THR G 72 -27.96 -14.65 4.48
CA THR G 72 -28.45 -14.46 3.12
C THR G 72 -27.82 -15.48 2.17
N ALA G 73 -26.52 -15.73 2.31
CA ALA G 73 -25.87 -16.73 1.49
C ALA G 73 -26.27 -18.13 1.88
N GLY G 74 -26.38 -18.40 3.19
CA GLY G 74 -26.80 -19.72 3.65
C GLY G 74 -28.21 -20.07 3.21
N LEU G 75 -29.14 -19.12 3.32
CA LEU G 75 -30.52 -19.38 2.91
C LEU G 75 -30.60 -19.67 1.42
N ALA G 76 -29.77 -18.98 0.61
CA ALA G 76 -29.76 -19.22 -0.83
C ALA G 76 -29.33 -20.64 -1.14
N ILE G 77 -28.27 -21.12 -0.48
CA ILE G 77 -27.79 -22.48 -0.72
C ILE G 77 -28.80 -23.50 -0.22
N TYR G 78 -29.37 -23.27 0.96
CA TYR G 78 -30.35 -24.21 1.51
C TYR G 78 -31.55 -24.37 0.59
N ASP G 79 -32.09 -23.25 0.11
CA ASP G 79 -33.22 -23.32 -0.82
C ASP G 79 -32.83 -24.07 -2.09
N THR G 80 -31.60 -23.87 -2.56
CA THR G 80 -31.14 -24.62 -3.73
C THR G 80 -30.99 -26.11 -3.42
N ILE G 81 -30.53 -26.44 -2.21
CA ILE G 81 -30.42 -27.84 -1.82
C ILE G 81 -31.80 -28.47 -1.71
N ARG G 82 -32.75 -27.76 -1.11
CA ARG G 82 -34.12 -28.25 -1.05
C ARG G 82 -34.74 -28.31 -2.44
N PHE G 83 -34.27 -27.47 -3.35
CA PHE G 83 -34.80 -27.47 -4.71
C PHE G 83 -34.40 -28.72 -5.49
N LEU G 84 -33.28 -29.35 -5.13
CA LEU G 84 -32.83 -30.52 -5.85
C LEU G 84 -33.78 -31.70 -5.64
N GLY G 85 -33.88 -32.54 -6.66
CA GLY G 85 -34.75 -33.70 -6.60
C GLY G 85 -34.05 -34.94 -6.13
N CYS G 86 -32.72 -34.93 -6.18
CA CYS G 86 -31.93 -36.09 -5.80
C CYS G 86 -31.58 -36.03 -4.31
N ASP G 87 -31.03 -37.13 -3.82
CA ASP G 87 -30.58 -37.18 -2.43
C ASP G 87 -29.28 -36.41 -2.27
N VAL G 88 -29.15 -35.70 -1.15
CA VAL G 88 -27.97 -34.91 -0.85
C VAL G 88 -27.36 -35.45 0.44
N ASN G 89 -26.10 -35.86 0.37
CA ASN G 89 -25.35 -36.31 1.53
C ASN G 89 -24.47 -35.18 2.02
N THR G 90 -24.57 -34.89 3.32
CA THR G 90 -23.77 -33.84 3.95
C THR G 90 -22.80 -34.47 4.93
N TYR G 91 -21.52 -34.15 4.77
CA TYR G 91 -20.47 -34.64 5.65
C TYR G 91 -19.80 -33.46 6.34
N CYS G 92 -19.66 -33.54 7.65
CA CYS G 92 -18.99 -32.51 8.43
C CYS G 92 -17.58 -32.99 8.77
N ILE G 93 -16.59 -32.41 8.11
CA ILE G 93 -15.18 -32.62 8.43
C ILE G 93 -14.68 -31.37 9.10
N GLY G 94 -14.26 -31.49 10.36
CA GLY G 94 -13.73 -30.33 11.06
C GLY G 94 -14.78 -29.53 11.80
N GLN G 95 -15.27 -28.45 11.20
CA GLN G 95 -16.19 -27.54 11.86
C GLN G 95 -17.39 -27.27 10.96
N ALA G 96 -18.57 -27.19 11.58
CA ALA G 96 -19.78 -26.73 10.91
C ALA G 96 -20.47 -25.78 11.90
N ALA G 97 -20.21 -24.48 11.73
CA ALA G 97 -20.72 -23.47 12.64
C ALA G 97 -21.80 -22.64 11.95
N SER G 98 -22.90 -22.41 12.65
CA SER G 98 -23.98 -21.54 12.20
C SER G 98 -24.51 -21.94 10.83
N MET G 99 -24.05 -21.26 9.77
CA MET G 99 -24.54 -21.59 8.43
C MET G 99 -24.01 -22.94 7.96
N GLY G 100 -22.77 -23.28 8.34
CA GLY G 100 -22.28 -24.62 8.07
C GLY G 100 -23.15 -25.68 8.71
N ALA G 101 -23.62 -25.42 9.93
CA ALA G 101 -24.51 -26.36 10.59
C ALA G 101 -25.89 -26.40 9.93
N LEU G 102 -26.34 -25.28 9.36
CA LEU G 102 -27.61 -25.30 8.64
C LEU G 102 -27.52 -26.18 7.40
N LEU G 103 -26.49 -25.97 6.58
CA LEU G 103 -26.32 -26.77 5.38
C LEU G 103 -26.05 -28.23 5.71
N LEU G 104 -25.33 -28.48 6.81
CA LEU G 104 -25.10 -29.86 7.24
C LEU G 104 -26.41 -30.55 7.58
N SER G 105 -27.27 -29.89 8.36
CA SER G 105 -28.56 -30.45 8.72
C SER G 105 -29.55 -30.44 7.56
N ALA G 106 -29.21 -29.76 6.46
CA ALA G 106 -30.10 -29.69 5.30
C ALA G 106 -30.02 -30.91 4.40
N GLY G 107 -29.09 -31.82 4.65
CA GLY G 107 -29.00 -33.02 3.85
C GLY G 107 -30.18 -33.94 4.07
N THR G 108 -30.35 -34.88 3.15
CA THR G 108 -31.44 -35.84 3.26
C THR G 108 -31.33 -36.60 4.57
N LYS G 109 -32.45 -36.69 5.29
CA LYS G 109 -32.45 -37.34 6.59
C LYS G 109 -32.01 -38.79 6.46
N GLY G 110 -31.05 -39.17 7.29
CA GLY G 110 -30.40 -40.47 7.19
C GLY G 110 -29.08 -40.44 6.47
N LYS G 111 -28.79 -39.37 5.75
CA LYS G 111 -27.57 -39.24 4.96
C LYS G 111 -26.76 -38.01 5.36
N ARG G 112 -26.84 -37.62 6.62
CA ARG G 112 -26.05 -36.53 7.19
C ARG G 112 -25.02 -37.12 8.14
N TYR G 113 -23.75 -36.97 7.80
CA TYR G 113 -22.67 -37.65 8.50
C TYR G 113 -21.69 -36.64 9.08
N ALA G 114 -20.91 -37.12 10.06
CA ALA G 114 -19.80 -36.36 10.61
C ALA G 114 -18.68 -37.32 10.98
N LEU G 115 -17.46 -36.78 11.01
CA LEU G 115 -16.29 -37.56 11.38
C LEU G 115 -16.14 -37.56 12.90
N PRO G 116 -15.40 -38.52 13.46
CA PRO G 116 -15.46 -38.72 14.92
C PRO G 116 -15.13 -37.49 15.75
N HIS G 117 -14.21 -36.64 15.28
CA HIS G 117 -13.78 -35.48 16.06
C HIS G 117 -14.36 -34.17 15.54
N SER G 118 -15.36 -34.22 14.67
CA SER G 118 -15.96 -33.01 14.14
C SER G 118 -16.65 -32.21 15.24
N ARG G 119 -16.71 -30.90 15.05
CA ARG G 119 -17.35 -29.98 16.00
C ARG G 119 -18.40 -29.17 15.27
N MET G 120 -19.57 -29.05 15.88
CA MET G 120 -20.70 -28.36 15.27
C MET G 120 -21.32 -27.38 16.27
N MET G 121 -21.72 -26.21 15.77
CA MET G 121 -22.34 -25.18 16.57
C MET G 121 -23.41 -24.49 15.73
N ILE G 122 -24.56 -24.21 16.34
CA ILE G 122 -25.60 -23.47 15.65
C ILE G 122 -25.51 -21.97 15.89
N HIS G 123 -24.90 -21.55 17.00
CA HIS G 123 -24.71 -20.14 17.28
C HIS G 123 -23.84 -19.50 16.19
N GLN G 124 -24.25 -18.31 15.75
CA GLN G 124 -23.44 -17.52 14.83
C GLN G 124 -22.45 -16.72 15.68
N PRO G 125 -21.16 -17.00 15.60
CA PRO G 125 -20.22 -16.39 16.55
C PRO G 125 -20.04 -14.89 16.33
N SER G 126 -19.85 -14.19 17.46
CA SER G 126 -19.49 -12.77 17.53
C SER G 126 -20.53 -11.79 17.02
N GLY G 127 -20.69 -11.68 15.70
CA GLY G 127 -21.68 -10.77 15.16
C GLY G 127 -22.72 -11.38 14.25
N GLY G 128 -23.99 -11.19 14.60
CA GLY G 128 -25.09 -11.74 13.83
C GLY G 128 -25.65 -10.77 12.80
N ILE G 129 -25.88 -9.52 13.21
CA ILE G 129 -26.06 -8.46 12.22
C ILE G 129 -24.92 -8.42 11.22
N ILE G 130 -25.28 -8.26 9.95
CA ILE G 130 -24.38 -8.36 8.80
C ILE G 130 -23.82 -9.77 8.71
N GLY G 131 -23.74 -10.47 9.84
CA GLY G 131 -23.66 -11.92 9.81
C GLY G 131 -24.92 -12.58 9.28
N THR G 132 -25.98 -11.79 9.09
CA THR G 132 -27.14 -12.20 8.30
C THR G 132 -26.91 -11.91 6.81
N SER G 133 -26.60 -10.66 6.48
CA SER G 133 -26.40 -10.22 5.10
C SER G 133 -24.98 -9.70 4.94
N ALA G 134 -24.23 -10.28 4.00
CA ALA G 134 -22.82 -9.95 3.87
C ALA G 134 -22.61 -8.53 3.33
N ASP G 135 -23.47 -8.06 2.45
CA ASP G 135 -23.31 -6.74 1.84
C ASP G 135 -24.03 -5.65 2.60
N ILE G 136 -24.26 -5.84 3.91
CA ILE G 136 -24.72 -4.83 4.86
C ILE G 136 -26.16 -4.40 4.56
N GLN G 137 -27.05 -4.67 5.50
CA GLN G 137 -28.47 -4.30 5.46
C GLN G 137 -29.05 -4.43 6.87
N LEU G 138 -29.75 -3.40 7.36
CA LEU G 138 -29.95 -3.26 8.80
C LEU G 138 -31.37 -3.03 9.28
N GLN G 139 -32.37 -3.01 8.42
CA GLN G 139 -33.71 -2.70 8.91
C GLN G 139 -34.16 -3.75 9.91
N ALA G 140 -35.01 -3.34 10.85
CA ALA G 140 -35.41 -4.21 11.94
C ALA G 140 -36.16 -5.42 11.42
N ALA G 141 -37.38 -5.22 10.93
CA ALA G 141 -38.17 -6.32 10.39
C ALA G 141 -37.44 -7.11 9.30
N GLU G 142 -36.26 -6.65 8.88
CA GLU G 142 -35.47 -7.35 7.87
C GLU G 142 -34.52 -8.36 8.48
N ILE G 143 -33.87 -7.99 9.60
CA ILE G 143 -33.05 -8.94 10.34
C ILE G 143 -33.90 -9.98 11.05
N LEU G 144 -35.04 -9.55 11.62
CA LEU G 144 -35.92 -10.48 12.31
C LEU G 144 -36.45 -11.55 11.37
N THR G 145 -36.85 -11.16 10.16
CA THR G 145 -37.36 -12.13 9.20
C THR G 145 -36.30 -13.16 8.82
N LEU G 146 -35.07 -12.71 8.60
CA LEU G 146 -34.01 -13.65 8.21
C LEU G 146 -33.65 -14.58 9.35
N LYS G 147 -33.63 -14.08 10.58
CA LYS G 147 -33.37 -14.95 11.74
C LYS G 147 -34.55 -15.86 12.01
N LYS G 148 -35.77 -15.38 11.81
CA LYS G 148 -36.94 -16.24 11.95
C LYS G 148 -36.92 -17.36 10.92
N HIS G 149 -36.52 -17.05 9.68
CA HIS G 149 -36.36 -18.07 8.66
C HIS G 149 -35.34 -19.12 9.09
N LEU G 150 -34.19 -18.66 9.58
CA LEU G 150 -33.14 -19.59 10.00
C LEU G 150 -33.60 -20.45 11.17
N SER G 151 -34.28 -19.85 12.15
CA SER G 151 -34.79 -20.62 13.28
C SER G 151 -35.82 -21.65 12.84
N ASN G 152 -36.71 -21.26 11.92
CA ASN G 152 -37.74 -22.18 11.45
C ASN G 152 -37.13 -23.33 10.68
N ILE G 153 -36.10 -23.05 9.87
CA ILE G 153 -35.47 -24.11 9.08
C ILE G 153 -34.69 -25.05 9.99
N LEU G 154 -33.97 -24.50 10.97
CA LEU G 154 -33.22 -25.34 11.89
C LEU G 154 -34.14 -26.25 12.71
N ALA G 155 -35.27 -25.70 13.16
CA ALA G 155 -36.23 -26.51 13.90
C ALA G 155 -36.78 -27.65 13.04
N GLU G 156 -37.09 -27.35 11.78
CA GLU G 156 -37.60 -28.39 10.88
C GLU G 156 -36.53 -29.43 10.58
N CYS G 157 -35.29 -29.00 10.35
CA CYS G 157 -34.22 -29.93 9.99
C CYS G 157 -33.84 -30.81 11.18
N THR G 158 -33.70 -30.22 12.36
CA THR G 158 -33.21 -30.96 13.53
C THR G 158 -34.34 -31.73 14.21
N GLY G 159 -35.55 -31.17 14.22
CA GLY G 159 -36.65 -31.75 14.96
C GLY G 159 -36.93 -31.10 16.29
N GLN G 160 -36.12 -30.13 16.70
CA GLN G 160 -36.38 -29.39 17.92
C GLN G 160 -37.45 -28.33 17.69
N SER G 161 -37.93 -27.76 18.79
CA SER G 161 -38.88 -26.66 18.67
C SER G 161 -38.15 -25.38 18.26
N VAL G 162 -38.91 -24.45 17.68
CA VAL G 162 -38.33 -23.16 17.32
C VAL G 162 -37.87 -22.42 18.56
N GLU G 163 -38.58 -22.58 19.69
CA GLU G 163 -38.18 -21.92 20.93
C GLU G 163 -36.82 -22.41 21.39
N LYS G 164 -36.59 -23.73 21.35
CA LYS G 164 -35.30 -24.26 21.77
C LYS G 164 -34.19 -23.84 20.82
N ILE G 165 -34.47 -23.81 19.52
CA ILE G 165 -33.47 -23.40 18.53
C ILE G 165 -33.07 -21.94 18.78
N ILE G 166 -34.06 -21.07 19.02
CA ILE G 166 -33.75 -19.68 19.31
C ILE G 166 -32.93 -19.55 20.57
N GLU G 167 -33.31 -20.29 21.62
CA GLU G 167 -32.56 -20.23 22.88
C GLU G 167 -31.14 -20.77 22.71
N ASP G 168 -30.98 -21.87 21.97
CA ASP G 168 -29.67 -22.47 21.80
C ASP G 168 -28.80 -21.73 20.82
N SER G 169 -29.39 -20.90 19.95
CA SER G 169 -28.59 -20.09 19.03
C SER G 169 -27.85 -18.97 19.74
N GLU G 170 -28.25 -18.65 20.97
CA GLU G 170 -27.61 -17.60 21.75
C GLU G 170 -26.46 -18.12 22.62
N ARG G 171 -26.25 -19.43 22.67
CA ARG G 171 -25.21 -20.03 23.50
C ARG G 171 -24.01 -20.35 22.62
N ASP G 172 -22.84 -19.81 23.01
CA ASP G 172 -21.61 -19.98 22.24
C ASP G 172 -20.86 -21.22 22.74
N PHE G 173 -21.28 -22.37 22.22
CA PHE G 173 -20.62 -23.63 22.55
C PHE G 173 -20.68 -24.56 21.36
N PHE G 174 -19.68 -25.41 21.23
CA PHE G 174 -19.63 -26.43 20.19
C PHE G 174 -20.19 -27.75 20.70
N MET G 175 -20.62 -28.58 19.76
CA MET G 175 -21.15 -29.90 20.09
C MET G 175 -20.37 -30.96 19.31
N GLY G 176 -20.19 -32.12 19.94
CA GLY G 176 -19.48 -33.21 19.32
C GLY G 176 -20.36 -33.99 18.37
N ALA G 177 -19.75 -35.00 17.74
CA ALA G 177 -20.48 -35.80 16.76
C ALA G 177 -21.62 -36.57 17.41
N GLU G 178 -21.37 -37.15 18.59
CA GLU G 178 -22.42 -37.89 19.29
C GLU G 178 -23.53 -36.97 19.78
N GLU G 179 -23.16 -35.80 20.31
CA GLU G 179 -24.15 -34.84 20.77
C GLU G 179 -24.99 -34.31 19.61
N ALA G 180 -24.36 -34.11 18.44
CA ALA G 180 -25.09 -33.57 17.30
C ALA G 180 -26.13 -34.55 16.79
N ILE G 181 -25.88 -35.86 16.93
CA ILE G 181 -26.89 -36.85 16.58
C ILE G 181 -28.10 -36.72 17.50
N ALA G 182 -27.84 -36.63 18.81
CA ALA G 182 -28.93 -36.43 19.77
C ALA G 182 -29.66 -35.12 19.50
N TYR G 183 -28.93 -34.08 19.07
CA TYR G 183 -29.54 -32.79 18.81
C TYR G 183 -30.42 -32.83 17.57
N GLY G 184 -30.08 -33.68 16.60
CA GLY G 184 -30.79 -33.75 15.34
C GLY G 184 -30.04 -33.17 14.17
N LEU G 185 -28.87 -32.59 14.41
CA LEU G 185 -28.11 -31.97 13.33
C LEU G 185 -27.65 -33.00 12.30
N ILE G 186 -27.20 -34.16 12.75
CA ILE G 186 -26.70 -35.21 11.88
C ILE G 186 -27.38 -36.53 12.24
N ASP G 187 -26.97 -37.58 11.52
CA ASP G 187 -27.57 -38.90 11.69
C ASP G 187 -26.57 -39.93 12.16
N LYS G 188 -25.40 -40.02 11.53
CA LYS G 188 -24.42 -41.06 11.86
C LYS G 188 -23.03 -40.46 11.93
N VAL G 189 -22.24 -40.96 12.86
CA VAL G 189 -20.79 -40.75 12.88
C VAL G 189 -20.15 -41.86 12.04
N ILE G 190 -19.07 -41.57 11.30
CA ILE G 190 -18.39 -42.57 10.47
C ILE G 190 -16.89 -42.55 10.74
N SER G 191 -16.13 -43.56 10.23
CA SER G 191 -14.67 -43.54 10.40
C SER G 191 -13.91 -44.17 9.24
N SER G 192 -14.62 -44.71 8.26
CA SER G 192 -14.25 -44.99 6.86
C SER G 192 -15.54 -45.13 6.07
N ALA G 193 -15.43 -45.84 4.95
CA ALA G 193 -16.41 -46.10 3.91
C ALA G 193 -17.84 -46.13 4.46
N LYS G 194 -18.13 -46.98 5.45
CA LYS G 194 -19.51 -47.05 5.95
C LYS G 194 -19.63 -47.34 7.44
N GLU G 195 -18.54 -47.45 8.17
CA GLU G 195 -18.60 -47.90 9.57
C GLU G 195 -19.06 -46.75 10.47
N THR G 196 -20.22 -46.92 11.09
CA THR G 196 -20.72 -46.00 12.08
C THR G 196 -19.96 -46.19 13.40
N LYS G 197 -19.98 -45.17 14.25
CA LYS G 197 -19.09 -45.09 15.41
C LYS G 197 -19.89 -44.95 16.70
N ASP G 198 -19.50 -45.73 17.71
CA ASP G 198 -19.96 -45.65 19.09
C ASP G 198 -21.41 -46.11 19.24
N LYS G 199 -22.07 -46.34 18.11
CA LYS G 199 -23.31 -47.07 18.05
C LYS G 199 -23.22 -48.00 16.85
N SER G 200 -24.21 -48.87 16.71
CA SER G 200 -24.20 -49.88 15.64
C SER G 200 -22.92 -50.71 15.82
N ILE G 201 -22.21 -51.04 14.74
CA ILE G 201 -20.94 -51.75 14.86
C ILE G 201 -19.84 -50.77 15.25
N ALA G 202 -18.80 -51.30 15.90
CA ALA G 202 -17.61 -50.54 16.28
C ALA G 202 -17.92 -49.42 17.27
N SER G 203 -16.87 -48.72 17.70
CA SER G 203 -17.01 -47.64 18.69
C SER G 203 -15.91 -46.60 18.54
N MET H 1 -10.42 -4.58 -16.84
CA MET H 1 -9.76 -3.38 -17.37
C MET H 1 -9.09 -3.65 -18.71
N THR H 2 -9.89 -3.59 -19.78
CA THR H 2 -9.43 -3.89 -21.13
C THR H 2 -8.66 -5.21 -21.21
N LEU H 3 -9.51 -6.18 -21.16
CA LEU H 3 -9.63 -7.39 -21.92
C LEU H 3 -8.82 -7.56 -23.22
N VAL H 4 -7.90 -8.53 -23.23
CA VAL H 4 -7.16 -8.89 -24.44
C VAL H 4 -7.92 -9.94 -25.24
N PRO H 5 -8.73 -9.56 -26.23
CA PRO H 5 -9.55 -10.55 -26.93
C PRO H 5 -8.69 -11.58 -27.65
N TYR H 6 -9.28 -12.75 -27.87
CA TYR H 6 -8.62 -13.87 -28.51
C TYR H 6 -9.22 -14.05 -29.89
N VAL H 7 -8.69 -15.01 -30.65
CA VAL H 7 -9.10 -15.22 -32.03
C VAL H 7 -9.09 -16.72 -32.30
N VAL H 8 -10.02 -17.19 -33.13
CA VAL H 8 -10.06 -18.59 -33.57
C VAL H 8 -10.55 -18.60 -35.03
N GLU H 9 -9.76 -19.20 -35.96
CA GLU H 9 -10.20 -19.23 -37.37
C GLU H 9 -10.65 -20.62 -37.80
N ASP H 10 -10.83 -20.77 -39.11
CA ASP H 10 -11.42 -21.96 -39.71
C ASP H 10 -10.52 -22.67 -40.72
N THR H 11 -9.26 -22.93 -40.35
CA THR H 11 -8.37 -23.66 -41.25
C THR H 11 -8.68 -25.16 -41.32
N GLY H 12 -9.84 -25.59 -40.81
CA GLY H 12 -10.30 -26.96 -40.98
C GLY H 12 -9.69 -27.95 -40.01
N ARG H 13 -8.44 -28.34 -40.24
CA ARG H 13 -7.75 -29.23 -39.34
C ARG H 13 -7.02 -28.52 -38.22
N GLY H 14 -6.46 -27.25 -38.55
CA GLY H 14 -5.80 -26.48 -37.55
C GLY H 14 -6.74 -25.48 -36.91
N GLU H 15 -6.71 -25.44 -35.58
CA GLU H 15 -7.56 -24.58 -34.76
C GLU H 15 -6.75 -24.24 -33.53
N ARG H 16 -6.64 -22.95 -33.24
CA ARG H 16 -5.34 -22.44 -32.85
C ARG H 16 -5.80 -21.29 -31.94
N ALA H 17 -5.37 -21.21 -30.70
CA ALA H 17 -5.91 -20.15 -29.85
C ALA H 17 -4.87 -19.09 -29.53
N MET H 18 -5.01 -17.91 -30.14
CA MET H 18 -4.15 -16.76 -29.89
C MET H 18 -4.95 -15.49 -29.61
N ASP H 19 -4.30 -14.53 -28.94
CA ASP H 19 -4.92 -13.24 -28.70
C ASP H 19 -4.92 -12.41 -29.98
N ILE H 20 -5.56 -11.23 -29.91
CA ILE H 20 -5.76 -10.42 -31.09
C ILE H 20 -4.44 -9.90 -31.65
N TYR H 21 -3.47 -9.60 -30.78
CA TYR H 21 -2.21 -9.04 -31.24
C TYR H 21 -1.34 -10.09 -31.91
N SER H 22 -1.32 -11.31 -31.37
CA SER H 22 -0.62 -12.40 -32.03
C SER H 22 -1.27 -12.75 -33.36
N ARG H 23 -2.60 -12.63 -33.45
CA ARG H 23 -3.30 -12.87 -34.71
C ARG H 23 -2.86 -11.87 -35.76
N LEU H 24 -2.87 -10.58 -35.41
CA LEU H 24 -2.42 -9.56 -36.36
C LEU H 24 -0.97 -9.75 -36.73
N LEU H 25 -0.16 -10.32 -35.83
CA LEU H 25 1.23 -10.60 -36.15
C LEU H 25 1.36 -11.64 -37.25
N LYS H 26 0.36 -12.52 -37.38
CA LYS H 26 0.39 -13.53 -38.44
C LYS H 26 0.23 -12.92 -39.83
N ASP H 27 -0.35 -11.72 -39.92
CA ASP H 27 -0.38 -10.97 -41.18
C ASP H 27 0.77 -9.99 -41.28
N ARG H 28 1.81 -10.18 -40.46
CA ARG H 28 2.98 -9.30 -40.44
C ARG H 28 2.59 -7.88 -40.06
N ILE H 29 1.68 -7.77 -39.10
CA ILE H 29 1.22 -6.49 -38.58
C ILE H 29 1.75 -6.33 -37.16
N VAL H 30 2.47 -5.25 -36.91
CA VAL H 30 3.02 -4.96 -35.60
C VAL H 30 2.36 -3.69 -35.08
N MET H 31 1.87 -3.73 -33.85
CA MET H 31 1.14 -2.63 -33.25
C MET H 31 2.01 -1.93 -32.22
N ILE H 32 2.12 -0.61 -32.34
CA ILE H 32 2.82 0.22 -31.38
C ILE H 32 1.83 1.26 -30.88
N GLY H 33 1.20 0.99 -29.75
CA GLY H 33 0.09 1.81 -29.29
C GLY H 33 0.30 2.41 -27.92
N GLN H 34 1.55 2.56 -27.51
CA GLN H 34 1.87 3.10 -26.20
C GLN H 34 3.23 3.77 -26.26
N GLU H 35 3.68 4.26 -25.10
CA GLU H 35 4.98 4.93 -25.03
C GLU H 35 6.10 3.99 -25.44
N ILE H 36 7.08 4.55 -26.15
CA ILE H 36 8.23 3.77 -26.62
C ILE H 36 9.21 3.60 -25.46
N THR H 37 9.04 2.54 -24.68
CA THR H 37 9.89 2.26 -23.54
C THR H 37 10.85 1.11 -23.87
N GLU H 38 11.78 0.87 -22.95
CA GLU H 38 12.73 -0.23 -23.14
C GLU H 38 12.03 -1.59 -23.16
N PRO H 39 11.13 -1.93 -22.23
CA PRO H 39 10.43 -3.22 -22.37
C PRO H 39 9.59 -3.32 -23.63
N LEU H 40 8.98 -2.22 -24.08
CA LEU H 40 8.24 -2.26 -25.34
C LEU H 40 9.18 -2.48 -26.51
N ALA H 41 10.34 -1.81 -26.50
CA ALA H 41 11.31 -1.99 -27.56
C ALA H 41 11.72 -3.46 -27.68
N ASN H 42 11.94 -4.12 -26.55
CA ASN H 42 12.30 -5.53 -26.58
C ASN H 42 11.21 -6.37 -27.24
N THR H 43 9.94 -6.11 -26.90
CA THR H 43 8.84 -6.84 -27.52
C THR H 43 8.77 -6.54 -29.01
N VAL H 44 8.90 -5.27 -29.40
CA VAL H 44 8.80 -4.90 -30.80
C VAL H 44 9.95 -5.49 -31.61
N ILE H 45 11.17 -5.43 -31.08
CA ILE H 45 12.31 -6.01 -31.78
C ILE H 45 12.16 -7.52 -31.88
N ALA H 46 11.68 -8.15 -30.80
CA ALA H 46 11.41 -9.59 -30.85
C ALA H 46 10.39 -9.91 -31.94
N GLN H 47 9.33 -9.12 -32.04
CA GLN H 47 8.36 -9.30 -33.12
C GLN H 47 9.02 -9.10 -34.48
N LEU H 48 9.85 -8.07 -34.60
CA LEU H 48 10.51 -7.80 -35.88
C LEU H 48 11.49 -8.90 -36.24
N LEU H 49 12.23 -9.41 -35.26
CA LEU H 49 13.20 -10.48 -35.55
C LEU H 49 12.49 -11.77 -35.90
N PHE H 50 11.34 -12.04 -35.27
CA PHE H 50 10.55 -13.22 -35.62
C PHE H 50 10.00 -13.11 -37.04
N LEU H 51 9.49 -11.94 -37.40
CA LEU H 51 8.89 -11.78 -38.73
C LEU H 51 9.93 -11.93 -39.83
N MET H 52 11.19 -11.58 -39.55
CA MET H 52 12.23 -11.81 -40.53
C MET H 52 12.66 -13.27 -40.60
N SER H 53 12.60 -13.98 -39.47
CA SER H 53 12.92 -15.41 -39.41
C SER H 53 11.86 -16.28 -40.10
N GLU H 54 10.73 -15.70 -40.48
CA GLU H 54 9.63 -16.43 -41.10
C GLU H 54 9.53 -16.14 -42.60
N ASP H 55 9.49 -14.90 -42.97
CA ASP H 55 9.56 -14.48 -44.40
C ASP H 55 10.40 -13.22 -44.42
N PRO H 56 11.68 -13.31 -44.76
CA PRO H 56 12.54 -12.12 -44.79
C PRO H 56 12.35 -11.24 -46.00
N THR H 57 11.35 -11.50 -46.83
CA THR H 57 11.08 -10.72 -48.02
C THR H 57 9.68 -10.12 -48.07
N LYS H 58 8.72 -10.69 -47.33
CA LYS H 58 7.36 -10.18 -47.34
C LYS H 58 7.27 -8.86 -46.59
N ASP H 59 6.38 -8.00 -47.06
CA ASP H 59 6.20 -6.68 -46.46
C ASP H 59 5.69 -6.80 -45.03
N ILE H 60 6.04 -5.82 -44.21
CA ILE H 60 5.60 -5.74 -42.82
C ILE H 60 4.87 -4.42 -42.62
N GLN H 61 3.73 -4.48 -41.95
CA GLN H 61 2.92 -3.30 -41.62
C GLN H 61 3.09 -2.97 -40.14
N ILE H 62 3.44 -1.73 -39.85
CA ILE H 62 3.55 -1.25 -38.48
C ILE H 62 2.54 -0.12 -38.29
N PHE H 63 1.66 -0.28 -37.31
CA PHE H 63 0.67 0.72 -36.96
C PHE H 63 1.10 1.41 -35.67
N ILE H 64 1.15 2.74 -35.70
CA ILE H 64 1.79 3.54 -34.66
C ILE H 64 0.76 4.49 -34.06
N ASN H 65 0.52 4.37 -32.77
CA ASN H 65 -0.25 5.36 -32.01
C ASN H 65 0.50 5.53 -30.70
N SER H 66 1.48 6.43 -30.70
CA SER H 66 2.42 6.52 -29.59
C SER H 66 2.55 7.97 -29.14
N PRO H 67 2.40 8.25 -27.85
CA PRO H 67 2.56 9.63 -27.35
C PRO H 67 4.01 10.05 -27.19
N GLY H 68 4.95 9.16 -27.45
CA GLY H 68 6.36 9.47 -27.32
C GLY H 68 7.18 8.30 -26.82
N GLY H 69 8.25 8.58 -26.11
CA GLY H 69 9.11 7.51 -25.61
C GLY H 69 10.51 8.03 -25.33
N TYR H 70 11.46 7.11 -25.39
CA TYR H 70 12.85 7.39 -25.08
C TYR H 70 13.72 7.16 -26.31
N ILE H 71 14.77 7.96 -26.43
CA ILE H 71 15.61 7.90 -27.63
C ILE H 71 16.31 6.55 -27.73
N THR H 72 16.79 6.02 -26.60
CA THR H 72 17.51 4.75 -26.64
C THR H 72 16.64 3.62 -27.14
N ALA H 73 15.37 3.58 -26.71
CA ALA H 73 14.48 2.52 -27.19
C ALA H 73 14.11 2.74 -28.65
N GLY H 74 13.85 3.99 -29.04
CA GLY H 74 13.54 4.27 -30.43
C GLY H 74 14.68 3.96 -31.37
N LEU H 75 15.91 4.31 -30.97
CA LEU H 75 17.07 4.01 -31.80
C LEU H 75 17.25 2.51 -31.98
N ALA H 76 16.94 1.74 -30.92
CA ALA H 76 17.03 0.29 -31.02
C ALA H 76 16.02 -0.24 -32.04
N ILE H 77 14.78 0.26 -31.99
CA ILE H 77 13.77 -0.20 -32.93
C ILE H 77 14.10 0.25 -34.35
N TYR H 78 14.53 1.51 -34.51
CA TYR H 78 14.86 2.01 -35.84
C TYR H 78 15.98 1.17 -36.46
N ASP H 79 17.03 0.91 -35.70
CA ASP H 79 18.12 0.09 -36.21
C ASP H 79 17.63 -1.31 -36.58
N THR H 80 16.68 -1.85 -35.81
CA THR H 80 16.09 -3.14 -36.15
C THR H 80 15.26 -3.05 -37.42
N ILE H 81 14.55 -1.93 -37.62
CA ILE H 81 13.78 -1.74 -38.83
C ILE H 81 14.71 -1.65 -40.05
N ARG H 82 15.80 -0.90 -39.92
CA ARG H 82 16.79 -0.85 -40.98
C ARG H 82 17.50 -2.18 -41.14
N PHE H 83 17.56 -2.98 -40.07
CA PHE H 83 18.20 -4.29 -40.13
C PHE H 83 17.39 -5.26 -40.99
N LEU H 84 16.08 -5.04 -41.11
CA LEU H 84 15.23 -5.90 -41.91
C LEU H 84 15.54 -5.74 -43.40
N GLY H 85 15.33 -6.81 -44.14
CA GLY H 85 15.57 -6.79 -45.58
C GLY H 85 14.33 -6.50 -46.40
N CYS H 86 13.16 -6.65 -45.78
CA CYS H 86 11.90 -6.47 -46.47
C CYS H 86 11.39 -5.03 -46.34
N ASP H 87 10.34 -4.72 -47.09
CA ASP H 87 9.72 -3.41 -47.03
C ASP H 87 8.86 -3.28 -45.78
N VAL H 88 8.89 -2.09 -45.17
CA VAL H 88 8.13 -1.80 -43.96
C VAL H 88 7.14 -0.68 -44.26
N ASN H 89 5.87 -0.94 -44.01
CA ASN H 89 4.82 0.07 -44.13
C ASN H 89 4.48 0.60 -42.74
N THR H 90 4.50 1.93 -42.59
CA THR H 90 4.19 2.58 -41.33
C THR H 90 2.91 3.38 -41.50
N TYR H 91 1.95 3.15 -40.60
CA TYR H 91 0.67 3.85 -40.59
C TYR H 91 0.56 4.63 -39.29
N CYS H 92 0.19 5.90 -39.38
CA CYS H 92 -0.04 6.74 -38.20
C CYS H 92 -1.54 6.87 -37.96
N ILE H 93 -2.05 6.19 -36.94
CA ILE H 93 -3.43 6.36 -36.48
C ILE H 93 -3.39 7.15 -35.18
N GLY H 94 -4.01 8.34 -35.19
CA GLY H 94 -4.09 9.13 -33.97
C GLY H 94 -2.92 10.07 -33.79
N GLN H 95 -1.95 9.66 -32.98
CA GLN H 95 -0.82 10.50 -32.62
C GLN H 95 0.48 9.74 -32.81
N ALA H 96 1.49 10.42 -33.36
CA ALA H 96 2.85 9.90 -33.45
C ALA H 96 3.77 11.04 -33.03
N ALA H 97 4.17 11.04 -31.77
CA ALA H 97 4.97 12.12 -31.21
C ALA H 97 6.38 11.64 -30.92
N SER H 98 7.36 12.47 -31.31
CA SER H 98 8.77 12.23 -31.02
C SER H 98 9.24 10.87 -31.55
N MET H 99 9.29 9.87 -30.68
CA MET H 99 9.75 8.55 -31.09
C MET H 99 8.77 7.89 -32.04
N GLY H 100 7.47 8.07 -31.81
CA GLY H 100 6.49 7.58 -32.76
C GLY H 100 6.67 8.16 -34.14
N ALA H 101 7.01 9.45 -34.21
CA ALA H 101 7.27 10.08 -35.50
C ALA H 101 8.56 9.57 -36.13
N LEU H 102 9.55 9.21 -35.30
CA LEU H 102 10.78 8.64 -35.83
C LEU H 102 10.52 7.31 -36.52
N LEU H 103 9.83 6.40 -35.83
CA LEU H 103 9.52 5.10 -36.41
C LEU H 103 8.56 5.24 -37.59
N LEU H 104 7.64 6.21 -37.53
CA LEU H 104 6.73 6.45 -38.64
C LEU H 104 7.51 6.87 -39.89
N SER H 105 8.44 7.81 -39.75
CA SER H 105 9.23 8.25 -40.89
C SER H 105 10.30 7.23 -41.29
N ALA H 106 10.51 6.19 -40.48
CA ALA H 106 11.51 5.17 -40.77
C ALA H 106 11.01 4.11 -41.74
N GLY H 107 9.74 4.15 -42.12
CA GLY H 107 9.23 3.19 -43.08
C GLY H 107 9.81 3.40 -44.46
N THR H 108 9.65 2.38 -45.31
CA THR H 108 10.14 2.48 -46.68
C THR H 108 9.49 3.67 -47.38
N LYS H 109 10.32 4.47 -48.05
CA LYS H 109 9.83 5.67 -48.72
C LYS H 109 8.77 5.31 -49.75
N GLY H 110 7.64 6.01 -49.66
CA GLY H 110 6.48 5.70 -50.48
C GLY H 110 5.44 4.85 -49.77
N LYS H 111 5.79 4.24 -48.64
CA LYS H 111 4.90 3.36 -47.91
C LYS H 111 4.69 3.84 -46.48
N ARG H 112 4.76 5.15 -46.27
CA ARG H 112 4.49 5.78 -44.97
C ARG H 112 3.17 6.53 -45.08
N TYR H 113 2.17 6.07 -44.32
CA TYR H 113 0.81 6.57 -44.44
C TYR H 113 0.33 7.16 -43.13
N ALA H 114 -0.73 7.96 -43.23
CA ALA H 114 -1.42 8.49 -42.06
C ALA H 114 -2.90 8.61 -42.37
N LEU H 115 -3.71 8.56 -41.32
CA LEU H 115 -5.15 8.70 -41.42
C LEU H 115 -5.54 10.17 -41.38
N PRO H 116 -6.74 10.52 -41.86
CA PRO H 116 -7.05 11.94 -42.09
C PRO H 116 -6.90 12.83 -40.86
N HIS H 117 -7.19 12.32 -39.68
CA HIS H 117 -7.15 13.13 -38.46
C HIS H 117 -5.92 12.85 -37.60
N SER H 118 -4.91 12.19 -38.17
CA SER H 118 -3.69 11.90 -37.43
C SER H 118 -2.93 13.19 -37.11
N ARG H 119 -2.21 13.15 -35.99
CA ARG H 119 -1.38 14.26 -35.54
C ARG H 119 0.04 13.76 -35.30
N MET H 120 1.02 14.51 -35.78
CA MET H 120 2.42 14.09 -35.70
C MET H 120 3.28 15.23 -35.16
N MET H 121 4.24 14.86 -34.31
CA MET H 121 5.16 15.82 -33.72
C MET H 121 6.54 15.20 -33.59
N ILE H 122 7.57 15.98 -33.90
CA ILE H 122 8.94 15.51 -33.74
C ILE H 122 9.55 15.93 -32.40
N HIS H 123 9.02 16.98 -31.77
CA HIS H 123 9.53 17.43 -30.48
C HIS H 123 9.41 16.31 -29.44
N GLN H 124 10.50 16.08 -28.70
CA GLN H 124 10.50 15.13 -27.59
C GLN H 124 10.14 15.85 -26.29
N PRO H 125 8.94 15.65 -25.74
CA PRO H 125 8.60 16.37 -24.51
C PRO H 125 9.38 15.80 -23.33
N SER H 126 9.63 16.67 -22.36
CA SER H 126 10.29 16.30 -21.09
C SER H 126 11.70 15.77 -21.38
N GLY H 127 12.15 14.80 -20.57
CA GLY H 127 13.45 14.19 -20.73
C GLY H 127 13.41 12.73 -21.15
N GLY H 128 12.55 12.41 -22.11
CA GLY H 128 12.45 11.04 -22.60
C GLY H 128 13.59 10.70 -23.54
N ILE H 129 14.78 10.47 -22.99
CA ILE H 129 15.98 10.27 -23.80
C ILE H 129 16.68 8.94 -23.56
N ILE H 130 16.36 8.21 -22.48
CA ILE H 130 17.02 6.92 -22.24
C ILE H 130 16.11 5.99 -21.47
N GLY H 131 16.09 4.73 -21.90
CA GLY H 131 15.69 3.63 -21.04
C GLY H 131 14.25 3.68 -20.54
N THR H 132 14.09 3.46 -19.24
CA THR H 132 12.80 3.26 -18.62
C THR H 132 12.81 3.98 -17.28
N SER H 133 11.88 3.63 -16.39
CA SER H 133 11.87 4.18 -15.04
C SER H 133 13.22 3.93 -14.36
N ALA H 134 13.70 4.94 -13.64
CA ALA H 134 15.11 5.04 -13.23
C ALA H 134 15.91 5.12 -14.53
N ASP H 135 17.04 4.43 -14.65
CA ASP H 135 17.76 4.34 -15.92
C ASP H 135 18.13 5.71 -16.47
N ILE H 136 18.38 6.68 -15.60
CA ILE H 136 18.56 8.07 -16.03
C ILE H 136 20.02 8.47 -15.86
N GLN H 137 20.93 7.51 -16.06
CA GLN H 137 22.36 7.78 -16.06
C GLN H 137 22.75 8.61 -17.28
N LEU H 138 23.39 9.75 -17.06
CA LEU H 138 23.93 10.57 -18.14
C LEU H 138 25.40 10.85 -17.93
N GLN H 139 26.03 11.22 -19.02
CA GLN H 139 27.04 12.27 -18.99
C GLN H 139 26.61 13.34 -19.99
N ALA H 140 27.48 14.30 -20.23
CA ALA H 140 27.15 15.38 -21.15
C ALA H 140 27.17 14.83 -22.57
N ALA H 141 28.37 14.42 -23.01
CA ALA H 141 28.63 13.91 -24.36
C ALA H 141 27.73 12.75 -24.78
N GLU H 142 26.90 12.24 -23.87
CA GLU H 142 26.01 11.14 -24.24
C GLU H 142 24.66 11.65 -24.71
N ILE H 143 24.15 12.71 -24.09
CA ILE H 143 22.93 13.33 -24.59
C ILE H 143 23.21 14.00 -25.94
N LEU H 144 24.39 14.60 -26.08
CA LEU H 144 24.77 15.19 -27.35
C LEU H 144 24.83 14.14 -28.45
N THR H 145 25.43 12.98 -28.15
CA THR H 145 25.51 11.90 -29.12
C THR H 145 24.13 11.36 -29.48
N LEU H 146 23.27 11.15 -28.48
CA LEU H 146 21.95 10.59 -28.74
C LEU H 146 21.08 11.56 -29.52
N LYS H 147 21.17 12.86 -29.21
CA LYS H 147 20.41 13.85 -29.97
C LYS H 147 20.97 14.02 -31.38
N LYS H 148 22.29 13.95 -31.51
CA LYS H 148 22.90 14.01 -32.85
C LYS H 148 22.45 12.82 -33.69
N HIS H 149 22.40 11.63 -33.10
CA HIS H 149 21.89 10.46 -33.81
C HIS H 149 20.44 10.67 -34.26
N LEU H 150 19.60 11.15 -33.35
CA LEU H 150 18.19 11.36 -33.69
C LEU H 150 18.03 12.43 -34.76
N SER H 151 18.77 13.54 -34.63
CA SER H 151 18.68 14.61 -35.62
C SER H 151 19.14 14.12 -36.98
N ASN H 152 20.23 13.35 -37.03
CA ASN H 152 20.74 12.85 -38.29
C ASN H 152 19.77 11.88 -38.95
N ILE H 153 19.14 11.01 -38.15
CA ILE H 153 18.20 10.05 -38.69
C ILE H 153 16.93 10.74 -39.19
N LEU H 154 16.42 11.70 -38.42
CA LEU H 154 15.22 12.42 -38.83
C LEU H 154 15.48 13.23 -40.10
N ALA H 155 16.65 13.86 -40.20
CA ALA H 155 17.00 14.60 -41.40
C ALA H 155 17.06 13.67 -42.62
N GLU H 156 17.66 12.49 -42.44
CA GLU H 156 17.75 11.55 -43.55
C GLU H 156 16.38 11.01 -43.93
N CYS H 157 15.55 10.68 -42.93
CA CYS H 157 14.23 10.09 -43.21
C CYS H 157 13.29 11.11 -43.85
N THR H 158 13.26 12.34 -43.33
CA THR H 158 12.32 13.32 -43.82
C THR H 158 12.82 14.03 -45.06
N GLY H 159 14.12 14.27 -45.15
CA GLY H 159 14.70 15.06 -46.22
C GLY H 159 15.02 16.48 -45.84
N GLN H 160 14.68 16.91 -44.63
CA GLN H 160 15.01 18.24 -44.15
C GLN H 160 16.47 18.29 -43.72
N SER H 161 16.96 19.51 -43.50
CA SER H 161 18.31 19.68 -43.00
C SER H 161 18.36 19.31 -41.52
N VAL H 162 19.56 18.98 -41.05
CA VAL H 162 19.73 18.68 -39.63
C VAL H 162 19.42 19.92 -38.80
N GLU H 163 19.76 21.10 -39.29
CA GLU H 163 19.47 22.33 -38.56
C GLU H 163 17.97 22.54 -38.40
N LYS H 164 17.22 22.30 -39.47
CA LYS H 164 15.77 22.45 -39.40
C LYS H 164 15.15 21.43 -38.45
N ILE H 165 15.66 20.20 -38.47
CA ILE H 165 15.14 19.16 -37.58
C ILE H 165 15.37 19.54 -36.13
N ILE H 166 16.57 20.02 -35.80
CA ILE H 166 16.85 20.43 -34.42
C ILE H 166 15.97 21.61 -34.02
N GLU H 167 15.80 22.58 -34.92
CA GLU H 167 14.99 23.75 -34.59
C GLU H 167 13.53 23.35 -34.35
N ASP H 168 13.00 22.45 -35.18
CA ASP H 168 11.61 22.03 -35.03
C ASP H 168 11.43 21.05 -33.88
N SER H 169 12.51 20.40 -33.42
CA SER H 169 12.41 19.54 -32.26
C SER H 169 12.26 20.33 -30.97
N GLU H 170 12.53 21.63 -31.01
CA GLU H 170 12.41 22.50 -29.85
C GLU H 170 11.02 23.13 -29.75
N ARG H 171 10.18 22.97 -30.75
CA ARG H 171 8.84 23.56 -30.78
C ARG H 171 7.79 22.52 -30.43
N ASP H 172 6.97 22.83 -29.41
CA ASP H 172 5.94 21.90 -28.94
C ASP H 172 4.67 22.16 -29.74
N PHE H 173 4.60 21.58 -30.94
CA PHE H 173 3.44 21.71 -31.80
C PHE H 173 3.23 20.44 -32.60
N PHE H 174 1.98 20.14 -32.90
CA PHE H 174 1.63 19.04 -33.78
C PHE H 174 1.39 19.55 -35.20
N MET H 175 1.55 18.66 -36.18
CA MET H 175 1.25 18.97 -37.56
C MET H 175 0.32 17.91 -38.12
N GLY H 176 -0.56 18.32 -39.02
CA GLY H 176 -1.53 17.42 -39.59
C GLY H 176 -0.95 16.55 -40.69
N ALA H 177 -1.82 15.69 -41.24
CA ALA H 177 -1.39 14.74 -42.26
C ALA H 177 -0.87 15.47 -43.51
N GLU H 178 -1.56 16.53 -43.92
CA GLU H 178 -1.12 17.27 -45.10
C GLU H 178 0.20 17.97 -44.85
N GLU H 179 0.38 18.55 -43.66
CA GLU H 179 1.64 19.20 -43.32
C GLU H 179 2.77 18.19 -43.23
N ALA H 180 2.48 17.00 -42.71
CA ALA H 180 3.52 15.99 -42.55
C ALA H 180 4.02 15.47 -43.89
N ILE H 181 3.16 15.45 -44.91
CA ILE H 181 3.60 15.07 -46.25
C ILE H 181 4.59 16.10 -46.79
N ALA H 182 4.24 17.39 -46.68
CA ALA H 182 5.16 18.44 -47.10
C ALA H 182 6.46 18.39 -46.33
N TYR H 183 6.39 18.06 -45.04
CA TYR H 183 7.59 18.03 -44.21
C TYR H 183 8.50 16.87 -44.57
N GLY H 184 7.94 15.77 -45.05
CA GLY H 184 8.70 14.58 -45.35
C GLY H 184 8.49 13.44 -44.37
N LEU H 185 7.71 13.66 -43.31
CA LEU H 185 7.50 12.62 -42.31
C LEU H 185 6.77 11.42 -42.89
N ILE H 186 5.77 11.66 -43.74
CA ILE H 186 4.97 10.61 -44.35
C ILE H 186 4.90 10.87 -45.86
N ASP H 187 4.16 10.02 -46.55
CA ASP H 187 4.05 10.08 -48.00
C ASP H 187 2.62 10.36 -48.47
N LYS H 188 1.64 9.63 -47.95
CA LYS H 188 0.27 9.75 -48.42
C LYS H 188 -0.69 9.74 -47.23
N VAL H 189 -1.75 10.53 -47.34
CA VAL H 189 -2.91 10.39 -46.48
C VAL H 189 -3.84 9.37 -47.10
N ILE H 190 -4.46 8.52 -46.29
CA ILE H 190 -5.36 7.51 -46.79
C ILE H 190 -6.66 7.56 -46.00
N SER H 191 -7.65 6.82 -46.50
CA SER H 191 -8.92 6.65 -45.81
C SER H 191 -9.58 5.32 -46.15
N SER H 192 -8.94 4.47 -46.95
CA SER H 192 -9.45 3.14 -47.25
C SER H 192 -8.27 2.28 -47.66
N ALA H 193 -8.51 0.96 -47.70
CA ALA H 193 -7.44 0.02 -48.03
C ALA H 193 -6.92 0.27 -49.44
N LYS H 194 -7.81 0.56 -50.39
CA LYS H 194 -7.44 0.71 -51.79
C LYS H 194 -6.66 1.97 -52.08
N GLU H 195 -6.60 2.92 -51.14
CA GLU H 195 -5.76 4.11 -51.34
C GLU H 195 -4.28 3.78 -51.33
N THR H 196 -3.90 2.63 -50.79
CA THR H 196 -2.55 2.11 -50.89
C THR H 196 -2.40 1.41 -52.24
N LYS H 197 -1.33 0.62 -52.39
CA LYS H 197 -1.17 -0.22 -53.58
C LYS H 197 -2.40 -1.12 -53.74
N ASP H 198 -3.18 -0.90 -54.80
CA ASP H 198 -4.47 -1.56 -54.95
C ASP H 198 -4.33 -2.82 -55.79
N LYS H 199 -4.88 -3.92 -55.29
CA LYS H 199 -4.85 -5.21 -55.97
C LYS H 199 -6.10 -5.45 -56.81
N SER H 200 -6.99 -4.47 -56.92
CA SER H 200 -8.14 -4.49 -57.82
C SER H 200 -9.07 -5.68 -57.52
N ILE H 201 -9.67 -5.61 -56.32
CA ILE H 201 -10.73 -6.55 -55.98
C ILE H 201 -11.94 -6.27 -56.86
N ALA H 202 -12.54 -7.33 -57.40
CA ALA H 202 -13.58 -7.21 -58.41
C ALA H 202 -14.86 -6.61 -57.81
N SER H 203 -15.85 -6.41 -58.68
CA SER H 203 -17.13 -5.84 -58.28
C SER H 203 -18.24 -6.31 -59.21
N MET I 1 11.02 -17.13 -9.63
CA MET I 1 11.24 -17.29 -8.19
C MET I 1 10.32 -18.38 -7.63
N THR I 2 9.22 -18.62 -8.32
CA THR I 2 8.11 -19.41 -7.81
C THR I 2 8.30 -20.91 -8.07
N LEU I 3 7.37 -21.70 -7.52
CA LEU I 3 7.30 -23.13 -7.78
C LEU I 3 6.99 -23.33 -9.26
N VAL I 4 8.00 -23.66 -10.05
CA VAL I 4 7.85 -23.82 -11.50
C VAL I 4 7.29 -25.16 -11.98
N PRO I 5 7.97 -26.29 -11.72
CA PRO I 5 8.08 -27.33 -12.75
C PRO I 5 6.76 -27.99 -13.14
N TYR I 6 6.71 -28.43 -14.41
CA TYR I 6 5.59 -29.14 -15.02
C TYR I 6 6.04 -30.52 -15.47
N VAL I 7 5.10 -31.36 -15.93
CA VAL I 7 5.39 -32.75 -16.27
C VAL I 7 4.47 -33.20 -17.41
N VAL I 8 4.97 -34.13 -18.23
CA VAL I 8 4.32 -34.66 -19.42
C VAL I 8 4.62 -36.15 -19.50
N GLU I 9 4.40 -36.80 -20.64
CA GLU I 9 4.52 -38.25 -20.50
C GLU I 9 5.85 -38.84 -20.88
N ASP I 10 5.79 -40.17 -21.02
CA ASP I 10 6.68 -40.98 -21.85
C ASP I 10 5.90 -42.03 -22.67
N THR I 11 4.75 -42.56 -22.19
CA THR I 11 4.15 -43.78 -22.76
C THR I 11 3.26 -43.53 -23.99
N GLY I 12 3.37 -42.33 -24.57
CA GLY I 12 2.71 -41.97 -25.81
C GLY I 12 3.50 -40.85 -26.47
N ARG I 13 2.81 -39.83 -27.03
CA ARG I 13 3.44 -38.74 -27.77
C ARG I 13 3.66 -37.46 -26.96
N GLY I 14 3.25 -37.40 -25.69
CA GLY I 14 3.55 -36.25 -24.85
C GLY I 14 2.71 -34.98 -24.89
N GLU I 15 1.44 -35.03 -24.46
CA GLU I 15 0.62 -33.80 -24.44
C GLU I 15 -0.43 -33.89 -23.33
N ARG I 16 -0.07 -33.39 -22.15
CA ARG I 16 -1.01 -32.80 -21.19
C ARG I 16 -0.21 -32.09 -20.11
N ALA I 17 -0.65 -30.87 -19.78
CA ALA I 17 -0.01 -30.03 -18.77
C ALA I 17 -0.31 -30.56 -17.36
N MET I 18 0.73 -31.09 -16.70
CA MET I 18 0.69 -31.44 -15.28
C MET I 18 1.83 -30.77 -14.55
N ASP I 19 1.53 -30.10 -13.44
CA ASP I 19 2.58 -29.51 -12.62
C ASP I 19 3.22 -30.60 -11.76
N ILE I 20 4.26 -30.23 -11.01
CA ILE I 20 5.02 -31.25 -10.29
C ILE I 20 4.21 -31.90 -9.17
N TYR I 21 3.35 -31.14 -8.50
CA TYR I 21 2.59 -31.71 -7.38
C TYR I 21 1.46 -32.61 -7.86
N SER I 22 0.75 -32.21 -8.92
CA SER I 22 -0.24 -33.12 -9.50
C SER I 22 0.42 -34.36 -10.09
N ARG I 23 1.65 -34.21 -10.59
CA ARG I 23 2.37 -35.38 -11.09
C ARG I 23 2.62 -36.38 -9.98
N LEU I 24 3.15 -35.92 -8.85
CA LEU I 24 3.37 -36.82 -7.72
C LEU I 24 2.05 -37.39 -7.22
N LEU I 25 0.95 -36.63 -7.38
CA LEU I 25 -0.35 -37.15 -6.99
C LEU I 25 -0.78 -38.33 -7.85
N LYS I 26 -0.27 -38.41 -9.08
CA LYS I 26 -0.55 -39.58 -9.92
C LYS I 26 0.08 -40.85 -9.36
N ASP I 27 1.13 -40.72 -8.55
CA ASP I 27 1.71 -41.84 -7.84
C ASP I 27 1.15 -41.97 -6.43
N ARG I 28 0.05 -41.28 -6.14
CA ARG I 28 -0.59 -41.30 -4.82
C ARG I 28 0.36 -40.75 -3.75
N ILE I 29 1.08 -39.69 -4.10
CA ILE I 29 2.00 -39.02 -3.18
C ILE I 29 1.40 -37.65 -2.88
N VAL I 30 1.20 -37.37 -1.59
CA VAL I 30 0.65 -36.10 -1.13
C VAL I 30 1.73 -35.38 -0.35
N MET I 31 1.95 -34.11 -0.68
CA MET I 31 3.01 -33.31 -0.08
C MET I 31 2.40 -32.31 0.89
N ILE I 32 2.93 -32.28 2.11
CA ILE I 32 2.54 -31.32 3.13
C ILE I 32 3.82 -30.61 3.56
N GLY I 33 4.06 -29.43 2.99
CA GLY I 33 5.33 -28.76 3.17
C GLY I 33 5.25 -27.36 3.75
N GLN I 34 4.17 -27.06 4.46
CA GLN I 34 3.98 -25.74 5.03
C GLN I 34 3.09 -25.86 6.26
N GLU I 35 2.76 -24.71 6.86
CA GLU I 35 1.93 -24.69 8.05
C GLU I 35 0.57 -25.33 7.78
N ILE I 36 0.07 -26.08 8.76
CA ILE I 36 -1.22 -26.75 8.64
C ILE I 36 -2.32 -25.75 8.90
N THR I 37 -2.79 -25.09 7.85
CA THR I 37 -3.85 -24.10 7.93
C THR I 37 -5.15 -24.68 7.40
N GLU I 38 -6.23 -23.90 7.55
CA GLU I 38 -7.52 -24.34 7.06
C GLU I 38 -7.56 -24.50 5.53
N PRO I 39 -7.08 -23.55 4.72
CA PRO I 39 -7.03 -23.80 3.28
C PRO I 39 -6.16 -24.99 2.90
N LEU I 40 -5.06 -25.23 3.61
CA LEU I 40 -4.25 -26.41 3.32
C LEU I 40 -5.00 -27.69 3.62
N ALA I 41 -5.70 -27.74 4.76
CA ALA I 41 -6.46 -28.92 5.11
C ALA I 41 -7.49 -29.26 4.04
N ASN I 42 -8.16 -28.24 3.50
CA ASN I 42 -9.13 -28.48 2.44
C ASN I 42 -8.46 -29.10 1.22
N THR I 43 -7.30 -28.59 0.83
CA THR I 43 -6.57 -29.15 -0.31
C THR I 43 -6.14 -30.59 -0.02
N VAL I 44 -5.59 -30.83 1.18
CA VAL I 44 -5.12 -32.16 1.52
C VAL I 44 -6.27 -33.15 1.59
N ILE I 45 -7.38 -32.75 2.22
CA ILE I 45 -8.55 -33.63 2.30
C ILE I 45 -9.11 -33.90 0.91
N ALA I 46 -9.17 -32.86 0.07
CA ALA I 46 -9.61 -33.05 -1.31
C ALA I 46 -8.71 -34.05 -2.03
N GLN I 47 -7.39 -33.93 -1.87
CA GLN I 47 -6.48 -34.90 -2.44
C GLN I 47 -6.72 -36.30 -1.88
N LEU I 48 -6.95 -36.40 -0.57
CA LEU I 48 -7.17 -37.69 0.06
C LEU I 48 -8.47 -38.31 -0.41
N LEU I 49 -9.53 -37.50 -0.55
CA LEU I 49 -10.81 -38.03 -1.00
C LEU I 49 -10.75 -38.44 -2.46
N PHE I 50 -10.00 -37.69 -3.28
CA PHE I 50 -9.82 -38.08 -4.67
C PHE I 50 -9.05 -39.39 -4.78
N LEU I 51 -7.98 -39.55 -4.01
CA LEU I 51 -7.18 -40.76 -4.08
C LEU I 51 -7.97 -41.98 -3.66
N MET I 52 -8.95 -41.80 -2.78
CA MET I 52 -9.82 -42.90 -2.39
C MET I 52 -10.84 -43.22 -3.48
N SER I 53 -11.24 -42.23 -4.27
CA SER I 53 -12.18 -42.48 -5.37
C SER I 53 -11.55 -43.29 -6.49
N GLU I 54 -10.25 -43.11 -6.74
CA GLU I 54 -9.58 -43.85 -7.81
C GLU I 54 -9.30 -45.29 -7.40
N ASP I 55 -8.68 -45.49 -6.25
CA ASP I 55 -8.45 -46.75 -5.56
C ASP I 55 -8.61 -46.64 -4.05
N PRO I 56 -9.67 -47.13 -3.49
CA PRO I 56 -9.80 -47.17 -2.02
C PRO I 56 -8.92 -48.23 -1.36
N THR I 57 -8.06 -48.92 -2.14
CA THR I 57 -7.18 -49.96 -1.62
C THR I 57 -5.69 -49.71 -1.87
N LYS I 58 -5.33 -48.87 -2.83
CA LYS I 58 -3.92 -48.61 -3.13
C LYS I 58 -3.28 -47.87 -1.96
N ASP I 59 -2.02 -48.16 -1.69
CA ASP I 59 -1.32 -47.45 -0.62
C ASP I 59 -1.15 -45.98 -0.99
N ILE I 60 -1.13 -45.12 0.02
CA ILE I 60 -0.94 -43.69 -0.16
C ILE I 60 0.28 -43.26 0.64
N GLN I 61 1.15 -42.46 0.00
CA GLN I 61 2.34 -41.93 0.64
C GLN I 61 2.14 -40.44 0.90
N ILE I 62 2.37 -40.02 2.14
CA ILE I 62 2.28 -38.62 2.54
C ILE I 62 3.66 -38.18 3.02
N PHE I 63 4.19 -37.11 2.43
CA PHE I 63 5.47 -36.55 2.82
C PHE I 63 5.23 -35.27 3.60
N ILE I 64 5.84 -35.16 4.78
CA ILE I 64 5.52 -34.12 5.75
C ILE I 64 6.77 -33.31 6.04
N ASN I 65 6.72 -32.01 5.78
CA ASN I 65 7.73 -31.05 6.22
C ASN I 65 6.95 -29.81 6.68
N SER I 66 6.53 -29.83 7.95
CA SER I 66 5.59 -28.83 8.44
C SER I 66 6.10 -28.26 9.76
N PRO I 67 6.18 -26.94 9.90
CA PRO I 67 6.61 -26.33 11.16
C PRO I 67 5.54 -26.31 12.23
N GLY I 68 4.34 -26.77 11.95
CA GLY I 68 3.26 -26.78 12.91
C GLY I 68 1.94 -26.53 12.21
N GLY I 69 1.02 -25.91 12.95
CA GLY I 69 -0.28 -25.63 12.39
C GLY I 69 -1.31 -25.41 13.49
N TYR I 70 -2.57 -25.65 13.13
CA TYR I 70 -3.70 -25.37 13.98
C TYR I 70 -4.50 -26.65 14.27
N ILE I 71 -5.09 -26.72 15.46
CA ILE I 71 -5.76 -27.95 15.89
C ILE I 71 -6.94 -28.28 14.97
N THR I 72 -7.69 -27.26 14.55
CA THR I 72 -8.87 -27.51 13.72
C THR I 72 -8.50 -28.14 12.38
N ALA I 73 -7.45 -27.64 11.74
CA ALA I 73 -7.04 -28.21 10.45
C ALA I 73 -6.37 -29.57 10.63
N GLY I 74 -5.51 -29.71 11.63
CA GLY I 74 -4.84 -30.98 11.86
C GLY I 74 -5.80 -32.11 12.18
N LEU I 75 -6.77 -31.85 13.07
CA LEU I 75 -7.75 -32.87 13.41
C LEU I 75 -8.59 -33.26 12.21
N ALA I 76 -8.89 -32.30 11.33
CA ALA I 76 -9.66 -32.60 10.13
C ALA I 76 -8.90 -33.56 9.22
N ILE I 77 -7.60 -33.32 9.01
CA ILE I 77 -6.81 -34.21 8.17
C ILE I 77 -6.67 -35.57 8.81
N TYR I 78 -6.42 -35.60 10.13
CA TYR I 78 -6.28 -36.88 10.83
C TYR I 78 -7.54 -37.73 10.68
N ASP I 79 -8.71 -37.12 10.89
CA ASP I 79 -9.96 -37.85 10.72
C ASP I 79 -10.11 -38.35 9.29
N THR I 80 -9.67 -37.57 8.32
CA THR I 80 -9.72 -38.01 6.92
C THR I 80 -8.75 -39.16 6.67
N ILE I 81 -7.57 -39.11 7.29
CA ILE I 81 -6.62 -40.22 7.14
C ILE I 81 -7.18 -41.47 7.80
N ARG I 82 -7.76 -41.33 9.00
CA ARG I 82 -8.42 -42.47 9.61
C ARG I 82 -9.62 -42.90 8.79
N PHE I 83 -10.21 -41.96 8.04
CA PHE I 83 -11.34 -42.28 7.17
C PHE I 83 -10.91 -43.11 5.96
N LEU I 84 -9.65 -43.07 5.56
CA LEU I 84 -9.22 -43.87 4.42
C LEU I 84 -9.23 -45.35 4.79
N GLY I 85 -9.50 -46.18 3.77
CA GLY I 85 -9.54 -47.61 3.98
C GLY I 85 -8.23 -48.29 3.66
N CYS I 86 -7.37 -47.60 2.91
CA CYS I 86 -6.09 -48.14 2.48
C CYS I 86 -5.00 -47.78 3.48
N ASP I 87 -3.82 -48.36 3.28
CA ASP I 87 -2.66 -48.07 4.12
C ASP I 87 -2.09 -46.70 3.76
N VAL I 88 -1.66 -45.97 4.78
CA VAL I 88 -1.09 -44.63 4.62
C VAL I 88 0.35 -44.66 5.09
N ASN I 89 1.28 -44.27 4.21
CA ASN I 89 2.68 -44.15 4.55
C ASN I 89 3.00 -42.69 4.82
N THR I 90 3.61 -42.42 5.98
CA THR I 90 3.99 -41.07 6.37
C THR I 90 5.51 -40.97 6.43
N TYR I 91 6.05 -39.98 5.72
CA TYR I 91 7.49 -39.72 5.71
C TYR I 91 7.72 -38.31 6.25
N CYS I 92 8.64 -38.20 7.20
CA CYS I 92 9.03 -36.90 7.77
C CYS I 92 10.36 -36.48 7.16
N ILE I 93 10.32 -35.49 6.27
CA ILE I 93 11.53 -34.89 5.72
C ILE I 93 11.71 -33.52 6.38
N GLY I 94 12.80 -33.35 7.10
CA GLY I 94 13.07 -32.06 7.72
C GLY I 94 12.48 -31.92 9.11
N GLN I 95 11.31 -31.27 9.20
CA GLN I 95 10.69 -30.98 10.48
C GLN I 95 9.22 -31.39 10.46
N ALA I 96 8.77 -31.98 11.57
CA ALA I 96 7.35 -32.28 11.79
C ALA I 96 7.01 -31.88 13.22
N ALA I 97 6.46 -30.68 13.38
CA ALA I 97 6.17 -30.12 14.69
C ALA I 97 4.66 -30.07 14.91
N SER I 98 4.23 -30.49 16.10
CA SER I 98 2.84 -30.39 16.52
C SER I 98 1.90 -31.10 15.55
N MET I 99 1.29 -30.35 14.63
CA MET I 99 0.36 -30.95 13.68
C MET I 99 1.10 -31.85 12.70
N GLY I 100 2.29 -31.45 12.27
CA GLY I 100 3.09 -32.33 11.45
C GLY I 100 3.41 -33.64 12.15
N ALA I 101 3.70 -33.58 13.45
CA ALA I 101 3.95 -34.80 14.21
C ALA I 101 2.68 -35.61 14.42
N LEU I 102 1.52 -34.95 14.53
CA LEU I 102 0.26 -35.67 14.66
C LEU I 102 -0.04 -36.46 13.40
N LEU I 103 0.01 -35.81 12.25
CA LEU I 103 -0.26 -36.50 10.99
C LEU I 103 0.81 -37.54 10.68
N LEU I 104 2.06 -37.26 11.06
CA LEU I 104 3.14 -38.23 10.86
C LEU I 104 2.87 -39.51 11.64
N SER I 105 2.50 -39.37 12.92
CA SER I 105 2.20 -40.54 13.74
C SER I 105 0.87 -41.17 13.38
N ALA I 106 0.05 -40.53 12.54
CA ALA I 106 -1.25 -41.07 12.15
C ALA I 106 -1.15 -42.09 11.03
N GLY I 107 0.04 -42.29 10.45
CA GLY I 107 0.19 -43.28 9.41
C GLY I 107 0.04 -44.70 9.95
N THR I 108 -0.16 -45.63 9.02
CA THR I 108 -0.32 -47.02 9.37
C THR I 108 0.89 -47.52 10.15
N LYS I 109 0.64 -48.20 11.26
CA LYS I 109 1.72 -48.69 12.11
C LYS I 109 2.64 -49.60 11.32
N GLY I 110 3.94 -49.31 11.37
CA GLY I 110 4.92 -50.00 10.56
C GLY I 110 5.31 -49.27 9.29
N LYS I 111 4.54 -48.26 8.90
CA LYS I 111 4.77 -47.52 7.66
C LYS I 111 4.94 -46.02 7.92
N ARG I 112 5.47 -45.67 9.09
CA ARG I 112 5.77 -44.29 9.44
C ARG I 112 7.29 -44.14 9.48
N TYR I 113 7.84 -43.34 8.57
CA TYR I 113 9.27 -43.24 8.38
C TYR I 113 9.76 -41.82 8.61
N ALA I 114 11.06 -41.70 8.83
CA ALA I 114 11.72 -40.41 8.92
C ALA I 114 13.11 -40.52 8.32
N LEU I 115 13.63 -39.40 7.84
CA LEU I 115 14.96 -39.34 7.28
C LEU I 115 15.98 -39.11 8.38
N PRO I 116 17.26 -39.45 8.13
CA PRO I 116 18.23 -39.48 9.24
C PRO I 116 18.35 -38.19 10.03
N HIS I 117 18.20 -37.03 9.38
CA HIS I 117 18.36 -35.75 10.05
C HIS I 117 17.04 -35.05 10.33
N SER I 118 15.93 -35.77 10.22
CA SER I 118 14.62 -35.18 10.51
C SER I 118 14.49 -34.83 11.99
N ARG I 119 13.68 -33.81 12.27
CA ARG I 119 13.41 -33.37 13.63
C ARG I 119 11.91 -33.35 13.86
N MET I 120 11.47 -33.87 15.00
CA MET I 120 10.06 -34.00 15.32
C MET I 120 9.76 -33.46 16.71
N MET I 121 8.63 -32.77 16.84
CA MET I 121 8.21 -32.18 18.10
C MET I 121 6.70 -32.26 18.22
N ILE I 122 6.22 -32.60 19.42
CA ILE I 122 4.78 -32.62 19.69
C ILE I 122 4.28 -31.30 20.28
N HIS I 123 5.16 -30.51 20.88
CA HIS I 123 4.81 -29.20 21.42
C HIS I 123 4.24 -28.31 20.33
N GLN I 124 3.25 -27.50 20.69
CA GLN I 124 2.72 -26.53 19.76
C GLN I 124 3.76 -25.43 19.62
N PRO I 125 4.37 -25.25 18.45
CA PRO I 125 5.53 -24.37 18.35
C PRO I 125 5.16 -22.92 18.62
N SER I 126 6.13 -22.21 19.19
CA SER I 126 6.01 -20.80 19.53
C SER I 126 4.99 -20.59 20.62
N GLY I 127 3.70 -20.59 20.25
CA GLY I 127 2.62 -20.47 21.20
C GLY I 127 1.52 -21.46 20.89
N GLY I 128 0.50 -21.44 21.74
CA GLY I 128 -0.67 -22.27 21.52
C GLY I 128 -1.50 -21.73 20.39
N ILE I 129 -2.82 -21.97 20.42
CA ILE I 129 -3.70 -21.45 19.39
C ILE I 129 -4.97 -20.90 20.03
N ILE I 130 -5.32 -19.67 19.67
CA ILE I 130 -6.69 -19.18 19.80
C ILE I 130 -7.24 -18.69 18.48
N GLY I 131 -6.39 -18.34 17.51
CA GLY I 131 -6.84 -18.02 16.17
C GLY I 131 -6.69 -16.57 15.77
N THR I 132 -5.79 -16.30 14.83
CA THR I 132 -5.62 -14.98 14.23
C THR I 132 -5.60 -15.18 12.72
N SER I 133 -6.77 -15.10 12.10
CA SER I 133 -6.99 -15.21 10.66
C SER I 133 -6.59 -16.58 10.11
N ALA I 134 -6.23 -17.53 10.97
CA ALA I 134 -5.85 -18.86 10.53
C ALA I 134 -6.56 -19.98 11.29
N ASP I 135 -7.07 -19.73 12.49
CA ASP I 135 -7.91 -20.67 13.22
C ASP I 135 -9.22 -20.01 13.62
N ILE I 136 -9.67 -19.03 12.83
CA ILE I 136 -10.79 -18.17 13.17
C ILE I 136 -10.58 -17.64 14.58
N GLN I 137 -11.57 -17.79 15.46
CA GLN I 137 -11.44 -17.41 16.85
C GLN I 137 -12.28 -18.36 17.69
N LEU I 138 -11.74 -18.79 18.82
CA LEU I 138 -12.31 -19.90 19.58
C LEU I 138 -12.55 -19.49 21.03
N GLN I 139 -13.71 -19.90 21.56
CA GLN I 139 -14.07 -19.61 22.94
C GLN I 139 -13.19 -20.41 23.89
N ALA I 140 -13.54 -20.37 25.18
CA ALA I 140 -12.73 -21.06 26.18
C ALA I 140 -12.90 -22.57 26.09
N ALA I 141 -14.03 -23.09 26.56
CA ALA I 141 -14.28 -24.53 26.65
C ALA I 141 -14.05 -25.29 25.35
N GLU I 142 -13.81 -24.58 24.25
CA GLU I 142 -13.61 -25.25 22.97
C GLU I 142 -12.14 -25.54 22.66
N ILE I 143 -11.21 -24.66 23.02
CA ILE I 143 -9.80 -25.00 22.83
C ILE I 143 -9.39 -26.12 23.78
N LEU I 144 -9.93 -26.15 25.00
CA LEU I 144 -9.63 -27.27 25.89
C LEU I 144 -10.11 -28.58 25.29
N THR I 145 -11.31 -28.59 24.70
CA THR I 145 -11.83 -29.80 24.08
C THR I 145 -10.96 -30.23 22.91
N LEU I 146 -10.55 -29.27 22.07
CA LEU I 146 -9.72 -29.60 20.92
C LEU I 146 -8.31 -30.02 21.36
N LYS I 147 -7.80 -29.41 22.43
CA LYS I 147 -6.50 -29.83 22.95
C LYS I 147 -6.59 -31.21 23.61
N LYS I 148 -7.71 -31.49 24.28
CA LYS I 148 -7.92 -32.83 24.83
C LYS I 148 -8.01 -33.86 23.72
N HIS I 149 -8.68 -33.53 22.61
CA HIS I 149 -8.72 -34.43 21.46
C HIS I 149 -7.32 -34.74 20.96
N LEU I 150 -6.49 -33.70 20.82
CA LEU I 150 -5.12 -33.89 20.33
C LEU I 150 -4.31 -34.75 21.30
N SER I 151 -4.48 -34.50 22.61
CA SER I 151 -3.77 -35.31 23.60
C SER I 151 -4.22 -36.77 23.53
N ASN I 152 -5.52 -37.00 23.39
CA ASN I 152 -6.02 -38.37 23.32
C ASN I 152 -5.55 -39.09 22.06
N ILE I 153 -5.52 -38.39 20.93
CA ILE I 153 -5.11 -39.00 19.67
C ILE I 153 -3.62 -39.32 19.67
N LEU I 154 -2.80 -38.39 20.18
CA LEU I 154 -1.36 -38.63 20.20
C LEU I 154 -1.00 -39.81 21.10
N ALA I 155 -1.67 -39.94 22.24
CA ALA I 155 -1.43 -41.06 23.12
C ALA I 155 -1.76 -42.39 22.43
N GLU I 156 -2.87 -42.43 21.70
CA GLU I 156 -3.23 -43.66 20.99
C GLU I 156 -2.25 -43.95 19.86
N CYS I 157 -1.84 -42.92 19.12
CA CYS I 157 -0.93 -43.14 17.99
C CYS I 157 0.45 -43.54 18.45
N THR I 158 0.97 -42.89 19.49
CA THR I 158 2.34 -43.15 19.92
C THR I 158 2.40 -44.35 20.87
N GLY I 159 1.39 -44.52 21.70
CA GLY I 159 1.40 -45.54 22.73
C GLY I 159 1.73 -45.03 24.11
N GLN I 160 2.06 -43.75 24.25
CA GLN I 160 2.30 -43.15 25.55
C GLN I 160 0.99 -42.84 26.25
N SER I 161 1.08 -42.52 27.53
CA SER I 161 -0.12 -42.13 28.25
C SER I 161 -0.55 -40.71 27.86
N VAL I 162 -1.84 -40.42 28.09
CA VAL I 162 -2.33 -39.08 27.85
C VAL I 162 -1.63 -38.10 28.77
N GLU I 163 -1.33 -38.52 30.00
CA GLU I 163 -0.64 -37.61 30.90
C GLU I 163 0.71 -37.23 30.33
N LYS I 164 1.48 -38.21 29.85
CA LYS I 164 2.80 -37.91 29.31
C LYS I 164 2.72 -37.04 28.05
N ILE I 165 1.71 -37.27 27.21
CA ILE I 165 1.55 -36.45 26.00
C ILE I 165 1.31 -34.99 26.36
N ILE I 166 0.41 -34.72 27.32
CA ILE I 166 0.13 -33.35 27.79
C ILE I 166 1.38 -32.77 28.46
N GLU I 167 2.00 -33.63 29.32
CA GLU I 167 3.20 -33.39 30.13
C GLU I 167 4.39 -33.10 29.23
N ASP I 168 4.48 -33.79 28.09
CA ASP I 168 5.55 -33.50 27.12
C ASP I 168 5.17 -32.40 26.15
N SER I 169 3.89 -32.10 25.97
CA SER I 169 3.47 -31.09 24.99
C SER I 169 3.81 -29.65 25.40
N GLU I 170 4.14 -29.43 26.66
CA GLU I 170 4.50 -28.11 27.16
C GLU I 170 6.00 -27.83 27.05
N ARG I 171 6.78 -28.82 26.63
CA ARG I 171 8.24 -28.70 26.55
C ARG I 171 8.66 -28.40 25.12
N ASP I 172 9.40 -27.30 24.94
CA ASP I 172 9.83 -26.86 23.62
C ASP I 172 11.17 -27.50 23.27
N PHE I 173 11.10 -28.74 22.78
CA PHE I 173 12.29 -29.45 22.35
C PHE I 173 11.94 -30.35 21.18
N PHE I 174 12.91 -30.54 20.29
CA PHE I 174 12.79 -31.47 19.19
C PHE I 174 13.48 -32.79 19.55
N MET I 175 13.04 -33.86 18.88
CA MET I 175 13.66 -35.16 19.03
C MET I 175 14.06 -35.70 17.67
N GLY I 176 15.16 -36.46 17.64
CA GLY I 176 15.65 -37.01 16.39
C GLY I 176 14.88 -38.24 15.99
N ALA I 177 15.30 -38.80 14.84
CA ALA I 177 14.61 -39.97 14.30
C ALA I 177 14.71 -41.16 15.25
N GLU I 178 15.89 -41.35 15.86
CA GLU I 178 16.07 -42.44 16.79
C GLU I 178 15.23 -42.26 18.05
N GLU I 179 15.15 -41.02 18.56
CA GLU I 179 14.32 -40.75 19.73
C GLU I 179 12.84 -40.92 19.41
N ALA I 180 12.42 -40.52 18.20
CA ALA I 180 11.02 -40.61 17.84
C ALA I 180 10.55 -42.05 17.71
N ILE I 181 11.44 -42.96 17.30
CA ILE I 181 11.09 -44.38 17.28
C ILE I 181 10.81 -44.89 18.68
N ALA I 182 11.70 -44.58 19.62
CA ALA I 182 11.49 -44.96 21.01
C ALA I 182 10.22 -44.34 21.57
N TYR I 183 9.91 -43.11 21.16
CA TYR I 183 8.73 -42.43 21.67
C TYR I 183 7.44 -43.05 21.13
N GLY I 184 7.49 -43.60 19.92
CA GLY I 184 6.31 -44.15 19.28
C GLY I 184 5.80 -43.32 18.14
N LEU I 185 6.40 -42.15 17.88
CA LEU I 185 5.92 -41.28 16.81
C LEU I 185 6.08 -41.93 15.44
N ILE I 186 7.21 -42.61 15.21
CA ILE I 186 7.51 -43.24 13.94
C ILE I 186 7.94 -44.69 14.20
N ASP I 187 8.29 -45.38 13.11
CA ASP I 187 8.65 -46.78 13.17
C ASP I 187 10.09 -47.03 12.74
N LYS I 188 10.51 -46.46 11.59
CA LYS I 188 11.83 -46.72 11.04
C LYS I 188 12.46 -45.43 10.53
N VAL I 189 13.78 -45.33 10.70
CA VAL I 189 14.59 -44.36 9.97
C VAL I 189 15.00 -45.01 8.67
N ILE I 190 15.04 -44.23 7.58
CA ILE I 190 15.37 -44.82 6.30
C ILE I 190 16.47 -44.05 5.58
N SER I 191 16.96 -44.69 4.53
CA SER I 191 17.90 -44.09 3.59
C SER I 191 17.65 -44.67 2.19
N SER I 192 16.59 -45.43 1.96
CA SER I 192 16.24 -45.72 0.59
C SER I 192 14.72 -45.86 0.60
N ALA I 193 14.17 -46.11 -0.60
CA ALA I 193 12.75 -46.13 -0.90
C ALA I 193 11.92 -46.99 0.03
N LYS I 194 10.87 -46.37 0.57
CA LYS I 194 9.92 -47.04 1.46
C LYS I 194 10.68 -47.74 2.57
N GLU I 195 10.30 -48.97 2.89
CA GLU I 195 11.04 -49.77 3.84
C GLU I 195 12.44 -50.03 3.30
N THR I 196 13.45 -49.60 4.05
CA THR I 196 14.79 -49.35 3.51
C THR I 196 15.23 -50.40 2.49
N LYS I 197 15.56 -49.91 1.29
CA LYS I 197 16.05 -50.61 0.09
C LYS I 197 14.98 -51.33 -0.73
N ASP I 198 13.70 -51.33 -0.34
CA ASP I 198 12.71 -52.07 -1.10
C ASP I 198 11.30 -51.60 -0.73
N LYS I 199 10.38 -51.67 -1.70
CA LYS I 199 8.99 -51.36 -1.41
C LYS I 199 8.41 -52.28 -0.34
N SER I 200 9.12 -53.33 0.06
CA SER I 200 8.71 -54.23 1.12
C SER I 200 9.91 -54.62 1.97
N ILE I 201 9.65 -55.14 3.17
CA ILE I 201 10.69 -55.55 4.09
C ILE I 201 11.08 -57.00 3.82
N ALA I 202 12.38 -57.27 3.90
CA ALA I 202 12.91 -58.63 3.88
C ALA I 202 13.51 -58.94 5.25
N SER I 203 13.66 -60.24 5.53
CA SER I 203 14.19 -60.67 6.82
C SER I 203 14.96 -61.99 6.68
N MET J 1 1.66 -2.48 -18.37
CA MET J 1 0.93 -3.04 -19.50
C MET J 1 1.88 -3.69 -20.49
N THR J 2 2.50 -4.79 -20.10
CA THR J 2 3.51 -5.47 -20.92
C THR J 2 2.86 -6.64 -21.64
N LEU J 3 2.22 -6.31 -22.77
CA LEU J 3 1.62 -7.31 -23.65
C LEU J 3 2.70 -8.23 -24.23
N VAL J 4 2.55 -9.53 -23.99
CA VAL J 4 3.49 -10.55 -24.46
C VAL J 4 2.91 -11.40 -25.60
N PRO J 5 2.99 -10.95 -26.85
CA PRO J 5 2.32 -11.66 -27.96
C PRO J 5 2.84 -13.09 -28.14
N TYR J 6 1.99 -13.92 -28.73
CA TYR J 6 2.25 -15.34 -28.96
C TYR J 6 2.42 -15.65 -30.45
N VAL J 7 2.76 -16.91 -30.73
CA VAL J 7 2.97 -17.35 -32.11
C VAL J 7 2.59 -18.81 -32.22
N VAL J 8 1.99 -19.14 -33.37
CA VAL J 8 1.53 -20.46 -33.79
C VAL J 8 1.02 -20.31 -35.22
N GLU J 9 1.06 -21.39 -36.00
CA GLU J 9 1.17 -21.32 -37.47
C GLU J 9 0.38 -22.46 -38.14
N ASP J 10 0.16 -22.31 -39.46
CA ASP J 10 -0.54 -23.27 -40.33
C ASP J 10 0.13 -23.37 -41.70
N THR J 11 1.46 -23.38 -41.76
CA THR J 11 2.17 -23.62 -43.02
C THR J 11 2.56 -25.09 -43.14
N GLY J 12 1.53 -25.94 -43.10
CA GLY J 12 1.70 -27.37 -42.99
C GLY J 12 0.51 -28.01 -42.31
N ARG J 13 0.76 -28.74 -41.22
CA ARG J 13 -0.30 -29.39 -40.45
C ARG J 13 -0.08 -29.14 -38.96
N GLY J 14 0.11 -27.88 -38.59
CA GLY J 14 0.65 -27.59 -37.27
C GLY J 14 -0.20 -26.90 -36.20
N GLU J 15 0.52 -26.61 -35.12
CA GLU J 15 0.10 -26.05 -33.84
C GLU J 15 1.35 -25.30 -33.38
N ARG J 16 1.70 -25.35 -32.08
CA ARG J 16 2.78 -24.60 -31.38
C ARG J 16 2.45 -23.23 -30.78
N ALA J 17 1.42 -23.15 -29.93
CA ALA J 17 1.14 -21.88 -29.24
C ALA J 17 2.23 -21.64 -28.20
N MET J 18 3.17 -20.76 -28.54
CA MET J 18 4.20 -20.24 -27.65
C MET J 18 4.28 -18.73 -27.78
N ASP J 19 4.86 -18.09 -26.77
CA ASP J 19 5.05 -16.65 -26.84
C ASP J 19 6.22 -16.31 -27.79
N ILE J 20 6.46 -15.02 -27.99
CA ILE J 20 7.42 -14.58 -28.98
C ILE J 20 8.84 -14.96 -28.60
N TYR J 21 9.16 -14.95 -27.30
CA TYR J 21 10.53 -15.25 -26.88
C TYR J 21 10.83 -16.73 -26.99
N SER J 22 9.87 -17.59 -26.67
CA SER J 22 10.06 -19.01 -26.88
C SER J 22 10.20 -19.35 -28.36
N ARG J 23 9.51 -18.60 -29.23
CA ARG J 23 9.65 -18.81 -30.67
C ARG J 23 11.07 -18.53 -31.14
N LEU J 24 11.61 -17.37 -30.75
CA LEU J 24 12.98 -17.05 -31.13
C LEU J 24 13.95 -18.06 -30.54
N LEU J 25 13.60 -18.65 -29.40
CA LEU J 25 14.42 -19.71 -28.82
C LEU J 25 14.42 -20.95 -29.71
N LYS J 26 13.37 -21.16 -30.50
CA LYS J 26 13.35 -22.26 -31.44
C LYS J 26 14.38 -22.09 -32.55
N ASP J 27 14.76 -20.85 -32.84
CA ASP J 27 15.83 -20.56 -33.77
C ASP J 27 17.16 -20.36 -33.06
N ARG J 28 17.26 -20.77 -31.79
CA ARG J 28 18.47 -20.61 -30.99
C ARG J 28 18.83 -19.14 -30.81
N ILE J 29 17.82 -18.30 -30.59
CA ILE J 29 18.01 -16.88 -30.34
C ILE J 29 17.65 -16.60 -28.88
N VAL J 30 18.59 -16.01 -28.15
CA VAL J 30 18.40 -15.67 -26.74
C VAL J 30 18.42 -14.15 -26.62
N MET J 31 17.44 -13.61 -25.92
CA MET J 31 17.28 -12.16 -25.80
C MET J 31 17.73 -11.72 -24.42
N ILE J 32 18.61 -10.70 -24.37
CA ILE J 32 19.06 -10.11 -23.12
C ILE J 32 18.74 -8.61 -23.20
N GLY J 33 17.58 -8.21 -22.66
CA GLY J 33 17.01 -6.88 -22.75
C GLY J 33 16.70 -6.30 -21.39
N GLN J 34 17.46 -6.75 -20.41
CA GLN J 34 17.25 -6.49 -18.99
C GLN J 34 18.42 -5.66 -18.47
N GLU J 35 18.32 -5.28 -17.21
CA GLU J 35 19.46 -5.29 -16.28
C GLU J 35 19.88 -6.72 -15.97
N ILE J 36 21.20 -6.97 -15.93
CA ILE J 36 21.70 -8.31 -15.65
C ILE J 36 21.57 -8.63 -14.17
N THR J 37 20.46 -9.25 -13.77
CA THR J 37 20.19 -9.60 -12.38
C THR J 37 20.32 -11.11 -12.18
N GLU J 38 20.24 -11.51 -10.90
CA GLU J 38 20.31 -12.94 -10.59
C GLU J 38 19.16 -13.72 -11.20
N PRO J 39 17.90 -13.28 -11.12
CA PRO J 39 16.84 -14.01 -11.85
C PRO J 39 17.02 -14.03 -13.36
N LEU J 40 17.55 -13.00 -13.98
CA LEU J 40 17.87 -13.13 -15.40
C LEU J 40 18.97 -14.14 -15.66
N ALA J 41 20.03 -14.13 -14.85
CA ALA J 41 21.12 -15.08 -15.10
C ALA J 41 20.61 -16.51 -15.12
N ASN J 42 19.70 -16.85 -14.21
CA ASN J 42 19.15 -18.20 -14.20
C ASN J 42 18.36 -18.50 -15.47
N THR J 43 17.49 -17.58 -15.89
CA THR J 43 16.70 -17.83 -17.10
C THR J 43 17.60 -17.94 -18.33
N VAL J 44 18.59 -17.05 -18.46
CA VAL J 44 19.49 -17.12 -19.62
C VAL J 44 20.32 -18.39 -19.58
N ILE J 45 20.84 -18.75 -18.41
CA ILE J 45 21.61 -19.98 -18.30
C ILE J 45 20.73 -21.18 -18.59
N ALA J 46 19.50 -21.18 -18.09
CA ALA J 46 18.55 -22.25 -18.41
C ALA J 46 18.34 -22.34 -19.92
N GLN J 47 18.16 -21.19 -20.58
CA GLN J 47 18.03 -21.19 -22.04
C GLN J 47 19.30 -21.71 -22.69
N LEU J 48 20.47 -21.31 -22.18
CA LEU J 48 21.73 -21.76 -22.75
C LEU J 48 21.93 -23.26 -22.54
N LEU J 49 21.59 -23.76 -21.36
CA LEU J 49 21.75 -25.18 -21.10
C LEU J 49 20.77 -26.02 -21.92
N PHE J 50 19.55 -25.50 -22.13
CA PHE J 50 18.59 -26.18 -22.99
C PHE J 50 19.08 -26.23 -24.44
N LEU J 51 19.59 -25.10 -24.94
CA LEU J 51 20.05 -25.06 -26.33
C LEU J 51 21.23 -26.00 -26.54
N MET J 52 22.02 -26.23 -25.49
CA MET J 52 23.10 -27.20 -25.57
C MET J 52 22.57 -28.62 -25.52
N SER J 53 21.44 -28.84 -24.83
CA SER J 53 20.84 -30.17 -24.82
C SER J 53 20.24 -30.54 -26.18
N GLU J 54 19.73 -29.55 -26.92
CA GLU J 54 19.08 -29.83 -28.20
C GLU J 54 20.07 -30.13 -29.30
N ASP J 55 21.05 -29.14 -29.53
CA ASP J 55 22.10 -29.34 -30.47
C ASP J 55 23.33 -28.63 -29.91
N PRO J 56 24.29 -29.38 -29.35
CA PRO J 56 25.49 -28.77 -28.78
C PRO J 56 26.50 -28.28 -29.81
N THR J 57 26.16 -28.29 -31.10
CA THR J 57 27.07 -27.87 -32.15
C THR J 57 26.56 -26.71 -32.99
N LYS J 58 25.26 -26.49 -33.06
CA LYS J 58 24.72 -25.40 -33.86
C LYS J 58 24.97 -24.05 -33.19
N ASP J 59 25.15 -23.02 -34.02
CA ASP J 59 25.41 -21.67 -33.51
C ASP J 59 24.22 -21.16 -32.71
N ILE J 60 24.52 -20.27 -31.75
CA ILE J 60 23.52 -19.62 -30.92
C ILE J 60 23.68 -18.12 -31.09
N GLN J 61 22.56 -17.42 -31.26
CA GLN J 61 22.54 -15.97 -31.40
C GLN J 61 22.01 -15.34 -30.12
N ILE J 62 22.76 -14.40 -29.55
CA ILE J 62 22.36 -13.67 -28.37
C ILE J 62 22.25 -12.20 -28.74
N PHE J 63 21.08 -11.61 -28.51
CA PHE J 63 20.85 -10.19 -28.76
C PHE J 63 20.82 -9.45 -27.43
N ILE J 64 21.61 -8.38 -27.34
CA ILE J 64 21.89 -7.73 -26.07
C ILE J 64 21.44 -6.28 -26.14
N ASN J 65 20.53 -5.90 -25.24
CA ASN J 65 20.17 -4.51 -25.00
C ASN J 65 20.06 -4.37 -23.47
N SER J 66 21.19 -4.09 -22.82
CA SER J 66 21.27 -4.16 -21.38
C SER J 66 21.93 -2.90 -20.83
N PRO J 67 21.31 -2.21 -19.87
CA PRO J 67 21.93 -1.03 -19.27
C PRO J 67 22.98 -1.35 -18.22
N GLY J 68 23.19 -2.63 -17.90
CA GLY J 68 24.16 -3.02 -16.91
C GLY J 68 23.72 -4.23 -16.12
N GLY J 69 24.14 -4.32 -14.87
CA GLY J 69 23.78 -5.47 -14.05
C GLY J 69 24.77 -5.66 -12.91
N TYR J 70 24.85 -6.91 -12.46
CA TYR J 70 25.68 -7.28 -11.33
C TYR J 70 26.75 -8.28 -11.76
N ILE J 71 27.91 -8.19 -11.11
CA ILE J 71 29.05 -9.01 -11.50
C ILE J 71 28.74 -10.49 -11.27
N THR J 72 28.05 -10.81 -10.17
CA THR J 72 27.76 -12.19 -9.85
C THR J 72 26.91 -12.86 -10.92
N ALA J 73 25.89 -12.16 -11.43
CA ALA J 73 25.04 -12.73 -12.47
C ALA J 73 25.77 -12.78 -13.81
N GLY J 74 26.50 -11.72 -14.15
CA GLY J 74 27.23 -11.71 -15.42
C GLY J 74 28.29 -12.79 -15.50
N LEU J 75 29.05 -12.98 -14.42
CA LEU J 75 30.08 -14.02 -14.42
C LEU J 75 29.46 -15.40 -14.59
N ALA J 76 28.26 -15.62 -14.02
CA ALA J 76 27.58 -16.89 -14.20
C ALA J 76 27.23 -17.13 -15.66
N ILE J 77 26.70 -16.10 -16.34
CA ILE J 77 26.36 -16.25 -17.75
C ILE J 77 27.60 -16.43 -18.60
N TYR J 78 28.64 -15.65 -18.33
CA TYR J 78 29.87 -15.76 -19.12
C TYR J 78 30.46 -17.16 -19.01
N ASP J 79 30.56 -17.68 -17.79
CA ASP J 79 31.08 -19.04 -17.61
C ASP J 79 30.22 -20.05 -18.34
N THR J 80 28.90 -19.85 -18.35
CA THR J 80 28.01 -20.72 -19.10
C THR J 80 28.24 -20.60 -20.60
N ILE J 81 28.52 -19.38 -21.08
CA ILE J 81 28.81 -19.18 -22.50
C ILE J 81 30.10 -19.88 -22.87
N ARG J 82 31.14 -19.75 -22.03
CA ARG J 82 32.37 -20.49 -22.26
C ARG J 82 32.18 -21.98 -22.08
N PHE J 83 31.19 -22.37 -21.27
CA PHE J 83 30.90 -23.79 -21.06
C PHE J 83 30.32 -24.44 -22.31
N LEU J 84 29.69 -23.66 -23.18
CA LEU J 84 29.11 -24.18 -24.40
C LEU J 84 30.21 -24.60 -25.37
N GLY J 85 29.90 -25.60 -26.20
CA GLY J 85 30.83 -26.09 -27.18
C GLY J 85 30.63 -25.47 -28.55
N CYS J 86 29.46 -24.88 -28.77
CA CYS J 86 29.13 -24.31 -30.07
C CYS J 86 29.52 -22.84 -30.12
N ASP J 87 29.44 -22.26 -31.32
CA ASP J 87 29.72 -20.85 -31.51
C ASP J 87 28.56 -19.99 -31.02
N VAL J 88 28.89 -18.86 -30.41
CA VAL J 88 27.89 -17.94 -29.86
C VAL J 88 28.04 -16.60 -30.58
N ASN J 89 26.93 -16.12 -31.15
CA ASN J 89 26.89 -14.81 -31.78
C ASN J 89 26.25 -13.80 -30.85
N THR J 90 26.93 -12.67 -30.65
CA THR J 90 26.44 -11.59 -29.81
C THR J 90 26.15 -10.37 -30.67
N TYR J 91 24.93 -9.86 -30.57
CA TYR J 91 24.51 -8.67 -31.30
C TYR J 91 24.14 -7.59 -30.29
N CYS J 92 24.67 -6.39 -30.48
CA CYS J 92 24.36 -5.26 -29.62
C CYS J 92 23.35 -4.36 -30.34
N ILE J 93 22.11 -4.39 -29.88
CA ILE J 93 21.07 -3.48 -30.34
C ILE J 93 20.83 -2.46 -29.23
N GLY J 94 21.11 -1.20 -29.51
CA GLY J 94 20.88 -0.16 -28.53
C GLY J 94 22.07 0.10 -27.62
N GLN J 95 22.04 -0.48 -26.42
CA GLN J 95 23.07 -0.22 -25.42
C GLN J 95 23.56 -1.53 -24.81
N ALA J 96 24.87 -1.61 -24.59
CA ALA J 96 25.50 -2.71 -23.86
C ALA J 96 26.50 -2.10 -22.88
N ALA J 97 26.07 -1.93 -21.64
CA ALA J 97 26.86 -1.25 -20.62
C ALA J 97 27.34 -2.25 -19.56
N SER J 98 28.62 -2.11 -19.18
CA SER J 98 29.22 -2.87 -18.10
C SER J 98 29.11 -4.38 -18.33
N MET J 99 28.14 -5.02 -17.68
CA MET J 99 27.99 -6.46 -17.86
C MET J 99 27.50 -6.79 -19.27
N GLY J 100 26.61 -5.95 -19.83
CA GLY J 100 26.20 -6.14 -21.20
C GLY J 100 27.37 -6.12 -22.17
N ALA J 101 28.35 -5.25 -21.91
CA ALA J 101 29.54 -5.23 -22.75
C ALA J 101 30.39 -6.47 -22.53
N LEU J 102 30.39 -7.03 -21.32
CA LEU J 102 31.11 -8.26 -21.06
C LEU J 102 30.53 -9.42 -21.85
N LEU J 103 29.21 -9.62 -21.77
CA LEU J 103 28.58 -10.70 -22.51
C LEU J 103 28.66 -10.49 -24.02
N LEU J 104 28.58 -9.23 -24.47
CA LEU J 104 28.73 -8.94 -25.89
C LEU J 104 30.12 -9.33 -26.39
N SER J 105 31.16 -8.94 -25.65
CA SER J 105 32.52 -9.29 -26.03
C SER J 105 32.84 -10.76 -25.79
N ALA J 106 31.96 -11.49 -25.12
CA ALA J 106 32.18 -12.90 -24.84
C ALA J 106 31.80 -13.81 -26.01
N GLY J 107 31.23 -13.25 -27.07
CA GLY J 107 30.88 -14.06 -28.22
C GLY J 107 32.11 -14.56 -28.96
N THR J 108 31.88 -15.56 -29.82
CA THR J 108 32.95 -16.13 -30.61
C THR J 108 33.62 -15.06 -31.46
N LYS J 109 34.95 -15.04 -31.45
CA LYS J 109 35.70 -14.03 -32.19
C LYS J 109 35.34 -14.08 -33.67
N GLY J 110 35.00 -12.92 -34.22
CA GLY J 110 34.51 -12.83 -35.58
C GLY J 110 33.00 -12.79 -35.70
N LYS J 111 32.28 -13.14 -34.63
CA LYS J 111 30.83 -13.22 -34.65
C LYS J 111 30.20 -12.31 -33.59
N ARG J 112 30.87 -11.22 -33.26
CA ARG J 112 30.35 -10.21 -32.34
C ARG J 112 30.01 -8.96 -33.13
N TYR J 113 28.72 -8.63 -33.17
CA TYR J 113 28.21 -7.58 -34.04
C TYR J 113 27.56 -6.47 -33.23
N ALA J 114 27.42 -5.32 -33.87
CA ALA J 114 26.66 -4.21 -33.33
C ALA J 114 25.96 -3.48 -34.45
N LEU J 115 24.86 -2.83 -34.12
CA LEU J 115 24.08 -2.07 -35.06
C LEU J 115 24.63 -0.65 -35.17
N PRO J 116 24.33 0.06 -36.27
CA PRO J 116 25.07 1.33 -36.53
C PRO J 116 24.99 2.35 -35.40
N HIS J 117 23.88 2.42 -34.68
CA HIS J 117 23.71 3.41 -33.63
C HIS J 117 23.84 2.82 -32.23
N SER J 118 24.39 1.61 -32.11
CA SER J 118 24.59 0.99 -30.81
C SER J 118 25.62 1.76 -30.00
N ARG J 119 25.46 1.70 -28.68
CA ARG J 119 26.38 2.35 -27.74
C ARG J 119 26.85 1.31 -26.72
N MET J 120 28.16 1.32 -26.45
CA MET J 120 28.77 0.33 -25.58
C MET J 120 29.64 1.02 -24.53
N MET J 121 29.61 0.50 -23.30
CA MET J 121 30.37 1.07 -22.20
C MET J 121 30.89 -0.03 -21.29
N ILE J 122 32.12 0.14 -20.82
CA ILE J 122 32.71 -0.80 -19.89
C ILE J 122 32.48 -0.37 -18.44
N HIS J 123 32.30 0.94 -18.21
CA HIS J 123 32.02 1.45 -16.87
C HIS J 123 30.70 0.87 -16.35
N GLN J 124 30.70 0.48 -15.07
CA GLN J 124 29.47 0.05 -14.43
C GLN J 124 28.75 1.28 -13.89
N PRO J 125 27.63 1.69 -14.48
CA PRO J 125 26.96 2.92 -14.02
C PRO J 125 26.22 2.76 -12.71
N SER J 126 25.43 1.69 -12.59
CA SER J 126 24.61 1.44 -11.42
C SER J 126 25.07 0.20 -10.64
N GLY J 127 24.54 0.08 -9.43
CA GLY J 127 24.80 -1.07 -8.59
C GLY J 127 26.19 -1.09 -7.97
N GLY J 128 26.46 -0.15 -7.07
CA GLY J 128 27.74 -0.17 -6.38
C GLY J 128 27.91 -1.47 -5.64
N ILE J 129 28.73 -2.36 -6.21
CA ILE J 129 28.94 -3.73 -5.76
C ILE J 129 27.62 -4.44 -5.44
N ILE J 130 26.70 -3.74 -4.76
CA ILE J 130 25.32 -4.16 -4.59
C ILE J 130 24.41 -3.03 -5.04
N GLY J 131 23.36 -3.36 -5.78
CA GLY J 131 22.43 -2.35 -6.26
C GLY J 131 21.15 -2.29 -5.45
N THR J 132 20.03 -2.59 -6.09
CA THR J 132 18.76 -2.69 -5.39
C THR J 132 18.82 -3.86 -4.40
N SER J 133 17.95 -3.80 -3.38
CA SER J 133 17.95 -4.79 -2.32
C SER J 133 17.53 -6.20 -2.79
N ALA J 134 17.32 -6.41 -4.10
CA ALA J 134 17.08 -7.74 -4.62
C ALA J 134 18.35 -8.57 -4.68
N ASP J 135 19.49 -7.95 -4.98
CA ASP J 135 20.77 -8.63 -5.05
C ASP J 135 21.76 -7.87 -4.18
N ILE J 136 22.15 -8.47 -3.05
CA ILE J 136 22.84 -7.75 -1.99
C ILE J 136 24.04 -8.53 -1.46
N GLN J 137 24.61 -8.05 -0.36
CA GLN J 137 25.51 -8.79 0.53
C GLN J 137 26.81 -9.20 -0.18
N LEU J 138 27.65 -8.20 -0.44
CA LEU J 138 29.02 -8.53 -0.89
C LEU J 138 30.00 -7.85 0.04
N GLN J 139 30.84 -8.64 0.70
CA GLN J 139 31.89 -8.18 1.61
C GLN J 139 32.99 -7.46 0.81
N ALA J 140 34.10 -7.14 1.50
CA ALA J 140 35.23 -6.42 0.90
C ALA J 140 36.06 -7.26 -0.06
N ALA J 141 36.85 -8.19 0.47
CA ALA J 141 37.74 -9.03 -0.35
C ALA J 141 37.01 -9.79 -1.45
N GLU J 142 35.68 -9.74 -1.50
CA GLU J 142 34.91 -10.45 -2.51
C GLU J 142 34.62 -9.62 -3.75
N ILE J 143 34.35 -8.32 -3.57
CA ILE J 143 34.14 -7.46 -4.73
C ILE J 143 35.43 -7.28 -5.52
N LEU J 144 36.58 -7.18 -4.83
CA LEU J 144 37.85 -7.08 -5.55
C LEU J 144 38.09 -8.32 -6.39
N THR J 145 37.80 -9.51 -5.84
CA THR J 145 37.99 -10.74 -6.59
C THR J 145 37.07 -10.77 -7.81
N LEU J 146 35.82 -10.35 -7.63
CA LEU J 146 34.89 -10.32 -8.76
C LEU J 146 35.28 -9.25 -9.76
N LYS J 147 35.76 -8.10 -9.27
CA LYS J 147 36.24 -7.05 -10.17
C LYS J 147 37.54 -7.45 -10.84
N LYS J 148 38.42 -8.15 -10.11
CA LYS J 148 39.63 -8.67 -10.74
C LYS J 148 39.28 -9.68 -11.81
N HIS J 149 38.29 -10.53 -11.55
CA HIS J 149 37.82 -11.46 -12.57
C HIS J 149 37.30 -10.70 -13.78
N LEU J 150 36.46 -9.69 -13.55
CA LEU J 150 35.87 -8.95 -14.66
C LEU J 150 36.93 -8.23 -15.49
N SER J 151 37.91 -7.63 -14.83
CA SER J 151 38.99 -6.96 -15.56
C SER J 151 39.80 -7.96 -16.38
N ASN J 152 40.09 -9.13 -15.82
CA ASN J 152 40.87 -10.13 -16.54
C ASN J 152 40.10 -10.69 -17.73
N ILE J 153 38.78 -10.90 -17.56
CA ILE J 153 37.98 -11.43 -18.66
C ILE J 153 37.84 -10.41 -19.77
N LEU J 154 37.62 -9.15 -19.42
CA LEU J 154 37.50 -8.10 -20.43
C LEU J 154 38.79 -7.93 -21.20
N ALA J 155 39.94 -7.97 -20.50
CA ALA J 155 41.22 -7.86 -21.17
C ALA J 155 41.43 -9.02 -22.14
N GLU J 156 41.07 -10.24 -21.73
CA GLU J 156 41.21 -11.39 -22.62
C GLU J 156 40.24 -11.30 -23.80
N CYS J 157 39.01 -10.86 -23.55
CA CYS J 157 38.02 -10.80 -24.62
C CYS J 157 38.34 -9.70 -25.61
N THR J 158 38.73 -8.52 -25.13
CA THR J 158 38.95 -7.39 -26.01
C THR J 158 40.35 -7.42 -26.63
N GLY J 159 41.35 -7.88 -25.88
CA GLY J 159 42.72 -7.84 -26.31
C GLY J 159 43.53 -6.71 -25.69
N GLN J 160 42.90 -5.85 -24.91
CA GLN J 160 43.59 -4.79 -24.21
C GLN J 160 44.28 -5.35 -22.96
N SER J 161 45.14 -4.53 -22.38
CA SER J 161 45.79 -4.91 -21.14
C SER J 161 44.81 -4.79 -19.97
N VAL J 162 45.10 -5.53 -18.91
CA VAL J 162 44.28 -5.43 -17.69
C VAL J 162 44.35 -4.02 -17.13
N GLU J 163 45.52 -3.38 -17.23
CA GLU J 163 45.64 -2.01 -16.75
C GLU J 163 44.73 -1.07 -17.50
N LYS J 164 44.68 -1.19 -18.83
CA LYS J 164 43.82 -0.31 -19.62
C LYS J 164 42.35 -0.57 -19.33
N ILE J 165 41.97 -1.83 -19.12
CA ILE J 165 40.59 -2.17 -18.79
C ILE J 165 40.18 -1.52 -17.47
N ILE J 166 41.06 -1.59 -16.47
CA ILE J 166 40.76 -0.96 -15.18
C ILE J 166 40.63 0.54 -15.33
N GLU J 167 41.54 1.17 -16.08
CA GLU J 167 41.48 2.62 -16.26
C GLU J 167 40.22 3.04 -17.02
N ASP J 168 39.83 2.29 -18.05
CA ASP J 168 38.66 2.65 -18.83
C ASP J 168 37.36 2.29 -18.13
N SER J 169 37.40 1.36 -17.16
CA SER J 169 36.20 1.05 -16.39
C SER J 169 35.84 2.17 -15.42
N GLU J 170 36.77 3.09 -15.17
CA GLU J 170 36.53 4.22 -14.27
C GLU J 170 35.97 5.44 -14.99
N ARG J 171 35.93 5.41 -16.32
CA ARG J 171 35.48 6.54 -17.12
C ARG J 171 34.04 6.32 -17.57
N ASP J 172 33.16 7.27 -17.25
CA ASP J 172 31.75 7.16 -17.59
C ASP J 172 31.54 7.75 -18.98
N PHE J 173 31.82 6.94 -19.99
CA PHE J 173 31.62 7.35 -21.36
C PHE J 173 31.23 6.14 -22.20
N PHE J 174 30.41 6.39 -23.21
CA PHE J 174 30.04 5.36 -24.18
C PHE J 174 30.94 5.48 -25.40
N MET J 175 31.06 4.37 -26.13
CA MET J 175 31.80 4.35 -27.38
C MET J 175 30.89 3.79 -28.47
N GLY J 176 31.07 4.31 -29.68
CA GLY J 176 30.24 3.90 -30.79
C GLY J 176 30.66 2.55 -31.35
N ALA J 177 29.92 2.12 -32.37
CA ALA J 177 30.17 0.83 -32.97
C ALA J 177 31.56 0.77 -33.60
N GLU J 178 31.97 1.84 -34.29
CA GLU J 178 33.29 1.86 -34.90
C GLU J 178 34.38 1.90 -33.85
N GLU J 179 34.18 2.66 -32.78
CA GLU J 179 35.16 2.71 -31.70
C GLU J 179 35.29 1.36 -31.00
N ALA J 180 34.17 0.65 -30.84
CA ALA J 180 34.21 -0.63 -30.15
C ALA J 180 34.97 -1.68 -30.95
N ILE J 181 34.94 -1.58 -32.29
CA ILE J 181 35.74 -2.48 -33.11
C ILE J 181 37.23 -2.26 -32.86
N ALA J 182 37.65 -0.99 -32.87
CA ALA J 182 39.05 -0.67 -32.56
C ALA J 182 39.43 -1.11 -31.17
N TYR J 183 38.50 -1.00 -30.22
CA TYR J 183 38.78 -1.36 -28.83
C TYR J 183 38.91 -2.87 -28.67
N GLY J 184 38.22 -3.65 -29.50
CA GLY J 184 38.21 -5.09 -29.38
C GLY J 184 36.93 -5.66 -28.82
N LEU J 185 35.97 -4.80 -28.45
CA LEU J 185 34.73 -5.28 -27.86
C LEU J 185 33.92 -6.08 -28.87
N ILE J 186 33.87 -5.64 -30.12
CA ILE J 186 33.11 -6.30 -31.17
C ILE J 186 34.01 -6.49 -32.39
N ASP J 187 33.43 -7.04 -33.44
CA ASP J 187 34.17 -7.35 -34.65
C ASP J 187 33.67 -6.59 -35.87
N LYS J 188 32.35 -6.56 -36.10
CA LYS J 188 31.81 -5.94 -37.30
C LYS J 188 30.58 -5.12 -36.96
N VAL J 189 30.44 -3.99 -37.67
CA VAL J 189 29.19 -3.26 -37.72
C VAL J 189 28.35 -3.85 -38.84
N ILE J 190 27.03 -3.95 -38.64
CA ILE J 190 26.16 -4.48 -39.66
C ILE J 190 25.01 -3.50 -39.88
N SER J 191 24.27 -3.73 -40.95
CA SER J 191 23.08 -2.95 -41.27
C SER J 191 22.05 -3.79 -41.99
N SER J 192 22.31 -5.08 -42.16
CA SER J 192 21.40 -6.03 -42.75
C SER J 192 21.77 -7.39 -42.15
N ALA J 193 20.90 -8.37 -42.33
CA ALA J 193 21.13 -9.65 -41.68
C ALA J 193 22.44 -10.26 -42.16
N LYS J 194 23.46 -10.24 -41.30
CA LYS J 194 24.58 -11.14 -41.48
C LYS J 194 24.02 -12.55 -41.44
N GLU J 195 24.16 -13.27 -42.54
CA GLU J 195 23.39 -14.51 -42.72
C GLU J 195 23.99 -15.63 -41.88
N THR J 196 24.82 -15.26 -40.89
CA THR J 196 25.27 -16.24 -39.90
C THR J 196 24.08 -16.88 -39.19
N LYS J 197 22.96 -16.17 -39.10
CA LYS J 197 21.68 -16.72 -38.66
C LYS J 197 20.88 -17.07 -39.90
N ASP J 198 20.81 -18.37 -40.22
CA ASP J 198 20.22 -18.80 -41.49
C ASP J 198 19.33 -20.04 -41.40
N LYS J 199 19.32 -20.77 -40.29
CA LYS J 199 18.83 -22.14 -40.29
C LYS J 199 17.32 -22.22 -40.49
N SER J 200 16.89 -23.24 -41.23
CA SER J 200 15.48 -23.57 -41.42
C SER J 200 15.11 -24.93 -40.82
N ILE J 201 15.90 -25.96 -41.11
CA ILE J 201 15.69 -27.29 -40.54
C ILE J 201 17.03 -27.81 -40.02
N ALA J 202 16.97 -28.54 -38.91
CA ALA J 202 18.19 -29.01 -38.26
C ALA J 202 18.88 -30.10 -39.07
N SER J 203 20.14 -30.34 -38.72
CA SER J 203 20.93 -31.39 -39.38
C SER J 203 22.14 -31.76 -38.53
N MET K 1 -4.70 21.39 13.15
CA MET K 1 -5.11 20.19 12.44
C MET K 1 -5.19 18.98 13.38
N THR K 2 -5.07 19.25 14.67
CA THR K 2 -5.02 18.20 15.68
C THR K 2 -6.42 17.86 16.18
N LEU K 3 -6.79 16.59 16.12
CA LEU K 3 -8.03 16.07 16.67
C LEU K 3 -8.01 16.20 18.19
N VAL K 4 -9.02 15.62 18.84
CA VAL K 4 -9.12 15.59 20.31
C VAL K 4 -8.99 16.99 20.89
N PRO K 5 -10.09 17.77 20.91
CA PRO K 5 -9.99 19.20 21.24
C PRO K 5 -9.26 19.52 22.54
N TYR K 6 -8.76 20.76 22.64
CA TYR K 6 -7.96 21.24 23.74
C TYR K 6 -8.80 22.16 24.62
N VAL K 7 -8.22 22.63 25.72
CA VAL K 7 -9.01 23.30 26.74
C VAL K 7 -8.13 24.23 27.56
N VAL K 8 -8.74 25.29 28.09
CA VAL K 8 -8.06 26.19 29.01
C VAL K 8 -9.03 26.76 30.03
N GLU K 9 -8.68 26.56 31.32
CA GLU K 9 -9.20 27.32 32.43
C GLU K 9 -8.25 27.12 33.57
N ASP K 10 -8.70 27.28 34.82
CA ASP K 10 -7.95 27.06 36.06
C ASP K 10 -6.93 28.17 36.30
N THR K 11 -7.41 29.39 36.07
CA THR K 11 -6.70 30.67 36.16
C THR K 11 -6.27 31.04 37.58
N GLY K 12 -6.47 30.17 38.57
CA GLY K 12 -6.07 30.49 39.93
C GLY K 12 -4.57 30.57 40.10
N ARG K 13 -3.89 29.43 39.99
CA ARG K 13 -2.44 29.37 39.99
C ARG K 13 -1.87 29.34 38.58
N GLY K 14 -2.71 29.39 37.56
CA GLY K 14 -2.28 29.53 36.18
C GLY K 14 -1.81 28.23 35.55
N GLU K 15 -2.26 27.94 34.34
CA GLU K 15 -1.87 26.72 33.64
C GLU K 15 -1.96 26.97 32.14
N ARG K 16 -1.91 25.89 31.34
CA ARG K 16 -1.80 26.05 29.88
C ARG K 16 -2.65 24.98 29.18
N ALA K 17 -2.38 24.82 27.89
CA ALA K 17 -3.15 23.96 26.97
C ALA K 17 -2.93 22.47 27.21
N MET K 18 -4.02 21.77 27.55
CA MET K 18 -4.10 20.32 27.61
C MET K 18 -5.28 19.85 26.77
N ASP K 19 -5.25 18.59 26.35
CA ASP K 19 -6.36 18.02 25.59
C ASP K 19 -7.53 17.67 26.51
N ILE K 20 -8.63 17.22 25.91
CA ILE K 20 -9.87 16.99 26.66
C ILE K 20 -9.72 15.83 27.64
N TYR K 21 -8.96 14.80 27.29
CA TYR K 21 -8.82 13.65 28.18
C TYR K 21 -7.94 13.99 29.37
N SER K 22 -6.89 14.79 29.16
CA SER K 22 -6.10 15.27 30.28
C SER K 22 -6.93 16.14 31.22
N ARG K 23 -7.93 16.85 30.69
CA ARG K 23 -8.81 17.64 31.55
C ARG K 23 -9.54 16.77 32.54
N LEU K 24 -10.21 15.73 32.04
CA LEU K 24 -10.95 14.84 32.92
C LEU K 24 -10.02 14.15 33.90
N LEU K 25 -8.76 13.95 33.50
CA LEU K 25 -7.79 13.39 34.42
C LEU K 25 -7.51 14.35 35.58
N LYS K 26 -7.67 15.65 35.37
CA LYS K 26 -7.53 16.61 36.46
C LYS K 26 -8.65 16.47 37.48
N ASP K 27 -9.80 15.96 37.06
CA ASP K 27 -10.90 15.64 37.97
C ASP K 27 -10.88 14.18 38.40
N ARG K 28 -9.76 13.49 38.17
CA ARG K 28 -9.62 12.07 38.51
C ARG K 28 -10.64 11.22 37.76
N ILE K 29 -10.85 11.55 36.49
CA ILE K 29 -11.75 10.83 35.60
C ILE K 29 -10.91 10.12 34.55
N VAL K 30 -11.08 8.81 34.44
CA VAL K 30 -10.36 7.99 33.47
C VAL K 30 -11.38 7.43 32.49
N MET K 31 -11.10 7.56 31.20
CA MET K 31 -12.02 7.15 30.14
C MET K 31 -11.53 5.86 29.50
N ILE K 32 -12.42 4.88 29.41
CA ILE K 32 -12.15 3.61 28.76
C ILE K 32 -13.23 3.44 27.69
N GLY K 33 -12.91 3.80 26.45
CA GLY K 33 -13.90 3.85 25.40
C GLY K 33 -13.61 3.02 24.17
N GLN K 34 -12.77 2.00 24.30
CA GLN K 34 -12.38 1.18 23.16
C GLN K 34 -12.02 -0.21 23.66
N GLU K 35 -11.54 -1.06 22.74
CA GLU K 35 -11.17 -2.42 23.08
C GLU K 35 -10.11 -2.45 24.16
N ILE K 36 -10.25 -3.39 25.11
CA ILE K 36 -9.29 -3.53 26.19
C ILE K 36 -8.09 -4.29 25.65
N THR K 37 -7.12 -3.57 25.12
CA THR K 37 -5.91 -4.15 24.56
C THR K 37 -4.74 -3.92 25.49
N GLU K 38 -3.60 -4.53 25.16
CA GLU K 38 -2.40 -4.34 25.95
C GLU K 38 -1.91 -2.90 25.93
N PRO K 39 -1.81 -2.22 24.78
CA PRO K 39 -1.43 -0.80 24.82
C PRO K 39 -2.41 0.06 25.59
N LEU K 40 -3.71 -0.25 25.54
CA LEU K 40 -4.68 0.51 26.33
C LEU K 40 -4.46 0.26 27.82
N ALA K 41 -4.21 -1.00 28.21
CA ALA K 41 -3.97 -1.31 29.60
C ALA K 41 -2.79 -0.52 30.14
N ASN K 42 -1.73 -0.39 29.34
CA ASN K 42 -0.57 0.39 29.77
C ASN K 42 -0.95 1.84 30.02
N THR K 43 -1.75 2.42 29.13
CA THR K 43 -2.20 3.80 29.31
C THR K 43 -3.07 3.94 30.56
N VAL K 44 -4.02 3.01 30.74
CA VAL K 44 -4.92 3.09 31.88
C VAL K 44 -4.16 2.89 33.19
N ILE K 45 -3.27 1.91 33.22
CA ILE K 45 -2.48 1.67 34.44
C ILE K 45 -1.58 2.87 34.73
N ALA K 46 -0.97 3.45 33.68
CA ALA K 46 -0.20 4.67 33.86
C ALA K 46 -1.05 5.78 34.46
N GLN K 47 -2.27 5.96 33.93
CA GLN K 47 -3.20 6.92 34.51
C GLN K 47 -3.57 6.53 35.93
N LEU K 48 -3.80 5.24 36.17
CA LEU K 48 -4.19 4.79 37.50
C LEU K 48 -3.07 5.00 38.51
N LEU K 49 -1.82 4.73 38.11
CA LEU K 49 -0.70 4.93 39.00
C LEU K 49 -0.42 6.41 39.25
N PHE K 50 -0.64 7.25 38.25
CA PHE K 50 -0.42 8.68 38.42
C PHE K 50 -1.41 9.29 39.42
N LEU K 51 -2.70 8.96 39.28
CA LEU K 51 -3.69 9.55 40.19
C LEU K 51 -3.44 9.12 41.62
N MET K 52 -2.88 7.93 41.81
CA MET K 52 -2.47 7.47 43.13
C MET K 52 -1.20 8.16 43.59
N SER K 53 -0.34 8.57 42.67
CA SER K 53 0.87 9.31 43.05
C SER K 53 0.53 10.70 43.57
N GLU K 54 -0.52 11.34 43.05
CA GLU K 54 -0.83 12.70 43.46
C GLU K 54 -1.49 12.73 44.84
N ASP K 55 -2.61 12.02 44.98
CA ASP K 55 -3.26 11.85 46.27
C ASP K 55 -3.93 10.48 46.32
N PRO K 56 -3.37 9.52 47.04
CA PRO K 56 -3.91 8.16 47.04
C PRO K 56 -5.22 7.98 47.80
N THR K 57 -5.89 9.06 48.21
CA THR K 57 -7.11 8.92 48.99
C THR K 57 -8.36 9.48 48.34
N LYS K 58 -8.23 10.41 47.39
CA LYS K 58 -9.40 10.98 46.74
C LYS K 58 -10.03 9.96 45.78
N ASP K 59 -11.35 10.04 45.64
CA ASP K 59 -12.08 9.12 44.77
C ASP K 59 -11.66 9.28 43.32
N ILE K 60 -11.76 8.18 42.57
CA ILE K 60 -11.46 8.14 41.14
C ILE K 60 -12.69 7.67 40.40
N GLN K 61 -13.03 8.35 39.30
CA GLN K 61 -14.16 7.98 38.46
C GLN K 61 -13.65 7.37 37.15
N ILE K 62 -14.18 6.21 36.81
CA ILE K 62 -13.85 5.52 35.57
C ILE K 62 -15.13 5.39 34.74
N PHE K 63 -15.11 5.90 33.52
CA PHE K 63 -16.24 5.80 32.60
C PHE K 63 -15.90 4.76 31.54
N ILE K 64 -16.81 3.81 31.35
CA ILE K 64 -16.54 2.61 30.57
C ILE K 64 -17.52 2.51 29.42
N ASN K 65 -17.00 2.48 28.19
CA ASN K 65 -17.77 2.15 26.99
C ASN K 65 -16.87 1.25 26.15
N SER K 66 -16.91 -0.06 26.43
CA SER K 66 -15.94 -0.98 25.87
C SER K 66 -16.66 -2.19 25.28
N PRO K 67 -16.39 -2.53 24.02
CA PRO K 67 -17.01 -3.73 23.42
C PRO K 67 -16.38 -5.05 23.83
N GLY K 68 -15.33 -5.03 24.64
CA GLY K 68 -14.68 -6.26 25.07
C GLY K 68 -13.19 -6.06 25.22
N GLY K 69 -12.41 -7.09 24.99
CA GLY K 69 -10.96 -6.96 25.13
C GLY K 69 -10.32 -8.31 25.39
N TYR K 70 -9.16 -8.26 26.03
CA TYR K 70 -8.36 -9.44 26.29
C TYR K 70 -8.23 -9.64 27.80
N ILE K 71 -8.20 -10.91 28.21
CA ILE K 71 -8.18 -11.21 29.65
C ILE K 71 -6.88 -10.72 30.28
N THR K 72 -5.77 -10.86 29.56
CA THR K 72 -4.48 -10.44 30.11
C THR K 72 -4.47 -8.94 30.41
N ALA K 73 -5.04 -8.13 29.51
CA ALA K 73 -5.10 -6.70 29.75
C ALA K 73 -6.11 -6.36 30.82
N GLY K 74 -7.27 -7.03 30.80
CA GLY K 74 -8.27 -6.79 31.82
C GLY K 74 -7.79 -7.14 33.23
N LEU K 75 -7.12 -8.29 33.36
CA LEU K 75 -6.59 -8.68 34.67
C LEU K 75 -5.55 -7.68 35.17
N ALA K 76 -4.74 -7.14 34.25
CA ALA K 76 -3.74 -6.15 34.65
C ALA K 76 -4.40 -4.90 35.22
N ILE K 77 -5.45 -4.41 34.56
CA ILE K 77 -6.14 -3.22 35.04
C ILE K 77 -6.86 -3.51 36.35
N TYR K 78 -7.51 -4.67 36.45
CA TYR K 78 -8.24 -5.03 37.67
C TYR K 78 -7.31 -5.06 38.87
N ASP K 79 -6.16 -5.73 38.72
CA ASP K 79 -5.19 -5.79 39.81
C ASP K 79 -4.70 -4.40 40.18
N THR K 80 -4.53 -3.52 39.18
CA THR K 80 -4.13 -2.14 39.47
C THR K 80 -5.25 -1.39 40.19
N ILE K 81 -6.50 -1.64 39.82
CA ILE K 81 -7.62 -1.00 40.52
C ILE K 81 -7.69 -1.49 41.96
N ARG K 82 -7.54 -2.81 42.17
CA ARG K 82 -7.49 -3.32 43.53
C ARG K 82 -6.25 -2.85 44.27
N PHE K 83 -5.17 -2.56 43.55
CA PHE K 83 -3.95 -2.08 44.17
C PHE K 83 -4.12 -0.68 44.74
N LEU K 84 -5.04 0.11 44.18
CA LEU K 84 -5.28 1.46 44.67
C LEU K 84 -5.93 1.43 46.05
N GLY K 85 -5.65 2.47 46.83
CA GLY K 85 -6.20 2.57 48.17
C GLY K 85 -7.47 3.38 48.26
N CYS K 86 -7.74 4.18 47.23
CA CYS K 86 -8.88 5.08 47.24
C CYS K 86 -10.10 4.38 46.62
N ASP K 87 -11.25 5.05 46.75
CA ASP K 87 -12.49 4.55 46.17
C ASP K 87 -12.51 4.80 44.67
N VAL K 88 -13.04 3.83 43.92
CA VAL K 88 -13.15 3.90 42.47
C VAL K 88 -14.62 3.85 42.10
N ASN K 89 -15.07 4.85 41.36
CA ASN K 89 -16.43 4.88 40.83
C ASN K 89 -16.41 4.44 39.37
N THR K 90 -17.25 3.47 39.03
CA THR K 90 -17.34 2.95 37.68
C THR K 90 -18.69 3.31 37.09
N TYR K 91 -18.66 3.95 35.92
CA TYR K 91 -19.87 4.33 35.19
C TYR K 91 -19.88 3.61 33.85
N CYS K 92 -21.00 2.97 33.53
CA CYS K 92 -21.18 2.30 32.25
C CYS K 92 -22.05 3.17 31.35
N ILE K 93 -21.44 3.77 30.34
CA ILE K 93 -22.15 4.51 29.31
C ILE K 93 -22.16 3.65 28.05
N GLY K 94 -23.35 3.24 27.62
CA GLY K 94 -23.44 2.48 26.39
C GLY K 94 -23.31 0.98 26.59
N GLN K 95 -22.12 0.45 26.37
CA GLN K 95 -21.89 -0.99 26.42
C GLN K 95 -20.64 -1.30 27.26
N ALA K 96 -20.74 -2.37 28.05
CA ALA K 96 -19.59 -2.90 28.80
C ALA K 96 -19.62 -4.41 28.66
N ALA K 97 -18.82 -4.94 27.72
CA ALA K 97 -18.82 -6.35 27.40
C ALA K 97 -17.54 -7.01 27.88
N SER K 98 -17.68 -8.19 28.50
CA SER K 98 -16.56 -9.03 28.92
C SER K 98 -15.59 -8.29 29.84
N MET K 99 -14.48 -7.79 29.29
CA MET K 99 -13.50 -7.09 30.11
C MET K 99 -14.05 -5.77 30.63
N GLY K 100 -14.83 -5.08 29.82
CA GLY K 100 -15.51 -3.89 30.30
C GLY K 100 -16.43 -4.19 31.47
N ALA K 101 -17.09 -5.35 31.43
CA ALA K 101 -17.96 -5.74 32.54
C ALA K 101 -17.17 -6.07 33.79
N LEU K 102 -15.96 -6.63 33.65
CA LEU K 102 -15.13 -6.87 34.82
C LEU K 102 -14.72 -5.56 35.49
N LEU K 103 -14.17 -4.63 34.70
CA LEU K 103 -13.73 -3.36 35.26
C LEU K 103 -14.90 -2.57 35.83
N LEU K 104 -16.07 -2.65 35.19
CA LEU K 104 -17.26 -2.01 35.72
C LEU K 104 -17.63 -2.59 37.08
N SER K 105 -17.66 -3.92 37.18
CA SER K 105 -17.98 -4.57 38.44
C SER K 105 -16.84 -4.50 39.46
N ALA K 106 -15.66 -4.04 39.05
CA ALA K 106 -14.52 -3.95 39.95
C ALA K 106 -14.53 -2.69 40.81
N GLY K 107 -15.46 -1.76 40.57
CA GLY K 107 -15.54 -0.57 41.39
C GLY K 107 -16.00 -0.88 42.80
N THR K 108 -15.77 0.08 43.68
CA THR K 108 -16.18 -0.06 45.08
C THR K 108 -17.68 -0.31 45.17
N LYS K 109 -18.05 -1.29 45.98
CA LYS K 109 -19.45 -1.67 46.12
C LYS K 109 -20.27 -0.48 46.61
N GLY K 110 -21.37 -0.21 45.89
CA GLY K 110 -22.17 0.96 46.13
C GLY K 110 -21.89 2.12 45.19
N LYS K 111 -20.77 2.09 44.48
CA LYS K 111 -20.36 3.18 43.60
C LYS K 111 -20.15 2.70 42.16
N ARG K 112 -20.89 1.67 41.75
CA ARG K 112 -20.87 1.17 40.38
C ARG K 112 -22.20 1.51 39.73
N TYR K 113 -22.16 2.37 38.71
CA TYR K 113 -23.36 2.93 38.12
C TYR K 113 -23.47 2.59 36.65
N ALA K 114 -24.70 2.71 36.14
CA ALA K 114 -24.96 2.59 34.71
C ALA K 114 -26.09 3.54 34.32
N LEU K 115 -26.09 3.92 33.07
CA LEU K 115 -27.12 4.79 32.51
C LEU K 115 -28.30 3.95 32.03
N PRO K 116 -29.49 4.55 31.88
CA PRO K 116 -30.70 3.76 31.67
C PRO K 116 -30.63 2.81 30.49
N HIS K 117 -29.94 3.18 29.42
CA HIS K 117 -29.89 2.38 28.21
C HIS K 117 -28.59 1.62 28.05
N SER K 118 -27.79 1.52 29.12
CA SER K 118 -26.55 0.77 29.06
C SER K 118 -26.83 -0.71 28.87
N ARG K 119 -25.89 -1.38 28.22
CA ARG K 119 -25.96 -2.82 27.97
C ARG K 119 -24.68 -3.46 28.48
N MET K 120 -24.81 -4.57 29.18
CA MET K 120 -23.68 -5.23 29.80
C MET K 120 -23.69 -6.71 29.47
N MET K 121 -22.51 -7.27 29.22
CA MET K 121 -22.36 -8.66 28.83
C MET K 121 -21.11 -9.26 29.45
N ILE K 122 -21.23 -10.50 29.90
CA ILE K 122 -20.07 -11.21 30.45
C ILE K 122 -19.37 -12.05 29.39
N HIS K 123 -20.09 -12.46 28.34
CA HIS K 123 -19.49 -13.23 27.26
C HIS K 123 -18.43 -12.44 26.51
N GLN K 124 -17.29 -13.08 26.25
CA GLN K 124 -16.28 -12.54 25.34
C GLN K 124 -16.60 -13.02 23.93
N PRO K 125 -16.94 -12.12 23.00
CA PRO K 125 -17.42 -12.59 21.69
C PRO K 125 -16.40 -13.32 20.82
N SER K 126 -16.01 -14.53 21.25
CA SER K 126 -15.19 -15.42 20.44
C SER K 126 -13.83 -14.91 20.02
N GLY K 127 -12.87 -14.88 20.95
CA GLY K 127 -11.52 -14.55 20.58
C GLY K 127 -10.86 -13.49 21.42
N GLY K 128 -9.74 -13.84 22.02
CA GLY K 128 -9.01 -12.90 22.84
C GLY K 128 -8.97 -13.24 24.31
N ILE K 129 -7.83 -13.75 24.76
CA ILE K 129 -7.56 -13.91 26.19
C ILE K 129 -6.22 -13.26 26.47
N ILE K 130 -5.47 -12.95 25.41
CA ILE K 130 -4.16 -12.33 25.51
C ILE K 130 -4.01 -11.27 24.43
N GLY K 131 -3.31 -10.20 24.75
CA GLY K 131 -3.04 -9.18 23.75
C GLY K 131 -2.16 -9.69 22.62
N THR K 132 -1.12 -10.46 22.96
CA THR K 132 -0.18 -11.07 22.02
C THR K 132 0.70 -10.01 21.37
N SER K 133 1.99 -10.32 21.19
CA SER K 133 2.95 -9.42 20.54
C SER K 133 3.13 -9.77 19.07
N ALA K 134 2.05 -10.21 18.42
CA ALA K 134 2.05 -10.70 17.04
C ALA K 134 2.93 -11.94 16.87
N ASP K 135 3.23 -12.63 17.97
CA ASP K 135 4.11 -13.80 17.94
C ASP K 135 3.54 -15.03 18.62
N ILE K 136 2.78 -14.86 19.71
CA ILE K 136 2.59 -15.92 20.70
C ILE K 136 1.12 -16.11 21.06
N GLN K 137 0.76 -17.36 21.34
CA GLN K 137 -0.52 -17.73 21.93
C GLN K 137 -0.28 -18.66 23.12
N LEU K 138 -1.33 -19.28 23.68
CA LEU K 138 -1.26 -19.87 25.01
C LEU K 138 -1.42 -21.39 25.00
N GLN K 139 -0.69 -22.05 25.90
CA GLN K 139 -0.75 -23.49 26.09
C GLN K 139 -2.10 -23.86 26.70
N ALA K 140 -2.26 -25.12 27.07
CA ALA K 140 -3.52 -25.59 27.63
C ALA K 140 -3.72 -25.02 29.02
N ALA K 141 -2.90 -25.48 29.97
CA ALA K 141 -2.98 -25.04 31.36
C ALA K 141 -2.91 -23.53 31.53
N GLU K 142 -2.65 -22.77 30.47
CA GLU K 142 -2.60 -21.32 30.58
C GLU K 142 -3.94 -20.67 30.29
N ILE K 143 -4.70 -21.19 29.32
CA ILE K 143 -6.06 -20.71 29.12
C ILE K 143 -6.94 -21.10 30.31
N LEU K 144 -6.73 -22.30 30.85
CA LEU K 144 -7.47 -22.74 32.01
C LEU K 144 -7.22 -21.82 33.21
N THR K 145 -5.97 -21.45 33.44
CA THR K 145 -5.65 -20.55 34.55
C THR K 145 -6.28 -19.18 34.34
N LEU K 146 -6.21 -18.65 33.12
CA LEU K 146 -6.78 -17.33 32.85
C LEU K 146 -8.29 -17.35 32.94
N LYS K 147 -8.93 -18.46 32.50
CA LYS K 147 -10.38 -18.57 32.62
C LYS K 147 -10.79 -18.73 34.08
N LYS K 148 -10.02 -19.48 34.86
CA LYS K 148 -10.31 -19.59 36.29
C LYS K 148 -10.16 -18.25 37.01
N HIS K 149 -9.12 -17.49 36.66
CA HIS K 149 -8.95 -16.17 37.25
C HIS K 149 -10.14 -15.27 36.93
N LEU K 150 -10.57 -15.23 35.67
CA LEU K 150 -11.68 -14.37 35.28
C LEU K 150 -12.97 -14.80 35.96
N SER K 151 -13.23 -16.11 36.01
CA SER K 151 -14.42 -16.62 36.67
C SER K 151 -14.42 -16.31 38.16
N ASN K 152 -13.27 -16.48 38.81
CA ASN K 152 -13.19 -16.23 40.25
C ASN K 152 -13.38 -14.76 40.58
N ILE K 153 -12.81 -13.87 39.76
CA ILE K 153 -12.93 -12.44 40.03
C ILE K 153 -14.36 -11.97 39.81
N LEU K 154 -15.00 -12.43 38.74
CA LEU K 154 -16.37 -12.04 38.47
C LEU K 154 -17.32 -12.55 39.54
N ALA K 155 -17.10 -13.80 40.00
CA ALA K 155 -17.93 -14.33 41.08
C ALA K 155 -17.78 -13.51 42.35
N GLU K 156 -16.55 -13.11 42.68
CA GLU K 156 -16.33 -12.29 43.87
C GLU K 156 -16.94 -10.91 43.71
N CYS K 157 -16.79 -10.29 42.52
CA CYS K 157 -17.31 -8.95 42.31
C CYS K 157 -18.84 -8.93 42.26
N THR K 158 -19.45 -9.89 41.57
CA THR K 158 -20.89 -9.86 41.40
C THR K 158 -21.61 -10.49 42.59
N GLY K 159 -21.04 -11.53 43.19
CA GLY K 159 -21.68 -12.28 44.24
C GLY K 159 -22.29 -13.59 43.79
N GLN K 160 -22.27 -13.88 42.49
CA GLN K 160 -22.77 -15.14 41.97
C GLN K 160 -21.74 -16.25 42.18
N SER K 161 -22.17 -17.48 41.97
CA SER K 161 -21.28 -18.61 42.04
C SER K 161 -20.38 -18.66 40.81
N VAL K 162 -19.24 -19.36 40.97
CA VAL K 162 -18.33 -19.54 39.84
C VAL K 162 -19.01 -20.35 38.74
N GLU K 163 -19.86 -21.31 39.11
CA GLU K 163 -20.56 -22.12 38.13
C GLU K 163 -21.50 -21.26 37.27
N LYS K 164 -22.24 -20.36 37.91
CA LYS K 164 -23.14 -19.48 37.15
C LYS K 164 -22.36 -18.53 36.26
N ILE K 165 -21.23 -18.01 36.75
CA ILE K 165 -20.40 -17.12 35.94
C ILE K 165 -19.90 -17.85 34.71
N ILE K 166 -19.45 -19.09 34.86
CA ILE K 166 -18.99 -19.88 33.73
C ILE K 166 -20.15 -20.15 32.77
N GLU K 167 -21.32 -20.50 33.31
CA GLU K 167 -22.48 -20.79 32.46
C GLU K 167 -22.92 -19.55 31.70
N ASP K 168 -22.94 -18.40 32.37
CA ASP K 168 -23.39 -17.17 31.72
C ASP K 168 -22.33 -16.59 30.78
N SER K 169 -21.06 -16.98 30.96
CA SER K 169 -20.02 -16.52 30.04
C SER K 169 -20.13 -17.19 28.68
N GLU K 170 -20.88 -18.28 28.58
CA GLU K 170 -21.06 -19.00 27.33
C GLU K 170 -22.27 -18.48 26.54
N ARG K 171 -23.08 -17.62 27.14
CA ARG K 171 -24.30 -17.12 26.52
C ARG K 171 -24.05 -15.74 25.95
N ASP K 172 -24.29 -15.57 24.66
CA ASP K 172 -24.07 -14.30 23.97
C ASP K 172 -25.35 -13.47 24.05
N PHE K 173 -25.52 -12.81 25.18
CA PHE K 173 -26.68 -11.95 25.40
C PHE K 173 -26.28 -10.77 26.26
N PHE K 174 -26.92 -9.63 26.02
CA PHE K 174 -26.71 -8.45 26.85
C PHE K 174 -27.82 -8.37 27.91
N MET K 175 -27.51 -7.68 29.01
CA MET K 175 -28.48 -7.42 30.05
C MET K 175 -28.53 -5.94 30.35
N GLY K 176 -29.72 -5.46 30.70
CA GLY K 176 -29.94 -4.06 30.96
C GLY K 176 -29.46 -3.64 32.33
N ALA K 177 -29.65 -2.34 32.61
CA ALA K 177 -29.20 -1.79 33.87
C ALA K 177 -29.92 -2.44 35.05
N GLU K 178 -31.23 -2.66 34.92
CA GLU K 178 -31.98 -3.29 35.99
C GLU K 178 -31.56 -4.74 36.20
N GLU K 179 -31.32 -5.46 35.10
CA GLU K 179 -30.86 -6.85 35.21
C GLU K 179 -29.45 -6.91 35.82
N ALA K 180 -28.59 -5.96 35.48
CA ALA K 180 -27.22 -5.98 35.99
C ALA K 180 -27.18 -5.69 37.49
N ILE K 181 -28.12 -4.89 38.00
CA ILE K 181 -28.20 -4.67 39.43
C ILE K 181 -28.56 -5.97 40.15
N ALA K 182 -29.60 -6.65 39.65
CA ALA K 182 -29.97 -7.95 40.21
C ALA K 182 -28.84 -8.96 40.11
N TYR K 183 -28.08 -8.90 39.01
CA TYR K 183 -26.99 -9.85 38.81
C TYR K 183 -25.83 -9.59 39.75
N GLY K 184 -25.63 -8.33 40.15
CA GLY K 184 -24.51 -7.96 40.98
C GLY K 184 -23.42 -7.20 40.25
N LEU K 185 -23.56 -7.02 38.93
CA LEU K 185 -22.54 -6.32 38.16
C LEU K 185 -22.40 -4.87 38.59
N ILE K 186 -23.53 -4.19 38.82
CA ILE K 186 -23.56 -2.79 39.20
C ILE K 186 -24.44 -2.63 40.44
N ASP K 187 -24.59 -1.39 40.87
CA ASP K 187 -25.35 -1.10 42.09
C ASP K 187 -26.58 -0.24 41.83
N LYS K 188 -26.43 0.86 41.10
CA LYS K 188 -27.53 1.80 40.92
C LYS K 188 -27.59 2.31 39.48
N VAL K 189 -28.82 2.50 38.98
CA VAL K 189 -29.08 3.30 37.81
C VAL K 189 -29.22 4.74 38.27
N ILE K 190 -28.77 5.70 37.47
CA ILE K 190 -28.77 7.08 37.93
C ILE K 190 -29.51 8.02 36.97
N SER K 191 -29.09 8.07 35.72
CA SER K 191 -29.69 8.85 34.64
C SER K 191 -29.58 10.36 34.84
N SER K 192 -28.98 10.82 35.94
CA SER K 192 -28.75 12.25 36.09
C SER K 192 -27.60 12.48 37.07
N ALA K 193 -27.00 13.66 36.97
CA ALA K 193 -25.84 14.00 37.79
C ALA K 193 -26.20 14.06 39.28
N LYS K 194 -27.23 14.85 39.61
CA LYS K 194 -27.55 15.16 41.00
C LYS K 194 -28.09 13.96 41.77
N GLU K 195 -28.43 12.87 41.08
CA GLU K 195 -28.90 11.68 41.75
C GLU K 195 -27.73 10.84 42.25
N THR K 196 -27.95 10.16 43.38
CA THR K 196 -27.08 9.10 43.89
C THR K 196 -25.84 9.65 44.59
N LYS K 197 -24.96 8.76 45.06
CA LYS K 197 -23.87 9.10 45.97
C LYS K 197 -23.01 10.24 45.44
N ASP K 198 -22.75 10.26 44.14
CA ASP K 198 -22.01 11.35 43.53
C ASP K 198 -23.01 12.37 42.99
N LYS K 199 -22.86 13.62 43.42
CA LYS K 199 -23.69 14.73 42.96
C LYS K 199 -22.93 15.57 41.94
N SER K 200 -22.21 14.88 41.05
CA SER K 200 -21.37 15.41 39.99
C SER K 200 -20.00 15.81 40.55
N ILE K 201 -18.99 15.83 39.66
CA ILE K 201 -17.63 16.20 40.04
C ILE K 201 -17.43 17.71 40.02
N ALA K 202 -18.42 18.46 39.52
CA ALA K 202 -18.32 19.90 39.26
C ALA K 202 -17.50 20.62 40.32
N SER K 203 -16.50 21.37 39.86
CA SER K 203 -15.44 21.91 40.71
C SER K 203 -14.72 20.77 41.42
N MET L 1 10.43 14.14 4.36
CA MET L 1 11.86 14.06 4.62
C MET L 1 12.47 15.45 4.70
N THR L 2 11.64 16.45 4.95
CA THR L 2 12.01 17.87 4.87
C THR L 2 12.07 18.45 6.28
N LEU L 3 13.24 18.35 6.91
CA LEU L 3 13.44 18.99 8.21
C LEU L 3 13.23 20.49 8.07
N VAL L 4 12.20 21.01 8.74
CA VAL L 4 11.82 22.43 8.71
C VAL L 4 12.41 23.22 9.87
N PRO L 5 13.61 23.80 9.73
CA PRO L 5 14.25 24.47 10.87
C PRO L 5 13.46 25.67 11.39
N TYR L 6 13.70 25.99 12.66
CA TYR L 6 13.05 27.09 13.38
C TYR L 6 14.08 28.18 13.67
N VAL L 7 13.59 29.32 14.21
CA VAL L 7 14.42 30.51 14.44
C VAL L 7 13.90 31.34 15.61
N VAL L 8 14.82 31.91 16.41
CA VAL L 8 14.47 32.84 17.50
C VAL L 8 15.67 33.63 18.04
N GLU L 9 15.63 34.97 18.02
CA GLU L 9 16.68 35.78 18.67
C GLU L 9 16.13 37.01 19.41
N ASP L 10 17.06 37.94 19.71
CA ASP L 10 16.79 39.13 20.50
C ASP L 10 16.00 40.20 19.75
N THR L 11 16.13 40.30 18.42
CA THR L 11 15.77 41.59 17.78
C THR L 11 14.25 41.96 17.89
N GLY L 12 13.45 41.19 18.61
CA GLY L 12 12.09 41.59 18.93
C GLY L 12 11.91 41.92 20.40
N ARG L 13 12.88 41.52 21.23
CA ARG L 13 12.79 41.60 22.69
C ARG L 13 11.64 40.77 23.24
N GLY L 14 11.15 39.80 22.45
CA GLY L 14 10.00 38.98 22.81
C GLY L 14 10.34 37.50 22.86
N GLU L 15 9.34 36.61 22.74
CA GLU L 15 9.55 35.17 22.97
C GLU L 15 8.75 34.36 21.97
N ARG L 16 9.31 34.10 20.80
CA ARG L 16 8.55 33.47 19.74
C ARG L 16 9.27 32.23 19.21
N ALA L 17 8.48 31.32 18.62
CA ALA L 17 8.99 30.10 17.99
C ALA L 17 8.33 30.00 16.63
N MET L 18 9.09 30.30 15.58
CA MET L 18 8.62 30.14 14.21
C MET L 18 9.64 29.40 13.36
N ASP L 19 9.15 28.77 12.30
CA ASP L 19 9.99 28.07 11.34
C ASP L 19 10.70 29.07 10.43
N ILE L 20 11.54 28.55 9.54
CA ILE L 20 12.36 29.42 8.70
C ILE L 20 11.52 30.23 7.73
N TYR L 21 10.41 29.66 7.22
CA TYR L 21 9.59 30.39 6.26
C TYR L 21 8.77 31.48 6.93
N SER L 22 8.24 31.21 8.12
CA SER L 22 7.58 32.26 8.89
C SER L 22 8.56 33.35 9.30
N ARG L 23 9.81 32.97 9.56
CA ARG L 23 10.84 33.96 9.89
C ARG L 23 11.03 34.93 8.74
N LEU L 24 11.25 34.41 7.53
CA LEU L 24 11.42 35.27 6.37
C LEU L 24 10.15 36.08 6.10
N LEU L 25 8.99 35.55 6.46
CA LEU L 25 7.75 36.30 6.30
C LEU L 25 7.74 37.55 7.19
N LYS L 26 8.47 37.53 8.30
CA LYS L 26 8.58 38.71 9.14
C LYS L 26 9.33 39.83 8.44
N ASP L 27 10.17 39.50 7.47
CA ASP L 27 10.83 40.48 6.61
C ASP L 27 10.04 40.71 5.33
N ARG L 28 8.78 40.27 5.30
CA ARG L 28 7.89 40.41 4.16
C ARG L 28 8.46 39.68 2.94
N ILE L 29 9.03 38.50 3.19
CA ILE L 29 9.61 37.65 2.16
C ILE L 29 8.71 36.43 1.97
N VAL L 30 8.29 36.20 0.74
CA VAL L 30 7.43 35.07 0.39
C VAL L 30 8.21 34.14 -0.52
N MET L 31 8.21 32.86 -0.21
CA MET L 31 8.98 31.85 -0.94
C MET L 31 8.06 31.04 -1.83
N ILE L 32 8.42 30.94 -3.11
CA ILE L 32 7.71 30.11 -4.07
C ILE L 32 8.73 29.16 -4.66
N GLY L 33 8.82 27.96 -4.12
CA GLY L 33 9.89 27.05 -4.49
C GLY L 33 9.43 25.72 -5.01
N GLN L 34 8.22 25.66 -5.53
CA GLN L 34 7.66 24.40 -6.01
C GLN L 34 6.66 24.70 -7.12
N GLU L 35 6.03 23.65 -7.62
CA GLU L 35 5.04 23.78 -8.68
C GLU L 35 3.89 24.67 -8.22
N ILE L 36 3.40 25.51 -9.13
CA ILE L 36 2.31 26.42 -8.81
C ILE L 36 1.00 25.64 -8.87
N THR L 37 0.61 25.07 -7.74
CA THR L 37 -0.61 24.29 -7.62
C THR L 37 -1.69 25.08 -6.89
N GLU L 38 -2.89 24.51 -6.86
CA GLU L 38 -3.99 25.17 -6.16
C GLU L 38 -3.73 25.30 -4.66
N PRO L 39 -3.31 24.25 -3.94
CA PRO L 39 -2.98 24.44 -2.52
C PRO L 39 -1.86 25.44 -2.29
N LEU L 40 -0.85 25.48 -3.17
CA LEU L 40 0.20 26.48 -3.02
C LEU L 40 -0.33 27.89 -3.24
N ALA L 41 -1.19 28.07 -4.23
CA ALA L 41 -1.77 29.39 -4.48
C ALA L 41 -2.51 29.91 -3.26
N ASN L 42 -3.26 29.03 -2.58
CA ASN L 42 -3.98 29.45 -1.38
C ASN L 42 -3.00 29.91 -0.30
N THR L 43 -1.92 29.17 -0.09
CA THR L 43 -0.91 29.56 0.89
C THR L 43 -0.26 30.88 0.51
N VAL L 44 0.10 31.04 -0.76
CA VAL L 44 0.77 32.27 -1.20
C VAL L 44 -0.16 33.46 -1.09
N ILE L 45 -1.41 33.30 -1.53
CA ILE L 45 -2.37 34.40 -1.45
C ILE L 45 -2.65 34.75 0.01
N ALA L 46 -2.78 33.75 0.88
CA ALA L 46 -2.94 34.00 2.31
C ALA L 46 -1.75 34.80 2.84
N GLN L 47 -0.53 34.41 2.45
CA GLN L 47 0.64 35.18 2.85
C GLN L 47 0.58 36.60 2.29
N LEU L 48 0.16 36.73 1.03
CA LEU L 48 0.09 38.05 0.41
C LEU L 48 -0.96 38.92 1.07
N LEU L 49 -2.13 38.34 1.40
CA LEU L 49 -3.18 39.12 2.05
C LEU L 49 -2.79 39.50 3.47
N PHE L 50 -2.07 38.63 4.17
CA PHE L 50 -1.59 38.96 5.51
C PHE L 50 -0.59 40.11 5.46
N LEU L 51 0.35 40.06 4.51
CA LEU L 51 1.37 41.11 4.42
C LEU L 51 0.75 42.46 4.09
N MET L 52 -0.38 42.46 3.38
CA MET L 52 -1.08 43.72 3.12
C MET L 52 -1.82 44.22 4.35
N SER L 53 -2.29 43.30 5.21
CA SER L 53 -2.94 43.71 6.45
C SER L 53 -1.96 44.33 7.43
N GLU L 54 -0.71 43.88 7.42
CA GLU L 54 0.28 44.39 8.38
C GLU L 54 0.76 45.77 7.98
N ASP L 55 1.26 45.91 6.76
CA ASP L 55 1.63 47.22 6.21
C ASP L 55 1.33 47.19 4.73
N PRO L 56 0.24 47.84 4.29
CA PRO L 56 -0.11 47.83 2.87
C PRO L 56 0.74 48.73 1.99
N THR L 57 1.82 49.30 2.54
CA THR L 57 2.69 50.18 1.78
C THR L 57 4.14 49.70 1.72
N LYS L 58 4.59 48.89 2.66
CA LYS L 58 5.97 48.41 2.65
C LYS L 58 6.17 47.37 1.54
N ASP L 59 7.38 47.37 0.99
CA ASP L 59 7.73 46.48 -0.12
C ASP L 59 7.61 45.02 0.29
N ILE L 60 7.33 44.17 -0.70
CA ILE L 60 7.25 42.73 -0.53
C ILE L 60 8.28 42.10 -1.48
N GLN L 61 9.07 41.18 -0.96
CA GLN L 61 10.03 40.43 -1.76
C GLN L 61 9.52 39.01 -1.95
N ILE L 62 9.46 38.57 -3.21
CA ILE L 62 9.04 37.22 -3.56
C ILE L 62 10.21 36.52 -4.24
N PHE L 63 10.61 35.39 -3.70
CA PHE L 63 11.68 34.58 -4.27
C PHE L 63 11.06 33.38 -4.97
N ILE L 64 11.44 33.18 -6.23
CA ILE L 64 10.76 32.24 -7.11
C ILE L 64 11.76 31.20 -7.60
N ASN L 65 11.47 29.93 -7.32
CA ASN L 65 12.18 28.79 -7.90
C ASN L 65 11.10 27.76 -8.22
N SER L 66 10.49 27.88 -9.39
CA SER L 66 9.30 27.10 -9.72
C SER L 66 9.45 26.45 -11.09
N PRO L 67 9.25 25.13 -11.19
CA PRO L 67 9.34 24.47 -12.50
C PRO L 67 8.11 24.65 -13.37
N GLY L 68 7.08 25.31 -12.89
CA GLY L 68 5.86 25.53 -13.65
C GLY L 68 4.66 25.52 -12.73
N GLY L 69 3.53 25.08 -13.27
CA GLY L 69 2.30 25.05 -12.50
C GLY L 69 1.09 25.07 -13.41
N TYR L 70 -0.02 25.57 -12.87
CA TYR L 70 -1.30 25.58 -13.54
C TYR L 70 -1.77 27.01 -13.74
N ILE L 71 -2.49 27.24 -14.84
CA ILE L 71 -2.91 28.60 -15.19
C ILE L 71 -3.87 29.15 -14.15
N THR L 72 -4.78 28.30 -13.65
CA THR L 72 -5.78 28.77 -12.70
C THR L 72 -5.13 29.26 -11.41
N ALA L 73 -4.11 28.54 -10.92
CA ALA L 73 -3.42 28.98 -9.72
C ALA L 73 -2.55 30.21 -9.98
N GLY L 74 -1.85 30.23 -11.12
CA GLY L 74 -1.02 31.37 -11.46
C GLY L 74 -1.82 32.66 -11.61
N LEU L 75 -2.95 32.59 -12.29
CA LEU L 75 -3.79 33.77 -12.46
C LEU L 75 -4.30 34.28 -11.12
N ALA L 76 -4.59 33.36 -10.20
CA ALA L 76 -5.04 33.76 -8.87
C ALA L 76 -3.96 34.54 -8.14
N ILE L 77 -2.72 34.05 -8.19
CA ILE L 77 -1.62 34.73 -7.52
C ILE L 77 -1.33 36.07 -8.19
N TYR L 78 -1.31 36.09 -9.53
CA TYR L 78 -1.05 37.34 -10.25
C TYR L 78 -2.07 38.40 -9.90
N ASP L 79 -3.36 38.04 -9.92
CA ASP L 79 -4.40 39.00 -9.57
C ASP L 79 -4.23 39.51 -8.15
N THR L 80 -3.79 38.62 -7.24
CA THR L 80 -3.52 39.04 -5.87
C THR L 80 -2.32 39.98 -5.81
N ILE L 81 -1.30 39.73 -6.63
CA ILE L 81 -0.14 40.62 -6.68
C ILE L 81 -0.55 41.99 -7.21
N ARG L 82 -1.37 42.03 -8.26
CA ARG L 82 -1.89 43.30 -8.75
C ARG L 82 -2.83 43.94 -7.75
N PHE L 83 -3.48 43.12 -6.91
CA PHE L 83 -4.38 43.62 -5.88
C PHE L 83 -3.62 44.37 -4.78
N LEU L 84 -2.34 44.06 -4.59
CA LEU L 84 -1.55 44.73 -3.57
C LEU L 84 -1.30 46.18 -3.96
N GLY L 85 -1.18 47.03 -2.93
CA GLY L 85 -0.93 48.44 -3.16
C GLY L 85 0.54 48.82 -3.07
N CYS L 86 1.33 47.93 -2.48
CA CYS L 86 2.75 48.19 -2.27
C CYS L 86 3.58 47.65 -3.43
N ASP L 87 4.87 48.00 -3.42
CA ASP L 87 5.81 47.51 -4.42
C ASP L 87 6.15 46.05 -4.14
N VAL L 88 6.28 45.26 -5.21
CA VAL L 88 6.59 43.84 -5.12
C VAL L 88 7.92 43.61 -5.82
N ASN L 89 8.88 43.04 -5.09
CA ASN L 89 10.16 42.63 -5.64
C ASN L 89 10.13 41.14 -5.94
N THR L 90 10.48 40.77 -7.17
CA THR L 90 10.50 39.38 -7.59
C THR L 90 11.94 38.98 -7.89
N TYR L 91 12.39 37.90 -7.26
CA TYR L 91 13.72 37.35 -7.47
C TYR L 91 13.60 35.94 -8.04
N CYS L 92 14.32 35.68 -9.11
CA CYS L 92 14.35 34.35 -9.72
C CYS L 92 15.65 33.66 -9.30
N ILE L 93 15.54 32.68 -8.41
CA ILE L 93 16.65 31.84 -8.02
C ILE L 93 16.47 30.48 -8.67
N GLY L 94 17.40 30.11 -9.55
CA GLY L 94 17.32 28.80 -10.18
C GLY L 94 16.52 28.79 -11.47
N GLN L 95 15.25 28.37 -11.37
CA GLN L 95 14.39 28.21 -12.54
C GLN L 95 13.06 28.91 -12.29
N ALA L 96 12.55 29.57 -13.33
CA ALA L 96 11.20 30.15 -13.32
C ALA L 96 10.56 29.81 -14.65
N ALA L 97 9.76 28.74 -14.67
CA ALA L 97 9.15 28.24 -15.90
C ALA L 97 7.65 28.49 -15.91
N SER L 98 7.15 28.97 -17.05
CA SER L 98 5.73 29.14 -17.28
C SER L 98 5.08 30.04 -16.23
N MET L 99 4.44 29.42 -15.24
CA MET L 99 3.78 30.20 -14.19
C MET L 99 4.81 30.94 -13.33
N GLY L 100 5.95 30.31 -13.05
CA GLY L 100 7.01 31.01 -12.36
C GLY L 100 7.48 32.23 -13.12
N ALA L 101 7.57 32.13 -14.45
CA ALA L 101 7.95 33.29 -15.25
C ALA L 101 6.87 34.35 -15.26
N LEU L 102 5.60 33.95 -15.18
CA LEU L 102 4.52 34.92 -15.11
C LEU L 102 4.59 35.74 -13.82
N LEU L 103 4.70 35.05 -12.69
CA LEU L 103 4.79 35.75 -11.41
C LEU L 103 6.07 36.56 -11.30
N LEU L 104 7.17 36.06 -11.87
CA LEU L 104 8.43 36.80 -11.88
C LEU L 104 8.28 38.12 -12.64
N SER L 105 7.67 38.06 -13.83
CA SER L 105 7.46 39.28 -14.61
C SER L 105 6.35 40.15 -14.05
N ALA L 106 5.60 39.66 -13.06
CA ALA L 106 4.51 40.42 -12.47
C ALA L 106 4.99 41.41 -11.41
N GLY L 107 6.27 41.39 -11.06
CA GLY L 107 6.79 42.33 -10.10
C GLY L 107 6.81 43.75 -10.62
N THR L 108 6.95 44.69 -9.68
CA THR L 108 7.01 46.10 -10.01
C THR L 108 8.18 46.37 -10.96
N LYS L 109 7.91 47.14 -12.02
CA LYS L 109 8.97 47.41 -13.00
C LYS L 109 10.14 48.12 -12.34
N GLY L 110 11.34 47.59 -12.59
CA GLY L 110 12.55 48.04 -11.97
C GLY L 110 12.97 47.20 -10.79
N LYS L 111 12.08 46.36 -10.27
CA LYS L 111 12.35 45.55 -9.09
C LYS L 111 12.17 44.06 -9.37
N ARG L 112 12.41 43.64 -10.61
CA ARG L 112 12.36 42.23 -10.99
C ARG L 112 13.79 41.78 -11.26
N TYR L 113 14.30 40.86 -10.44
CA TYR L 113 15.70 40.49 -10.46
C TYR L 113 15.85 39.00 -10.75
N ALA L 114 17.06 38.63 -11.17
CA ALA L 114 17.44 37.24 -11.32
C ALA L 114 18.91 37.09 -10.97
N LEU L 115 19.28 35.89 -10.57
CA LEU L 115 20.66 35.58 -10.24
C LEU L 115 21.41 35.18 -11.51
N PRO L 116 22.75 35.27 -11.51
CA PRO L 116 23.49 35.14 -12.78
C PRO L 116 23.21 33.85 -13.53
N HIS L 117 22.96 32.74 -12.84
CA HIS L 117 22.77 31.45 -13.50
C HIS L 117 21.31 31.04 -13.54
N SER L 118 20.39 31.96 -13.26
CA SER L 118 18.97 31.64 -13.32
C SER L 118 18.56 31.39 -14.77
N ARG L 119 17.55 30.52 -14.93
CA ARG L 119 17.00 30.19 -16.23
C ARG L 119 15.50 30.39 -16.19
N MET L 120 14.96 31.02 -17.23
CA MET L 120 13.56 31.36 -17.28
C MET L 120 12.96 30.92 -18.61
N MET L 121 11.73 30.42 -18.55
CA MET L 121 11.01 29.96 -19.74
C MET L 121 9.54 30.30 -19.59
N ILE L 122 8.94 30.75 -20.69
CA ILE L 122 7.50 31.05 -20.69
C ILE L 122 6.68 29.85 -21.13
N HIS L 123 7.25 28.91 -21.88
CA HIS L 123 6.56 27.70 -22.26
C HIS L 123 6.18 26.89 -21.02
N GLN L 124 4.96 26.37 -21.01
CA GLN L 124 4.56 25.45 -19.94
C GLN L 124 5.04 24.06 -20.34
N PRO L 125 6.01 23.51 -19.62
CA PRO L 125 6.66 22.28 -20.08
C PRO L 125 5.75 21.06 -20.02
N SER L 126 5.97 20.16 -20.99
CA SER L 126 5.31 18.86 -21.08
C SER L 126 3.81 18.95 -20.99
N GLY L 127 3.21 20.11 -21.22
CA GLY L 127 1.77 20.14 -21.24
C GLY L 127 1.18 21.13 -20.26
N GLY L 128 0.15 21.84 -20.70
CA GLY L 128 -0.62 22.65 -19.77
C GLY L 128 -1.97 22.08 -19.46
N ILE L 129 -2.09 21.48 -18.28
CA ILE L 129 -3.38 20.97 -17.83
C ILE L 129 -4.27 22.09 -17.30
N ILE L 130 -3.68 23.24 -16.94
CA ILE L 130 -4.42 24.50 -16.77
C ILE L 130 -5.39 24.45 -15.60
N GLY L 131 -6.12 23.35 -15.46
CA GLY L 131 -7.17 23.25 -14.47
C GLY L 131 -6.70 22.90 -13.07
N THR L 132 -7.46 22.04 -12.40
CA THR L 132 -7.18 21.71 -11.01
C THR L 132 -5.95 20.81 -10.91
N SER L 133 -5.31 20.87 -9.73
CA SER L 133 -4.09 20.10 -9.51
C SER L 133 -4.37 18.60 -9.46
N ALA L 134 -5.51 18.21 -8.90
CA ALA L 134 -5.80 16.81 -8.61
C ALA L 134 -6.81 16.18 -9.56
N ASP L 135 -7.95 16.84 -9.82
CA ASP L 135 -9.09 16.15 -10.40
C ASP L 135 -9.40 16.52 -11.84
N ILE L 136 -8.77 17.55 -12.42
CA ILE L 136 -8.78 17.77 -13.88
C ILE L 136 -10.14 18.29 -14.36
N GLN L 137 -10.14 19.36 -15.18
CA GLN L 137 -11.37 20.11 -15.49
C GLN L 137 -11.33 20.67 -16.93
N LEU L 138 -12.09 21.76 -17.14
CA LEU L 138 -11.97 22.74 -18.24
C LEU L 138 -12.37 22.36 -19.68
N GLN L 139 -13.60 22.77 -20.05
CA GLN L 139 -14.17 22.59 -21.38
C GLN L 139 -13.40 23.41 -22.42
N ALA L 140 -13.95 23.53 -23.63
CA ALA L 140 -13.29 24.20 -24.75
C ALA L 140 -13.16 25.71 -24.60
N ALA L 141 -14.28 26.45 -24.67
CA ALA L 141 -14.26 27.92 -24.61
C ALA L 141 -13.53 28.46 -23.38
N GLU L 142 -13.12 27.56 -22.49
CA GLU L 142 -12.38 27.92 -21.29
C GLU L 142 -10.88 27.90 -21.53
N ILE L 143 -10.41 27.04 -22.45
CA ILE L 143 -9.00 27.04 -22.81
C ILE L 143 -8.63 28.36 -23.48
N LEU L 144 -9.51 28.88 -24.34
CA LEU L 144 -9.23 30.12 -25.03
C LEU L 144 -9.12 31.28 -24.07
N THR L 145 -10.06 31.38 -23.13
CA THR L 145 -10.03 32.49 -22.18
C THR L 145 -8.81 32.45 -21.28
N LEU L 146 -8.47 31.27 -20.77
CA LEU L 146 -7.31 31.18 -19.87
C LEU L 146 -6.01 31.37 -20.63
N LYS L 147 -5.93 30.85 -21.86
CA LYS L 147 -4.73 31.07 -22.66
C LYS L 147 -4.64 32.52 -23.14
N LYS L 148 -5.77 33.12 -23.50
CA LYS L 148 -5.79 34.53 -23.86
C LYS L 148 -5.40 35.40 -22.69
N HIS L 149 -5.90 35.07 -21.49
CA HIS L 149 -5.51 35.81 -20.30
C HIS L 149 -4.00 35.75 -20.09
N LEU L 150 -3.43 34.54 -20.15
CA LEU L 150 -1.99 34.40 -19.92
C LEU L 150 -1.19 35.13 -20.97
N SER L 151 -1.60 35.03 -22.24
CA SER L 151 -0.89 35.74 -23.30
C SER L 151 -0.99 37.25 -23.12
N ASN L 152 -2.17 37.75 -22.76
CA ASN L 152 -2.35 39.19 -22.60
C ASN L 152 -1.57 39.73 -21.42
N ILE L 153 -1.52 38.98 -20.32
CA ILE L 153 -0.78 39.45 -19.15
C ILE L 153 0.71 39.42 -19.42
N LEU L 154 1.20 38.35 -20.07
CA LEU L 154 2.62 38.26 -20.37
C LEU L 154 3.05 39.37 -21.34
N ALA L 155 2.22 39.66 -22.34
CA ALA L 155 2.54 40.75 -23.26
C ALA L 155 2.61 42.08 -22.53
N GLU L 156 1.66 42.33 -21.63
CA GLU L 156 1.67 43.57 -20.86
C GLU L 156 2.87 43.63 -19.91
N CYS L 157 3.17 42.52 -19.24
CA CYS L 157 4.28 42.51 -18.29
C CYS L 157 5.64 42.64 -18.98
N THR L 158 5.83 41.91 -20.08
CA THR L 158 7.14 41.88 -20.72
C THR L 158 7.33 43.05 -21.67
N GLY L 159 6.27 43.48 -22.33
CA GLY L 159 6.35 44.51 -23.36
C GLY L 159 6.35 43.99 -24.78
N GLN L 160 6.35 42.67 -24.96
CA GLN L 160 6.27 42.09 -26.29
C GLN L 160 4.82 42.11 -26.78
N SER L 161 4.65 41.83 -28.07
CA SER L 161 3.32 41.72 -28.62
C SER L 161 2.66 40.41 -28.18
N VAL L 162 1.33 40.39 -28.25
CA VAL L 162 0.59 39.17 -27.94
C VAL L 162 0.96 38.06 -28.92
N GLU L 163 1.19 38.42 -30.19
CA GLU L 163 1.57 37.42 -31.19
C GLU L 163 2.90 36.78 -30.86
N LYS L 164 3.89 37.57 -30.45
CA LYS L 164 5.19 37.00 -30.11
C LYS L 164 5.11 36.12 -28.87
N ILE L 165 4.32 36.52 -27.89
CA ILE L 165 4.16 35.72 -26.67
C ILE L 165 3.56 34.36 -27.01
N ILE L 166 2.54 34.34 -27.86
CA ILE L 166 1.94 33.08 -28.27
C ILE L 166 2.95 32.22 -29.02
N GLU L 167 3.70 32.83 -29.94
CA GLU L 167 4.68 32.08 -30.70
C GLU L 167 5.80 31.53 -29.80
N ASP L 168 6.27 32.34 -28.86
CA ASP L 168 7.37 31.90 -28.00
C ASP L 168 6.90 30.95 -26.90
N SER L 169 5.61 30.94 -26.58
CA SER L 169 5.08 29.99 -25.61
C SER L 169 5.05 28.57 -26.17
N GLU L 170 5.19 28.42 -27.48
CA GLU L 170 5.18 27.14 -28.16
C GLU L 170 6.56 26.51 -28.25
N ARG L 171 7.60 27.24 -27.88
CA ARG L 171 8.98 26.78 -28.00
C ARG L 171 9.51 26.36 -26.62
N ASP L 172 10.01 25.13 -26.55
CA ASP L 172 10.53 24.58 -25.29
C ASP L 172 12.02 24.91 -25.18
N PHE L 173 12.29 26.13 -24.70
CA PHE L 173 13.66 26.58 -24.49
C PHE L 173 13.71 27.49 -23.27
N PHE L 174 14.84 27.48 -22.58
CA PHE L 174 15.11 28.39 -21.48
C PHE L 174 15.93 29.58 -21.96
N MET L 175 15.85 30.66 -21.18
CA MET L 175 16.62 31.87 -21.44
C MET L 175 17.39 32.26 -20.19
N GLY L 176 18.58 32.83 -20.39
CA GLY L 176 19.41 33.25 -19.28
C GLY L 176 18.96 34.58 -18.73
N ALA L 177 19.68 35.03 -17.70
CA ALA L 177 19.31 36.29 -17.05
C ALA L 177 19.43 37.47 -17.99
N GLU L 178 20.50 37.52 -18.79
CA GLU L 178 20.67 38.61 -19.74
C GLU L 178 19.63 38.55 -20.86
N GLU L 179 19.32 37.34 -21.34
CA GLU L 179 18.28 37.21 -22.37
C GLU L 179 16.92 37.62 -21.84
N ALA L 180 16.63 37.30 -20.57
CA ALA L 180 15.33 37.63 -20.00
C ALA L 180 15.16 39.14 -19.83
N ILE L 181 16.26 39.87 -19.59
CA ILE L 181 16.18 41.33 -19.55
C ILE L 181 15.78 41.87 -20.91
N ALA L 182 16.45 41.40 -21.97
CA ALA L 182 16.10 41.82 -23.32
C ALA L 182 14.65 41.45 -23.65
N TYR L 183 14.20 40.29 -23.17
CA TYR L 183 12.84 39.86 -23.47
C TYR L 183 11.81 40.69 -22.74
N GLY L 184 12.15 41.23 -21.57
CA GLY L 184 11.22 41.97 -20.74
C GLY L 184 10.75 41.23 -19.51
N LEU L 185 11.18 39.98 -19.32
CA LEU L 185 10.75 39.21 -18.18
C LEU L 185 11.24 39.81 -16.86
N ILE L 186 12.48 40.28 -16.83
CA ILE L 186 13.10 40.84 -15.64
C ILE L 186 13.72 42.19 -15.99
N ASP L 187 14.35 42.80 -14.99
CA ASP L 187 14.95 44.12 -15.14
C ASP L 187 16.45 44.11 -14.95
N LYS L 188 16.96 43.48 -13.90
CA LYS L 188 18.39 43.51 -13.60
C LYS L 188 18.87 42.13 -13.17
N VAL L 189 20.09 41.79 -13.57
CA VAL L 189 20.82 40.66 -12.99
C VAL L 189 21.56 41.19 -11.77
N ILE L 190 21.61 40.39 -10.70
CA ILE L 190 22.29 40.80 -9.48
C ILE L 190 23.23 39.69 -9.03
N SER L 191 24.06 40.03 -8.06
CA SER L 191 24.95 39.07 -7.43
C SER L 191 25.27 39.43 -6.00
N SER L 192 24.70 40.51 -5.47
CA SER L 192 24.88 40.90 -4.07
C SER L 192 23.68 41.74 -3.67
N ALA L 193 23.14 41.45 -2.49
CA ALA L 193 21.91 42.12 -2.04
C ALA L 193 22.11 43.62 -1.93
N LYS L 194 23.30 44.04 -1.45
CA LYS L 194 23.54 45.44 -1.14
C LYS L 194 23.51 46.34 -2.37
N GLU L 195 23.71 45.78 -3.57
CA GLU L 195 23.74 46.56 -4.80
C GLU L 195 22.40 46.45 -5.53
N THR L 196 21.40 47.13 -4.99
CA THR L 196 20.04 47.06 -5.53
C THR L 196 19.19 48.21 -4.98
N LYS L 197 17.94 48.22 -5.41
CA LYS L 197 16.77 48.88 -4.82
C LYS L 197 16.71 50.39 -5.05
N ASP L 198 17.79 51.04 -5.50
CA ASP L 198 17.88 52.49 -5.74
C ASP L 198 17.00 53.30 -4.78
N LYS L 199 16.94 52.87 -3.52
CA LYS L 199 16.09 53.42 -2.46
C LYS L 199 14.70 53.84 -2.97
N SER L 200 14.21 54.99 -2.50
CA SER L 200 12.93 55.55 -2.92
C SER L 200 13.09 56.31 -4.24
N ILE L 201 12.10 57.15 -4.55
CA ILE L 201 12.07 58.05 -5.71
C ILE L 201 11.54 57.31 -6.93
N ALA L 202 10.66 57.96 -7.68
CA ALA L 202 9.94 57.32 -8.77
C ALA L 202 10.85 57.07 -9.97
N SER L 203 10.26 56.57 -11.04
CA SER L 203 10.99 56.26 -12.27
C SER L 203 10.08 56.38 -13.49
N MET M 1 -10.17 -12.61 -10.18
CA MET M 1 -11.62 -12.70 -10.31
C MET M 1 -12.03 -12.55 -11.78
N THR M 2 -12.13 -13.67 -12.48
CA THR M 2 -12.42 -13.68 -13.91
C THR M 2 -13.78 -14.34 -14.14
N LEU M 3 -14.84 -13.53 -14.03
CA LEU M 3 -16.18 -14.00 -14.37
C LEU M 3 -16.57 -13.67 -15.82
N VAL M 4 -15.58 -13.53 -16.70
CA VAL M 4 -15.77 -13.39 -18.14
C VAL M 4 -15.97 -14.80 -18.72
N PRO M 5 -17.22 -15.20 -19.02
CA PRO M 5 -17.47 -16.59 -19.43
C PRO M 5 -16.75 -16.96 -20.73
N TYR M 6 -16.53 -18.26 -20.89
CA TYR M 6 -15.84 -18.84 -22.04
C TYR M 6 -16.84 -19.61 -22.91
N VAL M 7 -16.35 -20.10 -24.05
CA VAL M 7 -17.19 -20.81 -25.01
C VAL M 7 -16.33 -21.75 -25.83
N VAL M 8 -16.93 -22.86 -26.27
CA VAL M 8 -16.30 -23.85 -27.14
C VAL M 8 -17.40 -24.35 -28.09
N GLU M 9 -17.20 -24.17 -29.39
CA GLU M 9 -18.22 -24.47 -30.39
C GLU M 9 -18.36 -25.96 -30.71
N ASP M 10 -17.41 -26.81 -30.33
CA ASP M 10 -17.50 -28.24 -30.58
C ASP M 10 -17.73 -28.52 -32.07
N THR M 11 -16.86 -27.95 -32.90
CA THR M 11 -17.00 -28.00 -34.36
C THR M 11 -16.57 -29.35 -34.94
N GLY M 12 -16.46 -30.39 -34.12
CA GLY M 12 -16.06 -31.69 -34.60
C GLY M 12 -14.74 -32.12 -33.99
N ARG M 13 -13.75 -32.42 -34.82
CA ARG M 13 -12.40 -32.65 -34.32
C ARG M 13 -11.71 -31.37 -33.92
N GLY M 14 -12.30 -30.21 -34.20
CA GLY M 14 -11.77 -28.93 -33.76
C GLY M 14 -12.46 -28.44 -32.53
N GLU M 15 -11.67 -27.87 -31.60
CA GLU M 15 -12.17 -27.41 -30.31
C GLU M 15 -11.14 -26.56 -29.58
N ARG M 16 -11.46 -25.31 -29.23
CA ARG M 16 -10.64 -24.58 -28.26
C ARG M 16 -11.51 -23.58 -27.50
N ALA M 17 -11.10 -23.30 -26.26
CA ALA M 17 -11.79 -22.36 -25.38
C ALA M 17 -11.43 -20.91 -25.70
N MET M 18 -12.45 -20.09 -25.95
CA MET M 18 -12.29 -18.64 -26.03
C MET M 18 -13.34 -17.98 -25.15
N ASP M 19 -13.05 -16.75 -24.70
CA ASP M 19 -14.00 -16.05 -23.86
C ASP M 19 -15.17 -15.51 -24.67
N ILE M 20 -16.15 -14.95 -23.95
CA ILE M 20 -17.41 -14.54 -24.60
C ILE M 20 -17.21 -13.35 -25.53
N TYR M 21 -16.28 -12.44 -25.20
CA TYR M 21 -16.08 -11.27 -26.05
C TYR M 21 -15.39 -11.64 -27.35
N SER M 22 -14.42 -12.57 -27.27
CA SER M 22 -13.84 -13.09 -28.50
C SER M 22 -14.89 -13.87 -29.30
N ARG M 23 -15.81 -14.55 -28.61
CA ARG M 23 -16.87 -15.30 -29.30
C ARG M 23 -17.71 -14.38 -30.17
N LEU M 24 -18.17 -13.26 -29.59
CA LEU M 24 -18.95 -12.31 -30.38
C LEU M 24 -18.12 -11.72 -31.52
N LEU M 25 -16.80 -11.65 -31.34
CA LEU M 25 -15.93 -11.17 -32.42
C LEU M 25 -15.95 -12.10 -33.61
N LYS M 26 -16.23 -13.40 -33.39
CA LYS M 26 -16.36 -14.33 -34.51
C LYS M 26 -17.56 -14.02 -35.38
N ASP M 27 -18.57 -13.34 -34.83
CA ASP M 27 -19.71 -12.85 -35.59
C ASP M 27 -19.52 -11.40 -36.02
N ARG M 28 -18.28 -10.89 -35.96
CA ARG M 28 -17.95 -9.52 -36.32
C ARG M 28 -18.69 -8.52 -35.41
N ILE M 29 -18.75 -8.84 -34.12
CA ILE M 29 -19.35 -7.98 -33.11
C ILE M 29 -18.24 -7.46 -32.21
N VAL M 30 -18.15 -6.13 -32.10
CA VAL M 30 -17.14 -5.48 -31.28
C VAL M 30 -17.86 -4.75 -30.15
N MET M 31 -17.38 -4.96 -28.93
CA MET M 31 -18.00 -4.40 -27.73
C MET M 31 -17.16 -3.24 -27.21
N ILE M 32 -17.80 -2.09 -27.00
CA ILE M 32 -17.17 -0.93 -26.40
C ILE M 32 -18.01 -0.57 -25.18
N GLY M 33 -17.58 -1.03 -24.01
CA GLY M 33 -18.40 -0.90 -22.83
C GLY M 33 -17.76 -0.17 -21.67
N GLN M 34 -16.78 0.69 -21.95
CA GLN M 34 -16.06 1.40 -20.91
C GLN M 34 -15.58 2.72 -21.48
N GLU M 35 -14.86 3.47 -20.64
CA GLU M 35 -14.31 4.76 -21.05
C GLU M 35 -13.38 4.60 -22.24
N ILE M 36 -13.46 5.54 -23.18
CA ILE M 36 -12.64 5.50 -24.38
C ILE M 36 -11.24 6.00 -24.03
N THR M 37 -10.36 5.07 -23.65
CA THR M 37 -8.99 5.39 -23.29
C THR M 37 -8.05 4.94 -24.40
N GLU M 38 -6.78 5.29 -24.24
CA GLU M 38 -5.78 4.89 -25.24
C GLU M 38 -5.62 3.37 -25.31
N PRO M 39 -5.47 2.64 -24.21
CA PRO M 39 -5.41 1.17 -24.33
C PRO M 39 -6.68 0.56 -24.91
N LEU M 40 -7.85 1.13 -24.62
CA LEU M 40 -9.08 0.61 -25.22
C LEU M 40 -9.11 0.84 -26.72
N ALA M 41 -8.70 2.04 -27.16
CA ALA M 41 -8.66 2.33 -28.58
C ALA M 41 -7.75 1.36 -29.31
N ASN M 42 -6.59 1.04 -28.72
CA ASN M 42 -5.68 0.09 -29.33
C ASN M 42 -6.34 -1.28 -29.51
N THR M 43 -7.04 -1.75 -28.47
CA THR M 43 -7.74 -3.03 -28.58
C THR M 43 -8.84 -2.97 -29.63
N VAL M 44 -9.63 -1.88 -29.64
CA VAL M 44 -10.73 -1.77 -30.59
C VAL M 44 -10.20 -1.67 -32.02
N ILE M 45 -9.15 -0.86 -32.23
CA ILE M 45 -8.57 -0.75 -33.56
C ILE M 45 -7.98 -2.09 -33.99
N ALA M 46 -7.31 -2.79 -33.07
CA ALA M 46 -6.81 -4.13 -33.36
C ALA M 46 -7.94 -5.05 -33.79
N GLN M 47 -9.07 -5.02 -33.06
CA GLN M 47 -10.23 -5.80 -33.45
C GLN M 47 -10.74 -5.38 -34.82
N LEU M 48 -10.80 -4.07 -35.08
CA LEU M 48 -11.29 -3.58 -36.35
C LEU M 48 -10.37 -3.97 -37.50
N LEU M 49 -9.05 -3.88 -37.28
CA LEU M 49 -8.11 -4.25 -38.33
C LEU M 49 -8.13 -5.75 -38.59
N PHE M 50 -8.34 -6.56 -37.56
CA PHE M 50 -8.47 -8.00 -37.76
C PHE M 50 -9.72 -8.32 -38.57
N LEU M 51 -10.85 -7.68 -38.24
CA LEU M 51 -12.10 -7.99 -38.93
C LEU M 51 -12.04 -7.59 -40.40
N MET M 52 -11.25 -6.57 -40.74
CA MET M 52 -11.08 -6.21 -42.15
C MET M 52 -10.15 -7.18 -42.86
N SER M 53 -9.19 -7.76 -42.15
CA SER M 53 -8.31 -8.77 -42.77
C SER M 53 -9.07 -10.05 -43.07
N GLU M 54 -10.06 -10.39 -42.25
CA GLU M 54 -10.80 -11.64 -42.44
C GLU M 54 -11.78 -11.51 -43.60
N ASP M 55 -12.64 -10.51 -43.54
CA ASP M 55 -13.54 -10.19 -44.65
C ASP M 55 -13.73 -8.69 -44.70
N PRO M 56 -13.08 -8.01 -45.64
CA PRO M 56 -13.19 -6.54 -45.74
C PRO M 56 -14.51 -6.05 -46.32
N THR M 57 -15.48 -6.93 -46.55
CA THR M 57 -16.76 -6.54 -47.13
C THR M 57 -17.96 -6.87 -46.24
N LYS M 58 -17.84 -7.81 -45.33
CA LYS M 58 -18.95 -8.18 -44.46
C LYS M 58 -19.21 -7.07 -43.43
N ASP M 59 -20.48 -6.92 -43.06
CA ASP M 59 -20.86 -5.91 -42.10
C ASP M 59 -20.23 -6.19 -40.75
N ILE M 60 -19.98 -5.11 -39.99
CA ILE M 60 -19.43 -5.19 -38.64
C ILE M 60 -20.41 -4.50 -37.70
N GLN M 61 -20.69 -5.16 -36.57
CA GLN M 61 -21.58 -4.61 -35.55
C GLN M 61 -20.75 -4.15 -34.36
N ILE M 62 -20.97 -2.91 -33.94
CA ILE M 62 -20.31 -2.33 -32.77
C ILE M 62 -21.38 -1.98 -31.75
N PHE M 63 -21.26 -2.54 -30.55
CA PHE M 63 -22.17 -2.24 -29.45
C PHE M 63 -21.49 -1.31 -28.46
N ILE M 64 -22.16 -0.21 -28.13
CA ILE M 64 -21.54 0.91 -27.43
C ILE M 64 -22.29 1.15 -26.13
N ASN M 65 -21.56 1.06 -25.01
CA ASN M 65 -22.03 1.50 -23.69
C ASN M 65 -20.84 2.20 -23.03
N SER M 66 -20.68 3.49 -23.30
CA SER M 66 -19.48 4.20 -22.92
C SER M 66 -19.82 5.51 -22.22
N PRO M 67 -19.28 5.77 -21.04
CA PRO M 67 -19.54 7.03 -20.34
C PRO M 67 -18.72 8.20 -20.85
N GLY M 68 -17.84 7.99 -21.79
CA GLY M 68 -17.02 9.06 -22.35
C GLY M 68 -15.63 8.54 -22.69
N GLY M 69 -14.66 9.45 -22.62
CA GLY M 69 -13.29 9.10 -22.96
C GLY M 69 -12.52 10.34 -23.39
N TYR M 70 -11.49 10.11 -24.21
CA TYR M 70 -10.59 11.16 -24.66
C TYR M 70 -10.70 11.30 -26.17
N ILE M 71 -10.53 12.54 -26.64
CA ILE M 71 -10.69 12.82 -28.07
C ILE M 71 -9.61 12.10 -28.88
N THR M 72 -8.39 12.05 -28.35
CA THR M 72 -7.29 11.42 -29.10
C THR M 72 -7.58 9.96 -29.36
N ALA M 73 -8.12 9.25 -28.37
CA ALA M 73 -8.46 7.85 -28.58
C ALA M 73 -9.70 7.72 -29.47
N GLY M 74 -10.69 8.58 -29.26
CA GLY M 74 -11.88 8.54 -30.10
C GLY M 74 -11.58 8.84 -31.55
N LEU M 75 -10.74 9.86 -31.80
CA LEU M 75 -10.38 10.18 -33.18
C LEU M 75 -9.65 9.03 -33.85
N ALA M 76 -8.83 8.29 -33.09
CA ALA M 76 -8.15 7.13 -33.64
C ALA M 76 -9.14 6.06 -34.08
N ILE M 77 -10.14 5.79 -33.24
CA ILE M 77 -11.15 4.78 -33.58
C ILE M 77 -12.01 5.25 -34.75
N TYR M 78 -12.42 6.52 -34.73
CA TYR M 78 -13.26 7.05 -35.80
C TYR M 78 -12.56 6.94 -37.15
N ASP M 79 -11.28 7.36 -37.21
CA ASP M 79 -10.53 7.26 -38.45
C ASP M 79 -10.41 5.81 -38.91
N THR M 80 -10.24 4.89 -37.95
CA THR M 80 -10.19 3.47 -38.29
C THR M 80 -11.54 2.98 -38.81
N ILE M 81 -12.64 3.48 -38.23
CA ILE M 81 -13.96 3.10 -38.72
C ILE M 81 -14.17 3.63 -40.13
N ARG M 82 -13.77 4.88 -40.37
CA ARG M 82 -13.83 5.43 -41.73
C ARG M 82 -12.84 4.73 -42.65
N PHE M 83 -11.75 4.19 -42.09
CA PHE M 83 -10.76 3.50 -42.90
C PHE M 83 -11.30 2.18 -43.44
N LEU M 84 -12.29 1.59 -42.76
CA LEU M 84 -12.86 0.33 -43.20
C LEU M 84 -13.69 0.53 -44.46
N GLY M 85 -13.74 -0.51 -45.29
CA GLY M 85 -14.49 -0.47 -46.53
C GLY M 85 -15.89 -1.02 -46.40
N CYS M 86 -16.14 -1.78 -45.33
CA CYS M 86 -17.43 -2.43 -45.14
C CYS M 86 -18.36 -1.54 -44.33
N ASP M 87 -19.63 -1.94 -44.25
CA ASP M 87 -20.62 -1.23 -43.48
C ASP M 87 -20.43 -1.53 -41.99
N VAL M 88 -20.63 -0.51 -41.17
CA VAL M 88 -20.50 -0.62 -39.71
C VAL M 88 -21.84 -0.31 -39.08
N ASN M 89 -22.34 -1.24 -38.28
CA ASN M 89 -23.58 -1.04 -37.52
C ASN M 89 -23.22 -0.67 -36.10
N THR M 90 -23.79 0.43 -35.62
CA THR M 90 -23.54 0.91 -34.26
C THR M 90 -24.83 0.81 -33.45
N TYR M 91 -24.75 0.15 -32.30
CA TYR M 91 -25.87 0.00 -31.39
C TYR M 91 -25.51 0.66 -30.06
N CYS M 92 -26.42 1.49 -29.57
CA CYS M 92 -26.25 2.15 -28.28
C CYS M 92 -27.08 1.41 -27.24
N ILE M 93 -26.41 0.67 -26.37
CA ILE M 93 -27.06 0.01 -25.24
C ILE M 93 -26.70 0.80 -23.99
N GLY M 94 -27.71 1.38 -23.34
CA GLY M 94 -27.45 2.10 -22.11
C GLY M 94 -27.12 3.56 -22.34
N GLN M 95 -25.82 3.89 -22.32
CA GLN M 95 -25.37 5.27 -22.45
C GLN M 95 -24.25 5.36 -23.47
N ALA M 96 -24.28 6.45 -24.26
CA ALA M 96 -23.20 6.79 -25.18
C ALA M 96 -22.94 8.28 -25.02
N ALA M 97 -21.92 8.62 -24.23
CA ALA M 97 -21.62 10.00 -23.88
C ALA M 97 -20.35 10.46 -24.58
N SER M 98 -20.41 11.65 -25.18
CA SER M 98 -19.27 12.31 -25.79
C SER M 98 -18.58 11.44 -26.83
N MET M 99 -17.51 10.76 -26.43
CA MET M 99 -16.78 9.91 -27.36
C MET M 99 -17.61 8.70 -27.77
N GLY M 100 -18.38 8.15 -26.83
CA GLY M 100 -19.33 7.10 -27.18
C GLY M 100 -20.35 7.57 -28.19
N ALA M 101 -20.82 8.82 -28.05
CA ALA M 101 -21.76 9.36 -29.02
C ALA M 101 -21.10 9.62 -30.37
N LEU M 102 -19.81 9.97 -30.36
CA LEU M 102 -19.08 10.16 -31.61
C LEU M 102 -18.98 8.85 -32.38
N LEU M 103 -18.53 7.78 -31.72
CA LEU M 103 -18.41 6.50 -32.39
C LEU M 103 -19.77 5.95 -32.79
N LEU M 104 -20.80 6.19 -31.98
CA LEU M 104 -22.14 5.76 -32.33
C LEU M 104 -22.64 6.44 -33.60
N SER M 105 -22.46 7.76 -33.70
CA SER M 105 -22.86 8.48 -34.89
C SER M 105 -21.93 8.23 -36.07
N ALA M 106 -20.79 7.58 -35.84
CA ALA M 106 -19.84 7.31 -36.91
C ALA M 106 -20.20 6.07 -37.72
N GLY M 107 -21.22 5.32 -37.30
CA GLY M 107 -21.63 4.16 -38.07
C GLY M 107 -22.23 4.53 -39.40
N THR M 108 -22.33 3.54 -40.28
CA THR M 108 -22.90 3.78 -41.60
C THR M 108 -24.32 4.32 -41.47
N LYS M 109 -24.59 5.41 -42.18
CA LYS M 109 -25.89 6.06 -42.10
C LYS M 109 -27.01 5.10 -42.52
N GLY M 110 -28.03 5.00 -41.67
CA GLY M 110 -29.08 4.03 -41.83
C GLY M 110 -28.90 2.79 -41.00
N LYS M 111 -27.71 2.58 -40.44
CA LYS M 111 -27.39 1.40 -39.64
C LYS M 111 -26.90 1.78 -38.26
N ARG M 112 -27.36 2.91 -37.74
CA ARG M 112 -27.05 3.37 -36.39
C ARG M 112 -28.30 3.25 -35.55
N TYR M 113 -28.26 2.38 -34.54
CA TYR M 113 -29.43 2.03 -33.76
C TYR M 113 -29.23 2.36 -32.29
N ALA M 114 -30.34 2.45 -31.56
CA ALA M 114 -30.32 2.59 -30.12
C ALA M 114 -31.50 1.84 -29.53
N LEU M 115 -31.36 1.42 -28.29
CA LEU M 115 -32.40 0.70 -27.59
C LEU M 115 -33.34 1.69 -26.91
N PRO M 116 -34.58 1.28 -26.59
CA PRO M 116 -35.61 2.26 -26.21
C PRO M 116 -35.21 3.18 -25.06
N HIS M 117 -34.46 2.68 -24.08
CA HIS M 117 -34.11 3.46 -22.90
C HIS M 117 -32.67 3.96 -22.93
N SER M 118 -32.03 3.91 -24.10
CA SER M 118 -30.67 4.40 -24.23
C SER M 118 -30.62 5.91 -24.02
N ARG M 119 -29.48 6.39 -23.53
CA ARG M 119 -29.26 7.81 -23.30
C ARG M 119 -27.98 8.23 -24.00
N MET M 120 -28.03 9.35 -24.72
CA MET M 120 -26.90 9.82 -25.51
C MET M 120 -26.63 11.29 -25.23
N MET M 121 -25.35 11.64 -25.15
CA MET M 121 -24.94 13.02 -24.90
C MET M 121 -23.66 13.29 -25.66
N ILE M 122 -23.56 14.47 -26.27
CA ILE M 122 -22.33 14.85 -26.95
C ILE M 122 -21.40 15.63 -26.03
N HIS M 123 -21.95 16.29 -25.01
CA HIS M 123 -21.12 16.98 -24.03
C HIS M 123 -20.22 16.00 -23.29
N GLN M 124 -18.95 16.38 -23.13
CA GLN M 124 -18.04 15.64 -22.27
C GLN M 124 -18.18 16.17 -20.85
N PRO M 125 -18.63 15.35 -19.90
CA PRO M 125 -18.96 15.89 -18.57
C PRO M 125 -17.76 16.41 -17.80
N SER M 126 -16.54 16.19 -18.29
CA SER M 126 -15.34 16.72 -17.65
C SER M 126 -14.49 17.42 -18.70
N GLY M 127 -13.24 17.72 -18.36
CA GLY M 127 -12.35 18.35 -19.33
C GLY M 127 -12.23 17.59 -20.63
N GLY M 128 -12.23 16.26 -20.56
CA GLY M 128 -12.24 15.45 -21.76
C GLY M 128 -10.88 15.16 -22.35
N ILE M 129 -10.14 16.20 -22.71
CA ILE M 129 -8.77 16.07 -23.18
C ILE M 129 -7.79 16.64 -22.17
N ILE M 130 -7.88 17.95 -21.88
CA ILE M 130 -7.04 18.69 -20.93
C ILE M 130 -5.69 18.02 -20.75
N GLY M 131 -5.55 17.17 -19.73
CA GLY M 131 -4.42 16.28 -19.63
C GLY M 131 -4.81 14.88 -20.06
N THR M 132 -4.50 14.53 -21.30
CA THR M 132 -4.94 13.26 -21.84
C THR M 132 -4.22 12.11 -21.16
N SER M 133 -4.79 10.92 -21.25
CA SER M 133 -4.20 9.73 -20.63
C SER M 133 -2.93 9.27 -21.32
N ALA M 134 -2.43 10.12 -22.22
CA ALA M 134 -1.13 9.95 -22.86
C ALA M 134 -0.02 10.64 -22.07
N ASP M 135 -0.15 10.67 -20.74
CA ASP M 135 0.74 11.43 -19.85
C ASP M 135 0.54 12.93 -20.06
N ILE M 136 -0.73 13.36 -19.98
CA ILE M 136 -1.18 14.75 -20.14
C ILE M 136 -0.65 15.36 -21.45
N GLN M 137 0.25 16.34 -21.40
CA GLN M 137 0.94 16.90 -22.57
C GLN M 137 0.02 17.65 -23.55
N LEU M 138 -0.38 18.88 -23.16
CA LEU M 138 -0.52 19.90 -24.22
C LEU M 138 -0.77 21.31 -23.67
N GLN M 139 -0.19 22.32 -24.35
CA GLN M 139 -0.77 23.67 -24.33
C GLN M 139 -1.44 24.23 -25.55
N ALA M 140 -0.80 24.33 -26.71
CA ALA M 140 -1.24 25.42 -27.57
C ALA M 140 -2.57 25.03 -28.18
N ALA M 141 -2.88 25.64 -29.30
CA ALA M 141 -4.14 25.33 -29.95
C ALA M 141 -4.09 23.93 -30.53
N GLU M 142 -3.72 22.95 -29.70
CA GLU M 142 -3.81 21.54 -30.03
C GLU M 142 -5.15 21.03 -29.55
N ILE M 143 -5.59 21.57 -28.41
CA ILE M 143 -6.97 21.38 -27.97
C ILE M 143 -7.91 22.05 -28.95
N LEU M 144 -7.54 23.25 -29.43
CA LEU M 144 -8.35 23.92 -30.43
C LEU M 144 -8.45 23.07 -31.69
N THR M 145 -7.31 22.53 -32.14
CA THR M 145 -7.34 21.66 -33.31
C THR M 145 -8.16 20.40 -33.05
N LEU M 146 -7.97 19.80 -31.87
CA LEU M 146 -8.71 18.58 -31.55
C LEU M 146 -10.20 18.86 -31.34
N LYS M 147 -10.54 20.00 -30.73
CA LYS M 147 -11.95 20.33 -30.55
C LYS M 147 -12.59 20.70 -31.90
N LYS M 148 -11.85 21.41 -32.75
CA LYS M 148 -12.36 21.70 -34.09
C LYS M 148 -12.57 20.43 -34.90
N HIS M 149 -11.62 19.48 -34.80
CA HIS M 149 -11.79 18.20 -35.47
C HIS M 149 -13.05 17.49 -34.98
N LEU M 150 -13.24 17.43 -33.66
CA LEU M 150 -14.40 16.75 -33.11
C LEU M 150 -15.69 17.45 -33.51
N SER M 151 -15.71 18.79 -33.46
CA SER M 151 -16.90 19.53 -33.86
C SER M 151 -17.23 19.31 -35.33
N ASN M 152 -16.20 19.31 -36.19
CA ASN M 152 -16.43 19.12 -37.62
C ASN M 152 -16.94 17.71 -37.91
N ILE M 153 -16.41 16.71 -37.20
CA ILE M 153 -16.85 15.34 -37.43
C ILE M 153 -18.27 15.14 -36.93
N LEU M 154 -18.59 15.70 -35.75
CA LEU M 154 -19.94 15.57 -35.22
C LEU M 154 -20.95 16.27 -36.12
N ALA M 155 -20.60 17.44 -36.64
CA ALA M 155 -21.49 18.14 -37.56
C ALA M 155 -21.72 17.33 -38.82
N GLU M 156 -20.66 16.73 -39.36
CA GLU M 156 -20.79 15.90 -40.56
C GLU M 156 -21.61 14.64 -40.28
N CYS M 157 -21.36 14.00 -39.14
CA CYS M 157 -22.07 12.76 -38.84
C CYS M 157 -23.54 13.01 -38.54
N THR M 158 -23.84 14.04 -37.75
CA THR M 158 -25.23 14.28 -37.34
C THR M 158 -26.01 15.06 -38.39
N GLY M 159 -25.35 16.00 -39.06
CA GLY M 159 -26.02 16.89 -39.98
C GLY M 159 -26.31 18.26 -39.43
N GLN M 160 -26.01 18.50 -38.16
CA GLN M 160 -26.20 19.80 -37.56
C GLN M 160 -25.05 20.73 -37.97
N SER M 161 -25.22 22.01 -37.69
CA SER M 161 -24.16 22.97 -37.95
C SER M 161 -23.05 22.83 -36.91
N VAL M 162 -21.86 23.28 -37.28
CA VAL M 162 -20.73 23.28 -36.34
C VAL M 162 -21.05 24.17 -35.15
N GLU M 163 -21.74 25.29 -35.39
CA GLU M 163 -22.11 26.19 -34.30
C GLU M 163 -23.04 25.52 -33.31
N LYS M 164 -24.04 24.78 -33.80
CA LYS M 164 -24.95 24.08 -32.89
C LYS M 164 -24.22 22.97 -32.13
N ILE M 165 -23.30 22.27 -32.80
CA ILE M 165 -22.53 21.24 -32.13
C ILE M 165 -21.70 21.84 -31.01
N ILE M 166 -21.07 22.98 -31.26
CA ILE M 166 -20.31 23.67 -30.22
C ILE M 166 -21.24 24.10 -29.10
N GLU M 167 -22.41 24.66 -29.45
CA GLU M 167 -23.35 25.10 -28.44
C GLU M 167 -23.88 23.94 -27.62
N ASP M 168 -24.22 22.82 -28.27
CA ASP M 168 -24.78 21.69 -27.56
C ASP M 168 -23.73 20.88 -26.81
N SER M 169 -22.45 21.01 -27.19
CA SER M 169 -21.38 20.35 -26.44
C SER M 169 -21.13 21.03 -25.11
N GLU M 170 -21.64 22.25 -24.92
CA GLU M 170 -21.48 23.01 -23.69
C GLU M 170 -22.58 22.76 -22.69
N ARG M 171 -23.66 22.07 -23.08
CA ARG M 171 -24.80 21.80 -22.21
C ARG M 171 -24.75 20.37 -21.71
N ASP M 172 -24.82 20.19 -20.39
CA ASP M 172 -24.74 18.87 -19.77
C ASP M 172 -26.15 18.26 -19.71
N PHE M 173 -26.55 17.64 -20.82
CA PHE M 173 -27.84 16.99 -20.90
C PHE M 173 -27.74 15.74 -21.77
N PHE M 174 -28.54 14.74 -21.42
CA PHE M 174 -28.69 13.55 -22.23
C PHE M 174 -29.97 13.67 -23.07
N MET M 175 -30.00 12.94 -24.19
CA MET M 175 -31.18 12.88 -25.02
C MET M 175 -31.56 11.43 -25.26
N GLY M 176 -32.86 11.19 -25.39
CA GLY M 176 -33.38 9.86 -25.59
C GLY M 176 -33.24 9.40 -27.03
N ALA M 177 -33.71 8.18 -27.28
CA ALA M 177 -33.59 7.59 -28.59
C ALA M 177 -34.36 8.39 -29.65
N GLU M 178 -35.55 8.86 -29.30
CA GLU M 178 -36.33 9.66 -30.25
C GLU M 178 -35.66 11.01 -30.51
N GLU M 179 -35.12 11.65 -29.47
CA GLU M 179 -34.42 12.90 -29.66
C GLU M 179 -33.16 12.72 -30.48
N ALA M 180 -32.45 11.60 -30.28
CA ALA M 180 -31.20 11.38 -31.01
C ALA M 180 -31.45 11.15 -32.49
N ILE M 181 -32.60 10.56 -32.85
CA ILE M 181 -32.94 10.42 -34.26
C ILE M 181 -33.15 11.79 -34.89
N ALA M 182 -33.94 12.64 -34.22
CA ALA M 182 -34.14 14.00 -34.71
C ALA M 182 -32.83 14.76 -34.80
N TYR M 183 -31.93 14.52 -33.85
CA TYR M 183 -30.66 15.23 -33.84
C TYR M 183 -29.74 14.78 -34.96
N GLY M 184 -29.85 13.52 -35.37
CA GLY M 184 -28.96 12.96 -36.38
C GLY M 184 -27.92 12.00 -35.82
N LEU M 185 -27.88 11.83 -34.49
CA LEU M 185 -26.89 10.94 -33.89
C LEU M 185 -27.12 9.49 -34.31
N ILE M 186 -28.38 9.07 -34.38
CA ILE M 186 -28.74 7.71 -34.74
C ILE M 186 -29.81 7.77 -35.83
N ASP M 187 -30.28 6.60 -36.23
CA ASP M 187 -31.26 6.49 -37.30
C ASP M 187 -32.57 5.87 -36.83
N LYS M 188 -32.52 4.75 -36.10
CA LYS M 188 -33.71 4.03 -35.71
C LYS M 188 -33.61 3.56 -34.27
N VAL M 189 -34.73 3.58 -33.56
CA VAL M 189 -34.89 2.88 -32.30
C VAL M 189 -35.35 1.45 -32.61
N ILE M 190 -34.83 0.49 -31.85
CA ILE M 190 -35.21 -0.90 -32.05
C ILE M 190 -35.61 -1.50 -30.71
N SER M 191 -36.22 -2.68 -30.78
CA SER M 191 -36.57 -3.44 -29.59
C SER M 191 -36.60 -4.93 -29.87
N SER M 192 -36.28 -5.37 -31.08
CA SER M 192 -36.21 -6.79 -31.42
C SER M 192 -35.27 -6.93 -32.61
N ALA M 193 -34.86 -8.17 -32.88
CA ALA M 193 -33.89 -8.42 -33.94
C ALA M 193 -34.42 -7.97 -35.30
N LYS M 194 -35.69 -8.27 -35.59
CA LYS M 194 -36.24 -7.98 -36.91
C LYS M 194 -36.45 -6.48 -37.16
N GLU M 195 -36.28 -5.64 -36.15
CA GLU M 195 -36.52 -4.21 -36.30
C GLU M 195 -35.41 -3.56 -37.10
N THR M 196 -35.54 -3.57 -38.42
CA THR M 196 -34.66 -2.89 -39.38
C THR M 196 -33.21 -3.34 -39.28
N LYS M 197 -32.90 -4.31 -38.41
CA LYS M 197 -31.70 -5.10 -38.61
C LYS M 197 -31.91 -6.08 -39.76
N ASP M 198 -33.16 -6.34 -40.11
CA ASP M 198 -33.51 -7.11 -41.31
C ASP M 198 -33.12 -6.38 -42.59
N LYS M 199 -32.79 -5.09 -42.51
CA LYS M 199 -32.23 -4.39 -43.67
C LYS M 199 -31.01 -5.13 -44.19
N SER M 200 -30.05 -5.38 -43.29
CA SER M 200 -28.92 -6.27 -43.57
C SER M 200 -28.65 -7.07 -42.30
N ILE M 201 -29.34 -8.20 -42.16
CA ILE M 201 -29.08 -9.08 -41.02
C ILE M 201 -27.93 -10.02 -41.32
N ALA M 202 -27.84 -10.50 -42.55
CA ALA M 202 -26.63 -11.13 -43.09
C ALA M 202 -26.68 -10.91 -44.60
N SER M 203 -26.02 -9.85 -45.06
CA SER M 203 -26.05 -9.51 -46.48
C SER M 203 -24.84 -10.08 -47.21
N MET N 1 -6.20 19.06 3.73
CA MET N 1 -6.99 17.95 4.22
C MET N 1 -7.52 18.27 5.63
N THR N 2 -8.73 18.82 5.69
CA THR N 2 -9.40 19.20 6.93
C THR N 2 -8.52 20.13 7.78
N LEU N 3 -8.30 21.32 7.22
CA LEU N 3 -7.60 22.40 7.93
C LEU N 3 -8.48 22.92 9.07
N VAL N 4 -7.94 22.80 10.28
CA VAL N 4 -8.53 23.19 11.58
C VAL N 4 -7.88 24.45 12.14
N PRO N 5 -8.37 25.65 11.81
CA PRO N 5 -7.69 26.88 12.23
C PRO N 5 -7.61 26.99 13.75
N TYR N 6 -6.65 27.80 14.22
CA TYR N 6 -6.36 27.99 15.63
C TYR N 6 -6.80 29.37 16.09
N VAL N 7 -6.68 29.63 17.40
CA VAL N 7 -7.21 30.83 18.03
C VAL N 7 -6.39 31.19 19.27
N VAL N 8 -6.41 32.48 19.63
CA VAL N 8 -5.71 33.00 20.79
C VAL N 8 -6.62 34.03 21.48
N GLU N 9 -6.48 34.08 22.79
CA GLU N 9 -7.48 34.38 23.80
C GLU N 9 -7.07 35.49 24.77
N ASP N 10 -8.08 36.23 25.27
CA ASP N 10 -7.97 37.26 26.31
C ASP N 10 -8.68 36.87 27.60
N THR N 11 -9.84 36.24 27.51
CA THR N 11 -10.89 36.31 28.53
C THR N 11 -10.46 35.68 29.91
N GLY N 12 -9.22 35.24 30.08
CA GLY N 12 -8.72 34.90 31.40
C GLY N 12 -7.38 35.54 31.67
N ARG N 13 -6.77 35.25 32.81
CA ARG N 13 -5.39 35.69 33.01
C ARG N 13 -4.39 34.81 32.27
N GLY N 14 -4.81 33.66 31.74
CA GLY N 14 -3.93 32.85 30.95
C GLY N 14 -3.95 33.22 29.47
N GLU N 15 -2.98 32.70 28.73
CA GLU N 15 -2.79 33.03 27.32
C GLU N 15 -2.07 31.88 26.63
N ARG N 16 -2.57 31.43 25.48
CA ARG N 16 -2.47 30.03 25.10
C ARG N 16 -2.97 29.84 23.67
N ALA N 17 -2.84 28.62 23.13
CA ALA N 17 -3.21 28.30 21.75
C ALA N 17 -4.10 27.05 21.64
N MET N 18 -5.33 27.23 21.17
CA MET N 18 -6.24 26.13 20.82
C MET N 18 -6.77 26.29 19.41
N ASP N 19 -7.25 25.18 18.85
CA ASP N 19 -7.90 25.18 17.54
C ASP N 19 -9.33 25.71 17.66
N ILE N 20 -10.02 25.80 16.53
CA ILE N 20 -11.34 26.47 16.50
C ILE N 20 -12.38 25.68 17.29
N TYR N 21 -12.31 24.35 17.30
CA TYR N 21 -13.32 23.55 17.98
C TYR N 21 -13.16 23.62 19.50
N SER N 22 -11.90 23.63 19.97
CA SER N 22 -11.66 23.80 21.40
C SER N 22 -12.11 25.17 21.89
N ARG N 23 -11.99 26.19 21.05
CA ARG N 23 -12.47 27.52 21.44
C ARG N 23 -13.98 27.53 21.64
N LEU N 24 -14.72 27.01 20.65
CA LEU N 24 -16.17 26.99 20.77
C LEU N 24 -16.60 26.19 22.00
N LEU N 25 -15.78 25.23 22.43
CA LEU N 25 -16.08 24.49 23.64
C LEU N 25 -16.00 25.39 24.88
N LYS N 26 -15.18 26.45 24.83
CA LYS N 26 -15.13 27.40 25.94
C LYS N 26 -16.42 28.20 26.06
N ASP N 27 -17.18 28.33 24.98
CA ASP N 27 -18.50 28.94 25.00
C ASP N 27 -19.59 27.90 25.17
N ARG N 28 -19.21 26.68 25.57
CA ARG N 28 -20.13 25.56 25.76
C ARG N 28 -20.84 25.21 24.45
N ILE N 29 -20.08 25.24 23.37
CA ILE N 29 -20.56 24.86 22.03
C ILE N 29 -19.86 23.57 21.65
N VAL N 30 -20.64 22.54 21.33
CA VAL N 30 -20.12 21.25 20.92
C VAL N 30 -20.55 21.00 19.48
N MET N 31 -19.60 20.62 18.65
CA MET N 31 -19.83 20.42 17.22
C MET N 31 -19.89 18.94 16.91
N ILE N 32 -20.95 18.52 16.22
CA ILE N 32 -21.11 17.14 15.76
C ILE N 32 -21.30 17.22 14.25
N GLY N 33 -20.22 17.03 13.50
CA GLY N 33 -20.25 17.27 12.08
C GLY N 33 -19.88 16.09 11.21
N GLN N 34 -20.04 14.88 11.73
CA GLN N 34 -19.68 13.67 10.99
C GLN N 34 -20.54 12.51 11.46
N GLU N 35 -20.27 11.33 10.90
CA GLU N 35 -21.01 10.13 11.26
C GLU N 35 -20.86 9.83 12.74
N ILE N 36 -21.95 9.39 13.37
CA ILE N 36 -21.94 9.08 14.79
C ILE N 36 -21.32 7.70 15.00
N THR N 37 -20.01 7.68 15.18
CA THR N 37 -19.24 6.45 15.39
C THR N 37 -18.85 6.33 16.84
N GLU N 38 -18.26 5.19 17.19
CA GLU N 38 -17.81 4.97 18.56
C GLU N 38 -16.70 5.94 18.97
N PRO N 39 -15.63 6.16 18.19
CA PRO N 39 -14.65 7.18 18.59
C PRO N 39 -15.24 8.58 18.68
N LEU N 40 -16.19 8.93 17.82
CA LEU N 40 -16.82 10.24 17.92
C LEU N 40 -17.65 10.37 19.20
N ALA N 41 -18.39 9.32 19.55
CA ALA N 41 -19.19 9.35 20.78
C ALA N 41 -18.31 9.58 22.00
N ASN N 42 -17.15 8.92 22.04
CA ASN N 42 -16.24 9.12 23.17
C ASN N 42 -15.78 10.58 23.27
N THR N 43 -15.43 11.18 22.13
CA THR N 43 -15.03 12.58 22.13
C THR N 43 -16.18 13.48 22.58
N VAL N 44 -17.38 13.23 22.06
CA VAL N 44 -18.52 14.06 22.41
C VAL N 44 -18.88 13.90 23.89
N ILE N 45 -18.89 12.66 24.38
CA ILE N 45 -19.19 12.43 25.80
C ILE N 45 -18.13 13.07 26.68
N ALA N 46 -16.86 12.96 26.28
CA ALA N 46 -15.79 13.63 27.02
C ALA N 46 -16.03 15.14 27.08
N GLN N 47 -16.40 15.73 25.94
CA GLN N 47 -16.73 17.15 25.93
C GLN N 47 -17.93 17.44 26.82
N LEU N 48 -18.95 16.59 26.77
CA LEU N 48 -20.14 16.79 27.58
C LEU N 48 -19.82 16.65 29.07
N LEU N 49 -19.01 15.66 29.44
CA LEU N 49 -18.66 15.47 30.85
C LEU N 49 -17.78 16.60 31.35
N PHE N 50 -16.89 17.13 30.51
CA PHE N 50 -16.09 18.27 30.91
C PHE N 50 -16.94 19.51 31.11
N LEU N 51 -17.89 19.76 30.21
CA LEU N 51 -18.73 20.95 30.32
C LEU N 51 -19.60 20.90 31.57
N MET N 52 -19.95 19.70 32.03
CA MET N 52 -20.69 19.58 33.28
C MET N 52 -19.79 19.80 34.49
N SER N 53 -18.49 19.46 34.37
CA SER N 53 -17.57 19.69 35.47
C SER N 53 -17.33 21.17 35.72
N GLU N 54 -17.40 22.00 34.68
CA GLU N 54 -17.17 23.45 34.79
C GLU N 54 -18.40 24.19 35.30
N ASP N 55 -19.53 24.02 34.61
CA ASP N 55 -20.83 24.51 35.01
C ASP N 55 -21.88 23.45 34.74
N PRO N 56 -22.33 22.81 35.83
CA PRO N 56 -23.45 21.88 35.65
C PRO N 56 -24.78 22.58 35.50
N THR N 57 -24.80 23.90 35.42
CA THR N 57 -26.04 24.67 35.29
C THR N 57 -26.12 25.55 34.05
N LYS N 58 -24.99 25.95 33.46
CA LYS N 58 -25.02 26.80 32.28
C LYS N 58 -25.48 26.02 31.05
N ASP N 59 -26.17 26.72 30.15
CA ASP N 59 -26.67 26.08 28.94
C ASP N 59 -25.53 25.58 28.07
N ILE N 60 -25.80 24.52 27.32
CA ILE N 60 -24.86 23.93 26.38
C ILE N 60 -25.49 23.96 24.99
N GLN N 61 -24.72 24.40 24.00
CA GLN N 61 -25.18 24.43 22.62
C GLN N 61 -24.50 23.33 21.84
N ILE N 62 -25.29 22.51 21.15
CA ILE N 62 -24.78 21.44 20.30
C ILE N 62 -25.21 21.72 18.87
N PHE N 63 -24.25 21.80 17.97
CA PHE N 63 -24.52 22.01 16.55
C PHE N 63 -24.32 20.69 15.81
N ILE N 64 -25.32 20.30 15.03
CA ILE N 64 -25.41 18.95 14.49
C ILE N 64 -25.45 19.03 12.97
N ASN N 65 -24.47 18.40 12.32
CA ASN N 65 -24.48 18.17 10.87
C ASN N 65 -23.97 16.74 10.68
N SER N 66 -24.88 15.77 10.76
CA SER N 66 -24.49 14.37 10.81
C SER N 66 -25.30 13.57 9.80
N PRO N 67 -24.65 12.80 8.92
CA PRO N 67 -25.39 11.99 7.96
C PRO N 67 -25.95 10.70 8.55
N GLY N 68 -25.69 10.43 9.81
CA GLY N 68 -26.18 9.23 10.46
C GLY N 68 -25.19 8.69 11.46
N GLY N 69 -25.21 7.38 11.64
CA GLY N 69 -24.30 6.74 12.57
C GLY N 69 -24.87 5.41 13.03
N TYR N 70 -24.44 5.00 14.22
CA TYR N 70 -24.82 3.71 14.77
C TYR N 70 -25.57 3.92 16.09
N ILE N 71 -26.51 3.02 16.36
CA ILE N 71 -27.38 3.18 17.52
C ILE N 71 -26.58 3.10 18.82
N THR N 72 -25.58 2.22 18.87
CA THR N 72 -24.79 2.07 20.11
C THR N 72 -24.10 3.38 20.47
N ALA N 73 -23.53 4.07 19.49
CA ALA N 73 -22.90 5.36 19.78
C ALA N 73 -23.95 6.43 20.05
N GLY N 74 -25.04 6.42 19.30
CA GLY N 74 -26.09 7.41 19.53
C GLY N 74 -26.72 7.28 20.90
N LEU N 75 -27.00 6.05 21.34
CA LEU N 75 -27.57 5.84 22.67
C LEU N 75 -26.63 6.32 23.77
N ALA N 76 -25.33 6.15 23.57
CA ALA N 76 -24.35 6.60 24.56
C ALA N 76 -24.40 8.12 24.70
N ILE N 77 -24.44 8.84 23.59
CA ILE N 77 -24.49 10.30 23.64
C ILE N 77 -25.81 10.78 24.22
N TYR N 78 -26.93 10.16 23.80
CA TYR N 78 -28.24 10.57 24.31
C TYR N 78 -28.32 10.41 25.82
N ASP N 79 -27.87 9.24 26.32
CA ASP N 79 -27.88 9.03 27.77
C ASP N 79 -27.00 10.04 28.47
N THR N 80 -25.88 10.41 27.86
CA THR N 80 -25.02 11.45 28.44
C THR N 80 -25.71 12.81 28.41
N ILE N 81 -26.47 13.09 27.34
CA ILE N 81 -27.21 14.35 27.27
C ILE N 81 -28.28 14.38 28.34
N ARG N 82 -29.00 13.28 28.53
CA ARG N 82 -29.98 13.20 29.62
C ARG N 82 -29.28 13.21 30.97
N PHE N 83 -28.03 12.77 31.02
CA PHE N 83 -27.28 12.77 32.28
C PHE N 83 -26.96 14.20 32.73
N LEU N 84 -26.90 15.14 31.80
CA LEU N 84 -26.60 16.53 32.15
C LEU N 84 -27.75 17.15 32.92
N GLY N 85 -27.41 18.08 33.80
CA GLY N 85 -28.41 18.77 34.60
C GLY N 85 -28.85 20.09 34.01
N CYS N 86 -28.05 20.63 33.10
CA CYS N 86 -28.34 21.93 32.50
C CYS N 86 -29.14 21.77 31.21
N ASP N 87 -29.59 22.90 30.68
CA ASP N 87 -30.31 22.90 29.42
C ASP N 87 -29.36 22.71 28.25
N VAL N 88 -29.80 21.94 27.26
CA VAL N 88 -29.00 21.65 26.07
C VAL N 88 -29.74 22.20 24.86
N ASN N 89 -29.07 23.05 24.09
CA ASN N 89 -29.62 23.59 22.85
C ASN N 89 -29.04 22.80 21.67
N THR N 90 -29.93 22.33 20.81
CA THR N 90 -29.55 21.57 19.63
C THR N 90 -29.89 22.36 18.37
N TYR N 91 -28.89 22.56 17.52
CA TYR N 91 -29.06 23.26 16.25
C TYR N 91 -28.72 22.30 15.12
N CYS N 92 -29.61 22.21 14.13
CA CYS N 92 -29.40 21.37 12.96
C CYS N 92 -28.97 22.24 11.79
N ILE N 93 -27.69 22.14 11.43
CA ILE N 93 -27.15 22.80 10.25
C ILE N 93 -26.94 21.73 9.18
N GLY N 94 -27.65 21.85 8.06
CA GLY N 94 -27.45 20.90 6.99
C GLY N 94 -28.33 19.67 7.08
N GLN N 95 -27.77 18.58 7.62
CA GLN N 95 -28.46 17.30 7.67
C GLN N 95 -28.37 16.70 9.07
N ALA N 96 -29.48 16.10 9.51
CA ALA N 96 -29.52 15.32 10.74
C ALA N 96 -30.32 14.05 10.44
N ALA N 97 -29.61 12.97 10.14
CA ALA N 97 -30.23 11.71 9.75
C ALA N 97 -30.05 10.68 10.85
N SER N 98 -31.13 9.95 11.16
CA SER N 98 -31.10 8.84 12.10
C SER N 98 -30.56 9.25 13.46
N MET N 99 -29.27 8.98 13.70
CA MET N 99 -28.66 9.33 14.98
C MET N 99 -28.55 10.83 15.16
N GLY N 100 -28.24 11.56 14.08
CA GLY N 100 -28.25 13.01 14.15
C GLY N 100 -29.61 13.56 14.53
N ALA N 101 -30.67 12.95 13.98
CA ALA N 101 -32.02 13.38 14.35
C ALA N 101 -32.37 12.99 15.78
N LEU N 102 -31.82 11.88 16.27
CA LEU N 102 -32.06 11.48 17.65
C LEU N 102 -31.46 12.50 18.62
N LEU N 103 -30.18 12.84 18.42
CA LEU N 103 -29.54 13.82 19.30
C LEU N 103 -30.16 15.20 19.13
N LEU N 104 -30.58 15.55 17.92
CA LEU N 104 -31.24 16.83 17.70
C LEU N 104 -32.53 16.93 18.51
N SER N 105 -33.36 15.89 18.46
CA SER N 105 -34.60 15.88 19.22
C SER N 105 -34.38 15.68 20.72
N ALA N 106 -33.16 15.34 21.14
CA ALA N 106 -32.87 15.14 22.54
C ALA N 106 -32.60 16.43 23.30
N GLY N 107 -32.54 17.56 22.61
CA GLY N 107 -32.34 18.82 23.30
C GLY N 107 -33.53 19.22 24.14
N THR N 108 -33.30 20.18 25.04
CA THR N 108 -34.35 20.66 25.91
C THR N 108 -35.51 21.19 25.08
N LYS N 109 -36.73 20.78 25.45
CA LYS N 109 -37.92 21.19 24.70
C LYS N 109 -38.04 22.70 24.68
N GLY N 110 -38.22 23.25 23.49
CA GLY N 110 -38.22 24.69 23.28
C GLY N 110 -36.90 25.24 22.82
N LYS N 111 -35.82 24.47 22.91
CA LYS N 111 -34.48 24.90 22.55
C LYS N 111 -33.86 24.01 21.48
N ARG N 112 -34.69 23.42 20.64
CA ARG N 112 -34.24 22.61 19.51
C ARG N 112 -34.53 23.39 18.24
N TYR N 113 -33.46 23.76 17.53
CA TYR N 113 -33.57 24.67 16.40
C TYR N 113 -33.05 24.00 15.13
N ALA N 114 -33.44 24.56 14.00
CA ALA N 114 -32.91 24.15 12.70
C ALA N 114 -32.82 25.37 11.81
N LEU N 115 -31.93 25.31 10.84
CA LEU N 115 -31.74 26.38 9.89
C LEU N 115 -32.70 26.20 8.72
N PRO N 116 -32.99 27.27 7.96
CA PRO N 116 -34.11 27.20 7.00
C PRO N 116 -33.99 26.07 5.98
N HIS N 117 -32.79 25.73 5.54
CA HIS N 117 -32.61 24.71 4.51
C HIS N 117 -32.12 23.38 5.07
N SER N 118 -32.17 23.20 6.39
CA SER N 118 -31.75 21.94 7.00
C SER N 118 -32.71 20.82 6.60
N ARG N 119 -32.17 19.60 6.57
CA ARG N 119 -32.94 18.40 6.25
C ARG N 119 -32.76 17.38 7.36
N MET N 120 -33.87 16.76 7.77
CA MET N 120 -33.86 15.82 8.89
C MET N 120 -34.59 14.55 8.49
N MET N 121 -34.05 13.41 8.95
CA MET N 121 -34.61 12.10 8.63
C MET N 121 -34.47 11.16 9.81
N ILE N 122 -35.52 10.35 10.03
CA ILE N 122 -35.49 9.35 11.08
C ILE N 122 -34.96 8.01 10.55
N HIS N 123 -35.09 7.78 9.24
CA HIS N 123 -34.57 6.58 8.62
C HIS N 123 -33.05 6.47 8.82
N GLN N 124 -32.58 5.26 9.04
CA GLN N 124 -31.17 4.92 9.13
C GLN N 124 -30.61 4.71 7.73
N PRO N 125 -29.72 5.60 7.27
CA PRO N 125 -29.32 5.59 5.86
C PRO N 125 -28.43 4.43 5.43
N SER N 126 -28.03 4.46 4.15
CA SER N 126 -27.10 3.51 3.54
C SER N 126 -25.97 3.12 4.47
N GLY N 127 -25.76 1.82 4.63
CA GLY N 127 -24.59 1.38 5.38
C GLY N 127 -24.79 0.41 6.53
N GLY N 128 -24.07 0.67 7.62
CA GLY N 128 -23.95 -0.27 8.72
C GLY N 128 -24.98 -0.04 9.81
N ILE N 129 -25.04 -1.00 10.72
CA ILE N 129 -26.25 -1.28 11.48
C ILE N 129 -26.36 -0.53 12.80
N ILE N 130 -25.68 -1.03 13.82
CA ILE N 130 -25.49 -0.51 15.16
C ILE N 130 -24.10 -0.96 15.62
N GLY N 131 -23.07 -0.12 15.48
CA GLY N 131 -21.71 -0.55 15.78
C GLY N 131 -20.64 -0.18 14.78
N THR N 132 -19.96 -1.18 14.20
CA THR N 132 -18.83 -0.98 13.31
C THR N 132 -19.05 -1.75 12.01
N SER N 133 -18.54 -1.21 10.91
CA SER N 133 -18.74 -1.81 9.59
C SER N 133 -18.09 -3.19 9.50
N ALA N 134 -16.90 -3.36 10.09
CA ALA N 134 -16.20 -4.64 10.09
C ALA N 134 -16.25 -5.36 11.43
N ASP N 135 -16.12 -4.64 12.54
CA ASP N 135 -16.09 -5.23 13.87
C ASP N 135 -17.50 -5.17 14.44
N ILE N 136 -18.29 -6.20 14.12
CA ILE N 136 -19.75 -6.08 14.17
C ILE N 136 -20.24 -7.02 15.27
N GLN N 137 -21.13 -6.54 16.16
CA GLN N 137 -21.32 -7.22 17.45
C GLN N 137 -22.70 -6.88 18.03
N LEU N 138 -23.71 -7.73 17.82
CA LEU N 138 -24.74 -7.76 18.87
C LEU N 138 -25.42 -9.12 19.11
N GLN N 139 -25.46 -9.98 18.08
CA GLN N 139 -26.09 -11.30 18.08
C GLN N 139 -27.61 -11.27 18.00
N ALA N 140 -28.26 -12.43 18.11
CA ALA N 140 -29.72 -12.47 17.99
C ALA N 140 -30.38 -11.88 19.22
N ALA N 141 -31.62 -11.42 19.04
CA ALA N 141 -32.43 -10.82 20.09
C ALA N 141 -31.89 -9.49 20.61
N GLU N 142 -30.74 -9.05 20.08
CA GLU N 142 -30.17 -7.77 20.48
C GLU N 142 -30.64 -6.63 19.60
N ILE N 143 -30.95 -6.91 18.33
CA ILE N 143 -31.53 -5.87 17.48
C ILE N 143 -32.88 -5.43 18.02
N LEU N 144 -33.65 -6.36 18.59
CA LEU N 144 -34.97 -5.99 19.11
C LEU N 144 -34.84 -4.98 20.24
N THR N 145 -33.94 -5.23 21.20
CA THR N 145 -33.78 -4.28 22.31
C THR N 145 -33.24 -2.94 21.84
N LEU N 146 -32.23 -2.95 20.95
CA LEU N 146 -31.63 -1.70 20.51
C LEU N 146 -32.59 -0.90 19.63
N LYS N 147 -33.36 -1.57 18.77
CA LYS N 147 -34.36 -0.85 17.98
C LYS N 147 -35.51 -0.37 18.85
N LYS N 148 -35.93 -1.17 19.84
CA LYS N 148 -36.96 -0.74 20.77
C LYS N 148 -36.50 0.47 21.57
N HIS N 149 -35.24 0.48 22.00
CA HIS N 149 -34.71 1.64 22.70
C HIS N 149 -34.80 2.89 21.85
N LEU N 150 -34.37 2.78 20.58
CA LEU N 150 -34.40 3.93 19.69
C LEU N 150 -35.84 4.39 19.42
N SER N 151 -36.75 3.44 19.20
CA SER N 151 -38.14 3.80 18.96
C SER N 151 -38.76 4.46 20.18
N ASN N 152 -38.48 3.94 21.38
CA ASN N 152 -39.06 4.51 22.59
C ASN N 152 -38.52 5.91 22.87
N ILE N 153 -37.23 6.13 22.62
CA ILE N 153 -36.64 7.45 22.86
C ILE N 153 -37.16 8.46 21.85
N LEU N 154 -37.24 8.07 20.57
CA LEU N 154 -37.74 8.99 19.55
C LEU N 154 -39.20 9.35 19.80
N ALA N 155 -40.01 8.36 20.21
CA ALA N 155 -41.40 8.65 20.53
C ALA N 155 -41.51 9.62 21.71
N GLU N 156 -40.68 9.43 22.73
CA GLU N 156 -40.71 10.34 23.87
C GLU N 156 -40.22 11.73 23.49
N CYS N 157 -39.16 11.81 22.69
CA CYS N 157 -38.60 13.11 22.32
C CYS N 157 -39.52 13.87 21.38
N THR N 158 -40.08 13.18 20.38
CA THR N 158 -40.89 13.87 19.38
C THR N 158 -42.34 14.05 19.84
N GLY N 159 -42.86 13.09 20.59
CA GLY N 159 -44.26 13.10 20.98
C GLY N 159 -45.15 12.19 20.15
N GLN N 160 -44.61 11.54 19.13
CA GLN N 160 -45.37 10.59 18.34
C GLN N 160 -45.48 9.26 19.07
N SER N 161 -46.34 8.39 18.56
CA SER N 161 -46.45 7.05 19.11
C SER N 161 -45.26 6.20 18.65
N VAL N 162 -45.00 5.13 19.40
CA VAL N 162 -43.93 4.21 19.03
C VAL N 162 -44.25 3.57 17.69
N GLU N 163 -45.53 3.30 17.42
CA GLU N 163 -45.92 2.69 16.15
C GLU N 163 -45.59 3.61 14.98
N LYS N 164 -45.88 4.91 15.11
CA LYS N 164 -45.58 5.84 14.04
C LYS N 164 -44.08 6.00 13.83
N ILE N 165 -43.30 6.00 14.93
CA ILE N 165 -41.85 6.09 14.82
C ILE N 165 -41.29 4.88 14.08
N ILE N 166 -41.78 3.69 14.42
CA ILE N 166 -41.32 2.47 13.75
C ILE N 166 -41.69 2.52 12.26
N GLU N 167 -42.90 2.94 11.95
CA GLU N 167 -43.32 3.01 10.55
C GLU N 167 -42.50 4.03 9.77
N ASP N 168 -42.24 5.20 10.37
CA ASP N 168 -41.51 6.25 9.69
C ASP N 168 -40.01 6.00 9.63
N SER N 169 -39.49 5.16 10.52
CA SER N 169 -38.08 4.80 10.45
C SER N 169 -37.79 3.94 9.23
N GLU N 170 -38.84 3.40 8.58
CA GLU N 170 -38.67 2.50 7.44
C GLU N 170 -38.65 3.18 6.08
N ARG N 171 -38.96 4.47 6.02
CA ARG N 171 -39.07 5.17 4.76
C ARG N 171 -37.89 6.13 4.56
N ASP N 172 -37.22 6.02 3.42
CA ASP N 172 -36.01 6.78 3.13
C ASP N 172 -36.41 8.10 2.50
N PHE N 173 -36.78 9.06 3.35
CA PHE N 173 -37.11 10.40 2.88
C PHE N 173 -36.70 11.40 3.94
N PHE N 174 -36.30 12.59 3.50
CA PHE N 174 -35.97 13.69 4.40
C PHE N 174 -37.15 14.63 4.53
N MET N 175 -37.17 15.37 5.63
CA MET N 175 -38.20 16.36 5.88
C MET N 175 -37.55 17.70 6.18
N GLY N 176 -38.23 18.78 5.78
CA GLY N 176 -37.71 20.12 5.96
C GLY N 176 -37.92 20.62 7.38
N ALA N 177 -37.47 21.86 7.60
CA ALA N 177 -37.54 22.43 8.93
C ALA N 177 -38.98 22.58 9.40
N GLU N 178 -39.89 23.00 8.50
CA GLU N 178 -41.29 23.15 8.87
C GLU N 178 -41.93 21.79 9.17
N GLU N 179 -41.60 20.77 8.38
CA GLU N 179 -42.14 19.43 8.63
C GLU N 179 -41.62 18.87 9.95
N ALA N 180 -40.35 19.14 10.28
CA ALA N 180 -39.78 18.61 11.50
C ALA N 180 -40.42 19.22 12.74
N ILE N 181 -40.86 20.48 12.66
CA ILE N 181 -41.59 21.08 13.78
C ILE N 181 -42.91 20.36 14.00
N ALA N 182 -43.67 20.15 12.91
CA ALA N 182 -44.93 19.41 13.00
C ALA N 182 -44.69 18.00 13.52
N TYR N 183 -43.58 17.38 13.12
CA TYR N 183 -43.30 16.02 13.55
C TYR N 183 -42.93 15.95 15.02
N GLY N 184 -42.33 17.01 15.55
CA GLY N 184 -41.86 17.03 16.93
C GLY N 184 -40.36 16.94 17.07
N LEU N 185 -39.63 16.79 15.96
CA LEU N 185 -38.18 16.67 16.04
C LEU N 185 -37.55 17.94 16.58
N ILE N 186 -38.04 19.10 16.15
CA ILE N 186 -37.49 20.39 16.55
C ILE N 186 -38.65 21.27 17.02
N ASP N 187 -38.29 22.51 17.39
CA ASP N 187 -39.23 23.48 17.92
C ASP N 187 -39.32 24.72 17.04
N LYS N 188 -38.18 25.27 16.61
CA LYS N 188 -38.17 26.54 15.89
C LYS N 188 -37.22 26.46 14.70
N VAL N 189 -37.61 27.12 13.61
CA VAL N 189 -36.68 27.47 12.54
C VAL N 189 -36.07 28.80 12.92
N ILE N 190 -34.77 28.98 12.64
CA ILE N 190 -34.13 30.24 13.00
C ILE N 190 -33.42 30.83 11.80
N SER N 191 -33.21 32.14 11.87
CA SER N 191 -32.47 32.86 10.85
C SER N 191 -31.76 34.10 11.40
N SER N 192 -31.82 34.34 12.70
CA SER N 192 -31.13 35.48 13.29
C SER N 192 -30.80 35.18 14.74
N ALA N 193 -29.92 36.00 15.31
CA ALA N 193 -29.45 35.79 16.68
C ALA N 193 -30.59 35.87 17.68
N LYS N 194 -31.51 36.80 17.49
CA LYS N 194 -32.57 37.05 18.47
C LYS N 194 -33.55 35.89 18.59
N GLU N 195 -33.51 34.92 17.67
CA GLU N 195 -34.34 33.73 17.81
C GLU N 195 -33.93 32.84 18.97
N THR N 196 -32.76 33.09 19.56
CA THR N 196 -32.33 32.39 20.76
C THR N 196 -32.82 33.17 21.98
N LYS N 197 -32.30 32.82 23.17
CA LYS N 197 -32.79 33.42 24.41
C LYS N 197 -32.08 34.73 24.73
N ASP N 198 -30.77 34.67 24.97
CA ASP N 198 -29.95 35.85 25.27
C ASP N 198 -30.63 36.74 26.31
N LYS N 199 -31.00 36.13 27.44
CA LYS N 199 -31.93 36.73 28.39
C LYS N 199 -31.48 38.08 28.93
N SER N 200 -30.37 38.09 29.69
CA SER N 200 -29.95 39.32 30.35
C SER N 200 -28.50 39.19 30.78
N ILE N 201 -27.94 40.33 31.23
CA ILE N 201 -26.58 40.45 31.75
C ILE N 201 -25.57 40.32 30.62
N ALA N 202 -24.59 41.22 30.60
CA ALA N 202 -23.65 41.28 29.50
C ALA N 202 -22.72 40.07 29.48
N SER N 203 -22.08 39.87 28.33
CA SER N 203 -21.16 38.75 28.14
C SER N 203 -20.17 39.05 27.02
#